data_9LTS
#
_entry.id   9LTS
#
_cell.length_a   1.00
_cell.length_b   1.00
_cell.length_c   1.00
_cell.angle_alpha   90.00
_cell.angle_beta   90.00
_cell.angle_gamma   90.00
#
_symmetry.space_group_name_H-M   'P 1'
#
loop_
_entity.id
_entity.type
_entity.pdbx_description
1 polymer 'Protein LRC'
2 polymer 'Antenna pigment protein alpha chain'
3 polymer 'Antenna pigment protein beta chain'
4 polymer 'Photosynthetic reaction center cytochrome c subunit'
5 polymer 'Reaction center protein H chain'
6 polymer 'Reaction center protein L chain'
7 polymer 'Reaction center protein M chain'
8 non-polymer UBIQUINONE-10
9 non-polymer 'BACTERIOCHLOROPHYLL A'
10 non-polymer SPEROIDENONE
11 non-polymer '(21R,24R,27S)-24,27,28-trihydroxy-18,24-dioxo-19,23,25-trioxa-24lambda~5~-phosphaoctacosan-21-yl (9Z)-octadec-9-enoate'
12 non-polymer 'PROTOPORPHYRIN IX CONTAINING FE'
13 non-polymer 'BACTERIOPHEOPHYTIN A'
14 non-polymer 'FE (III) ION'
#
loop_
_entity_poly.entity_id
_entity_poly.type
_entity_poly.pdbx_seq_one_letter_code
_entity_poly.pdbx_strand_id
1 'polypeptide(L)' DMTCTITCWGIGVLLGIMTTVGLMVVGWSFLQGAFMGVLAWLIVGGVLAVAVCGKDNAEQIRAEMAAARERVRGAT A
2 'polypeptide(L)' MSKFYKIWLIFDPRRVFVAQGVFLFLLAAMIHLVLLSTEHFNWFELAAANA 1,5,3,w,u,s,q,o,m,k,g,e,c,a,i,7,9
3 'polypeptide(L)' DLSFTGLTDEQAQELHSVYMSGLWLFSAVAVVAHLATFIWRPWF 2,6,4,x,v,t,r,p,n,l,h,f,d,b,j,8,0
4 'polypeptide(L)'
;KWFDEWNSKNPTDIYKPAIVVGVAGGAVFAAALLVSMGQPLATDSMQTGPRGTGMSVPEFVSDLDTPDPTIEVFLASTSD
PVIPEEGAQTAGEAYENVDPVLADLTVENYDRLLAAMRSWTGIPDLLEDPDHYQSKVAINMIQMNQTINEEWAGHVYANA
EVGVTCFTCHRGQAVPSEVWYRIDPVTENTSGWASVQNRATSLSQFTSLPSDALYQYLLNYEQIAVHDLESRVETLPGDP
TWQNTERTYSLMNYFSNSLGRNCVFCHNSRAFYDPAQHTPQWATAMLGISMVQELNNEWIVPIGEAHLPPERLGPVYNDV
PKLACKTCHKGYQQPLQGLNVVADWPELATTEGPFYD
;
C
5 'polypeptide(L)'
;EETFFGNFDLASLSLWLFYGFFALLIYYLQTENMREGYPLEDEDGNTAANQGPFPLPKEKTFKLQHGRGELTLPGEDVQR
RDNLALRKTAHGNGFPMEPTGDPMLDGVGPASWSKRRDVPELDAHGHPKIVPMSAAEGFGVSAGTDPRGLPVMAGDGEIV
GLVSDMWIDEAEQLVRYLELELDPEWGDGKRLVQRQMVRIKSDRVKVRSIYGKHFKNVPKTKSPNQVTLLEEDKIMAYYA
GGTLYADESRLEPQL
;
H
6 'polypeptide(L)'
;ALLSFERKYRVRGGTLIGGDLFDFWVGPFYVGFFGVTTAFFALLGTILIFWGASQQGTFNPWLINIAPPDLSYGLGMAPL
MEGGLWQIITICAIGAFVSWALREVEICRKLGMGYHVPFAFSVAIFAYVTLVVFRPLLMGAWGHGFPYGIWSHLDWVSNT
GYAYLHFHYNPAHMLAVTFFFTTTLALALHGALVLSAANPPKGEEVKGPDNEDTFFRDFIGYSIGTLGIHRVGLLLALNA
GFWSAVCIIISGPVWTKGWPEWWNWWLEMPIWP
;
L
7 'polypeptide(L)'
;PEYQNIFTQVQVQGPAELGVDNENNLTEERTTGTGFSQLIGWIGNAQLGPIYLGWFGIISLVTGTLWFNIVGFNMLSQVG
YSIPEFIRQLFWLALEPPSPEYGLRMPPLDDGGWFIIASFFLLVSVISWWLRTYQLAEMHKMGKHVAWAFAAAIWLFLVL
GLFRPILMGSWSEAVPYGIFPHLDWTTAFSIRYGNLYYNPFHALSIVFLYGSVLLFAMHGATILAVTRFGGDRELEQIYD
RGTASERAGLFWRWTMGFNATMEGIHRWAWWFAVLTPITGGIGILLTGTVVDNWFLWAVEHNFAPDYTQDYGYEAYTTYD
GFLGR
;
M
#
loop_
_chem_comp.id
_chem_comp.type
_chem_comp.name
_chem_comp.formula
BCL non-polymer 'BACTERIOCHLOROPHYLL A' 'C55 H74 Mg N4 O6'
BPH non-polymer 'BACTERIOPHEOPHYTIN A' 'C55 H76 N4 O6'
FE non-polymer 'FE (III) ION' 'Fe 3'
HEM non-polymer 'PROTOPORPHYRIN IX CONTAINING FE' 'C34 H32 Fe N4 O4'
MW9 non-polymer '(21R,24R,27S)-24,27,28-trihydroxy-18,24-dioxo-19,23,25-trioxa-24lambda~5~-phosphaoctacosan-21-yl (9Z)-octadec-9-enoate' 'C42 H81 O10 P'
SPN non-polymer SPEROIDENONE 'C41 H70 O2'
U10 non-polymer UBIQUINONE-10 'C59 H90 O4'
#
# COMPACT_ATOMS: atom_id res chain seq x y z
N ASP A 1 24.00 24.68 -4.77
CA ASP A 1 22.94 25.35 -4.04
C ASP A 1 21.79 24.46 -3.66
N MET A 2 22.05 23.16 -3.54
CA MET A 2 21.03 22.24 -3.10
C MET A 2 21.33 22.15 -1.63
N THR A 3 22.49 22.61 -1.23
CA THR A 3 22.86 22.57 0.17
C THR A 3 22.23 23.71 0.95
N CYS A 4 21.88 24.81 0.29
CA CYS A 4 21.15 25.89 0.97
C CYS A 4 19.69 25.55 1.07
N THR A 5 19.17 24.78 0.11
CA THR A 5 17.78 24.36 0.12
C THR A 5 17.53 23.42 1.28
N ILE A 6 18.46 22.53 1.55
CA ILE A 6 18.30 21.54 2.63
C ILE A 6 18.44 22.22 3.96
N THR A 7 19.34 23.18 4.08
CA THR A 7 19.41 23.96 5.28
C THR A 7 18.06 24.66 5.54
N CYS A 8 17.47 25.27 4.52
CA CYS A 8 16.23 26.02 4.71
C CYS A 8 15.08 25.13 5.11
N TRP A 9 15.05 23.91 4.62
CA TRP A 9 14.03 22.95 5.03
C TRP A 9 14.22 22.51 6.48
N GLY A 10 15.46 22.43 6.95
CA GLY A 10 15.74 22.09 8.35
C GLY A 10 15.41 23.17 9.33
N ILE A 11 15.56 24.43 8.94
CA ILE A 11 15.11 25.51 9.81
C ILE A 11 13.58 25.45 9.89
N GLY A 12 12.90 25.04 8.83
CA GLY A 12 11.47 24.84 8.91
C GLY A 12 11.10 23.72 9.85
N VAL A 13 11.77 22.59 9.80
CA VAL A 13 11.53 21.50 10.76
C VAL A 13 11.69 21.98 12.19
N LEU A 14 12.73 22.77 12.45
CA LEU A 14 12.96 23.31 13.80
C LEU A 14 11.94 24.30 14.26
N LEU A 15 11.37 25.08 13.36
CA LEU A 15 10.33 26.00 13.73
C LEU A 15 9.05 25.24 14.05
N GLY A 16 8.83 24.13 13.37
CA GLY A 16 7.67 23.33 13.66
C GLY A 16 7.69 22.73 15.02
N ILE A 17 8.85 22.29 15.49
CA ILE A 17 8.98 21.69 16.81
C ILE A 17 8.72 22.75 17.85
N MET A 18 9.23 23.96 17.63
CA MET A 18 8.98 25.05 18.53
C MET A 18 7.52 25.51 18.58
N THR A 19 6.79 25.41 17.48
CA THR A 19 5.36 25.77 17.44
C THR A 19 4.53 24.82 18.29
N THR A 20 4.86 23.53 18.29
CA THR A 20 4.16 22.55 19.09
C THR A 20 4.31 22.85 20.57
N VAL A 21 5.54 22.99 21.04
CA VAL A 21 5.79 23.27 22.45
C VAL A 21 5.22 24.61 22.92
N GLY A 22 5.13 25.59 22.06
CA GLY A 22 4.55 26.87 22.43
C GLY A 22 3.07 26.88 22.59
N LEU A 23 2.36 26.17 21.72
CA LEU A 23 0.93 26.05 21.84
C LEU A 23 0.55 25.20 23.04
N MET A 24 1.32 24.18 23.35
CA MET A 24 1.10 23.38 24.57
C MET A 24 1.26 24.12 25.88
N VAL A 25 2.10 25.15 25.94
CA VAL A 25 2.30 25.96 27.15
C VAL A 25 1.08 26.86 27.28
N VAL A 26 0.53 27.28 26.17
CA VAL A 26 -0.64 28.15 26.15
C VAL A 26 -1.99 27.42 26.34
N GLY A 27 -1.99 26.10 26.33
CA GLY A 27 -3.21 25.36 26.55
C GLY A 27 -3.72 24.35 25.53
N TRP A 28 -3.02 24.17 24.43
CA TRP A 28 -3.44 23.23 23.39
C TRP A 28 -2.84 21.86 23.64
N SER A 29 -3.44 20.83 23.05
CA SER A 29 -2.91 19.47 23.16
C SER A 29 -1.88 19.19 22.12
N PHE A 30 -1.14 18.12 22.29
CA PHE A 30 -0.09 17.75 21.37
C PHE A 30 -0.46 17.72 19.92
N LEU A 31 -1.50 16.99 19.54
CA LEU A 31 -1.84 16.84 18.15
C LEU A 31 -2.37 18.09 17.54
N GLN A 32 -3.00 18.95 18.32
CA GLN A 32 -3.46 20.23 17.85
C GLN A 32 -2.26 21.12 17.58
N GLY A 33 -1.29 21.12 18.46
CA GLY A 33 -0.07 21.87 18.25
C GLY A 33 0.83 21.35 17.17
N ALA A 34 0.80 20.05 16.92
CA ALA A 34 1.61 19.46 15.89
C ALA A 34 1.06 19.60 14.47
N PHE A 35 -0.22 19.87 14.31
CA PHE A 35 -0.78 20.13 12.99
C PHE A 35 -0.34 21.51 12.59
N MET A 36 -0.35 22.42 13.54
CA MET A 36 0.10 23.76 13.29
C MET A 36 1.60 23.80 13.07
N GLY A 37 2.35 22.92 13.73
CA GLY A 37 3.78 22.84 13.53
C GLY A 37 4.17 22.32 12.18
N VAL A 38 3.39 21.42 11.63
CA VAL A 38 3.65 20.88 10.31
C VAL A 38 3.40 21.93 9.23
N LEU A 39 2.42 22.79 9.41
CA LEU A 39 2.15 23.85 8.45
C LEU A 39 3.17 24.95 8.53
N ALA A 40 3.67 25.26 9.72
CA ALA A 40 4.74 26.22 9.84
C ALA A 40 5.92 25.71 9.07
N TRP A 41 6.32 24.47 9.32
CA TRP A 41 7.39 23.88 8.53
C TRP A 41 7.17 23.98 7.02
N LEU A 42 6.08 23.49 6.51
CA LEU A 42 5.90 23.46 5.08
C LEU A 42 5.71 24.81 4.39
N ILE A 43 4.96 25.72 4.98
CA ILE A 43 4.85 27.04 4.39
C ILE A 43 6.12 27.86 4.52
N VAL A 44 6.69 27.98 5.70
CA VAL A 44 7.87 28.85 5.90
C VAL A 44 9.16 28.30 5.29
N GLY A 45 9.48 27.04 5.53
CA GLY A 45 10.64 26.44 4.93
C GLY A 45 10.60 26.42 3.42
N GLY A 46 9.41 26.33 2.83
CA GLY A 46 9.28 26.36 1.40
C GLY A 46 9.51 27.76 0.92
N VAL A 47 8.88 28.72 1.57
CA VAL A 47 9.08 30.12 1.21
C VAL A 47 10.53 30.58 1.27
N LEU A 48 11.27 30.11 2.24
CA LEU A 48 12.66 30.50 2.37
C LEU A 48 13.56 29.81 1.36
N ALA A 49 13.22 28.61 0.92
CA ALA A 49 14.01 27.99 -0.14
C ALA A 49 13.77 28.56 -1.53
N VAL A 50 12.74 29.37 -1.71
CA VAL A 50 12.53 30.02 -2.98
C VAL A 50 13.18 31.38 -2.88
N ALA A 51 12.87 32.15 -1.84
CA ALA A 51 13.39 33.51 -1.70
C ALA A 51 14.86 33.67 -1.38
N VAL A 52 15.38 32.94 -0.41
CA VAL A 52 16.78 33.11 0.02
C VAL A 52 17.71 32.41 -0.92
N CYS A 53 17.34 31.21 -1.35
CA CYS A 53 18.20 30.44 -2.26
C CYS A 53 18.05 30.90 -3.69
N GLY A 54 17.19 31.87 -3.90
CA GLY A 54 16.97 32.41 -5.23
C GLY A 54 17.61 33.77 -5.34
N LYS A 55 18.32 34.19 -4.29
CA LYS A 55 19.07 35.43 -4.32
C LYS A 55 20.47 34.93 -4.54
N ASP A 56 20.64 34.10 -5.56
CA ASP A 56 21.93 33.52 -5.86
C ASP A 56 23.05 34.50 -6.10
N ASN A 57 24.25 34.05 -5.80
CA ASN A 57 25.39 34.95 -5.94
C ASN A 57 25.79 35.22 -7.35
N ALA A 58 26.10 36.47 -7.64
CA ALA A 58 26.52 36.89 -8.96
C ALA A 58 26.60 38.33 -8.51
N GLU A 59 27.40 39.17 -9.13
CA GLU A 59 27.56 40.52 -8.63
C GLU A 59 27.47 41.61 -9.72
N GLN A 60 28.28 41.52 -10.78
CA GLN A 60 28.16 42.45 -11.89
C GLN A 60 27.62 41.53 -12.94
N ILE A 61 27.64 40.25 -12.64
CA ILE A 61 27.06 39.25 -13.50
C ILE A 61 25.58 39.39 -13.41
N ARG A 62 25.05 39.56 -12.20
CA ARG A 62 23.63 39.79 -12.03
C ARG A 62 23.21 40.98 -12.84
N ALA A 63 23.94 42.08 -12.70
CA ALA A 63 23.64 43.28 -13.43
C ALA A 63 23.52 43.10 -14.92
N GLU A 64 24.55 42.54 -15.55
CA GLU A 64 24.52 42.40 -17.01
C GLU A 64 23.43 41.47 -17.49
N MET A 65 23.23 40.33 -16.81
CA MET A 65 22.13 39.45 -17.16
C MET A 65 20.81 40.22 -17.18
N ALA A 66 20.55 41.02 -16.14
CA ALA A 66 19.31 41.75 -16.08
C ALA A 66 19.22 42.84 -17.14
N ALA A 67 20.33 43.56 -17.40
CA ALA A 67 20.34 44.63 -18.41
C ALA A 67 20.20 44.06 -19.80
N ALA A 68 20.54 42.80 -19.98
CA ALA A 68 20.35 42.17 -21.26
C ALA A 68 18.95 41.59 -21.40
N ARG A 69 18.30 41.25 -20.29
CA ARG A 69 16.90 40.78 -20.39
C ARG A 69 16.11 41.98 -20.76
N GLU A 70 16.61 43.12 -20.36
CA GLU A 70 15.93 44.36 -20.65
C GLU A 70 16.23 44.80 -22.10
N ARG A 71 16.75 43.89 -22.92
CA ARG A 71 17.07 44.21 -24.30
C ARG A 71 16.35 43.19 -25.11
N VAL A 72 16.05 42.06 -24.48
CA VAL A 72 15.23 41.05 -25.17
C VAL A 72 13.90 41.72 -25.40
N ARG A 73 13.35 42.27 -24.31
CA ARG A 73 12.09 43.00 -24.39
C ARG A 73 12.44 44.35 -24.95
N GLY A 74 11.57 44.94 -25.76
CA GLY A 74 11.95 46.16 -26.42
C GLY A 74 11.92 45.79 -27.87
N ALA A 75 12.08 44.51 -28.16
CA ALA A 75 12.02 44.03 -29.52
C ALA A 75 11.28 42.72 -29.49
N THR A 76 10.53 42.49 -28.42
CA THR A 76 9.72 41.28 -28.35
C THR A 76 8.28 41.71 -28.54
N MET B 1 2.39 60.97 -7.46
CA MET B 1 1.06 60.46 -7.70
C MET B 1 0.69 60.71 -9.12
N SER B 2 1.44 61.59 -9.77
CA SER B 2 1.19 61.86 -11.16
C SER B 2 2.08 60.90 -11.96
N LYS B 3 2.85 60.07 -11.26
CA LYS B 3 3.75 59.17 -11.91
C LYS B 3 3.44 57.73 -11.59
N PHE B 4 2.18 57.41 -11.36
CA PHE B 4 1.78 56.06 -11.03
C PHE B 4 1.70 55.24 -12.28
N TYR B 5 1.73 55.88 -13.44
CA TYR B 5 1.71 55.18 -14.73
C TYR B 5 2.94 54.34 -14.99
N LYS B 6 3.96 54.50 -14.16
CA LYS B 6 5.21 53.77 -14.34
C LYS B 6 5.14 52.35 -13.86
N ILE B 7 4.04 51.94 -13.25
CA ILE B 7 3.86 50.55 -12.85
C ILE B 7 3.80 49.66 -14.08
N TRP B 8 3.46 50.24 -15.22
CA TRP B 8 3.35 49.46 -16.43
C TRP B 8 4.70 49.28 -17.02
N LEU B 9 5.70 49.99 -16.52
CA LEU B 9 7.05 49.69 -16.96
C LEU B 9 7.70 48.61 -16.11
N ILE B 10 6.97 48.02 -15.18
CA ILE B 10 7.48 46.97 -14.31
C ILE B 10 6.71 45.66 -14.51
N PHE B 11 5.38 45.75 -14.59
CA PHE B 11 4.52 44.58 -14.68
C PHE B 11 3.87 44.51 -16.06
N ASP B 12 3.80 43.32 -16.64
CA ASP B 12 3.16 43.17 -17.95
C ASP B 12 1.66 43.28 -17.81
N PRO B 13 1.04 44.12 -18.64
CA PRO B 13 -0.42 44.27 -18.62
C PRO B 13 -1.22 43.00 -18.72
N ARG B 14 -0.81 42.03 -19.52
CA ARG B 14 -1.58 40.80 -19.75
C ARG B 14 -1.80 39.98 -18.52
N ARG B 15 -0.76 39.71 -17.76
CA ARG B 15 -0.90 38.95 -16.54
C ARG B 15 -1.71 39.65 -15.46
N VAL B 16 -1.38 40.88 -15.13
CA VAL B 16 -2.10 41.63 -14.12
C VAL B 16 -3.62 41.69 -14.31
N PHE B 17 -4.10 41.83 -15.53
CA PHE B 17 -5.54 41.87 -15.83
C PHE B 17 -6.21 40.54 -15.51
N VAL B 18 -5.59 39.43 -15.88
CA VAL B 18 -6.19 38.12 -15.59
C VAL B 18 -6.33 37.91 -14.08
N ALA B 19 -5.26 38.21 -13.33
CA ALA B 19 -5.29 38.05 -11.88
C ALA B 19 -6.33 38.97 -11.25
N GLN B 20 -6.44 40.20 -11.75
CA GLN B 20 -7.43 41.13 -11.21
C GLN B 20 -8.84 40.60 -11.41
N GLY B 21 -9.14 40.09 -12.61
CA GLY B 21 -10.47 39.55 -12.85
C GLY B 21 -10.80 38.39 -11.93
N VAL B 22 -9.87 37.44 -11.80
CA VAL B 22 -10.11 36.28 -10.94
C VAL B 22 -10.31 36.73 -9.49
N PHE B 23 -9.44 37.62 -9.02
CA PHE B 23 -9.50 38.10 -7.64
C PHE B 23 -10.83 38.79 -7.36
N LEU B 24 -11.26 39.67 -8.26
CA LEU B 24 -12.49 40.41 -8.04
C LEU B 24 -13.70 39.50 -8.00
N PHE B 25 -13.79 38.55 -8.95
CA PHE B 25 -14.95 37.65 -8.92
C PHE B 25 -14.97 36.81 -7.65
N LEU B 26 -13.82 36.27 -7.25
CA LEU B 26 -13.78 35.43 -6.06
C LEU B 26 -14.16 36.23 -4.81
N LEU B 27 -13.66 37.47 -4.69
CA LEU B 27 -14.00 38.29 -3.54
C LEU B 27 -15.49 38.61 -3.49
N ALA B 28 -16.08 38.96 -4.64
CA ALA B 28 -17.51 39.27 -4.66
C ALA B 28 -18.34 38.05 -4.28
N ALA B 29 -17.98 36.87 -4.81
CA ALA B 29 -18.72 35.66 -4.47
C ALA B 29 -18.61 35.35 -2.98
N MET B 30 -17.41 35.49 -2.41
CA MET B 30 -17.23 35.23 -0.99
C MET B 30 -18.07 36.18 -0.14
N ILE B 31 -18.12 37.45 -0.51
CA ILE B 31 -18.89 38.41 0.29
C ILE B 31 -20.39 38.12 0.19
N HIS B 32 -20.88 37.81 -1.01
CA HIS B 32 -22.30 37.47 -1.15
C HIS B 32 -22.64 36.22 -0.32
N LEU B 33 -21.77 35.22 -0.32
CA LEU B 33 -22.02 34.02 0.48
C LEU B 33 -21.99 34.34 1.98
N VAL B 34 -21.06 35.18 2.41
CA VAL B 34 -20.99 35.56 3.83
C VAL B 34 -22.27 36.26 4.25
N LEU B 35 -22.81 37.13 3.40
CA LEU B 35 -24.10 37.74 3.70
C LEU B 35 -25.21 36.68 3.75
N LEU B 36 -25.17 35.71 2.84
CA LEU B 36 -26.18 34.65 2.85
C LEU B 36 -26.11 33.77 4.09
N SER B 37 -24.97 33.72 4.77
CA SER B 37 -24.79 32.84 5.92
C SER B 37 -25.39 33.38 7.21
N THR B 38 -25.87 34.62 7.24
CA THR B 38 -26.42 35.20 8.45
C THR B 38 -27.94 35.08 8.47
N GLU B 39 -28.55 35.55 9.57
CA GLU B 39 -29.99 35.58 9.70
C GLU B 39 -30.58 36.94 9.33
N HIS B 40 -29.84 38.02 9.65
CA HIS B 40 -30.36 39.36 9.44
C HIS B 40 -30.34 39.75 7.96
N PHE B 41 -29.29 39.35 7.24
CA PHE B 41 -29.06 39.83 5.88
C PHE B 41 -29.39 38.79 4.81
N ASN B 42 -30.03 37.69 5.18
CA ASN B 42 -30.43 36.67 4.20
C ASN B 42 -31.75 37.12 3.57
N TRP B 43 -31.67 37.68 2.37
CA TRP B 43 -32.85 38.33 1.78
C TRP B 43 -33.91 37.33 1.32
N PHE B 44 -33.50 36.10 0.98
CA PHE B 44 -34.49 35.07 0.67
C PHE B 44 -35.36 34.76 1.89
N GLU B 45 -34.73 34.58 3.05
CA GLU B 45 -35.48 34.31 4.27
C GLU B 45 -36.30 35.52 4.69
N LEU B 46 -35.77 36.74 4.49
CA LEU B 46 -36.54 37.94 4.80
C LEU B 46 -37.78 38.03 3.94
N ALA B 47 -37.65 37.74 2.64
CA ALA B 47 -38.81 37.73 1.76
C ALA B 47 -39.80 36.65 2.15
N ALA B 48 -39.30 35.49 2.60
CA ALA B 48 -40.20 34.43 3.04
C ALA B 48 -40.98 34.84 4.29
N ALA B 49 -40.33 35.50 5.23
CA ALA B 49 -40.97 35.87 6.48
C ALA B 49 -41.81 37.13 6.39
N ASN B 50 -41.73 37.89 5.33
CA ASN B 50 -42.44 39.15 5.26
C ASN B 50 -43.71 39.03 4.50
N ALA B 51 -44.16 37.80 4.31
CA ALA B 51 -45.37 37.56 3.55
C ALA B 51 -46.13 36.37 4.11
N ASP C 1 15.74 55.84 -19.72
CA ASP C 1 14.56 55.57 -18.91
C ASP C 1 14.38 54.08 -18.64
N LEU C 2 14.14 53.73 -17.39
CA LEU C 2 14.03 52.33 -17.00
C LEU C 2 12.75 51.70 -17.57
N SER C 3 12.87 50.45 -17.99
CA SER C 3 11.73 49.70 -18.49
C SER C 3 12.03 48.21 -18.39
N PHE C 4 11.33 47.51 -17.49
CA PHE C 4 11.46 46.06 -17.37
C PHE C 4 10.54 45.30 -18.31
N THR C 5 9.57 45.98 -18.93
CA THR C 5 8.55 45.33 -19.74
C THR C 5 8.85 45.39 -21.23
N GLY C 6 9.26 46.56 -21.73
CA GLY C 6 9.48 46.73 -23.14
C GLY C 6 8.68 47.89 -23.69
N LEU C 7 7.75 48.40 -22.88
CA LEU C 7 6.94 49.54 -23.25
C LEU C 7 7.76 50.83 -23.19
N THR C 8 7.23 51.87 -23.82
CA THR C 8 7.83 53.19 -23.77
C THR C 8 7.11 54.04 -22.74
N ASP C 9 7.67 55.22 -22.45
CA ASP C 9 7.03 56.13 -21.51
C ASP C 9 5.72 56.66 -22.05
N GLU C 10 5.66 56.95 -23.35
CA GLU C 10 4.41 57.42 -23.95
C GLU C 10 3.36 56.31 -23.98
N GLN C 11 3.77 55.07 -24.26
CA GLN C 11 2.81 53.97 -24.35
C GLN C 11 2.20 53.66 -22.99
N ALA C 12 2.94 53.88 -21.90
CA ALA C 12 2.49 53.53 -20.56
C ALA C 12 1.67 54.64 -19.91
N GLN C 13 1.14 55.57 -20.70
CA GLN C 13 0.29 56.65 -20.20
C GLN C 13 -1.15 56.54 -20.66
N GLU C 14 -1.36 56.27 -21.95
CA GLU C 14 -2.70 56.03 -22.46
C GLU C 14 -3.34 54.81 -21.80
N LEU C 15 -2.55 53.76 -21.60
CA LEU C 15 -3.04 52.57 -20.92
C LEU C 15 -3.50 52.90 -19.50
N HIS C 16 -2.70 53.69 -18.77
CA HIS C 16 -3.08 54.07 -17.42
C HIS C 16 -4.34 54.93 -17.42
N SER C 17 -4.47 55.82 -18.40
CA SER C 17 -5.68 56.65 -18.49
C SER C 17 -6.92 55.80 -18.68
N VAL C 18 -6.87 54.84 -19.60
CA VAL C 18 -8.03 53.97 -19.83
C VAL C 18 -8.33 53.12 -18.60
N TYR C 19 -7.27 52.59 -17.96
CA TYR C 19 -7.46 51.79 -16.76
C TYR C 19 -8.11 52.60 -15.65
N MET C 20 -7.69 53.85 -15.47
CA MET C 20 -8.28 54.70 -14.43
C MET C 20 -9.73 55.03 -14.74
N SER C 21 -10.06 55.27 -16.01
CA SER C 21 -11.45 55.52 -16.37
C SER C 21 -12.33 54.33 -16.01
N GLY C 22 -11.88 53.12 -16.36
CA GLY C 22 -12.62 51.93 -15.99
C GLY C 22 -12.75 51.78 -14.48
N LEU C 23 -11.66 52.04 -13.75
CA LEU C 23 -11.69 51.95 -12.31
C LEU C 23 -12.74 52.89 -11.72
N TRP C 24 -12.80 54.11 -12.22
CA TRP C 24 -13.76 55.08 -11.68
C TRP C 24 -15.19 54.66 -11.99
N LEU C 25 -15.44 54.12 -13.18
CA LEU C 25 -16.78 53.62 -13.49
C LEU C 25 -17.19 52.50 -12.53
N PHE C 26 -16.28 51.55 -12.31
CA PHE C 26 -16.55 50.45 -11.38
C PHE C 26 -16.84 50.96 -9.98
N SER C 27 -16.01 51.90 -9.50
CA SER C 27 -16.18 52.40 -8.15
C SER C 27 -17.48 53.18 -8.00
N ALA C 28 -17.87 53.95 -9.02
CA ALA C 28 -19.14 54.66 -8.95
C ALA C 28 -20.31 53.71 -8.84
N VAL C 29 -20.31 52.64 -9.66
CA VAL C 29 -21.39 51.65 -9.57
C VAL C 29 -21.42 51.02 -8.18
N ALA C 30 -20.25 50.67 -7.65
CA ALA C 30 -20.19 50.06 -6.32
C ALA C 30 -20.71 51.00 -5.25
N VAL C 31 -20.38 52.29 -5.35
CA VAL C 31 -20.82 53.27 -4.34
C VAL C 31 -22.34 53.40 -4.38
N VAL C 32 -22.93 53.48 -5.58
CA VAL C 32 -24.39 53.56 -5.67
C VAL C 32 -25.03 52.33 -5.05
N ALA C 33 -24.48 51.14 -5.36
CA ALA C 33 -25.03 49.91 -4.79
C ALA C 33 -24.94 49.90 -3.27
N HIS C 34 -23.81 50.35 -2.72
CA HIS C 34 -23.63 50.35 -1.27
C HIS C 34 -24.60 51.33 -0.60
N LEU C 35 -24.83 52.48 -1.23
CA LEU C 35 -25.80 53.43 -0.68
C LEU C 35 -27.21 52.83 -0.66
N ALA C 36 -27.60 52.17 -1.76
CA ALA C 36 -28.91 51.53 -1.79
C ALA C 36 -29.03 50.45 -0.72
N THR C 37 -27.98 49.65 -0.55
CA THR C 37 -28.00 48.60 0.47
C THR C 37 -28.10 49.18 1.88
N PHE C 38 -27.38 50.26 2.15
CA PHE C 38 -27.44 50.89 3.46
C PHE C 38 -28.84 51.43 3.73
N ILE C 39 -29.48 52.03 2.72
CA ILE C 39 -30.84 52.53 2.90
C ILE C 39 -31.79 51.35 3.17
N TRP C 40 -31.60 50.23 2.47
CA TRP C 40 -32.50 49.09 2.64
C TRP C 40 -32.34 48.45 4.02
N ARG C 41 -31.13 48.16 4.48
CA ARG C 41 -30.87 47.53 5.78
C ARG C 41 -29.57 47.99 6.41
N PRO C 42 -29.58 48.94 7.41
CA PRO C 42 -28.27 49.44 7.90
C PRO C 42 -27.35 48.57 8.78
N TRP C 43 -26.07 48.88 8.85
CA TRP C 43 -25.11 48.05 9.59
C TRP C 43 -24.25 48.77 10.59
N PHE C 44 -24.42 50.08 10.69
CA PHE C 44 -23.67 50.87 11.62
C PHE C 44 -24.62 51.62 12.53
N MET D 1 -26.12 44.02 -35.14
CA MET D 1 -26.88 42.76 -35.20
C MET D 1 -26.89 42.21 -36.62
N SER D 2 -26.64 43.08 -37.59
CA SER D 2 -26.57 42.67 -38.99
C SER D 2 -25.19 42.18 -39.40
N LYS D 3 -24.21 42.27 -38.52
CA LYS D 3 -22.85 41.83 -38.79
C LYS D 3 -22.42 40.75 -37.80
N PHE D 4 -23.36 39.93 -37.38
CA PHE D 4 -23.08 38.86 -36.44
C PHE D 4 -22.51 37.63 -37.15
N TYR D 5 -22.46 37.63 -38.46
CA TYR D 5 -21.87 36.54 -39.25
C TYR D 5 -20.38 36.49 -39.17
N LYS D 6 -19.74 37.49 -38.57
CA LYS D 6 -18.30 37.55 -38.49
C LYS D 6 -17.82 36.69 -37.37
N ILE D 7 -18.72 35.97 -36.74
CA ILE D 7 -18.36 35.03 -35.69
C ILE D 7 -17.66 33.87 -36.39
N TRP D 8 -17.88 33.71 -37.67
CA TRP D 8 -17.30 32.61 -38.38
C TRP D 8 -15.95 32.98 -38.89
N LEU D 9 -15.53 34.23 -38.68
CA LEU D 9 -14.22 34.66 -39.07
C LEU D 9 -13.37 34.66 -37.82
N ILE D 10 -13.88 34.09 -36.73
CA ILE D 10 -13.13 33.97 -35.47
C ILE D 10 -13.15 32.50 -35.04
N PHE D 11 -14.28 31.82 -35.13
CA PHE D 11 -14.41 30.44 -34.65
C PHE D 11 -14.57 29.45 -35.79
N ASP D 12 -13.92 28.29 -35.72
CA ASP D 12 -14.11 27.24 -36.75
C ASP D 12 -15.47 26.58 -36.73
N PRO D 13 -16.09 26.45 -37.91
CA PRO D 13 -17.46 25.93 -37.93
C PRO D 13 -17.68 24.46 -37.61
N ARG D 14 -16.67 23.71 -37.23
CA ARG D 14 -16.79 22.32 -36.96
C ARG D 14 -16.73 22.23 -35.48
N ARG D 15 -15.81 22.96 -34.89
CA ARG D 15 -15.72 23.02 -33.43
C ARG D 15 -17.01 23.46 -32.77
N VAL D 16 -17.68 24.44 -33.34
CA VAL D 16 -18.92 24.93 -32.78
C VAL D 16 -20.05 23.94 -32.92
N PHE D 17 -20.11 23.21 -34.03
CA PHE D 17 -21.20 22.28 -34.28
C PHE D 17 -21.14 21.05 -33.38
N VAL D 18 -19.97 20.60 -33.00
CA VAL D 18 -19.86 19.49 -32.08
C VAL D 18 -20.30 19.92 -30.68
N ALA D 19 -19.80 21.03 -30.17
CA ALA D 19 -20.10 21.48 -28.82
C ALA D 19 -21.58 21.80 -28.65
N GLN D 20 -22.18 22.46 -29.65
CA GLN D 20 -23.58 22.83 -29.57
C GLN D 20 -24.47 21.60 -29.53
N GLY D 21 -24.19 20.59 -30.36
CA GLY D 21 -24.99 19.38 -30.32
C GLY D 21 -24.94 18.68 -28.97
N VAL D 22 -23.76 18.31 -28.49
CA VAL D 22 -23.60 17.69 -27.17
C VAL D 22 -24.26 18.49 -26.03
N PHE D 23 -24.03 19.80 -25.92
CA PHE D 23 -24.70 20.66 -24.93
C PHE D 23 -26.22 20.61 -24.98
N LEU D 24 -26.80 20.63 -26.15
CA LEU D 24 -28.22 20.69 -26.28
C LEU D 24 -28.92 19.44 -25.85
N PHE D 25 -28.33 18.29 -26.14
CA PHE D 25 -28.89 17.04 -25.68
C PHE D 25 -28.87 16.91 -24.19
N LEU D 26 -27.76 17.25 -23.57
CA LEU D 26 -27.62 17.10 -22.15
C LEU D 26 -28.42 18.06 -21.36
N LEU D 27 -28.78 19.18 -21.96
CA LEU D 27 -29.65 20.12 -21.31
C LEU D 27 -31.10 19.67 -21.41
N ALA D 28 -31.54 19.20 -22.56
CA ALA D 28 -32.88 18.65 -22.69
C ALA D 28 -33.11 17.43 -21.85
N ALA D 29 -32.08 16.61 -21.64
CA ALA D 29 -32.18 15.43 -20.80
C ALA D 29 -32.39 15.76 -19.37
N MET D 30 -31.67 16.73 -18.85
CA MET D 30 -31.80 17.18 -17.47
C MET D 30 -33.09 17.86 -17.10
N ILE D 31 -33.71 18.58 -18.01
CA ILE D 31 -34.98 19.21 -17.74
C ILE D 31 -36.08 18.19 -17.59
N HIS D 32 -36.07 17.15 -18.40
CA HIS D 32 -37.06 16.10 -18.31
C HIS D 32 -36.94 15.36 -16.98
N LEU D 33 -35.74 15.16 -16.47
CA LEU D 33 -35.52 14.54 -15.18
C LEU D 33 -35.96 15.42 -14.03
N VAL D 34 -35.86 16.73 -14.15
CA VAL D 34 -36.34 17.63 -13.12
C VAL D 34 -37.86 17.68 -13.09
N LEU D 35 -38.52 17.56 -14.23
CA LEU D 35 -39.97 17.55 -14.25
C LEU D 35 -40.52 16.28 -13.69
N LEU D 36 -39.78 15.21 -13.83
CA LEU D 36 -40.24 13.93 -13.35
C LEU D 36 -39.90 13.68 -11.91
N SER D 37 -39.14 14.54 -11.29
CA SER D 37 -38.81 14.44 -9.89
C SER D 37 -39.92 15.02 -9.09
N THR D 38 -40.89 15.60 -9.75
CA THR D 38 -41.98 16.29 -9.07
C THR D 38 -43.23 15.47 -8.92
N GLU D 39 -44.31 16.12 -8.55
CA GLU D 39 -45.58 15.45 -8.38
C GLU D 39 -46.61 16.03 -9.27
N HIS D 40 -46.50 17.31 -9.55
CA HIS D 40 -47.46 18.00 -10.37
C HIS D 40 -47.16 17.82 -11.83
N PHE D 41 -45.90 17.58 -12.18
CA PHE D 41 -45.52 17.49 -13.59
C PHE D 41 -45.08 16.14 -14.11
N ASN D 42 -45.04 15.11 -13.27
CA ASN D 42 -44.74 13.74 -13.72
C ASN D 42 -45.96 13.20 -14.43
N TRP D 43 -45.93 13.12 -15.75
CA TRP D 43 -47.08 12.71 -16.56
C TRP D 43 -47.37 11.22 -16.46
N PHE D 44 -46.39 10.36 -16.22
CA PHE D 44 -46.64 8.92 -16.03
C PHE D 44 -47.53 8.66 -14.82
N GLU D 45 -47.30 9.38 -13.74
CA GLU D 45 -48.08 9.23 -12.52
C GLU D 45 -49.43 9.87 -12.56
N LEU D 46 -49.61 10.83 -13.43
CA LEU D 46 -50.90 11.45 -13.59
C LEU D 46 -51.85 10.65 -14.44
N ALA D 47 -51.36 9.79 -15.29
CA ALA D 47 -52.21 8.91 -16.12
C ALA D 47 -52.77 7.80 -15.28
N ALA D 48 -51.99 7.32 -14.33
CA ALA D 48 -52.47 6.34 -13.41
C ALA D 48 -53.51 6.87 -12.43
N ALA D 49 -53.42 8.12 -12.02
CA ALA D 49 -54.35 8.70 -11.06
C ALA D 49 -55.59 9.23 -11.70
N ASN D 50 -55.57 9.48 -13.00
CA ASN D 50 -56.76 9.90 -13.69
C ASN D 50 -57.48 8.64 -14.06
N ALA D 51 -57.12 7.54 -13.42
CA ALA D 51 -57.76 6.26 -13.70
C ALA D 51 -58.40 5.67 -12.44
N ASP E 1 -9.08 42.34 -44.73
CA ASP E 1 -10.09 41.84 -43.81
C ASP E 1 -9.47 40.96 -42.73
N LEU E 2 -9.97 41.10 -41.50
CA LEU E 2 -9.50 40.28 -40.40
C LEU E 2 -10.14 38.91 -40.46
N SER E 3 -9.31 37.86 -40.37
CA SER E 3 -9.81 36.49 -40.46
C SER E 3 -8.85 35.57 -39.72
N PHE E 4 -9.37 34.83 -38.76
CA PHE E 4 -8.59 33.84 -38.02
C PHE E 4 -8.80 32.43 -38.52
N THR E 5 -9.95 32.12 -39.11
CA THR E 5 -10.28 30.77 -39.52
C THR E 5 -9.78 30.43 -40.91
N GLY E 6 -9.90 31.35 -41.86
CA GLY E 6 -9.50 31.09 -43.23
C GLY E 6 -10.62 31.36 -44.22
N LEU E 7 -11.81 31.60 -43.70
CA LEU E 7 -12.96 31.90 -44.54
C LEU E 7 -12.91 33.34 -45.02
N THR E 8 -13.68 33.62 -46.07
CA THR E 8 -13.87 34.97 -46.57
C THR E 8 -15.22 35.51 -46.14
N ASP E 9 -15.49 36.76 -46.52
CA ASP E 9 -16.72 37.42 -46.10
C ASP E 9 -17.96 36.74 -46.68
N GLU E 10 -17.90 36.40 -47.98
CA GLU E 10 -19.04 35.76 -48.63
C GLU E 10 -19.32 34.38 -48.04
N GLN E 11 -18.26 33.61 -47.80
CA GLN E 11 -18.42 32.27 -47.23
C GLN E 11 -19.06 32.34 -45.86
N ALA E 12 -18.59 33.26 -45.01
CA ALA E 12 -19.18 33.43 -43.69
C ALA E 12 -20.63 33.87 -43.79
N GLN E 13 -20.94 34.77 -44.73
CA GLN E 13 -22.31 35.22 -44.89
C GLN E 13 -23.23 34.06 -45.26
N GLU E 14 -22.80 33.20 -46.18
CA GLU E 14 -23.57 32.02 -46.58
C GLU E 14 -23.75 30.98 -45.50
N LEU E 15 -22.68 30.61 -44.80
CA LEU E 15 -22.79 29.71 -43.67
C LEU E 15 -23.77 30.24 -42.64
N HIS E 16 -23.71 31.52 -42.33
CA HIS E 16 -24.59 32.11 -41.35
C HIS E 16 -26.04 32.11 -41.74
N SER E 17 -26.33 32.28 -43.00
CA SER E 17 -27.67 32.26 -43.47
C SER E 17 -28.31 30.89 -43.33
N VAL E 18 -27.56 29.82 -43.55
CA VAL E 18 -28.09 28.49 -43.38
C VAL E 18 -28.17 28.13 -41.90
N TYR E 19 -27.21 28.55 -41.11
CA TYR E 19 -27.28 28.36 -39.65
C TYR E 19 -28.48 29.03 -39.00
N MET E 20 -28.90 30.18 -39.49
CA MET E 20 -30.00 30.90 -38.88
C MET E 20 -31.30 30.33 -39.31
N SER E 21 -31.33 29.64 -40.43
CA SER E 21 -32.51 28.93 -40.88
C SER E 21 -32.80 27.69 -40.02
N GLY E 22 -31.77 27.08 -39.43
CA GLY E 22 -31.98 25.96 -38.55
C GLY E 22 -32.23 26.39 -37.13
N LEU E 23 -31.78 27.57 -36.74
CA LEU E 23 -32.04 28.11 -35.42
C LEU E 23 -33.50 28.41 -35.33
N TRP E 24 -34.09 28.95 -36.36
CA TRP E 24 -35.47 29.30 -36.33
C TRP E 24 -36.42 28.16 -36.39
N LEU E 25 -36.04 27.09 -37.03
CA LEU E 25 -36.86 25.90 -37.09
C LEU E 25 -36.89 25.21 -35.75
N PHE E 26 -35.73 24.98 -35.16
CA PHE E 26 -35.68 24.41 -33.83
C PHE E 26 -36.43 25.26 -32.83
N SER E 27 -36.31 26.57 -32.89
CA SER E 27 -36.93 27.45 -31.93
C SER E 27 -38.43 27.59 -32.11
N ALA E 28 -38.93 27.43 -33.32
CA ALA E 28 -40.34 27.49 -33.57
C ALA E 28 -41.02 26.23 -33.09
N VAL E 29 -40.32 25.12 -33.13
CA VAL E 29 -40.89 23.92 -32.64
C VAL E 29 -40.92 24.02 -31.13
N ALA E 30 -39.83 24.48 -30.54
CA ALA E 30 -39.82 24.66 -29.10
C ALA E 30 -40.94 25.58 -28.61
N VAL E 31 -41.25 26.63 -29.37
CA VAL E 31 -42.32 27.55 -28.97
C VAL E 31 -43.67 26.83 -28.97
N VAL E 32 -43.95 26.06 -30.02
CA VAL E 32 -45.20 25.31 -30.07
C VAL E 32 -45.27 24.30 -28.93
N ALA E 33 -44.16 23.61 -28.65
CA ALA E 33 -44.14 22.64 -27.56
C ALA E 33 -44.41 23.30 -26.21
N HIS E 34 -43.77 24.44 -25.95
CA HIS E 34 -43.98 25.13 -24.69
C HIS E 34 -45.41 25.65 -24.56
N LEU E 35 -45.99 26.15 -25.65
CA LEU E 35 -47.37 26.63 -25.60
C LEU E 35 -48.33 25.50 -25.29
N ALA E 36 -48.23 24.32 -25.88
CA ALA E 36 -49.12 23.20 -25.47
C ALA E 36 -49.01 22.67 -24.04
N THR E 37 -47.84 22.72 -23.42
CA THR E 37 -47.64 22.27 -22.05
C THR E 37 -48.25 23.21 -21.02
N PHE E 38 -48.30 24.51 -21.28
CA PHE E 38 -48.94 25.46 -20.39
C PHE E 38 -50.47 25.30 -20.45
N ILE E 39 -51.03 25.08 -21.61
CA ILE E 39 -52.48 24.94 -21.71
C ILE E 39 -52.90 23.67 -20.99
N TRP E 40 -52.03 22.68 -20.92
CA TRP E 40 -52.30 21.43 -20.25
C TRP E 40 -52.06 21.56 -18.78
N ARG E 41 -50.89 22.03 -18.41
CA ARG E 41 -50.51 22.10 -17.02
C ARG E 41 -49.79 23.46 -16.76
N PRO E 42 -50.52 24.54 -16.37
CA PRO E 42 -49.84 25.83 -16.16
C PRO E 42 -48.84 25.89 -15.06
N TRP E 43 -47.72 26.56 -15.29
CA TRP E 43 -46.76 26.75 -14.23
C TRP E 43 -46.99 28.22 -14.11
N PHE E 44 -46.26 28.98 -13.31
CA PHE E 44 -46.60 30.42 -13.15
C PHE E 44 -48.03 30.65 -12.68
N MET F 1 -13.20 55.66 -21.65
CA MET F 1 -14.52 55.09 -21.90
C MET F 1 -14.75 54.91 -23.39
N SER F 2 -14.27 55.87 -24.18
CA SER F 2 -14.30 55.77 -25.63
C SER F 2 -13.10 55.04 -26.19
N LYS F 3 -12.16 54.62 -25.34
CA LYS F 3 -10.97 53.90 -25.75
C LYS F 3 -10.93 52.49 -25.18
N PHE F 4 -12.10 51.94 -24.92
CA PHE F 4 -12.22 50.62 -24.36
C PHE F 4 -12.01 49.57 -25.42
N TYR F 5 -12.14 49.93 -26.69
CA TYR F 5 -11.90 49.00 -27.80
C TYR F 5 -10.51 48.40 -27.78
N LYS F 6 -9.57 49.05 -27.14
CA LYS F 6 -8.19 48.60 -27.12
C LYS F 6 -7.89 47.38 -26.30
N ILE F 7 -8.88 46.79 -25.65
CA ILE F 7 -8.69 45.57 -24.92
C ILE F 7 -8.38 44.48 -25.93
N TRP F 8 -8.78 44.67 -27.17
CA TRP F 8 -8.51 43.73 -28.22
C TRP F 8 -7.16 43.97 -28.85
N LEU F 9 -6.28 44.73 -28.21
CA LEU F 9 -4.92 44.91 -28.70
C LEU F 9 -4.08 44.33 -27.60
N ILE F 10 -4.73 43.88 -26.53
CA ILE F 10 -4.02 43.27 -25.41
C ILE F 10 -4.45 41.79 -25.28
N PHE F 11 -5.75 41.52 -25.28
CA PHE F 11 -6.25 40.15 -25.09
C PHE F 11 -6.77 39.50 -26.35
N ASP F 12 -6.40 38.24 -26.57
CA ASP F 12 -6.86 37.50 -27.73
C ASP F 12 -8.40 37.22 -27.69
N PRO F 13 -9.22 37.71 -28.68
CA PRO F 13 -10.67 37.49 -28.57
C PRO F 13 -11.07 36.02 -28.52
N ARG F 14 -10.32 35.14 -29.18
CA ARG F 14 -10.68 33.73 -29.24
C ARG F 14 -10.74 33.10 -27.85
N ARG F 15 -9.75 33.41 -27.00
CA ARG F 15 -9.73 32.84 -25.66
C ARG F 15 -10.84 33.41 -24.78
N VAL F 16 -11.01 34.73 -24.79
CA VAL F 16 -11.98 35.36 -23.91
C VAL F 16 -13.41 35.02 -24.29
N PHE F 17 -13.70 34.76 -25.57
CA PHE F 17 -15.06 34.37 -25.94
C PHE F 17 -15.45 33.04 -25.31
N VAL F 18 -14.57 32.04 -25.41
CA VAL F 18 -14.83 30.75 -24.79
C VAL F 18 -14.92 30.88 -23.28
N ALA F 19 -13.99 31.64 -22.69
CA ALA F 19 -14.00 31.82 -21.24
C ALA F 19 -15.30 32.44 -20.77
N GLN F 20 -15.76 33.47 -21.46
CA GLN F 20 -17.01 34.14 -21.15
C GLN F 20 -18.15 33.21 -21.24
N GLY F 21 -18.25 32.50 -22.33
CA GLY F 21 -19.38 31.59 -22.52
C GLY F 21 -19.50 30.59 -21.40
N VAL F 22 -18.38 29.94 -21.04
CA VAL F 22 -18.41 28.97 -19.95
C VAL F 22 -18.80 29.65 -18.63
N PHE F 23 -18.21 30.82 -18.36
CA PHE F 23 -18.49 31.53 -17.11
C PHE F 23 -19.97 31.90 -17.02
N LEU F 24 -20.54 32.36 -18.11
CA LEU F 24 -21.92 32.77 -18.11
C LEU F 24 -22.93 31.70 -17.84
N PHE F 25 -22.76 30.52 -18.43
CA PHE F 25 -23.67 29.43 -18.20
C PHE F 25 -23.58 28.88 -16.80
N LEU F 26 -22.38 28.72 -16.32
CA LEU F 26 -22.19 28.23 -14.97
C LEU F 26 -22.77 29.16 -13.91
N LEU F 27 -22.72 30.48 -14.13
CA LEU F 27 -23.33 31.44 -13.21
C LEU F 27 -24.84 31.35 -13.24
N ALA F 28 -25.42 31.24 -14.41
CA ALA F 28 -26.85 31.10 -14.53
C ALA F 28 -27.39 29.83 -13.89
N ALA F 29 -26.71 28.70 -14.06
CA ALA F 29 -27.12 27.45 -13.46
C ALA F 29 -27.04 27.47 -11.96
N MET F 30 -26.08 28.18 -11.40
CA MET F 30 -25.96 28.30 -9.97
C MET F 30 -27.05 29.15 -9.36
N ILE F 31 -27.48 30.21 -10.02
CA ILE F 31 -28.59 31.00 -9.49
C ILE F 31 -29.88 30.21 -9.50
N HIS F 32 -30.19 29.53 -10.57
CA HIS F 32 -31.37 28.71 -10.64
C HIS F 32 -31.38 27.61 -9.58
N LEU F 33 -30.26 26.97 -9.33
CA LEU F 33 -30.15 25.97 -8.27
C LEU F 33 -30.32 26.55 -6.88
N VAL F 34 -29.76 27.72 -6.60
CA VAL F 34 -29.96 28.40 -5.33
C VAL F 34 -31.42 28.76 -5.31
N LEU F 35 -31.98 29.30 -6.41
CA LEU F 35 -33.40 29.58 -6.30
C LEU F 35 -34.19 28.31 -6.01
N LEU F 36 -33.87 27.21 -6.70
CA LEU F 36 -34.58 25.95 -6.46
C LEU F 36 -34.36 25.42 -5.05
N SER F 37 -33.28 25.82 -4.37
CA SER F 37 -33.00 25.32 -3.04
C SER F 37 -33.74 26.05 -1.92
N THR F 38 -34.59 27.02 -2.23
CA THR F 38 -35.29 27.80 -1.22
C THR F 38 -36.75 27.40 -1.13
N GLU F 39 -37.35 27.74 0.00
CA GLU F 39 -38.72 27.38 0.25
C GLU F 39 -39.74 28.36 -0.33
N HIS F 40 -39.34 29.59 -0.60
CA HIS F 40 -40.25 30.60 -1.12
C HIS F 40 -40.17 30.79 -2.62
N PHE F 41 -39.04 30.47 -3.24
CA PHE F 41 -38.82 30.76 -4.66
C PHE F 41 -38.73 29.51 -5.51
N ASN F 42 -39.12 28.35 -5.00
CA ASN F 42 -39.18 27.12 -5.79
C ASN F 42 -40.50 27.12 -6.54
N TRP F 43 -40.46 27.48 -7.82
CA TRP F 43 -41.68 27.67 -8.59
C TRP F 43 -42.38 26.35 -8.95
N PHE F 44 -41.71 25.21 -8.77
CA PHE F 44 -42.36 23.93 -9.02
C PHE F 44 -43.30 23.57 -7.87
N GLU F 45 -42.91 23.87 -6.64
CA GLU F 45 -43.76 23.57 -5.48
C GLU F 45 -44.94 24.52 -5.40
N LEU F 46 -44.79 25.75 -5.91
CA LEU F 46 -45.89 26.70 -5.89
C LEU F 46 -47.05 26.22 -6.75
N ALA F 47 -46.75 25.65 -7.92
CA ALA F 47 -47.81 25.15 -8.80
C ALA F 47 -48.60 24.03 -8.13
N ALA F 48 -47.92 23.14 -7.41
CA ALA F 48 -48.61 22.10 -6.66
C ALA F 48 -49.42 22.68 -5.52
N ALA F 49 -48.86 23.66 -4.79
CA ALA F 49 -49.56 24.22 -3.64
C ALA F 49 -50.72 25.10 -4.07
N ASN F 50 -50.54 25.93 -5.07
CA ASN F 50 -51.56 26.89 -5.45
C ASN F 50 -52.80 26.25 -5.89
N ALA F 51 -52.67 25.08 -6.49
CA ALA F 51 -53.84 24.36 -6.92
C ALA F 51 -53.56 22.87 -6.89
N ASP G 1 2.25 51.55 -32.79
CA ASP G 1 1.29 51.33 -31.70
C ASP G 1 1.70 50.12 -30.86
N LEU G 2 1.00 49.93 -29.75
CA LEU G 2 1.25 48.76 -28.93
C LEU G 2 0.23 47.70 -29.25
N SER G 3 0.62 46.63 -29.92
CA SER G 3 -0.29 45.51 -30.16
C SER G 3 0.37 44.17 -29.86
N PHE G 4 -0.15 43.46 -28.88
CA PHE G 4 0.40 42.18 -28.53
C PHE G 4 -0.34 41.10 -29.26
N THR G 5 -1.36 41.46 -30.03
CA THR G 5 -2.20 40.48 -30.70
C THR G 5 -2.16 40.64 -32.21
N GLY G 6 -1.57 41.72 -32.69
CA GLY G 6 -1.41 41.87 -34.12
C GLY G 6 -2.64 42.30 -34.84
N LEU G 7 -3.52 43.00 -34.15
CA LEU G 7 -4.69 43.52 -34.77
C LEU G 7 -4.37 44.99 -34.88
N THR G 8 -5.03 45.70 -35.78
CA THR G 8 -4.80 47.13 -35.94
C THR G 8 -5.83 47.90 -35.12
N ASP G 9 -5.74 49.22 -35.08
CA ASP G 9 -6.68 50.05 -34.34
C ASP G 9 -8.10 49.93 -34.89
N GLU G 10 -8.25 49.99 -36.22
CA GLU G 10 -9.57 49.98 -36.84
C GLU G 10 -10.23 48.61 -36.74
N GLN G 11 -9.44 47.56 -36.83
CA GLN G 11 -9.97 46.21 -36.72
C GLN G 11 -10.46 46.02 -35.30
N ALA G 12 -9.85 46.71 -34.36
CA ALA G 12 -10.25 46.59 -32.98
C ALA G 12 -11.54 47.33 -32.78
N GLN G 13 -11.70 48.44 -33.49
CA GLN G 13 -12.91 49.23 -33.39
C GLN G 13 -14.05 48.51 -34.01
N GLU G 14 -13.79 47.76 -35.05
CA GLU G 14 -14.80 46.96 -35.72
C GLU G 14 -15.31 45.83 -34.84
N LEU G 15 -14.40 45.06 -34.24
CA LEU G 15 -14.77 44.00 -33.33
C LEU G 15 -15.55 44.56 -32.14
N HIS G 16 -15.09 45.64 -31.51
CA HIS G 16 -15.77 46.15 -30.34
C HIS G 16 -17.15 46.61 -30.67
N SER G 17 -17.30 47.34 -31.74
CA SER G 17 -18.60 47.85 -32.15
C SER G 17 -19.60 46.71 -32.32
N VAL G 18 -19.16 45.60 -32.90
CA VAL G 18 -20.07 44.45 -33.06
C VAL G 18 -20.35 43.81 -31.71
N TYR G 19 -19.34 43.72 -30.84
CA TYR G 19 -19.49 43.03 -29.55
C TYR G 19 -20.50 43.74 -28.65
N MET G 20 -20.43 45.07 -28.58
CA MET G 20 -21.33 45.81 -27.70
C MET G 20 -22.80 45.66 -28.11
N SER G 21 -23.08 45.50 -29.40
CA SER G 21 -24.45 45.35 -29.85
C SER G 21 -25.09 44.05 -29.42
N GLY G 22 -24.30 43.01 -29.16
CA GLY G 22 -24.84 41.78 -28.59
C GLY G 22 -24.91 41.88 -27.09
N LEU G 23 -23.96 42.60 -26.50
CA LEU G 23 -24.03 42.83 -25.05
C LEU G 23 -25.32 43.55 -24.67
N TRP G 24 -25.72 44.55 -25.46
CA TRP G 24 -26.93 45.30 -25.15
C TRP G 24 -28.18 44.43 -25.29
N LEU G 25 -28.22 43.55 -26.30
CA LEU G 25 -29.35 42.64 -26.45
C LEU G 25 -29.46 41.71 -25.24
N PHE G 26 -28.33 41.13 -24.83
CA PHE G 26 -28.33 40.26 -23.66
C PHE G 26 -28.84 41.00 -22.42
N SER G 27 -28.35 42.22 -22.19
CA SER G 27 -28.78 42.99 -21.03
C SER G 27 -30.25 43.36 -21.09
N ALA G 28 -30.78 43.62 -22.26
CA ALA G 28 -32.18 43.98 -22.41
C ALA G 28 -33.15 42.88 -22.12
N VAL G 29 -32.89 41.68 -22.62
CA VAL G 29 -33.71 40.52 -22.32
C VAL G 29 -33.72 40.23 -20.85
N ALA G 30 -32.57 40.35 -20.20
CA ALA G 30 -32.46 40.09 -18.78
C ALA G 30 -33.21 41.05 -17.91
N VAL G 31 -33.40 42.27 -18.36
CA VAL G 31 -34.13 43.27 -17.57
C VAL G 31 -35.63 43.04 -17.70
N VAL G 32 -36.11 42.65 -18.87
CA VAL G 32 -37.51 42.30 -19.03
C VAL G 32 -37.79 41.05 -18.21
N ALA G 33 -36.84 40.14 -18.11
CA ALA G 33 -36.99 38.96 -17.26
C ALA G 33 -37.09 39.28 -15.79
N HIS G 34 -36.25 40.16 -15.27
CA HIS G 34 -36.25 40.52 -13.86
C HIS G 34 -37.46 41.27 -13.47
N LEU G 35 -38.01 42.04 -14.40
CA LEU G 35 -39.20 42.82 -14.15
C LEU G 35 -40.41 41.95 -14.03
N ALA G 36 -40.57 41.00 -14.92
CA ALA G 36 -41.64 40.03 -14.82
C ALA G 36 -41.59 39.27 -13.53
N THR G 37 -40.43 38.80 -13.12
CA THR G 37 -40.29 38.13 -11.85
C THR G 37 -40.51 38.98 -10.60
N PHE G 38 -40.18 40.26 -10.56
CA PHE G 38 -40.49 41.09 -9.39
C PHE G 38 -41.99 41.31 -9.30
N ILE G 39 -42.63 41.54 -10.43
CA ILE G 39 -44.04 41.68 -10.41
C ILE G 39 -44.59 40.31 -10.04
N TRP G 40 -44.03 39.22 -10.57
CA TRP G 40 -44.63 37.96 -10.16
C TRP G 40 -44.39 37.67 -8.69
N ARG G 41 -43.16 37.87 -8.21
CA ARG G 41 -42.80 37.55 -6.83
C ARG G 41 -41.70 38.50 -6.38
N PRO G 42 -42.04 39.53 -5.60
CA PRO G 42 -41.02 40.47 -5.13
C PRO G 42 -40.07 39.83 -4.12
N TRP G 43 -38.85 40.35 -4.08
CA TRP G 43 -37.84 39.89 -3.14
C TRP G 43 -37.26 41.01 -2.28
N PHE G 44 -37.84 42.19 -2.32
CA PHE G 44 -37.38 43.30 -1.49
C PHE G 44 -38.51 43.82 -0.60
N MET H 1 18.80 58.03 6.46
CA MET H 1 17.40 58.08 6.10
C MET H 1 17.21 58.67 4.71
N SER H 2 18.24 59.38 4.24
CA SER H 2 18.26 59.94 2.89
C SER H 2 18.94 59.02 1.91
N LYS H 3 19.35 57.82 2.34
CA LYS H 3 20.03 56.87 1.48
C LYS H 3 19.24 55.59 1.34
N PHE H 4 17.98 55.58 1.77
CA PHE H 4 17.12 54.40 1.66
C PHE H 4 16.80 54.05 0.21
N TYR H 5 16.92 55.00 -0.72
CA TYR H 5 16.59 54.73 -2.11
C TYR H 5 17.50 53.67 -2.72
N LYS H 6 18.62 53.36 -2.06
CA LYS H 6 19.53 52.32 -2.52
C LYS H 6 19.01 50.92 -2.25
N ILE H 7 17.84 50.78 -1.63
CA ILE H 7 17.29 49.44 -1.41
C ILE H 7 17.05 48.75 -2.75
N TRP H 8 16.74 49.51 -3.80
CA TRP H 8 16.52 48.96 -5.12
C TRP H 8 17.81 48.67 -5.87
N LEU H 9 18.95 49.04 -5.29
CA LEU H 9 20.24 48.55 -5.79
C LEU H 9 20.54 47.14 -5.32
N ILE H 10 19.72 46.59 -4.41
CA ILE H 10 19.91 45.26 -3.88
C ILE H 10 18.75 44.34 -4.25
N PHE H 11 17.51 44.84 -4.17
CA PHE H 11 16.33 44.03 -4.38
C PHE H 11 15.76 44.24 -5.78
N ASP H 12 15.21 43.17 -6.34
CA ASP H 12 14.50 43.27 -7.62
C ASP H 12 13.10 43.82 -7.36
N PRO H 13 12.71 44.93 -8.00
CA PRO H 13 11.40 45.53 -7.69
C PRO H 13 10.21 44.63 -7.97
N ARG H 14 10.28 43.77 -9.00
CA ARG H 14 9.13 42.94 -9.34
C ARG H 14 8.80 41.94 -8.24
N ARG H 15 9.82 41.23 -7.75
CA ARG H 15 9.62 40.27 -6.67
C ARG H 15 9.11 40.94 -5.40
N VAL H 16 9.68 42.10 -5.06
CA VAL H 16 9.25 42.83 -3.87
C VAL H 16 7.80 43.26 -4.00
N PHE H 17 7.41 43.76 -5.18
CA PHE H 17 6.04 44.21 -5.36
C PHE H 17 5.06 43.05 -5.26
N VAL H 18 5.39 41.91 -5.87
CA VAL H 18 4.50 40.75 -5.78
C VAL H 18 4.36 40.29 -4.33
N ALA H 19 5.48 40.18 -3.62
CA ALA H 19 5.44 39.73 -2.24
C ALA H 19 4.63 40.68 -1.36
N GLN H 20 4.83 41.98 -1.53
CA GLN H 20 4.09 42.96 -0.74
C GLN H 20 2.61 42.93 -1.07
N GLY H 21 2.25 42.78 -2.34
CA GLY H 21 0.85 42.69 -2.72
C GLY H 21 0.16 41.49 -2.08
N VAL H 22 0.85 40.35 -2.01
CA VAL H 22 0.27 39.20 -1.33
C VAL H 22 0.16 39.44 0.17
N PHE H 23 1.24 39.97 0.77
CA PHE H 23 1.33 40.10 2.21
C PHE H 23 0.27 41.05 2.76
N LEU H 24 0.07 42.20 2.09
CA LEU H 24 -0.86 43.19 2.61
C LEU H 24 -2.29 42.66 2.64
N PHE H 25 -2.72 41.99 1.58
CA PHE H 25 -4.06 41.43 1.56
C PHE H 25 -4.22 40.31 2.57
N LEU H 26 -3.21 39.45 2.70
CA LEU H 26 -3.33 38.36 3.69
C LEU H 26 -3.45 38.92 5.09
N LEU H 27 -2.65 39.93 5.43
CA LEU H 27 -2.72 40.53 6.76
C LEU H 27 -4.06 41.24 6.99
N ALA H 28 -4.56 41.97 5.99
CA ALA H 28 -5.85 42.65 6.15
C ALA H 28 -6.97 41.65 6.37
N ALA H 29 -6.98 40.55 5.60
CA ALA H 29 -7.99 39.52 5.81
C ALA H 29 -7.88 38.89 7.18
N MET H 30 -6.65 38.64 7.65
CA MET H 30 -6.47 38.06 8.98
C MET H 30 -7.02 38.97 10.06
N ILE H 31 -6.78 40.28 9.96
CA ILE H 31 -7.29 41.19 10.98
C ILE H 31 -8.81 41.29 10.91
N HIS H 32 -9.37 41.40 9.69
CA HIS H 32 -10.82 41.47 9.55
C HIS H 32 -11.50 40.21 10.08
N LEU H 33 -10.86 39.05 9.98
CA LEU H 33 -11.41 37.83 10.56
C LEU H 33 -11.21 37.73 12.07
N VAL H 34 -10.09 38.26 12.59
CA VAL H 34 -9.88 38.27 14.03
C VAL H 34 -10.93 39.13 14.71
N LEU H 35 -11.33 40.24 14.10
CA LEU H 35 -12.38 41.07 14.67
C LEU H 35 -13.71 40.33 14.75
N LEU H 36 -14.04 39.54 13.73
CA LEU H 36 -15.34 38.89 13.67
C LEU H 36 -15.49 37.75 14.67
N SER H 37 -14.39 37.24 15.22
CA SER H 37 -14.44 36.13 16.15
C SER H 37 -14.68 36.54 17.59
N THR H 38 -14.85 37.84 17.85
CA THR H 38 -15.15 38.34 19.18
C THR H 38 -16.63 38.72 19.27
N GLU H 39 -17.04 39.14 20.47
CA GLU H 39 -18.42 39.54 20.71
C GLU H 39 -18.62 41.05 20.59
N HIS H 40 -17.63 41.83 21.02
CA HIS H 40 -17.79 43.29 21.05
C HIS H 40 -17.68 43.89 19.66
N PHE H 41 -16.78 43.38 18.82
CA PHE H 41 -16.42 44.03 17.56
C PHE H 41 -16.96 43.29 16.34
N ASN H 42 -17.96 42.44 16.51
CA ASN H 42 -18.59 41.75 15.38
C ASN H 42 -19.78 42.60 14.92
N TRP H 43 -19.62 43.26 13.76
CA TRP H 43 -20.64 44.19 13.31
C TRP H 43 -21.85 43.51 12.69
N PHE H 44 -21.75 42.23 12.32
CA PHE H 44 -22.92 41.52 11.81
C PHE H 44 -23.90 41.16 12.92
N GLU H 45 -23.40 40.76 14.08
CA GLU H 45 -24.26 40.41 15.20
C GLU H 45 -24.80 41.66 15.89
N LEU H 46 -24.01 42.74 15.93
CA LEU H 46 -24.45 43.97 16.56
C LEU H 46 -25.66 44.56 15.86
N ALA H 47 -25.69 44.50 14.52
CA ALA H 47 -26.81 45.05 13.78
C ALA H 47 -28.10 44.31 14.11
N ALA H 48 -28.04 42.99 14.25
CA ALA H 48 -29.22 42.22 14.63
C ALA H 48 -29.59 42.48 16.09
N ALA H 49 -28.59 42.71 16.95
CA ALA H 49 -28.86 42.94 18.36
C ALA H 49 -29.67 44.22 18.58
N ASN H 50 -29.38 45.26 17.81
CA ASN H 50 -30.06 46.55 17.95
C ASN H 50 -31.24 46.70 17.00
N ALA H 51 -31.73 45.59 16.47
CA ALA H 51 -32.94 45.67 15.66
C ALA H 51 -34.08 45.09 16.47
N ASP I 1 28.34 52.21 -8.38
CA ASP I 1 29.12 51.65 -7.28
C ASP I 1 28.80 50.18 -7.07
N LEU I 2 27.75 49.90 -6.30
CA LEU I 2 27.29 48.55 -6.04
C LEU I 2 25.88 48.40 -6.57
N SER I 3 25.67 47.45 -7.47
CA SER I 3 24.37 47.21 -8.06
C SER I 3 24.21 45.72 -8.36
N PHE I 4 23.15 45.13 -7.80
CA PHE I 4 22.80 43.75 -8.08
C PHE I 4 21.68 43.59 -9.09
N THR I 5 21.01 44.68 -9.48
CA THR I 5 19.85 44.62 -10.35
C THR I 5 20.06 45.27 -11.70
N GLY I 6 21.14 46.04 -11.87
CA GLY I 6 21.42 46.77 -13.08
C GLY I 6 20.98 48.21 -13.05
N LEU I 7 20.11 48.56 -12.11
CA LEU I 7 19.66 49.94 -11.98
C LEU I 7 20.82 50.85 -11.58
N THR I 8 20.81 52.07 -12.09
CA THR I 8 21.77 53.07 -11.70
C THR I 8 21.23 53.86 -10.51
N ASP I 9 22.04 54.80 -10.02
CA ASP I 9 21.64 55.59 -8.85
C ASP I 9 20.45 56.49 -9.16
N GLU I 10 20.45 57.13 -10.34
CA GLU I 10 19.36 58.00 -10.73
C GLU I 10 18.05 57.23 -10.84
N GLN I 11 18.09 56.05 -11.44
CA GLN I 11 16.90 55.21 -11.55
C GLN I 11 16.38 54.81 -10.18
N ALA I 12 17.28 54.48 -9.25
CA ALA I 12 16.86 54.10 -7.90
C ALA I 12 16.19 55.26 -7.20
N GLN I 13 16.75 56.48 -7.31
CA GLN I 13 16.11 57.64 -6.70
C GLN I 13 14.74 57.90 -7.31
N GLU I 14 14.63 57.80 -8.63
CA GLU I 14 13.35 58.02 -9.30
C GLU I 14 12.31 57.00 -8.85
N LEU I 15 12.70 55.73 -8.73
CA LEU I 15 11.77 54.70 -8.28
C LEU I 15 11.33 54.94 -6.84
N HIS I 16 12.28 55.29 -5.97
CA HIS I 16 11.94 55.46 -4.56
C HIS I 16 11.01 56.65 -4.35
N SER I 17 11.16 57.71 -5.16
CA SER I 17 10.25 58.84 -5.03
C SER I 17 8.79 58.42 -5.21
N VAL I 18 8.51 57.70 -6.30
CA VAL I 18 7.15 57.26 -6.58
C VAL I 18 6.69 56.23 -5.55
N TYR I 19 7.60 55.36 -5.10
CA TYR I 19 7.23 54.37 -4.09
C TYR I 19 6.77 55.05 -2.80
N MET I 20 7.52 56.04 -2.33
CA MET I 20 7.13 56.74 -1.10
C MET I 20 5.85 57.53 -1.30
N SER I 21 5.70 58.17 -2.47
CA SER I 21 4.47 58.92 -2.73
C SER I 21 3.25 58.01 -2.71
N GLY I 22 3.36 56.82 -3.30
CA GLY I 22 2.27 55.88 -3.27
C GLY I 22 2.06 55.19 -1.94
N LEU I 23 3.09 55.13 -1.09
CA LEU I 23 2.95 54.53 0.24
C LEU I 23 2.34 55.48 1.26
N TRP I 24 2.50 56.80 1.10
CA TRP I 24 1.92 57.71 2.09
C TRP I 24 0.40 57.79 2.01
N LEU I 25 -0.17 57.71 0.81
CA LEU I 25 -1.62 57.80 0.65
C LEU I 25 -2.32 56.61 1.31
N PHE I 26 -1.74 55.42 1.19
CA PHE I 26 -2.29 54.23 1.83
C PHE I 26 -2.37 54.41 3.34
N SER I 27 -1.30 54.94 3.94
CA SER I 27 -1.30 55.22 5.37
C SER I 27 -2.30 56.30 5.75
N ALA I 28 -2.48 57.32 4.92
CA ALA I 28 -3.49 58.33 5.22
C ALA I 28 -4.89 57.74 5.24
N VAL I 29 -5.21 56.90 4.27
CA VAL I 29 -6.52 56.25 4.24
C VAL I 29 -6.69 55.35 5.46
N ALA I 30 -5.66 54.61 5.82
CA ALA I 30 -5.73 53.75 7.00
C ALA I 30 -5.94 54.56 8.27
N VAL I 31 -5.28 55.72 8.38
CA VAL I 31 -5.44 56.57 9.57
C VAL I 31 -6.88 57.08 9.66
N VAL I 32 -7.45 57.53 8.54
CA VAL I 32 -8.83 58.00 8.56
C VAL I 32 -9.77 56.87 8.98
N ALA I 33 -9.56 55.68 8.42
CA ALA I 33 -10.41 54.53 8.76
C ALA I 33 -10.30 54.19 10.25
N HIS I 34 -9.08 54.20 10.79
CA HIS I 34 -8.90 53.89 12.20
C HIS I 34 -9.53 54.94 13.10
N LEU I 35 -9.47 56.22 12.73
CA LEU I 35 -10.17 57.26 13.51
C LEU I 35 -11.68 57.04 13.51
N ALA I 36 -12.26 56.76 12.34
CA ALA I 36 -13.69 56.49 12.29
C ALA I 36 -14.07 55.27 13.13
N THR I 37 -13.28 54.20 13.05
CA THR I 37 -13.55 53.01 13.86
C THR I 37 -13.41 53.29 15.36
N PHE I 38 -12.41 54.07 15.76
CA PHE I 38 -12.24 54.39 17.17
C PHE I 38 -13.43 55.18 17.69
N ILE I 39 -13.92 56.14 16.90
CA ILE I 39 -15.07 56.90 17.36
C ILE I 39 -16.32 56.02 17.41
N TRP I 40 -16.49 55.11 16.44
CA TRP I 40 -17.64 54.22 16.47
C TRP I 40 -17.59 53.26 17.64
N ARG I 41 -16.41 52.70 17.93
CA ARG I 41 -16.25 51.76 19.02
C ARG I 41 -14.81 51.75 19.52
N PRO I 42 -14.51 52.43 20.62
CA PRO I 42 -13.13 52.49 21.11
C PRO I 42 -12.66 51.14 21.63
N TRP I 43 -11.34 51.03 21.81
CA TRP I 43 -10.73 49.76 22.27
C TRP I 43 -9.71 50.00 23.32
N PHE I 44 -9.54 51.24 23.70
CA PHE I 44 -8.59 51.58 24.73
C PHE I 44 -9.38 52.33 25.79
N MET J 1 33.81 47.16 17.42
CA MET J 1 32.60 47.95 17.21
C MET J 1 32.80 48.85 16.01
N SER J 2 33.99 49.41 15.90
CA SER J 2 34.31 50.25 14.76
C SER J 2 34.69 49.44 13.53
N LYS J 3 34.60 48.10 13.60
CA LYS J 3 34.95 47.26 12.47
C LYS J 3 33.92 46.17 12.23
N PHE J 4 32.70 46.36 12.72
CA PHE J 4 31.60 45.42 12.46
C PHE J 4 31.10 45.53 11.03
N TYR J 5 31.41 46.63 10.33
CA TYR J 5 30.97 46.82 8.96
C TYR J 5 31.50 45.74 8.02
N LYS J 6 32.54 45.01 8.43
CA LYS J 6 33.09 43.92 7.64
C LYS J 6 32.21 42.69 7.62
N ILE J 7 31.10 42.68 8.39
CA ILE J 7 30.17 41.56 8.34
C ILE J 7 29.59 41.38 6.94
N TRP J 8 29.57 42.42 6.12
CA TRP J 8 29.08 42.32 4.76
C TRP J 8 30.12 41.78 3.79
N LEU J 9 31.34 41.51 4.25
CA LEU J 9 32.33 40.81 3.45
C LEU J 9 32.19 39.31 3.54
N ILE J 10 31.33 38.81 4.44
CA ILE J 10 31.09 37.38 4.60
C ILE J 10 29.66 37.00 4.24
N PHE J 11 28.69 37.85 4.59
CA PHE J 11 27.28 37.57 4.37
C PHE J 11 26.76 38.36 3.18
N ASP J 12 26.00 37.68 2.32
CA ASP J 12 25.37 38.33 1.18
C ASP J 12 24.21 39.18 1.67
N PRO J 13 24.21 40.50 1.43
CA PRO J 13 23.15 41.35 1.99
C PRO J 13 21.73 40.96 1.59
N ARG J 14 21.53 40.44 0.37
CA ARG J 14 20.19 40.05 -0.06
C ARG J 14 19.61 38.95 0.82
N ARG J 15 20.40 37.90 1.05
CA ARG J 15 19.93 36.76 1.84
C ARG J 15 19.60 37.17 3.26
N VAL J 16 20.50 37.93 3.89
CA VAL J 16 20.28 38.35 5.27
C VAL J 16 19.10 39.30 5.35
N PHE J 17 18.89 40.14 4.34
CA PHE J 17 17.75 41.05 4.36
C PHE J 17 16.43 40.27 4.32
N VAL J 18 16.33 39.29 3.41
CA VAL J 18 15.11 38.49 3.33
C VAL J 18 14.87 37.72 4.63
N ALA J 19 15.92 37.07 5.15
CA ALA J 19 15.78 36.29 6.37
C ALA J 19 15.40 37.16 7.55
N GLN J 20 16.00 38.35 7.67
CA GLN J 20 15.69 39.24 8.77
C GLN J 20 14.27 39.76 8.68
N GLY J 21 13.78 40.09 7.49
CA GLY J 21 12.39 40.51 7.38
C GLY J 21 11.42 39.43 7.82
N VAL J 22 11.63 38.19 7.33
CA VAL J 22 10.76 37.10 7.73
C VAL J 22 10.81 36.88 9.25
N PHE J 23 12.03 36.86 9.80
CA PHE J 23 12.20 36.62 11.23
C PHE J 23 11.51 37.69 12.07
N LEU J 24 11.68 38.96 11.69
CA LEU J 24 11.08 40.04 12.46
C LEU J 24 9.56 39.98 12.44
N PHE J 25 8.98 39.75 11.26
CA PHE J 25 7.52 39.69 11.20
C PHE J 25 6.98 38.52 12.00
N LEU J 26 7.63 37.35 11.90
CA LEU J 26 7.16 36.19 12.65
C LEU J 26 7.27 36.42 14.15
N LEU J 27 8.35 37.05 14.61
CA LEU J 27 8.50 37.36 16.03
C LEU J 27 7.41 38.30 16.51
N ALA J 28 7.12 39.35 15.74
CA ALA J 28 6.06 40.29 16.13
C ALA J 28 4.71 39.59 16.24
N ALA J 29 4.38 38.76 15.25
CA ALA J 29 3.10 38.05 15.28
C ALA J 29 3.02 37.10 16.48
N MET J 30 4.09 36.38 16.76
CA MET J 30 4.09 35.45 17.89
C MET J 30 3.91 36.20 19.22
N ILE J 31 4.60 37.33 19.38
CA ILE J 31 4.46 38.07 20.64
C ILE J 31 3.04 38.62 20.79
N HIS J 32 2.46 39.17 19.72
CA HIS J 32 1.11 39.70 19.81
C HIS J 32 0.11 38.59 20.16
N LEU J 33 0.25 37.41 19.55
CA LEU J 33 -0.65 36.30 19.88
C LEU J 33 -0.45 35.79 21.30
N VAL J 34 0.80 35.74 21.79
CA VAL J 34 1.03 35.33 23.17
C VAL J 34 0.35 36.29 24.13
N LEU J 35 0.42 37.59 23.84
CA LEU J 35 -0.34 38.55 24.65
C LEU J 35 -1.83 38.31 24.55
N LEU J 36 -2.33 37.98 23.36
CA LEU J 36 -3.76 37.71 23.20
C LEU J 36 -4.22 36.46 23.93
N SER J 37 -3.31 35.54 24.26
CA SER J 37 -3.71 34.28 24.89
C SER J 37 -3.92 34.40 26.39
N THR J 38 -3.67 35.56 27.00
CA THR J 38 -3.78 35.72 28.44
C THR J 38 -5.12 36.36 28.80
N GLU J 39 -5.28 36.67 30.09
CA GLU J 39 -6.48 37.31 30.61
C GLU J 39 -6.27 38.77 30.98
N HIS J 40 -5.12 39.11 31.58
CA HIS J 40 -4.86 40.46 32.03
C HIS J 40 -4.43 41.39 30.89
N PHE J 41 -3.94 40.85 29.78
CA PHE J 41 -3.39 41.66 28.70
C PHE J 41 -4.15 41.48 27.39
N ASN J 42 -5.38 40.98 27.44
CA ASN J 42 -6.22 40.86 26.26
C ASN J 42 -7.02 42.15 26.12
N TRP J 43 -6.65 42.99 25.15
CA TRP J 43 -7.30 44.28 24.99
C TRP J 43 -8.65 44.20 24.30
N PHE J 44 -8.99 43.05 23.71
CA PHE J 44 -10.33 42.88 23.16
C PHE J 44 -11.37 42.59 24.25
N GLU J 45 -10.95 41.90 25.32
CA GLU J 45 -11.86 41.64 26.42
C GLU J 45 -11.92 42.79 27.42
N LEU J 46 -10.81 43.53 27.57
CA LEU J 46 -10.82 44.68 28.46
C LEU J 46 -11.78 45.76 27.97
N ALA J 47 -11.85 45.97 26.66
CA ALA J 47 -12.82 46.91 26.11
C ALA J 47 -14.24 46.48 26.41
N ALA J 48 -14.50 45.17 26.32
CA ALA J 48 -15.83 44.65 26.63
C ALA J 48 -16.17 44.87 28.11
N ALA J 49 -15.20 44.64 28.98
CA ALA J 49 -15.42 44.70 30.42
C ALA J 49 -15.26 46.10 30.99
N ASN J 50 -14.86 47.09 30.19
CA ASN J 50 -14.75 48.46 30.64
C ASN J 50 -15.80 49.37 30.01
N ALA J 51 -16.79 48.84 29.36
CA ALA J 51 -17.87 49.61 28.75
C ALA J 51 -19.23 49.11 29.21
N ASP K 1 42.75 42.06 2.22
CA ASP K 1 41.30 42.20 2.04
C ASP K 1 40.61 40.87 1.73
N LEU K 2 39.90 40.31 2.69
CA LEU K 2 39.16 39.08 2.48
C LEU K 2 37.70 39.42 2.20
N SER K 3 37.18 38.93 1.07
CA SER K 3 35.83 39.28 0.63
C SER K 3 35.21 38.07 -0.05
N PHE K 4 34.40 37.31 0.69
CA PHE K 4 33.64 36.22 0.09
C PHE K 4 32.51 36.73 -0.80
N THR K 5 31.88 37.83 -0.43
CA THR K 5 30.74 38.36 -1.18
C THR K 5 31.14 39.11 -2.44
N GLY K 6 32.40 39.50 -2.55
CA GLY K 6 32.84 40.26 -3.71
C GLY K 6 32.58 41.74 -3.55
N LEU K 7 32.88 42.27 -2.37
CA LEU K 7 32.65 43.68 -2.07
C LEU K 7 33.95 44.29 -1.58
N THR K 8 34.10 45.59 -1.80
CA THR K 8 35.28 46.30 -1.35
C THR K 8 35.03 46.95 0.00
N ASP K 9 36.07 47.40 0.67
CA ASP K 9 35.97 47.93 2.02
C ASP K 9 35.08 49.17 2.08
N GLU K 10 35.23 50.07 1.10
CA GLU K 10 34.44 51.30 1.10
C GLU K 10 32.95 51.01 0.94
N GLN K 11 32.61 50.07 0.04
CA GLN K 11 31.22 49.72 -0.15
C GLN K 11 30.60 49.13 1.11
N ALA K 12 31.35 48.27 1.80
CA ALA K 12 30.87 47.71 3.06
C ALA K 12 30.68 48.80 4.11
N GLN K 13 31.62 49.75 4.19
CA GLN K 13 31.47 50.86 5.12
C GLN K 13 30.19 51.64 4.85
N GLU K 14 29.96 51.99 3.58
CA GLU K 14 28.75 52.75 3.22
C GLU K 14 27.50 51.95 3.57
N LEU K 15 27.45 50.68 3.18
CA LEU K 15 26.28 49.85 3.41
C LEU K 15 25.97 49.74 4.89
N HIS K 16 27.00 49.49 5.71
CA HIS K 16 26.78 49.36 7.15
C HIS K 16 26.35 50.68 7.76
N SER K 17 26.89 51.80 7.28
CA SER K 17 26.48 53.10 7.81
C SER K 17 24.99 53.33 7.60
N VAL K 18 24.51 53.16 6.37
CA VAL K 18 23.08 53.35 6.16
C VAL K 18 22.25 52.27 6.86
N TYR K 19 22.73 51.04 6.94
CA TYR K 19 22.02 49.96 7.66
C TYR K 19 21.73 50.34 9.08
N MET K 20 22.71 50.90 9.76
CA MET K 20 22.55 51.26 11.14
C MET K 20 21.49 52.29 11.33
N SER K 21 21.31 53.19 10.37
CA SER K 21 20.25 54.18 10.43
C SER K 21 18.88 53.54 10.59
N GLY K 22 18.57 52.53 9.80
CA GLY K 22 17.32 51.81 9.90
C GLY K 22 17.14 51.12 11.22
N LEU K 23 18.14 50.45 11.73
CA LEU K 23 18.07 49.87 13.06
C LEU K 23 17.69 50.92 14.09
N TRP K 24 18.40 52.04 14.14
CA TRP K 24 18.14 53.04 15.13
C TRP K 24 16.80 53.73 15.00
N LEU K 25 16.14 53.61 13.84
CA LEU K 25 14.82 54.16 13.70
C LEU K 25 13.88 53.13 14.25
N PHE K 26 13.89 51.93 13.72
CA PHE K 26 13.06 50.85 14.24
C PHE K 26 13.16 50.77 15.75
N SER K 27 14.35 50.91 16.33
CA SER K 27 14.51 50.77 17.77
C SER K 27 13.82 51.90 18.54
N ALA K 28 13.92 53.14 18.05
CA ALA K 28 13.27 54.25 18.74
C ALA K 28 11.75 54.11 18.71
N VAL K 29 11.19 53.70 17.58
CA VAL K 29 9.75 53.49 17.50
C VAL K 29 9.32 52.39 18.46
N ALA K 30 10.10 51.29 18.52
CA ALA K 30 9.79 50.22 19.45
C ALA K 30 9.85 50.70 20.90
N VAL K 31 10.84 51.55 21.22
CA VAL K 31 10.97 52.06 22.58
C VAL K 31 9.76 52.91 22.94
N VAL K 32 9.32 53.78 22.02
CA VAL K 32 8.14 54.60 22.29
C VAL K 32 6.91 53.73 22.52
N ALA K 33 6.72 52.71 21.67
CA ALA K 33 5.57 51.82 21.83
C ALA K 33 5.62 51.07 23.15
N HIS K 34 6.80 50.57 23.55
CA HIS K 34 6.92 49.85 24.81
C HIS K 34 6.65 50.76 25.99
N LEU K 35 7.13 52.00 25.94
CA LEU K 35 6.88 52.94 27.03
C LEU K 35 5.39 53.23 27.16
N ALA K 36 4.72 53.46 26.03
CA ALA K 36 3.28 53.72 26.07
C ALA K 36 2.51 52.52 26.63
N THR K 37 2.87 51.32 26.19
CA THR K 37 2.21 50.12 26.70
C THR K 37 2.45 49.94 28.19
N PHE K 38 3.67 50.21 28.67
CA PHE K 38 3.94 50.08 30.10
C PHE K 38 3.13 51.09 30.91
N ILE K 39 3.01 52.33 30.41
CA ILE K 39 2.18 53.30 31.10
C ILE K 39 0.72 52.87 31.12
N TRP K 40 0.26 52.24 30.04
CA TRP K 40 -1.13 51.75 30.00
C TRP K 40 -1.35 50.63 31.01
N ARG K 41 -0.59 49.54 30.90
CA ARG K 41 -0.74 48.37 31.78
C ARG K 41 0.63 47.85 32.17
N PRO K 42 1.13 48.22 33.40
CA PRO K 42 2.47 47.69 33.71
C PRO K 42 2.60 46.18 33.89
N TRP K 43 3.80 45.65 33.70
CA TRP K 43 3.99 44.22 33.82
C TRP K 43 5.10 43.90 34.77
N PHE K 44 5.68 44.92 35.37
CA PHE K 44 6.73 44.71 36.33
C PHE K 44 6.31 45.41 37.60
N MET L 1 46.29 29.88 25.37
CA MET L 1 45.49 30.90 24.72
C MET L 1 46.39 31.73 23.84
N SER L 2 45.91 32.89 23.41
CA SER L 2 46.66 33.75 22.49
C SER L 2 46.84 33.06 21.15
N LYS L 3 46.40 31.81 21.07
CA LYS L 3 46.43 31.11 19.79
C LYS L 3 45.05 30.60 19.41
N PHE L 4 44.00 31.07 20.08
CA PHE L 4 42.64 30.66 19.74
C PHE L 4 42.22 31.21 18.38
N TYR L 5 42.85 32.28 17.91
CA TYR L 5 42.51 32.85 16.61
C TYR L 5 42.74 31.85 15.48
N LYS L 6 43.58 30.85 15.69
CA LYS L 6 43.80 29.80 14.69
C LYS L 6 42.61 28.86 14.55
N ILE L 7 41.52 29.11 15.27
CA ILE L 7 40.30 28.34 15.06
C ILE L 7 39.71 28.65 13.69
N TRP L 8 40.02 29.84 13.16
CA TRP L 8 39.49 30.27 11.86
C TRP L 8 40.34 29.84 10.74
N LEU L 9 41.27 28.93 11.00
CA LEU L 9 42.08 28.39 9.92
C LEU L 9 41.59 27.00 9.66
N ILE L 10 40.71 26.51 10.51
CA ILE L 10 40.15 25.15 10.37
C ILE L 10 38.68 25.25 10.04
N PHE L 11 37.96 26.14 10.72
CA PHE L 11 36.53 26.29 10.48
C PHE L 11 36.17 27.48 9.64
N ASP L 12 35.16 27.34 8.78
CA ASP L 12 34.77 28.42 7.87
C ASP L 12 33.96 29.46 8.59
N PRO L 13 34.39 30.70 8.53
CA PRO L 13 33.60 31.77 9.14
C PRO L 13 32.10 31.73 8.79
N ARG L 14 31.70 31.46 7.56
CA ARG L 14 30.29 31.52 7.19
C ARG L 14 29.42 30.40 7.74
N ARG L 15 29.95 29.20 7.87
CA ARG L 15 29.22 28.09 8.43
C ARG L 15 29.10 28.22 9.93
N VAL L 16 30.15 28.71 10.58
CA VAL L 16 30.09 28.91 12.01
C VAL L 16 29.13 30.03 12.37
N PHE L 17 29.03 31.06 11.55
CA PHE L 17 28.20 32.19 11.92
C PHE L 17 26.70 31.93 11.79
N VAL L 18 26.29 31.14 10.82
CA VAL L 18 24.88 30.79 10.70
C VAL L 18 24.46 29.80 11.79
N ALA L 19 25.25 28.76 12.05
CA ALA L 19 24.94 27.74 13.04
C ALA L 19 24.85 28.33 14.45
N GLN L 20 25.76 29.23 14.80
CA GLN L 20 25.74 29.88 16.09
C GLN L 20 24.51 30.75 16.29
N GLY L 21 24.11 31.51 15.26
CA GLY L 21 22.89 32.30 15.38
C GLY L 21 21.66 31.45 15.61
N VAL L 22 21.53 30.36 14.84
CA VAL L 22 20.39 29.46 15.02
C VAL L 22 20.38 28.87 16.42
N PHE L 23 21.54 28.37 16.87
CA PHE L 23 21.63 27.77 18.20
C PHE L 23 21.30 28.77 19.29
N LEU L 24 21.82 29.99 19.18
CA LEU L 24 21.59 31.00 20.22
C LEU L 24 20.12 31.38 20.31
N PHE L 25 19.47 31.63 19.17
CA PHE L 25 18.06 31.99 19.25
C PHE L 25 17.21 30.84 19.76
N LEU L 26 17.49 29.61 19.31
CA LEU L 26 16.72 28.47 19.79
C LEU L 26 16.89 28.28 21.29
N LEU L 27 18.11 28.42 21.81
CA LEU L 27 18.34 28.29 23.24
C LEU L 27 17.63 29.38 24.04
N ALA L 28 17.68 30.63 23.57
CA ALA L 28 16.99 31.70 24.28
C ALA L 28 15.49 31.47 24.31
N ALA L 29 14.90 31.08 23.17
CA ALA L 29 13.47 30.80 23.15
C ALA L 29 13.10 29.64 24.06
N MET L 30 13.92 28.58 24.05
CA MET L 30 13.65 27.44 24.92
C MET L 30 13.69 27.83 26.39
N ILE L 31 14.67 28.65 26.78
CA ILE L 31 14.77 29.03 28.19
C ILE L 31 13.59 29.91 28.59
N HIS L 32 13.22 30.87 27.73
CA HIS L 32 12.08 31.72 28.06
C HIS L 32 10.80 30.89 28.18
N LEU L 33 10.60 29.91 27.29
CA LEU L 33 9.42 29.06 27.37
C LEU L 33 9.44 28.15 28.60
N VAL L 34 10.62 27.67 29.00
CA VAL L 34 10.72 26.88 30.23
C VAL L 34 10.33 27.72 31.44
N LEU L 35 10.78 28.98 31.47
CA LEU L 35 10.37 29.87 32.56
C LEU L 35 8.87 30.10 32.54
N LEU L 36 8.28 30.26 31.36
CA LEU L 36 6.85 30.54 31.27
C LEU L 36 5.98 29.37 31.73
N SER L 37 6.54 28.16 31.82
CA SER L 37 5.76 26.98 32.18
C SER L 37 5.67 26.73 33.68
N THR L 38 6.30 27.58 34.50
CA THR L 38 6.30 27.41 35.94
C THR L 38 5.23 28.30 36.56
N GLU L 39 5.18 28.28 37.90
CA GLU L 39 4.27 29.11 38.68
C GLU L 39 4.94 30.34 39.27
N HIS L 40 6.15 30.18 39.81
CA HIS L 40 6.84 31.28 40.48
C HIS L 40 7.48 32.26 39.52
N PHE L 41 7.70 31.86 38.26
CA PHE L 41 8.46 32.67 37.31
C PHE L 41 7.66 33.01 36.06
N ASN L 42 6.34 33.03 36.14
CA ASN L 42 5.47 33.43 35.04
C ASN L 42 4.98 34.85 35.34
N TRP L 43 5.58 35.83 34.67
CA TRP L 43 5.28 37.23 34.97
C TRP L 43 3.92 37.68 34.47
N PHE L 44 3.37 37.03 33.44
CA PHE L 44 2.03 37.37 32.99
C PHE L 44 0.97 37.06 34.04
N GLU L 45 1.11 35.93 34.75
CA GLU L 45 0.20 35.62 35.84
C GLU L 45 0.51 36.45 37.08
N LEU L 46 1.77 36.78 37.31
CA LEU L 46 2.14 37.61 38.43
C LEU L 46 1.53 39.00 38.31
N ALA L 47 1.50 39.55 37.10
CA ALA L 47 0.88 40.86 36.90
C ALA L 47 -0.60 40.83 37.22
N ALA L 48 -1.29 39.77 36.78
CA ALA L 48 -2.73 39.66 37.03
C ALA L 48 -3.02 39.49 38.52
N ALA L 49 -2.25 38.62 39.19
CA ALA L 49 -2.49 38.36 40.60
C ALA L 49 -2.23 39.60 41.46
N ASN L 50 -1.20 40.37 41.12
CA ASN L 50 -0.81 41.49 41.96
C ASN L 50 -1.89 42.56 42.03
N ALA L 51 -2.25 42.99 40.82
CA ALA L 51 -3.19 44.10 40.65
C ALA L 51 -4.61 43.68 41.03
N ASP M 1 52.10 26.83 6.99
CA ASP M 1 50.94 27.07 7.85
C ASP M 1 49.70 26.28 7.45
N LEU M 2 49.06 25.66 8.44
CA LEU M 2 47.84 24.92 8.20
C LEU M 2 46.81 25.90 7.74
N SER M 3 46.01 25.53 6.76
CA SER M 3 44.94 26.40 6.32
C SER M 3 43.91 25.63 5.55
N PHE M 4 43.04 24.92 6.23
CA PHE M 4 41.96 24.17 5.58
C PHE M 4 41.05 25.15 4.86
N THR M 5 40.76 26.29 5.50
CA THR M 5 40.00 27.32 4.82
C THR M 5 40.92 28.19 3.96
N GLY M 6 40.31 29.06 3.17
CA GLY M 6 41.08 29.98 2.35
C GLY M 6 41.52 31.22 3.09
N LEU M 7 42.25 31.02 4.19
CA LEU M 7 42.66 32.15 4.98
C LEU M 7 44.13 32.13 5.25
N THR M 8 44.65 33.22 5.78
CA THR M 8 46.06 33.36 6.11
C THR M 8 46.19 33.58 7.63
N ASP M 9 47.41 33.82 8.08
CA ASP M 9 47.67 34.04 9.49
C ASP M 9 47.45 35.49 9.91
N GLU M 10 47.09 36.38 8.98
CA GLU M 10 46.80 37.77 9.29
C GLU M 10 45.32 38.09 9.23
N GLN M 11 44.59 37.49 8.29
CA GLN M 11 43.14 37.69 8.22
C GLN M 11 42.43 37.09 9.43
N ALA M 12 42.86 35.89 9.86
CA ALA M 12 42.25 35.22 11.00
C ALA M 12 42.43 36.01 12.28
N GLN M 13 43.59 36.64 12.47
CA GLN M 13 43.82 37.43 13.68
C GLN M 13 42.83 38.58 13.77
N GLU M 14 42.61 39.26 12.66
CA GLU M 14 41.68 40.37 12.64
C GLU M 14 40.28 39.91 12.85
N LEU M 15 39.88 38.83 12.19
CA LEU M 15 38.55 38.27 12.34
C LEU M 15 38.25 37.93 13.79
N HIS M 16 39.16 37.19 14.44
CA HIS M 16 38.99 36.85 15.84
C HIS M 16 38.99 38.09 16.73
N SER M 17 39.81 39.09 16.38
CA SER M 17 39.91 40.29 17.19
C SER M 17 38.59 41.02 17.28
N VAL M 18 37.86 41.13 16.16
CA VAL M 18 36.55 41.78 16.24
C VAL M 18 35.46 40.84 16.77
N TYR M 19 35.52 39.56 16.44
CA TYR M 19 34.49 38.60 16.87
C TYR M 19 34.45 38.54 18.35
N MET M 20 35.61 38.67 18.97
CA MET M 20 35.69 38.63 20.41
C MET M 20 35.15 39.89 21.03
N SER M 21 35.18 41.00 20.31
CA SER M 21 34.59 42.21 20.84
C SER M 21 33.07 42.12 20.91
N GLY M 22 32.47 41.44 19.95
CA GLY M 22 31.03 41.26 19.96
C GLY M 22 30.59 40.22 20.94
N LEU M 23 31.48 39.28 21.21
CA LEU M 23 31.17 38.28 22.20
C LEU M 23 31.12 38.95 23.54
N TRP M 24 32.09 39.79 23.83
CA TRP M 24 32.06 40.52 25.07
C TRP M 24 30.87 41.44 25.25
N LEU M 25 30.36 42.03 24.18
CA LEU M 25 29.17 42.87 24.30
C LEU M 25 27.88 42.12 24.60
N PHE M 26 27.60 41.02 23.92
CA PHE M 26 26.44 40.20 24.23
C PHE M 26 26.54 39.68 25.64
N SER M 27 27.75 39.34 26.08
CA SER M 27 27.96 38.85 27.42
C SER M 27 27.79 39.94 28.44
N ALA M 28 28.24 41.15 28.16
CA ALA M 28 27.99 42.26 29.07
C ALA M 28 26.51 42.50 29.22
N VAL M 29 25.79 42.53 28.11
CA VAL M 29 24.34 42.75 28.11
C VAL M 29 23.63 41.63 28.86
N ALA M 30 24.02 40.39 28.61
CA ALA M 30 23.40 39.26 29.31
C ALA M 30 23.64 39.34 30.81
N VAL M 31 24.84 39.75 31.23
CA VAL M 31 25.15 39.86 32.65
C VAL M 31 24.27 40.90 33.33
N VAL M 32 24.09 42.06 32.68
CA VAL M 32 23.21 43.09 33.25
C VAL M 32 21.78 42.58 33.35
N ALA M 33 21.30 41.87 32.31
CA ALA M 33 19.94 41.34 32.37
C ALA M 33 19.78 40.35 33.52
N HIS M 34 20.75 39.45 33.70
CA HIS M 34 20.68 38.49 34.79
C HIS M 34 20.72 39.17 36.15
N LEU M 35 21.54 40.22 36.29
CA LEU M 35 21.58 40.97 37.53
C LEU M 35 20.25 41.63 37.85
N ALA M 36 19.57 42.19 36.84
CA ALA M 36 18.25 42.76 37.07
C ALA M 36 17.24 41.69 37.49
N THR M 37 17.24 40.55 36.79
CA THR M 37 16.26 39.51 37.11
C THR M 37 16.51 38.86 38.46
N PHE M 38 17.75 38.82 38.94
CA PHE M 38 18.00 38.29 40.28
C PHE M 38 17.44 39.22 41.35
N ILE M 39 17.59 40.53 41.16
CA ILE M 39 17.02 41.48 42.11
C ILE M 39 15.49 41.39 42.10
N TRP M 40 14.90 41.25 40.92
CA TRP M 40 13.45 41.17 40.85
C TRP M 40 12.88 39.85 41.37
N ARG M 41 13.50 38.70 41.05
CA ARG M 41 12.99 37.37 41.43
C ARG M 41 14.14 36.34 41.70
N PRO M 42 14.78 36.29 42.92
CA PRO M 42 15.94 35.42 43.13
C PRO M 42 15.57 33.94 42.94
N TRP M 43 16.52 33.17 42.43
CA TRP M 43 16.31 31.74 42.24
C TRP M 43 17.18 30.97 43.20
N PHE M 44 18.14 31.62 43.82
CA PHE M 44 18.96 30.97 44.83
C PHE M 44 18.67 31.66 46.14
N MET N 1 55.00 9.16 23.97
CA MET N 1 53.99 9.12 25.04
C MET N 1 54.01 10.36 25.92
N SER N 2 55.21 10.82 26.29
CA SER N 2 55.34 12.03 27.10
C SER N 2 54.65 13.21 26.45
N LYS N 3 54.53 13.21 25.13
CA LYS N 3 53.77 14.24 24.45
C LYS N 3 52.82 13.46 23.60
N PHE N 4 51.52 13.66 23.81
CA PHE N 4 50.53 12.91 23.06
C PHE N 4 50.06 13.58 21.80
N TYR N 5 50.84 14.52 21.29
CA TYR N 5 50.47 15.20 20.09
C TYR N 5 50.42 14.26 18.91
N LYS N 6 50.99 13.06 19.04
CA LYS N 6 51.08 12.15 17.91
C LYS N 6 49.75 11.45 17.63
N ILE N 7 48.68 11.91 18.28
CA ILE N 7 47.36 11.36 18.06
C ILE N 7 46.58 12.11 16.99
N TRP N 8 46.98 13.34 16.65
CA TRP N 8 46.28 14.12 15.65
C TRP N 8 46.75 13.84 14.23
N LEU N 9 47.85 13.10 14.06
CA LEU N 9 48.29 12.69 12.74
C LEU N 9 47.46 11.53 12.19
N ILE N 10 46.76 10.80 13.06
CA ILE N 10 45.86 9.74 12.63
C ILE N 10 44.41 10.21 12.63
N PHE N 11 44.18 11.51 12.77
CA PHE N 11 42.85 12.08 12.88
C PHE N 11 42.72 13.28 11.94
N ASP N 12 41.48 13.73 11.76
CA ASP N 12 41.21 14.99 11.06
C ASP N 12 40.56 15.94 12.06
N PRO N 13 41.21 17.06 12.40
CA PRO N 13 40.69 17.95 13.46
C PRO N 13 39.24 18.38 13.27
N ARG N 14 38.88 18.64 12.02
CA ARG N 14 37.55 19.14 11.73
C ARG N 14 36.42 18.31 12.32
N ARG N 15 36.31 17.05 11.96
CA ARG N 15 35.24 16.19 12.45
C ARG N 15 35.38 15.87 13.92
N VAL N 16 36.62 15.74 14.41
CA VAL N 16 36.83 15.48 15.83
C VAL N 16 36.27 16.62 16.67
N PHE N 17 36.56 17.86 16.27
CA PHE N 17 36.05 19.02 17.00
C PHE N 17 34.54 19.13 16.90
N VAL N 18 33.97 18.87 15.71
CA VAL N 18 32.51 18.92 15.58
C VAL N 18 31.84 17.91 16.50
N ALA N 19 32.33 16.66 16.47
CA ALA N 19 31.75 15.61 17.30
C ALA N 19 31.90 15.94 18.78
N GLN N 20 33.05 16.51 19.16
CA GLN N 20 33.31 16.90 20.53
C GLN N 20 32.32 17.90 20.99
N GLY N 21 32.12 18.94 20.19
CA GLY N 21 31.17 19.97 20.57
C GLY N 21 29.76 19.44 20.75
N VAL N 22 29.30 18.63 19.79
CA VAL N 22 27.96 18.06 19.89
C VAL N 22 27.84 17.19 21.14
N PHE N 23 28.84 16.34 21.39
CA PHE N 23 28.81 15.46 22.55
C PHE N 23 28.78 16.25 23.85
N LEU N 24 29.62 17.30 23.95
CA LEU N 24 29.65 18.10 25.17
C LEU N 24 28.30 18.76 25.44
N PHE N 25 27.73 19.39 24.41
CA PHE N 25 26.45 20.06 24.62
C PHE N 25 25.36 19.06 25.01
N LEU N 26 25.30 17.93 24.32
CA LEU N 26 24.26 16.95 24.62
C LEU N 26 24.39 16.40 26.03
N LEU N 27 25.61 16.08 26.46
CA LEU N 27 25.80 15.56 27.81
C LEU N 27 25.46 16.60 28.87
N ALA N 28 25.85 17.86 28.67
CA ALA N 28 25.50 18.90 29.62
C ALA N 28 23.98 19.09 29.72
N ALA N 29 23.30 19.14 28.57
CA ALA N 29 21.85 19.29 28.59
C ALA N 29 21.17 18.10 29.26
N MET N 30 21.64 16.89 29.05
CA MET N 30 21.01 15.76 29.67
C MET N 30 21.24 15.75 31.17
N ILE N 31 22.41 16.14 31.62
CA ILE N 31 22.61 16.22 33.07
C ILE N 31 21.70 17.27 33.68
N HIS N 32 21.58 18.43 33.03
CA HIS N 32 20.72 19.49 33.56
C HIS N 32 19.26 19.02 33.64
N LEU N 33 18.78 18.34 32.59
CA LEU N 33 17.41 17.83 32.61
C LEU N 33 17.20 16.74 33.66
N VAL N 34 18.19 15.84 33.82
CA VAL N 34 18.08 14.81 34.84
C VAL N 34 17.99 15.42 36.22
N LEU N 35 18.79 16.47 36.48
CA LEU N 35 18.66 17.18 37.75
C LEU N 35 17.28 17.83 37.88
N LEU N 36 16.77 18.39 36.78
CA LEU N 36 15.44 19.00 36.82
C LEU N 36 14.33 18.00 37.06
N SER N 37 14.58 16.71 36.81
CA SER N 37 13.56 15.68 37.03
C SER N 37 13.52 15.17 38.47
N THR N 38 14.32 15.74 39.37
CA THR N 38 14.42 15.28 40.74
C THR N 38 13.76 16.26 41.69
N GLU N 39 13.07 15.72 42.70
CA GLU N 39 12.36 16.55 43.66
C GLU N 39 13.30 17.45 44.45
N HIS N 40 14.37 16.88 44.98
CA HIS N 40 15.25 17.61 45.89
C HIS N 40 16.12 18.64 45.20
N PHE N 41 16.40 18.48 43.90
CA PHE N 41 17.35 19.33 43.21
C PHE N 41 16.71 20.23 42.16
N ASN N 42 15.39 20.26 42.08
CA ASN N 42 14.69 21.15 41.15
C ASN N 42 14.68 22.55 41.75
N TRP N 43 15.54 23.44 41.24
CA TRP N 43 15.68 24.77 41.82
C TRP N 43 14.52 25.69 41.49
N PHE N 44 13.68 25.34 40.51
CA PHE N 44 12.50 26.16 40.22
C PHE N 44 11.39 25.93 41.24
N GLU N 45 11.29 24.72 41.78
CA GLU N 45 10.27 24.40 42.77
C GLU N 45 10.69 24.85 44.14
N LEU N 46 11.98 24.99 44.33
CA LEU N 46 12.50 25.40 45.60
C LEU N 46 12.21 26.85 45.84
N ALA N 47 12.33 27.71 44.83
CA ALA N 47 11.95 29.11 44.97
C ALA N 47 10.46 29.25 45.32
N ALA N 48 9.61 28.44 44.70
CA ALA N 48 8.19 28.45 45.03
C ALA N 48 7.94 27.95 46.45
N ALA N 49 8.78 27.05 46.96
CA ALA N 49 8.63 26.55 48.32
C ALA N 49 9.22 27.50 49.36
N ASN N 50 10.22 28.30 49.00
CA ASN N 50 10.83 29.24 49.92
C ASN N 50 10.09 30.57 50.01
N ALA N 51 9.04 30.65 49.20
CA ALA N 51 8.20 31.83 49.14
C ALA N 51 7.30 31.92 50.38
N ASP O 1 36.26 15.77 4.28
CA ASP O 1 37.07 15.96 3.07
C ASP O 1 38.56 16.12 3.39
N LEU O 2 39.43 15.31 2.78
CA LEU O 2 40.85 15.35 3.12
C LEU O 2 41.75 15.98 2.07
N SER O 3 42.10 17.24 2.26
CA SER O 3 43.04 17.86 1.34
C SER O 3 44.33 18.01 2.11
N PHE O 4 44.21 18.00 3.43
CA PHE O 4 45.40 18.12 4.26
C PHE O 4 46.16 16.82 4.13
N THR O 5 45.49 15.73 3.73
CA THR O 5 46.12 14.43 3.53
C THR O 5 47.18 14.08 4.57
N GLY O 6 46.84 14.22 5.84
CA GLY O 6 47.78 13.94 6.91
C GLY O 6 48.34 15.22 7.51
N LEU O 7 48.57 15.21 8.81
CA LEU O 7 49.14 16.38 9.47
C LEU O 7 50.62 16.14 9.49
N THR O 8 51.40 17.12 9.88
CA THR O 8 52.82 16.88 10.01
C THR O 8 53.15 16.77 11.47
N ASP O 9 54.43 16.68 11.78
CA ASP O 9 54.86 16.62 13.16
C ASP O 9 54.78 17.96 13.83
N GLU O 10 55.28 18.99 13.17
CA GLU O 10 55.31 20.30 13.80
C GLU O 10 54.01 21.05 13.64
N GLN O 11 53.08 20.49 12.88
CA GLN O 11 51.78 21.12 12.76
C GLN O 11 50.85 20.46 13.76
N ALA O 12 51.38 19.56 14.58
CA ALA O 12 50.57 18.94 15.62
C ALA O 12 50.95 19.36 17.04
N GLN O 13 52.23 19.62 17.30
CA GLN O 13 52.64 20.06 18.63
C GLN O 13 51.92 21.34 19.04
N GLU O 14 51.86 22.30 18.12
CA GLU O 14 51.17 23.56 18.41
C GLU O 14 49.69 23.32 18.66
N LEU O 15 49.09 22.41 17.88
CA LEU O 15 47.68 22.06 18.06
C LEU O 15 47.42 21.49 19.43
N HIS O 16 48.15 20.45 19.79
CA HIS O 16 48.00 19.87 21.11
C HIS O 16 48.08 20.92 22.15
N SER O 17 49.06 21.81 22.05
CA SER O 17 49.25 22.84 23.04
C SER O 17 48.07 23.80 23.17
N VAL O 18 47.47 24.21 22.07
CA VAL O 18 46.32 25.10 22.11
C VAL O 18 45.08 24.35 22.59
N TYR O 19 44.94 23.11 22.18
CA TYR O 19 43.80 22.31 22.61
C TYR O 19 43.87 22.10 24.10
N MET O 20 45.06 21.87 24.61
CA MET O 20 45.21 21.65 26.03
C MET O 20 44.91 22.92 26.79
N SER O 21 45.13 24.07 26.16
CA SER O 21 44.87 25.33 26.82
C SER O 21 43.41 25.62 27.01
N GLY O 22 42.56 25.08 26.14
CA GLY O 22 41.14 25.25 26.29
C GLY O 22 40.58 24.21 27.23
N LEU O 23 41.05 22.98 27.14
CA LEU O 23 40.59 21.93 28.04
C LEU O 23 40.83 22.28 29.50
N TRP O 24 42.01 22.79 29.82
CA TRP O 24 42.26 23.22 31.19
C TRP O 24 41.42 24.42 31.62
N LEU O 25 41.15 25.34 30.72
CA LEU O 25 40.26 26.46 31.05
C LEU O 25 38.83 26.00 31.35
N PHE O 26 38.28 25.13 30.51
CA PHE O 26 36.92 24.61 30.71
C PHE O 26 36.82 23.82 32.00
N SER O 27 37.87 23.12 32.36
CA SER O 27 37.84 22.30 33.55
C SER O 27 37.98 23.10 34.82
N ALA O 28 38.77 24.16 34.82
CA ALA O 28 38.83 25.02 35.98
C ALA O 28 37.46 25.62 36.26
N VAL O 29 36.76 26.07 35.24
CA VAL O 29 35.42 26.65 35.37
C VAL O 29 34.45 25.62 35.91
N ALA O 30 34.49 24.40 35.37
CA ALA O 30 33.62 23.34 35.88
C ALA O 30 33.91 23.00 37.34
N VAL O 31 35.18 23.02 37.75
CA VAL O 31 35.52 22.73 39.14
C VAL O 31 34.93 23.78 40.06
N VAL O 32 35.05 25.07 39.71
CA VAL O 32 34.48 26.12 40.54
C VAL O 32 32.96 25.98 40.60
N ALA O 33 32.33 25.68 39.46
CA ALA O 33 30.87 25.50 39.45
C ALA O 33 30.45 24.36 40.36
N HIS O 34 31.15 23.23 40.31
CA HIS O 34 30.81 22.09 41.16
C HIS O 34 31.02 22.42 42.62
N LEU O 35 32.10 23.15 42.95
CA LEU O 35 32.34 23.53 44.33
C LEU O 35 31.21 24.41 44.86
N ALA O 36 30.80 25.40 44.07
CA ALA O 36 29.70 26.27 44.48
C ALA O 36 28.41 25.48 44.67
N THR O 37 28.12 24.56 43.74
CA THR O 37 26.91 23.75 43.85
C THR O 37 26.94 22.88 45.10
N PHE O 38 28.09 22.28 45.41
CA PHE O 38 28.19 21.47 46.62
C PHE O 38 27.99 22.32 47.87
N ILE O 39 28.56 23.53 47.89
CA ILE O 39 28.32 24.43 49.01
C ILE O 39 26.84 24.78 49.14
N TRP O 40 26.14 24.95 48.02
CA TRP O 40 24.72 25.29 48.07
C TRP O 40 23.86 24.11 48.52
N ARG O 41 23.87 23.00 47.77
CA ARG O 41 23.04 21.83 48.06
C ARG O 41 23.90 20.57 47.95
N PRO O 42 24.45 20.11 49.06
CA PRO O 42 25.31 18.92 49.00
C PRO O 42 24.54 17.66 48.66
N TRP O 43 25.25 16.69 48.07
CA TRP O 43 24.66 15.40 47.71
C TRP O 43 25.41 14.23 48.36
N PHE O 44 26.47 14.52 49.11
CA PHE O 44 27.21 13.47 49.81
C PHE O 44 27.24 13.81 51.28
N MET P 1 52.57 -15.00 28.86
CA MET P 1 52.28 -13.97 29.85
C MET P 1 53.04 -12.70 29.51
N SER P 2 54.36 -12.81 29.39
CA SER P 2 55.23 -11.70 29.07
C SER P 2 55.40 -11.50 27.57
N LYS P 3 54.54 -12.11 26.76
CA LYS P 3 54.66 -12.03 25.31
C LYS P 3 53.36 -11.54 24.69
N PHE P 4 52.59 -10.76 25.43
CA PHE P 4 51.31 -10.24 24.97
C PHE P 4 51.45 -9.03 24.06
N TYR P 5 52.67 -8.54 23.84
CA TYR P 5 52.87 -7.35 23.02
C TYR P 5 52.72 -7.61 21.53
N LYS P 6 52.41 -8.84 21.13
CA LYS P 6 52.20 -9.16 19.72
C LYS P 6 50.74 -9.03 19.29
N ILE P 7 49.85 -8.60 20.19
CA ILE P 7 48.46 -8.40 19.80
C ILE P 7 48.35 -7.31 18.75
N TRP P 8 49.20 -6.28 18.86
CA TRP P 8 49.26 -5.23 17.85
C TRP P 8 50.11 -5.62 16.66
N LEU P 9 50.87 -6.69 16.76
CA LEU P 9 51.47 -7.34 15.60
C LEU P 9 50.43 -8.07 14.76
N ILE P 10 49.21 -8.20 15.27
CA ILE P 10 48.10 -8.86 14.58
C ILE P 10 46.95 -7.90 14.34
N PHE P 11 46.68 -7.01 15.28
CA PHE P 11 45.56 -6.08 15.18
C PHE P 11 45.95 -4.66 14.76
N ASP P 12 45.05 -3.91 14.12
CA ASP P 12 45.31 -2.49 13.77
C ASP P 12 45.05 -1.56 15.00
N PRO P 13 46.10 -1.11 15.78
CA PRO P 13 45.84 -0.32 16.99
C PRO P 13 44.99 0.91 16.76
N ARG P 14 45.21 1.63 15.64
CA ARG P 14 44.44 2.83 15.38
C ARG P 14 42.96 2.53 15.19
N ARG P 15 42.64 1.42 14.52
CA ARG P 15 41.25 1.01 14.36
C ARG P 15 40.65 0.45 15.63
N VAL P 16 41.47 0.07 16.61
CA VAL P 16 40.98 -0.53 17.84
C VAL P 16 40.72 0.53 18.91
N PHE P 17 41.51 1.60 18.94
CA PHE P 17 41.37 2.59 20.02
C PHE P 17 40.03 3.32 19.96
N VAL P 18 39.57 3.70 18.76
CA VAL P 18 38.29 4.39 18.65
C VAL P 18 37.15 3.48 19.11
N ALA P 19 37.18 2.22 18.68
CA ALA P 19 36.17 1.27 19.13
C ALA P 19 36.23 1.09 20.64
N GLN P 20 37.43 1.06 21.21
CA GLN P 20 37.57 0.97 22.66
C GLN P 20 36.92 2.14 23.36
N GLY P 21 37.14 3.36 22.87
CA GLY P 21 36.54 4.53 23.48
C GLY P 21 35.03 4.52 23.43
N VAL P 22 34.48 4.21 22.27
CA VAL P 22 33.03 4.18 22.12
C VAL P 22 32.47 3.10 23.04
N PHE P 23 33.07 1.92 23.06
CA PHE P 23 32.62 0.85 23.91
C PHE P 23 32.65 1.26 25.36
N LEU P 24 33.73 1.90 25.79
CA LEU P 24 33.86 2.29 27.17
C LEU P 24 32.84 3.32 27.63
N PHE P 25 32.48 4.26 26.78
CA PHE P 25 31.46 5.22 27.15
C PHE P 25 30.11 4.56 27.30
N LEU P 26 29.74 3.74 26.35
CA LEU P 26 28.45 3.10 26.39
C LEU P 26 28.32 2.25 27.61
N LEU P 27 29.38 1.55 27.98
CA LEU P 27 29.37 0.78 29.20
C LEU P 27 29.11 1.68 30.41
N ALA P 28 29.85 2.79 30.57
CA ALA P 28 29.68 3.70 31.71
C ALA P 28 28.32 4.34 31.81
N ALA P 29 27.77 4.73 30.68
CA ALA P 29 26.45 5.28 30.68
C ALA P 29 25.47 4.26 31.18
N MET P 30 25.54 3.06 30.63
CA MET P 30 24.64 2.00 31.00
C MET P 30 24.69 1.74 32.48
N ILE P 31 25.86 1.75 33.06
CA ILE P 31 25.95 1.41 34.46
C ILE P 31 25.32 2.50 35.33
N HIS P 32 25.65 3.77 35.13
CA HIS P 32 25.04 4.86 35.89
C HIS P 32 23.53 4.88 35.80
N LEU P 33 23.00 4.70 34.61
CA LEU P 33 21.56 4.66 34.42
C LEU P 33 20.95 3.45 35.08
N VAL P 34 21.63 2.32 35.03
CA VAL P 34 21.10 1.17 35.77
C VAL P 34 21.14 1.45 37.27
N LEU P 35 22.22 2.04 37.76
CA LEU P 35 22.29 2.40 39.18
C LEU P 35 21.22 3.42 39.54
N LEU P 36 20.88 4.32 38.62
CA LEU P 36 19.83 5.29 38.89
C LEU P 36 18.44 4.66 38.98
N SER P 37 18.29 3.39 38.60
CA SER P 37 16.99 2.75 38.56
C SER P 37 16.58 2.11 39.88
N THR P 38 17.50 1.95 40.83
CA THR P 38 17.25 1.19 42.04
C THR P 38 16.94 2.11 43.21
N GLU P 39 16.13 1.61 44.14
CA GLU P 39 15.72 2.41 45.28
C GLU P 39 16.86 2.61 46.28
N HIS P 40 17.82 1.70 46.31
CA HIS P 40 18.90 1.76 47.30
C HIS P 40 20.15 2.46 46.78
N PHE P 41 20.24 2.73 45.48
CA PHE P 41 21.46 3.31 44.91
C PHE P 41 21.20 4.57 44.10
N ASN P 42 19.98 5.10 44.12
CA ASN P 42 19.70 6.38 43.49
C ASN P 42 20.20 7.48 44.41
N TRP P 43 21.31 8.11 44.05
CA TRP P 43 21.96 9.08 44.93
C TRP P 43 21.24 10.42 44.96
N PHE P 44 20.29 10.67 44.05
CA PHE P 44 19.47 11.87 44.15
C PHE P 44 18.34 11.68 45.14
N GLU P 45 17.69 10.51 45.11
CA GLU P 45 16.62 10.20 46.05
C GLU P 45 17.14 9.97 47.46
N LEU P 46 18.43 9.77 47.63
CA LEU P 46 18.99 9.57 48.96
C LEU P 46 18.96 10.87 49.69
N ALA P 47 19.52 11.91 49.10
CA ALA P 47 19.57 13.21 49.79
C ALA P 47 18.19 13.73 50.18
N ALA P 48 17.16 13.52 49.35
CA ALA P 48 15.81 13.90 49.74
C ALA P 48 15.34 13.09 50.95
N ALA P 49 15.73 11.82 51.01
CA ALA P 49 15.32 10.95 52.11
C ALA P 49 16.38 10.84 53.18
N ASN P 50 17.12 11.91 53.41
CA ASN P 50 18.15 11.89 54.42
C ASN P 50 18.10 13.30 54.95
N ALA P 51 16.93 13.96 54.98
CA ALA P 51 16.87 15.35 55.41
C ALA P 51 17.46 16.28 54.35
N ASP Q 1 59.09 -11.52 13.08
CA ASP Q 1 59.15 -12.54 12.04
C ASP Q 1 57.99 -12.40 11.06
N LEU Q 2 56.78 -12.64 11.55
CA LEU Q 2 55.57 -12.54 10.76
C LEU Q 2 54.78 -11.31 11.19
N SER Q 3 54.06 -10.70 10.26
CA SER Q 3 53.24 -9.56 10.62
C SER Q 3 52.10 -9.41 9.62
N PHE Q 4 50.99 -8.87 10.13
CA PHE Q 4 49.87 -8.46 9.31
C PHE Q 4 49.62 -6.97 9.37
N THR Q 5 50.42 -6.23 10.13
CA THR Q 5 50.29 -4.78 10.26
C THR Q 5 51.46 -4.04 9.63
N GLY Q 6 52.68 -4.43 9.94
CA GLY Q 6 53.86 -3.77 9.41
C GLY Q 6 54.93 -3.59 10.47
N LEU Q 7 54.54 -3.68 11.74
CA LEU Q 7 55.47 -3.46 12.83
C LEU Q 7 56.50 -4.60 12.90
N THR Q 8 57.45 -4.45 13.80
CA THR Q 8 58.45 -5.47 14.08
C THR Q 8 58.37 -5.86 15.55
N ASP Q 9 59.28 -6.75 15.96
CA ASP Q 9 59.24 -7.28 17.33
C ASP Q 9 59.49 -6.18 18.36
N GLU Q 10 60.68 -5.59 18.33
CA GLU Q 10 61.05 -4.61 19.34
C GLU Q 10 60.19 -3.35 19.25
N GLN Q 11 59.81 -2.98 18.04
CA GLN Q 11 59.04 -1.76 17.87
C GLN Q 11 57.64 -1.91 18.41
N ALA Q 12 56.98 -3.02 18.14
CA ALA Q 12 55.69 -3.29 18.77
C ALA Q 12 55.83 -3.48 20.28
N GLN Q 13 56.95 -4.05 20.73
CA GLN Q 13 57.20 -4.17 22.16
C GLN Q 13 57.22 -2.79 22.83
N GLU Q 14 57.89 -1.83 22.20
CA GLU Q 14 57.90 -0.46 22.73
C GLU Q 14 56.53 0.19 22.63
N LEU Q 15 55.79 -0.05 21.54
CA LEU Q 15 54.45 0.50 21.41
C LEU Q 15 53.50 -0.04 22.48
N HIS Q 16 53.74 -1.26 22.97
CA HIS Q 16 52.85 -1.84 23.98
C HIS Q 16 52.94 -1.14 25.33
N SER Q 17 54.08 -0.52 25.64
CA SER Q 17 54.27 0.06 26.97
C SER Q 17 53.39 1.27 27.22
N VAL Q 18 53.16 2.10 26.20
CA VAL Q 18 52.26 3.24 26.36
C VAL Q 18 50.85 2.77 26.67
N TYR Q 19 50.38 1.75 25.95
CA TYR Q 19 49.07 1.18 26.21
C TYR Q 19 49.00 0.61 27.62
N MET Q 20 50.05 -0.09 28.04
CA MET Q 20 50.06 -0.67 29.39
C MET Q 20 49.97 0.41 30.45
N SER Q 21 50.75 1.48 30.31
CA SER Q 21 50.72 2.55 31.30
C SER Q 21 49.36 3.23 31.34
N GLY Q 22 48.78 3.53 30.17
CA GLY Q 22 47.46 4.13 30.15
C GLY Q 22 46.40 3.25 30.79
N LEU Q 23 46.45 1.95 30.49
CA LEU Q 23 45.48 1.01 31.06
C LEU Q 23 45.63 0.92 32.56
N TRP Q 24 46.86 0.87 33.07
CA TRP Q 24 47.05 0.82 34.50
C TRP Q 24 46.58 2.08 35.20
N LEU Q 25 46.82 3.26 34.63
CA LEU Q 25 46.33 4.49 35.24
C LEU Q 25 44.80 4.53 35.26
N PHE Q 26 44.18 4.14 34.14
CA PHE Q 26 42.71 4.06 34.08
C PHE Q 26 42.16 3.10 35.13
N SER Q 27 42.79 1.93 35.25
CA SER Q 27 42.34 0.93 36.22
C SER Q 27 42.51 1.44 37.64
N ALA Q 28 43.60 2.14 37.93
CA ALA Q 28 43.80 2.68 39.27
C ALA Q 28 42.72 3.70 39.62
N VAL Q 29 42.39 4.59 38.67
CA VAL Q 29 41.34 5.57 38.92
C VAL Q 29 40.01 4.87 39.19
N ALA Q 30 39.67 3.89 38.36
CA ALA Q 30 38.41 3.16 38.54
C ALA Q 30 38.39 2.40 39.87
N VAL Q 31 39.54 1.85 40.28
CA VAL Q 31 39.60 1.11 41.54
C VAL Q 31 39.38 2.04 42.73
N VAL Q 32 39.99 3.22 42.70
CA VAL Q 32 39.76 4.17 43.80
C VAL Q 32 38.30 4.59 43.83
N ALA Q 33 37.69 4.80 42.65
CA ALA Q 33 36.28 5.16 42.61
C ALA Q 33 35.40 4.07 43.23
N HIS Q 34 35.63 2.81 42.83
CA HIS Q 34 34.84 1.71 43.38
C HIS Q 34 35.06 1.55 44.89
N LEU Q 35 36.30 1.74 45.35
CA LEU Q 35 36.60 1.62 46.77
C LEU Q 35 35.88 2.70 47.58
N ALA Q 36 35.84 3.93 47.08
CA ALA Q 36 35.08 4.97 47.76
C ALA Q 36 33.59 4.65 47.75
N THR Q 37 33.08 4.18 46.62
CA THR Q 37 31.65 3.87 46.54
C THR Q 37 31.24 2.76 47.50
N PHE Q 38 32.08 1.73 47.67
CA PHE Q 38 31.74 0.64 48.57
C PHE Q 38 31.59 1.13 50.01
N ILE Q 39 32.51 1.97 50.47
CA ILE Q 39 32.39 2.51 51.82
C ILE Q 39 31.20 3.44 51.92
N TRP Q 40 30.88 4.19 50.86
CA TRP Q 40 29.71 5.05 50.90
C TRP Q 40 28.42 4.23 51.04
N ARG Q 41 28.14 3.31 50.11
CA ARG Q 41 26.93 2.41 50.19
C ARG Q 41 27.29 1.03 49.69
N PRO Q 42 27.45 0.05 50.58
CA PRO Q 42 27.89 -1.29 50.17
C PRO Q 42 26.86 -2.10 49.35
N TRP Q 43 27.33 -2.95 48.43
CA TRP Q 43 26.41 -3.75 47.62
C TRP Q 43 26.46 -5.22 47.94
N PHE Q 44 27.24 -5.58 48.93
CA PHE Q 44 27.37 -6.99 49.29
C PHE Q 44 27.16 -7.18 50.80
N MET R 1 45.78 -32.26 23.64
CA MET R 1 46.78 -33.11 23.00
C MET R 1 47.92 -32.27 22.50
N SER R 2 49.06 -32.89 22.31
CA SER R 2 50.23 -32.19 21.91
C SER R 2 50.21 -31.55 20.52
N LYS R 3 49.31 -31.98 19.67
CA LYS R 3 49.24 -31.48 18.32
C LYS R 3 48.09 -30.53 18.03
N PHE R 4 47.50 -29.98 19.06
CA PHE R 4 46.39 -29.04 18.84
C PHE R 4 46.85 -27.75 18.21
N TYR R 5 48.13 -27.39 18.33
CA TYR R 5 48.64 -26.13 17.79
C TYR R 5 48.41 -26.04 16.28
N LYS R 6 48.34 -27.18 15.60
CA LYS R 6 48.10 -27.21 14.16
C LYS R 6 46.76 -26.59 13.77
N ILE R 7 45.90 -26.26 14.74
CA ILE R 7 44.69 -25.53 14.41
C ILE R 7 45.04 -24.18 13.79
N TRP R 8 46.25 -23.68 13.98
CA TRP R 8 46.62 -22.39 13.44
C TRP R 8 47.24 -22.49 12.06
N LEU R 9 47.08 -23.63 11.40
CA LEU R 9 47.56 -23.81 10.03
C LEU R 9 46.37 -24.00 9.12
N ILE R 10 45.18 -24.05 9.70
CA ILE R 10 43.94 -24.22 8.95
C ILE R 10 43.20 -22.94 9.08
N PHE R 11 43.31 -22.31 10.23
CA PHE R 11 42.60 -21.08 10.48
C PHE R 11 43.52 -19.88 10.46
N ASP R 12 42.96 -18.69 10.28
CA ASP R 12 43.75 -17.46 10.26
C ASP R 12 43.59 -16.70 11.55
N PRO R 13 44.68 -16.45 12.28
CA PRO R 13 44.61 -15.76 13.58
C PRO R 13 43.83 -14.46 13.61
N ARG R 14 43.61 -13.78 12.51
CA ARG R 14 42.89 -12.54 12.63
C ARG R 14 41.38 -12.67 12.76
N ARG R 15 40.71 -13.52 12.01
CA ARG R 15 39.29 -13.67 12.23
C ARG R 15 38.92 -14.50 13.41
N VAL R 16 39.81 -15.33 13.91
CA VAL R 16 39.52 -16.06 15.11
C VAL R 16 39.44 -15.06 16.24
N PHE R 17 40.40 -14.15 16.34
CA PHE R 17 40.43 -13.22 17.45
C PHE R 17 39.25 -12.24 17.44
N VAL R 18 38.85 -11.79 16.26
CA VAL R 18 37.71 -10.91 16.15
C VAL R 18 36.44 -11.63 16.55
N ALA R 19 36.24 -12.84 16.04
CA ALA R 19 35.06 -13.63 16.40
C ALA R 19 34.95 -13.95 17.86
N GLN R 20 36.02 -14.42 18.49
CA GLN R 20 36.03 -14.76 19.88
C GLN R 20 35.65 -13.58 20.72
N GLY R 21 36.23 -12.42 20.46
CA GLY R 21 35.92 -11.24 21.23
C GLY R 21 34.48 -10.82 21.25
N VAL R 22 33.81 -10.90 20.13
CA VAL R 22 32.40 -10.57 20.04
C VAL R 22 31.55 -11.61 20.75
N PHE R 23 31.85 -12.90 20.53
CA PHE R 23 31.09 -13.97 21.14
C PHE R 23 31.18 -13.91 22.66
N LEU R 24 32.38 -13.72 23.19
CA LEU R 24 32.55 -13.71 24.64
C LEU R 24 31.84 -12.52 25.27
N PHE R 25 31.94 -11.33 24.67
CA PHE R 25 31.25 -10.19 25.24
C PHE R 25 29.74 -10.37 25.22
N LEU R 26 29.21 -10.86 24.10
CA LEU R 26 27.76 -11.06 24.01
C LEU R 26 27.27 -12.10 25.01
N LEU R 27 28.02 -13.20 25.18
CA LEU R 27 27.64 -14.23 26.14
C LEU R 27 27.67 -13.69 27.56
N ALA R 28 28.70 -12.93 27.91
CA ALA R 28 28.78 -12.36 29.26
C ALA R 28 27.62 -11.42 29.52
N ALA R 29 27.30 -10.54 28.55
CA ALA R 29 26.19 -9.62 28.73
C ALA R 29 24.87 -10.36 28.88
N MET R 30 24.67 -11.41 28.07
CA MET R 30 23.43 -12.18 28.15
C MET R 30 23.30 -12.85 29.52
N ILE R 31 24.37 -13.44 30.04
CA ILE R 31 24.29 -14.10 31.34
C ILE R 31 24.02 -13.09 32.44
N HIS R 32 24.70 -11.93 32.40
CA HIS R 32 24.47 -10.92 33.42
C HIS R 32 23.02 -10.43 33.41
N LEU R 33 22.46 -10.22 32.22
CA LEU R 33 21.06 -9.79 32.13
C LEU R 33 20.10 -10.89 32.61
N VAL R 34 20.38 -12.15 32.27
CA VAL R 34 19.54 -13.25 32.73
C VAL R 34 19.54 -13.30 34.25
N LEU R 35 20.70 -13.12 34.88
CA LEU R 35 20.75 -13.04 36.33
C LEU R 35 19.94 -11.85 36.84
N LEU R 36 20.01 -10.71 36.15
CA LEU R 36 19.25 -9.54 36.57
C LEU R 36 17.75 -9.74 36.45
N SER R 37 17.29 -10.65 35.60
CA SER R 37 15.86 -10.83 35.36
C SER R 37 15.15 -11.67 36.42
N THR R 38 15.88 -12.23 37.38
CA THR R 38 15.28 -13.12 38.37
C THR R 38 14.99 -12.37 39.67
N GLU R 39 14.39 -13.09 40.61
CA GLU R 39 14.07 -12.55 41.92
C GLU R 39 15.13 -12.88 42.96
N HIS R 40 15.64 -14.10 42.95
CA HIS R 40 16.62 -14.53 43.95
C HIS R 40 18.01 -13.98 43.69
N PHE R 41 18.38 -13.75 42.43
CA PHE R 41 19.75 -13.45 42.05
C PHE R 41 19.92 -12.02 41.54
N ASN R 42 19.08 -11.10 42.00
CA ASN R 42 19.21 -9.68 41.69
C ASN R 42 19.90 -9.00 42.87
N TRP R 43 21.16 -8.61 42.68
CA TRP R 43 21.97 -8.13 43.78
C TRP R 43 21.65 -6.69 44.19
N PHE R 44 20.91 -5.94 43.37
CA PHE R 44 20.55 -4.58 43.74
C PHE R 44 19.46 -4.56 44.81
N GLU R 45 18.48 -5.47 44.71
CA GLU R 45 17.35 -5.50 45.63
C GLU R 45 17.68 -6.20 46.94
N LEU R 46 18.61 -7.14 46.93
CA LEU R 46 18.98 -7.82 48.16
C LEU R 46 19.64 -6.86 49.14
N ALA R 47 20.43 -5.90 48.65
CA ALA R 47 21.01 -4.90 49.54
C ALA R 47 19.92 -4.03 50.15
N ALA R 48 18.91 -3.66 49.36
CA ALA R 48 17.79 -2.89 49.89
C ALA R 48 17.03 -3.67 50.96
N ALA R 49 16.80 -4.96 50.72
CA ALA R 49 16.04 -5.76 51.67
C ALA R 49 16.81 -5.96 52.98
N ASN R 50 18.11 -6.21 52.90
CA ASN R 50 18.89 -6.49 54.09
C ASN R 50 19.28 -5.23 54.86
N ALA R 51 19.05 -4.15 54.14
CA ALA R 51 19.11 -2.80 54.71
C ALA R 51 17.80 -2.42 55.36
N ASP S 1 54.31 -29.36 5.77
CA ASP S 1 53.52 -30.18 4.87
C ASP S 1 52.22 -29.46 4.48
N LEU S 2 51.17 -29.69 5.25
CA LEU S 2 49.88 -29.08 4.98
C LEU S 2 49.81 -27.67 5.56
N SER S 3 49.37 -26.71 4.76
CA SER S 3 49.22 -25.34 5.20
C SER S 3 48.19 -24.63 4.33
N PHE S 4 47.27 -23.91 4.98
CA PHE S 4 46.29 -23.11 4.27
C PHE S 4 46.41 -21.62 4.58
N THR S 5 47.19 -21.25 5.59
CA THR S 5 47.34 -19.85 6.00
C THR S 5 48.63 -19.23 5.48
N GLY S 6 49.62 -20.04 5.11
CA GLY S 6 50.94 -19.56 4.82
C GLY S 6 51.85 -19.50 6.02
N LEU S 7 51.28 -19.58 7.22
CA LEU S 7 52.06 -19.63 8.45
C LEU S 7 52.78 -20.96 8.55
N THR S 8 53.99 -20.93 9.13
CA THR S 8 54.80 -22.13 9.23
C THR S 8 54.48 -22.90 10.51
N ASP S 9 55.32 -23.89 10.83
CA ASP S 9 55.04 -24.75 11.97
C ASP S 9 55.52 -24.13 13.29
N GLU S 10 56.75 -23.63 13.31
CA GLU S 10 57.29 -23.02 14.52
C GLU S 10 56.50 -21.79 14.93
N GLN S 11 56.08 -21.00 13.94
CA GLN S 11 55.22 -19.86 14.23
C GLN S 11 53.92 -20.30 14.88
N ALA S 12 53.33 -21.38 14.38
CA ALA S 12 52.10 -21.90 14.95
C ALA S 12 52.31 -22.36 16.39
N GLN S 13 53.43 -23.02 16.65
CA GLN S 13 53.74 -23.48 18.00
C GLN S 13 53.94 -22.33 18.97
N GLU S 14 54.58 -21.24 18.56
CA GLU S 14 54.71 -20.05 19.40
C GLU S 14 53.36 -19.39 19.63
N LEU S 15 52.57 -19.23 18.57
CA LEU S 15 51.27 -18.60 18.69
C LEU S 15 50.36 -19.38 19.64
N HIS S 16 50.35 -20.70 19.52
CA HIS S 16 49.52 -21.51 20.40
C HIS S 16 50.00 -21.43 21.85
N SER S 17 51.32 -21.38 22.06
CA SER S 17 51.83 -21.23 23.42
C SER S 17 51.32 -19.95 24.06
N VAL S 18 51.45 -18.83 23.34
CA VAL S 18 50.99 -17.55 23.89
C VAL S 18 49.48 -17.55 24.07
N TYR S 19 48.74 -18.16 23.14
CA TYR S 19 47.29 -18.18 23.23
C TYR S 19 46.82 -18.98 24.45
N MET S 20 47.43 -20.14 24.70
CA MET S 20 47.03 -20.93 25.86
C MET S 20 47.43 -20.25 27.16
N SER S 21 48.59 -19.58 27.18
CA SER S 21 48.96 -18.80 28.35
C SER S 21 47.94 -17.70 28.62
N GLY S 22 47.43 -17.05 27.58
CA GLY S 22 46.42 -16.04 27.76
C GLY S 22 45.04 -16.57 28.13
N LEU S 23 44.72 -17.79 27.72
CA LEU S 23 43.45 -18.42 28.08
C LEU S 23 43.39 -18.92 29.51
N TRP S 24 44.49 -19.47 30.04
CA TRP S 24 44.44 -19.99 31.41
C TRP S 24 44.21 -18.90 32.45
N LEU S 25 44.73 -17.69 32.22
CA LEU S 25 44.50 -16.59 33.16
C LEU S 25 43.03 -16.20 33.22
N PHE S 26 42.39 -16.09 32.05
CA PHE S 26 40.96 -15.84 31.98
C PHE S 26 40.18 -16.93 32.71
N SER S 27 40.56 -18.19 32.48
CA SER S 27 39.87 -19.29 33.16
C SER S 27 40.01 -19.20 34.68
N ALA S 28 41.21 -18.89 35.16
CA ALA S 28 41.43 -18.81 36.61
C ALA S 28 40.64 -17.68 37.23
N VAL S 29 40.60 -16.51 36.57
CA VAL S 29 39.83 -15.39 37.10
C VAL S 29 38.35 -15.73 37.15
N ALA S 30 37.83 -16.36 36.09
CA ALA S 30 36.44 -16.78 36.10
C ALA S 30 36.15 -17.80 37.20
N VAL S 31 37.09 -18.72 37.46
CA VAL S 31 36.90 -19.72 38.50
C VAL S 31 36.81 -19.05 39.87
N VAL S 32 37.70 -18.09 40.13
CA VAL S 32 37.67 -17.39 41.41
C VAL S 32 36.35 -16.63 41.57
N ALA S 33 35.91 -15.96 40.50
CA ALA S 33 34.64 -15.23 40.57
C ALA S 33 33.47 -16.17 40.83
N HIS S 34 33.44 -17.32 40.16
CA HIS S 34 32.35 -18.27 40.36
C HIS S 34 32.35 -18.81 41.78
N LEU S 35 33.52 -19.12 42.34
CA LEU S 35 33.57 -19.61 43.71
C LEU S 35 33.09 -18.56 44.69
N ALA S 36 33.50 -17.30 44.51
CA ALA S 36 33.04 -16.24 45.39
C ALA S 36 31.53 -16.07 45.30
N THR S 37 30.98 -16.12 44.08
CA THR S 37 29.54 -16.02 43.91
C THR S 37 28.80 -17.18 44.58
N PHE S 38 29.32 -18.40 44.47
CA PHE S 38 28.67 -19.53 45.14
C PHE S 38 28.71 -19.37 46.66
N ILE S 39 29.82 -18.89 47.20
CA ILE S 39 29.86 -18.67 48.65
C ILE S 39 28.87 -17.58 49.06
N TRP S 40 28.73 -16.52 48.24
CA TRP S 40 27.80 -15.45 48.59
C TRP S 40 26.35 -15.92 48.52
N ARG S 41 25.95 -16.51 47.40
CA ARG S 41 24.57 -16.93 47.20
C ARG S 41 24.55 -18.28 46.40
N PRO S 42 24.49 -19.49 47.07
CA PRO S 42 24.54 -20.76 46.34
C PRO S 42 23.36 -20.93 45.39
N TRP S 43 23.60 -21.67 44.32
CA TRP S 43 22.56 -22.02 43.36
C TRP S 43 22.33 -23.51 43.20
N PHE S 44 23.03 -24.36 43.94
CA PHE S 44 22.82 -25.79 43.89
C PHE S 44 22.37 -26.32 45.24
N MET T 1 35.85 -48.70 9.11
CA MET T 1 35.94 -48.07 10.42
C MET T 1 37.34 -47.49 10.64
N SER T 2 38.35 -48.19 10.10
CA SER T 2 39.73 -47.72 10.12
C SER T 2 40.06 -46.87 8.90
N LYS T 3 39.08 -46.65 8.01
CA LYS T 3 39.27 -45.84 6.81
C LYS T 3 38.32 -44.64 6.80
N PHE T 4 37.92 -44.19 7.98
CA PHE T 4 37.06 -43.02 8.10
C PHE T 4 37.81 -41.70 7.93
N TYR T 5 39.14 -41.75 7.89
CA TYR T 5 39.90 -40.53 7.62
C TYR T 5 39.65 -40.01 6.21
N LYS T 6 39.27 -40.89 5.28
CA LYS T 6 39.06 -40.52 3.90
C LYS T 6 37.91 -39.53 3.73
N ILE T 7 37.20 -39.25 4.82
CA ILE T 7 36.18 -38.20 4.80
C ILE T 7 36.82 -36.86 4.49
N TRP T 8 38.11 -36.69 4.80
CA TRP T 8 38.80 -35.46 4.47
C TRP T 8 39.30 -35.42 3.03
N LEU T 9 39.10 -36.50 2.27
CA LEU T 9 39.31 -36.48 0.83
C LEU T 9 38.08 -36.03 0.06
N ILE T 10 36.94 -35.89 0.74
CA ILE T 10 35.70 -35.46 0.11
C ILE T 10 35.30 -34.06 0.55
N PHE T 11 35.49 -33.74 1.82
CA PHE T 11 35.05 -32.47 2.40
C PHE T 11 36.26 -31.68 2.91
N ASP T 12 36.26 -30.39 2.64
CA ASP T 12 37.37 -29.53 3.06
C ASP T 12 37.24 -29.19 4.54
N PRO T 13 38.26 -29.45 5.36
CA PRO T 13 38.15 -29.21 6.81
C PRO T 13 37.88 -27.75 7.16
N ARG T 14 38.39 -26.81 6.37
CA ARG T 14 38.23 -25.39 6.68
C ARG T 14 36.75 -25.02 6.74
N ARG T 15 35.97 -25.48 5.77
CA ARG T 15 34.55 -25.15 5.72
C ARG T 15 33.70 -26.08 6.59
N VAL T 16 34.25 -27.18 7.06
CA VAL T 16 33.51 -28.07 7.94
C VAL T 16 33.60 -27.64 9.40
N PHE T 17 34.76 -27.13 9.83
CA PHE T 17 34.94 -26.77 11.22
C PHE T 17 34.01 -25.63 11.65
N VAL T 18 33.85 -24.61 10.79
CA VAL T 18 32.99 -23.48 11.12
C VAL T 18 31.54 -23.93 11.28
N ALA T 19 31.05 -24.75 10.35
CA ALA T 19 29.70 -25.26 10.43
C ALA T 19 29.48 -26.13 11.66
N GLN T 20 30.46 -26.97 12.00
CA GLN T 20 30.34 -27.79 13.19
C GLN T 20 30.29 -26.94 14.46
N GLY T 21 31.11 -25.89 14.54
CA GLY T 21 31.07 -25.02 15.71
C GLY T 21 29.74 -24.31 15.85
N VAL T 22 29.21 -23.77 14.75
CA VAL T 22 27.91 -23.11 14.80
C VAL T 22 26.83 -24.10 15.24
N PHE T 23 26.82 -25.30 14.65
CA PHE T 23 25.83 -26.31 15.00
C PHE T 23 25.90 -26.67 16.48
N LEU T 24 27.11 -26.91 16.98
CA LEU T 24 27.27 -27.33 18.37
C LEU T 24 26.78 -26.24 19.34
N PHE T 25 27.17 -24.99 19.10
CA PHE T 25 26.74 -23.93 20.01
C PHE T 25 25.22 -23.75 19.98
N LEU T 26 24.62 -23.77 18.78
CA LEU T 26 23.17 -23.62 18.71
C LEU T 26 22.45 -24.76 19.41
N LEU T 27 22.94 -26.00 19.25
CA LEU T 27 22.29 -27.13 19.91
C LEU T 27 22.39 -27.03 21.43
N ALA T 28 23.57 -26.63 21.93
CA ALA T 28 23.72 -26.48 23.38
C ALA T 28 22.81 -25.39 23.93
N ALA T 29 22.71 -24.26 23.23
CA ALA T 29 21.82 -23.19 23.67
C ALA T 29 20.37 -23.64 23.69
N MET T 30 19.96 -24.36 22.64
CA MET T 30 18.58 -24.85 22.59
C MET T 30 18.27 -25.80 23.74
N ILE T 31 19.19 -26.71 24.06
CA ILE T 31 18.94 -27.66 25.13
C ILE T 31 18.88 -26.95 26.48
N HIS T 32 19.79 -26.01 26.73
CA HIS T 32 19.76 -25.27 27.99
C HIS T 32 18.44 -24.50 28.14
N LEU T 33 17.98 -23.86 27.05
CA LEU T 33 16.72 -23.14 27.10
C LEU T 33 15.52 -24.07 27.32
N VAL T 34 15.51 -25.24 26.66
CA VAL T 34 14.42 -26.19 26.86
C VAL T 34 14.37 -26.63 28.32
N LEU T 35 15.52 -26.87 28.94
CA LEU T 35 15.53 -27.18 30.36
C LEU T 35 14.99 -26.01 31.19
N LEU T 36 15.37 -24.78 30.82
CA LEU T 36 14.87 -23.62 31.55
C LEU T 36 13.37 -23.39 31.36
N SER T 37 12.76 -24.02 30.36
CA SER T 37 11.34 -23.81 30.09
C SER T 37 10.43 -24.70 30.92
N THR T 38 10.97 -25.51 31.82
CA THR T 38 10.18 -26.44 32.63
C THR T 38 10.12 -25.97 34.08
N GLU T 39 9.44 -26.77 34.90
CA GLU T 39 9.32 -26.52 36.33
C GLU T 39 10.28 -27.37 37.16
N HIS T 40 10.45 -28.64 36.81
CA HIS T 40 11.29 -29.54 37.59
C HIS T 40 12.77 -29.29 37.39
N PHE T 41 13.17 -28.76 36.23
CA PHE T 41 14.58 -28.65 35.87
C PHE T 41 15.03 -27.19 35.72
N ASN T 42 14.27 -26.25 36.26
CA ASN T 42 14.66 -24.84 36.27
C ASN T 42 15.43 -24.57 37.55
N TRP T 43 16.75 -24.39 37.44
CA TRP T 43 17.59 -24.27 38.63
C TRP T 43 17.59 -22.88 39.23
N PHE T 44 17.07 -21.87 38.54
CA PHE T 44 16.93 -20.55 39.14
C PHE T 44 15.73 -20.50 40.08
N GLU T 45 14.63 -21.17 39.74
CA GLU T 45 13.47 -21.22 40.62
C GLU T 45 13.72 -22.11 41.83
N LEU T 46 14.48 -23.19 41.65
CA LEU T 46 14.71 -24.14 42.72
C LEU T 46 15.46 -23.50 43.89
N ALA T 47 16.48 -22.67 43.60
CA ALA T 47 17.22 -22.02 44.66
C ALA T 47 16.36 -21.05 45.45
N ALA T 48 15.48 -20.30 44.77
CA ALA T 48 14.56 -19.42 45.47
C ALA T 48 13.58 -20.21 46.33
N ALA T 49 13.05 -21.30 45.79
CA ALA T 49 12.07 -22.09 46.54
C ALA T 49 12.71 -22.78 47.74
N ASN T 50 13.89 -23.37 47.55
CA ASN T 50 14.52 -24.12 48.63
C ASN T 50 14.91 -23.21 49.78
N ALA T 51 15.28 -21.94 49.52
CA ALA T 51 15.89 -21.11 50.55
C ALA T 51 14.90 -20.06 51.05
N ASP U 1 44.39 -42.83 -6.53
CA ASP U 1 43.51 -42.47 -5.42
C ASP U 1 42.56 -41.35 -5.81
N LEU U 2 41.43 -41.28 -5.12
CA LEU U 2 40.42 -40.27 -5.37
C LEU U 2 40.56 -39.12 -4.38
N SER U 3 40.48 -37.89 -4.88
CA SER U 3 40.60 -36.71 -4.04
C SER U 3 39.89 -35.54 -4.71
N PHE U 4 38.80 -35.08 -4.11
CA PHE U 4 38.12 -33.86 -4.54
C PHE U 4 38.61 -32.62 -3.82
N THR U 5 39.47 -32.77 -2.81
CA THR U 5 39.86 -31.67 -1.95
C THR U 5 41.25 -31.13 -2.26
N GLY U 6 42.20 -32.00 -2.59
CA GLY U 6 43.59 -31.61 -2.78
C GLY U 6 44.53 -32.20 -1.75
N LEU U 7 44.01 -32.91 -0.75
CA LEU U 7 44.84 -33.54 0.26
C LEU U 7 45.27 -34.93 -0.18
N THR U 8 46.40 -35.37 0.35
CA THR U 8 46.88 -36.72 0.13
C THR U 8 46.40 -37.65 1.26
N ASP U 9 46.68 -38.94 1.09
CA ASP U 9 46.26 -39.93 2.09
C ASP U 9 46.93 -39.68 3.44
N GLU U 10 48.23 -39.39 3.42
CA GLU U 10 48.96 -39.16 4.66
C GLU U 10 48.45 -37.93 5.39
N GLN U 11 48.17 -36.85 4.65
CA GLN U 11 47.66 -35.64 5.27
C GLN U 11 46.29 -35.87 5.90
N ALA U 12 45.42 -36.61 5.20
CA ALA U 12 44.12 -36.93 5.76
C ALA U 12 44.23 -37.77 7.03
N GLN U 13 45.13 -38.76 7.04
CA GLN U 13 45.33 -39.56 8.25
C GLN U 13 45.79 -38.68 9.42
N GLU U 14 46.78 -37.82 9.17
CA GLU U 14 47.30 -36.96 10.22
C GLU U 14 46.25 -35.99 10.73
N LEU U 15 45.39 -35.47 9.86
CA LEU U 15 44.30 -34.60 10.28
C LEU U 15 43.28 -35.36 11.14
N HIS U 16 42.89 -36.56 10.69
CA HIS U 16 41.86 -37.32 11.38
C HIS U 16 42.31 -37.71 12.78
N SER U 17 43.60 -38.03 12.95
CA SER U 17 44.10 -38.38 14.28
C SER U 17 43.80 -37.27 15.29
N VAL U 18 44.18 -36.04 14.96
CA VAL U 18 43.97 -34.92 15.87
C VAL U 18 42.49 -34.60 16.05
N TYR U 19 41.70 -34.70 14.97
CA TYR U 19 40.27 -34.43 15.10
C TYR U 19 39.61 -35.40 16.07
N MET U 20 39.91 -36.70 15.95
CA MET U 20 39.34 -37.67 16.87
C MET U 20 39.85 -37.47 18.29
N SER U 21 41.11 -37.08 18.44
CA SER U 21 41.62 -36.81 19.78
C SER U 21 40.88 -35.67 20.45
N GLY U 22 40.54 -34.62 19.71
CA GLY U 22 39.70 -33.57 20.28
C GLY U 22 38.28 -33.98 20.58
N LEU U 23 37.67 -34.76 19.68
CA LEU U 23 36.32 -35.26 19.89
C LEU U 23 36.18 -36.12 21.14
N TRP U 24 37.16 -36.99 21.42
CA TRP U 24 37.07 -37.82 22.62
C TRP U 24 37.12 -37.00 23.90
N LEU U 25 37.96 -35.96 23.94
CA LEU U 25 38.00 -35.09 25.11
C LEU U 25 36.69 -34.35 25.31
N PHE U 26 36.11 -33.83 24.23
CA PHE U 26 34.80 -33.19 24.32
C PHE U 26 33.76 -34.17 24.88
N SER U 27 33.73 -35.39 24.35
CA SER U 27 32.76 -36.39 24.81
C SER U 27 32.96 -36.74 26.28
N ALA U 28 34.21 -36.87 26.72
CA ALA U 28 34.47 -37.21 28.12
C ALA U 28 33.97 -36.11 29.05
N VAL U 29 34.23 -34.84 28.70
CA VAL U 29 33.74 -33.74 29.54
C VAL U 29 32.22 -33.76 29.60
N ALA U 30 31.57 -33.99 28.45
CA ALA U 30 30.10 -34.06 28.44
C ALA U 30 29.59 -35.22 29.29
N VAL U 31 30.29 -36.36 29.27
CA VAL U 31 29.85 -37.52 30.06
C VAL U 31 29.93 -37.21 31.55
N VAL U 32 31.02 -36.58 31.99
CA VAL U 32 31.13 -36.23 33.41
C VAL U 32 30.04 -35.24 33.80
N ALA U 33 29.77 -34.24 32.96
CA ALA U 33 28.71 -33.28 33.26
C ALA U 33 27.34 -33.98 33.38
N HIS U 34 27.04 -34.89 32.46
CA HIS U 34 25.77 -35.60 32.50
C HIS U 34 25.66 -36.47 33.75
N LEU U 35 26.74 -37.14 34.15
CA LEU U 35 26.70 -37.95 35.36
C LEU U 35 26.43 -37.10 36.60
N ALA U 36 27.09 -35.94 36.71
CA ALA U 36 26.85 -35.06 37.84
C ALA U 36 25.40 -34.56 37.85
N THR U 37 24.88 -34.18 36.68
CA THR U 37 23.49 -33.72 36.61
C THR U 37 22.51 -34.83 37.00
N PHE U 38 22.77 -36.05 36.54
CA PHE U 38 21.87 -37.16 36.88
C PHE U 38 21.88 -37.42 38.38
N ILE U 39 23.05 -37.35 39.02
CA ILE U 39 23.09 -37.52 40.47
C ILE U 39 22.31 -36.40 41.15
N TRP U 40 22.48 -35.16 40.68
CA TRP U 40 21.78 -34.04 41.32
C TRP U 40 20.27 -34.15 41.18
N ARG U 41 19.78 -34.45 39.97
CA ARG U 41 18.34 -34.52 39.71
C ARG U 41 18.10 -35.54 38.62
N PRO U 42 17.69 -36.75 38.97
CA PRO U 42 17.64 -37.83 37.99
C PRO U 42 16.40 -37.74 37.10
N TRP U 43 16.61 -37.94 35.80
CA TRP U 43 15.53 -38.25 34.89
C TRP U 43 15.44 -39.77 34.75
N PHE U 44 14.51 -40.23 33.93
CA PHE U 44 14.17 -41.65 33.85
C PHE U 44 13.68 -42.16 35.21
N MET V 1 6.94 -57.93 -18.66
CA MET V 1 7.49 -58.18 -19.99
C MET V 1 9.01 -58.23 -19.96
N SER V 2 9.59 -58.73 -21.04
CA SER V 2 11.05 -58.85 -21.12
C SER V 2 11.72 -57.57 -21.58
N LYS V 3 10.97 -56.64 -22.18
CA LYS V 3 11.54 -55.44 -22.77
C LYS V 3 11.35 -54.20 -21.90
N PHE V 4 10.84 -54.36 -20.67
CA PHE V 4 10.63 -53.22 -19.79
C PHE V 4 11.92 -52.45 -19.53
N TYR V 5 13.07 -53.10 -19.66
CA TYR V 5 14.36 -52.45 -19.47
C TYR V 5 14.58 -51.29 -20.43
N LYS V 6 13.80 -51.20 -21.50
CA LYS V 6 13.92 -50.08 -22.43
C LYS V 6 13.40 -48.77 -21.86
N ILE V 7 12.77 -48.79 -20.67
CA ILE V 7 12.29 -47.56 -20.07
C ILE V 7 13.43 -46.59 -19.81
N TRP V 8 14.65 -47.11 -19.63
CA TRP V 8 15.81 -46.27 -19.40
C TRP V 8 16.42 -45.72 -20.68
N LEU V 9 15.87 -46.05 -21.84
CA LEU V 9 16.19 -45.38 -23.08
C LEU V 9 15.34 -44.14 -23.30
N ILE V 10 14.42 -43.84 -22.39
CA ILE V 10 13.54 -42.69 -22.49
C ILE V 10 13.72 -41.74 -21.31
N PHE V 11 13.79 -42.27 -20.09
CA PHE V 11 13.95 -41.48 -18.88
C PHE V 11 15.38 -41.57 -18.38
N ASP V 12 15.89 -40.45 -17.86
CA ASP V 12 17.23 -40.43 -17.28
C ASP V 12 17.18 -40.93 -15.84
N PRO V 13 18.02 -41.89 -15.46
CA PRO V 13 17.95 -42.44 -14.10
C PRO V 13 18.20 -41.42 -13.00
N ARG V 14 19.10 -40.48 -13.19
CA ARG V 14 19.38 -39.50 -12.17
C ARG V 14 18.15 -38.73 -11.67
N ARG V 15 17.25 -38.29 -12.56
CA ARG V 15 16.04 -37.61 -12.14
C ARG V 15 14.99 -38.56 -11.59
N VAL V 16 14.86 -39.74 -12.21
CA VAL V 16 13.86 -40.71 -11.80
C VAL V 16 14.12 -41.18 -10.37
N PHE V 17 15.37 -41.45 -10.03
CA PHE V 17 15.67 -41.93 -8.68
C PHE V 17 15.34 -40.89 -7.63
N VAL V 18 15.67 -39.62 -7.87
CA VAL V 18 15.35 -38.56 -6.92
C VAL V 18 13.84 -38.41 -6.76
N ALA V 19 13.11 -38.40 -7.88
CA ALA V 19 11.66 -38.26 -7.79
C ALA V 19 11.03 -39.43 -7.04
N GLN V 20 11.51 -40.65 -7.30
CA GLN V 20 10.96 -41.82 -6.63
C GLN V 20 11.26 -41.79 -5.14
N GLY V 21 12.46 -41.37 -4.75
CA GLY V 21 12.77 -41.27 -3.33
C GLY V 21 11.88 -40.28 -2.62
N VAL V 22 11.69 -39.10 -3.22
CA VAL V 22 10.81 -38.11 -2.62
C VAL V 22 9.39 -38.65 -2.49
N PHE V 23 8.88 -39.26 -3.57
CA PHE V 23 7.52 -39.79 -3.55
C PHE V 23 7.35 -40.87 -2.48
N LEU V 24 8.32 -41.78 -2.36
CA LEU V 24 8.20 -42.85 -1.38
C LEU V 24 8.22 -42.33 0.05
N PHE V 25 9.12 -41.39 0.34
CA PHE V 25 9.14 -40.85 1.69
C PHE V 25 7.85 -40.12 2.02
N LEU V 26 7.34 -39.32 1.08
CA LEU V 26 6.09 -38.60 1.33
C LEU V 26 4.92 -39.56 1.54
N LEU V 27 4.84 -40.63 0.74
CA LEU V 27 3.76 -41.60 0.91
C LEU V 27 3.84 -42.31 2.25
N ALA V 28 5.04 -42.71 2.66
CA ALA V 28 5.20 -43.36 3.96
C ALA V 28 4.79 -42.44 5.09
N ALA V 29 5.20 -41.18 5.02
CA ALA V 29 4.81 -40.22 6.06
C ALA V 29 3.30 -40.02 6.09
N MET V 30 2.67 -39.92 4.91
CA MET V 30 1.22 -39.74 4.87
C MET V 30 0.50 -40.90 5.52
N ILE V 31 0.92 -42.14 5.21
CA ILE V 31 0.22 -43.29 5.78
C ILE V 31 0.44 -43.37 7.28
N HIS V 32 1.69 -43.18 7.74
CA HIS V 32 1.96 -43.23 9.17
C HIS V 32 1.18 -42.15 9.92
N LEU V 33 0.95 -40.99 9.30
CA LEU V 33 0.13 -39.95 9.93
C LEU V 33 -1.36 -40.25 9.89
N VAL V 34 -1.83 -40.90 8.83
CA VAL V 34 -3.25 -41.26 8.75
C VAL V 34 -3.60 -42.29 9.82
N LEU V 35 -2.69 -43.23 10.09
CA LEU V 35 -2.97 -44.21 11.15
C LEU V 35 -3.07 -43.55 12.52
N LEU V 36 -2.31 -42.48 12.76
CA LEU V 36 -2.31 -41.81 14.06
C LEU V 36 -3.52 -40.91 14.26
N SER V 37 -4.31 -40.64 13.22
CA SER V 37 -5.49 -39.80 13.34
C SER V 37 -6.73 -40.57 13.77
N THR V 38 -6.68 -41.90 13.82
CA THR V 38 -7.79 -42.71 14.25
C THR V 38 -7.61 -43.08 15.73
N GLU V 39 -8.57 -43.85 16.24
CA GLU V 39 -8.54 -44.30 17.62
C GLU V 39 -8.10 -45.75 17.76
N HIS V 40 -8.50 -46.60 16.81
CA HIS V 40 -8.19 -48.03 16.91
C HIS V 40 -6.73 -48.32 16.58
N PHE V 41 -6.08 -47.47 15.79
CA PHE V 41 -4.73 -47.75 15.32
C PHE V 41 -3.69 -46.74 15.81
N ASN V 42 -4.00 -45.94 16.82
CA ASN V 42 -3.05 -45.01 17.40
C ASN V 42 -2.31 -45.71 18.52
N TRP V 43 -1.06 -46.11 18.28
CA TRP V 43 -0.34 -46.93 19.24
C TRP V 43 0.14 -46.14 20.45
N PHE V 44 0.37 -44.83 20.31
CA PHE V 44 0.73 -44.01 21.46
C PHE V 44 -0.38 -43.96 22.50
N GLU V 45 -1.63 -43.84 22.05
CA GLU V 45 -2.76 -43.85 22.98
C GLU V 45 -3.05 -45.25 23.51
N LEU V 46 -2.89 -46.27 22.68
CA LEU V 46 -3.08 -47.64 23.14
C LEU V 46 -2.10 -47.99 24.24
N ALA V 47 -0.84 -47.57 24.11
CA ALA V 47 0.14 -47.81 25.16
C ALA V 47 -0.23 -47.13 26.46
N ALA V 48 -0.88 -45.97 26.39
CA ALA V 48 -1.33 -45.29 27.61
C ALA V 48 -2.53 -45.99 28.24
N ALA V 49 -3.45 -46.48 27.40
CA ALA V 49 -4.64 -47.14 27.91
C ALA V 49 -4.34 -48.46 28.61
N ASN V 50 -3.38 -49.23 28.11
CA ASN V 50 -3.01 -50.51 28.72
C ASN V 50 -1.96 -50.33 29.81
N ALA V 51 -1.82 -49.07 30.19
CA ALA V 51 -1.08 -48.69 31.38
C ALA V 51 -1.93 -48.91 32.64
N ASP W 1 17.64 -47.42 -33.71
CA ASP W 1 17.53 -47.70 -32.29
C ASP W 1 17.34 -46.40 -31.49
N LEU W 2 16.11 -46.16 -31.07
CA LEU W 2 15.76 -44.92 -30.39
C LEU W 2 16.40 -44.85 -29.00
N SER W 3 16.93 -43.68 -28.66
CA SER W 3 17.52 -43.45 -27.35
C SER W 3 17.61 -41.94 -27.12
N PHE W 4 16.88 -41.44 -26.13
CA PHE W 4 16.97 -40.03 -25.77
C PHE W 4 18.01 -39.76 -24.70
N THR W 5 18.36 -40.74 -23.88
CA THR W 5 19.25 -40.53 -22.75
C THR W 5 20.71 -40.81 -23.07
N GLY W 6 21.03 -41.28 -24.27
CA GLY W 6 22.39 -41.60 -24.63
C GLY W 6 22.87 -42.96 -24.20
N LEU W 7 22.02 -43.76 -23.54
CA LEU W 7 22.39 -45.09 -23.12
C LEU W 7 22.25 -46.08 -24.26
N THR W 8 22.99 -47.19 -24.16
CA THR W 8 22.89 -48.28 -25.12
C THR W 8 21.94 -49.34 -24.58
N ASP W 9 21.61 -50.32 -25.44
CA ASP W 9 20.72 -51.41 -25.04
C ASP W 9 21.32 -52.24 -23.91
N GLU W 10 22.60 -52.60 -24.02
CA GLU W 10 23.25 -53.41 -23.01
C GLU W 10 23.33 -52.68 -21.68
N GLN W 11 23.65 -51.39 -21.72
CA GLN W 11 23.68 -50.59 -20.50
C GLN W 11 22.31 -50.56 -19.83
N ALA W 12 21.25 -50.42 -20.63
CA ALA W 12 19.90 -50.42 -20.08
C ALA W 12 19.56 -51.76 -19.43
N GLN W 13 19.92 -52.88 -20.05
CA GLN W 13 19.69 -54.18 -19.42
C GLN W 13 20.43 -54.30 -18.10
N GLU W 14 21.71 -53.89 -18.09
CA GLU W 14 22.50 -54.00 -16.88
C GLU W 14 21.92 -53.14 -15.75
N LEU W 15 21.45 -51.93 -16.09
CA LEU W 15 20.84 -51.08 -15.08
C LEU W 15 19.54 -51.67 -14.55
N HIS W 16 18.70 -52.19 -15.45
CA HIS W 16 17.40 -52.70 -15.04
C HIS W 16 17.54 -53.93 -14.14
N SER W 17 18.56 -54.76 -14.37
CA SER W 17 18.75 -55.92 -13.51
C SER W 17 18.95 -55.50 -12.05
N VAL W 18 19.87 -54.56 -11.81
CA VAL W 18 20.12 -54.09 -10.45
C VAL W 18 18.92 -53.35 -9.89
N TYR W 19 18.21 -52.59 -10.72
CA TYR W 19 17.03 -51.88 -10.24
C TYR W 19 15.97 -52.85 -9.73
N MET W 20 15.68 -53.89 -10.50
CA MET W 20 14.69 -54.87 -10.08
C MET W 20 15.16 -55.64 -8.84
N SER W 21 16.45 -55.98 -8.79
CA SER W 21 16.97 -56.68 -7.62
C SER W 21 16.80 -55.83 -6.36
N GLY W 22 17.06 -54.54 -6.45
CA GLY W 22 16.85 -53.67 -5.31
C GLY W 22 15.40 -53.38 -5.00
N LEU W 23 14.51 -53.51 -5.98
CA LEU W 23 13.07 -53.32 -5.74
C LEU W 23 12.43 -54.52 -5.07
N TRP W 24 12.98 -55.72 -5.26
CA TRP W 24 12.36 -56.88 -4.62
C TRP W 24 12.60 -56.94 -3.11
N LEU W 25 13.79 -56.52 -2.65
CA LEU W 25 14.09 -56.53 -1.22
C LEU W 25 13.19 -55.59 -0.44
N PHE W 26 12.91 -54.41 -1.00
CA PHE W 26 12.03 -53.45 -0.37
C PHE W 26 10.62 -54.03 -0.20
N SER W 27 10.12 -54.70 -1.23
CA SER W 27 8.82 -55.36 -1.16
C SER W 27 8.80 -56.49 -0.13
N ALA W 28 9.89 -57.26 -0.04
CA ALA W 28 9.92 -58.33 0.96
C ALA W 28 9.86 -57.77 2.38
N VAL W 29 10.63 -56.71 2.64
CA VAL W 29 10.61 -56.09 3.96
C VAL W 29 9.22 -55.53 4.27
N ALA W 30 8.60 -54.87 3.29
CA ALA W 30 7.24 -54.36 3.49
C ALA W 30 6.24 -55.47 3.76
N VAL W 31 6.37 -56.61 3.07
CA VAL W 31 5.46 -57.74 3.29
C VAL W 31 5.61 -58.26 4.70
N VAL W 32 6.85 -58.42 5.18
CA VAL W 32 7.05 -58.89 6.55
C VAL W 32 6.44 -57.92 7.55
N ALA W 33 6.64 -56.61 7.34
CA ALA W 33 6.08 -55.62 8.25
C ALA W 33 4.56 -55.67 8.25
N HIS W 34 3.94 -55.81 7.08
CA HIS W 34 2.49 -55.88 7.00
C HIS W 34 1.95 -57.13 7.68
N LEU W 35 2.64 -58.26 7.55
CA LEU W 35 2.22 -59.48 8.23
C LEU W 35 2.28 -59.32 9.75
N ALA W 36 3.37 -58.73 10.26
CA ALA W 36 3.45 -58.48 11.70
C ALA W 36 2.34 -57.54 12.18
N THR W 37 2.05 -56.48 11.43
CA THR W 37 0.98 -55.56 11.78
C THR W 37 -0.39 -56.23 11.78
N PHE W 38 -0.66 -57.06 10.77
CA PHE W 38 -1.93 -57.77 10.73
C PHE W 38 -2.08 -58.72 11.92
N ILE W 39 -1.01 -59.42 12.28
CA ILE W 39 -1.09 -60.28 13.46
C ILE W 39 -1.35 -59.45 14.72
N TRP W 40 -0.80 -58.28 14.92
CA TRP W 40 -1.15 -57.47 16.11
C TRP W 40 -2.54 -56.81 16.10
N ARG W 41 -2.90 -56.04 15.07
CA ARG W 41 -4.23 -55.42 14.95
C ARG W 41 -4.90 -55.67 13.56
N PRO W 42 -5.59 -56.83 13.31
CA PRO W 42 -6.18 -57.05 11.99
C PRO W 42 -7.07 -55.89 11.56
N TRP W 43 -7.23 -55.77 10.25
CA TRP W 43 -8.04 -54.68 9.69
C TRP W 43 -9.09 -55.19 8.77
N PHE W 44 -9.11 -56.48 8.54
CA PHE W 44 -10.09 -57.09 7.67
C PHE W 44 -10.78 -58.18 8.46
N MET X 1 -7.90 -51.08 -33.08
CA MET X 1 -7.45 -51.09 -34.46
C MET X 1 -5.99 -51.52 -34.54
N SER X 2 -5.56 -51.92 -35.73
CA SER X 2 -4.19 -52.37 -35.94
C SER X 2 -3.22 -51.23 -36.20
N LYS X 3 -3.70 -50.00 -36.35
CA LYS X 3 -2.85 -48.85 -36.64
C LYS X 3 -2.89 -47.81 -35.53
N PHE X 4 -3.08 -48.23 -34.28
CA PHE X 4 -3.05 -47.30 -33.15
C PHE X 4 -1.63 -46.88 -32.80
N TYR X 5 -0.62 -47.66 -33.16
CA TYR X 5 0.76 -47.32 -32.84
C TYR X 5 1.19 -45.99 -33.41
N LYS X 6 0.56 -45.54 -34.51
CA LYS X 6 0.85 -44.25 -35.09
C LYS X 6 0.55 -43.09 -34.15
N ILE X 7 -0.07 -43.34 -32.99
CA ILE X 7 -0.20 -42.30 -31.98
C ILE X 7 1.17 -41.81 -31.55
N TRP X 8 2.19 -42.66 -31.64
CA TRP X 8 3.55 -42.25 -31.28
C TRP X 8 4.26 -41.51 -32.41
N LEU X 9 3.63 -41.39 -33.56
CA LEU X 9 4.09 -40.49 -34.62
C LEU X 9 3.50 -39.10 -34.48
N ILE X 10 2.66 -38.87 -33.48
CA ILE X 10 2.04 -37.58 -33.23
C ILE X 10 2.48 -37.00 -31.89
N PHE X 11 2.54 -37.82 -30.85
CA PHE X 11 2.85 -37.39 -29.50
C PHE X 11 4.23 -37.84 -29.08
N ASP X 12 4.90 -37.00 -28.30
CA ASP X 12 6.21 -37.33 -27.74
C ASP X 12 6.03 -38.25 -26.54
N PRO X 13 6.73 -39.40 -26.50
CA PRO X 13 6.52 -40.34 -25.39
C PRO X 13 6.84 -39.80 -24.01
N ARG X 14 7.84 -38.91 -23.88
CA ARG X 14 8.28 -38.48 -22.55
C ARG X 14 7.20 -37.66 -21.83
N ARG X 15 6.69 -36.65 -22.52
CA ARG X 15 5.65 -35.80 -21.96
C ARG X 15 4.38 -36.56 -21.66
N VAL X 16 3.99 -37.53 -22.50
CA VAL X 16 2.83 -38.37 -22.27
C VAL X 16 3.04 -39.27 -21.06
N PHE X 17 4.23 -39.86 -20.94
CA PHE X 17 4.49 -40.78 -19.83
C PHE X 17 4.46 -40.04 -18.50
N VAL X 18 5.07 -38.85 -18.43
CA VAL X 18 5.04 -38.09 -17.18
C VAL X 18 3.61 -37.70 -16.81
N ALA X 19 2.84 -37.22 -17.79
CA ALA X 19 1.47 -36.81 -17.53
C ALA X 19 0.61 -37.97 -17.06
N GLN X 20 0.75 -39.13 -17.70
CA GLN X 20 0.00 -40.31 -17.27
C GLN X 20 0.41 -40.79 -15.89
N GLY X 21 1.71 -40.73 -15.58
CA GLY X 21 2.16 -41.12 -14.25
C GLY X 21 1.56 -40.26 -13.16
N VAL X 22 1.48 -38.94 -13.41
CA VAL X 22 0.84 -38.08 -12.41
C VAL X 22 -0.67 -38.35 -12.34
N PHE X 23 -1.32 -38.50 -13.49
CA PHE X 23 -2.77 -38.64 -13.55
C PHE X 23 -3.24 -39.91 -12.83
N LEU X 24 -2.55 -41.02 -13.04
CA LEU X 24 -3.00 -42.28 -12.44
C LEU X 24 -2.92 -42.25 -10.92
N PHE X 25 -1.83 -41.71 -10.37
CA PHE X 25 -1.73 -41.61 -8.92
C PHE X 25 -2.78 -40.67 -8.35
N LEU X 26 -3.01 -39.53 -9.00
CA LEU X 26 -4.03 -38.62 -8.48
C LEU X 26 -5.41 -39.26 -8.50
N LEU X 27 -5.74 -39.98 -9.57
CA LEU X 27 -7.04 -40.65 -9.64
C LEU X 27 -7.18 -41.73 -8.57
N ALA X 28 -6.13 -42.53 -8.37
CA ALA X 28 -6.18 -43.57 -7.34
C ALA X 28 -6.35 -42.97 -5.95
N ALA X 29 -5.61 -41.90 -5.65
CA ALA X 29 -5.76 -41.25 -4.35
C ALA X 29 -7.16 -40.69 -4.17
N MET X 30 -7.73 -40.09 -5.22
CA MET X 30 -9.08 -39.54 -5.12
C MET X 30 -10.09 -40.64 -4.83
N ILE X 31 -9.97 -41.79 -5.51
CA ILE X 31 -10.94 -42.87 -5.28
C ILE X 31 -10.78 -43.44 -3.86
N HIS X 32 -9.54 -43.67 -3.44
CA HIS X 32 -9.31 -44.20 -2.10
C HIS X 32 -9.83 -43.26 -1.02
N LEU X 33 -9.76 -41.95 -1.25
CA LEU X 33 -10.32 -40.98 -0.32
C LEU X 33 -11.84 -40.88 -0.39
N VAL X 34 -12.43 -41.05 -1.58
CA VAL X 34 -13.89 -41.03 -1.68
C VAL X 34 -14.49 -42.22 -0.94
N LEU X 35 -13.83 -43.38 -1.00
CA LEU X 35 -14.34 -44.53 -0.23
C LEU X 35 -14.29 -44.28 1.27
N LEU X 36 -13.27 -43.56 1.74
CA LEU X 36 -13.11 -43.33 3.17
C LEU X 36 -14.10 -42.32 3.74
N SER X 37 -14.82 -41.60 2.90
CA SER X 37 -15.79 -40.61 3.36
C SER X 37 -17.19 -41.18 3.52
N THR X 38 -17.41 -42.43 3.15
CA THR X 38 -18.71 -43.07 3.33
C THR X 38 -18.75 -43.83 4.66
N GLU X 39 -19.93 -44.33 4.99
CA GLU X 39 -20.13 -45.12 6.20
C GLU X 39 -19.98 -46.61 5.94
N HIS X 40 -20.44 -47.08 4.79
CA HIS X 40 -20.48 -48.51 4.48
C HIS X 40 -19.14 -49.06 3.99
N PHE X 41 -18.20 -48.21 3.60
CA PHE X 41 -16.96 -48.67 2.98
C PHE X 41 -15.70 -48.16 3.67
N ASN X 42 -15.83 -47.53 4.84
CA ASN X 42 -14.67 -47.09 5.60
C ASN X 42 -14.15 -48.27 6.41
N TRP X 43 -13.02 -48.84 6.00
CA TRP X 43 -12.51 -50.03 6.65
C TRP X 43 -11.89 -49.77 8.02
N PHE X 44 -11.42 -48.55 8.28
CA PHE X 44 -10.88 -48.23 9.59
C PHE X 44 -11.95 -48.26 10.67
N GLU X 45 -13.13 -47.69 10.39
CA GLU X 45 -14.24 -47.74 11.33
C GLU X 45 -14.86 -49.14 11.40
N LEU X 46 -14.88 -49.86 10.28
CA LEU X 46 -15.38 -51.23 10.29
C LEU X 46 -14.51 -52.12 11.17
N ALA X 47 -13.20 -51.93 11.14
CA ALA X 47 -12.32 -52.70 12.01
C ALA X 47 -12.60 -52.44 13.48
N ALA X 48 -12.84 -51.18 13.85
CA ALA X 48 -13.15 -50.87 15.25
C ALA X 48 -14.52 -51.39 15.66
N ALA X 49 -15.50 -51.35 14.76
CA ALA X 49 -16.83 -51.86 15.08
C ALA X 49 -16.80 -53.36 15.33
N ASN X 50 -16.05 -54.11 14.53
CA ASN X 50 -15.95 -55.55 14.68
C ASN X 50 -14.86 -55.91 15.69
N ALA X 51 -14.15 -54.98 16.34
CA ALA X 51 -13.22 -55.32 17.40
C ALA X 51 -13.90 -55.24 18.76
N ASP Y 1 6.39 -40.52 -45.20
CA ASP Y 1 5.34 -40.71 -44.20
C ASP Y 1 5.29 -39.54 -43.22
N LEU Y 2 4.09 -39.25 -42.73
CA LEU Y 2 3.91 -38.18 -41.75
C LEU Y 2 4.53 -38.57 -40.42
N SER Y 3 5.25 -37.61 -39.81
CA SER Y 3 5.87 -37.84 -38.51
C SER Y 3 6.15 -36.49 -37.86
N PHE Y 4 5.52 -36.24 -36.71
CA PHE Y 4 5.73 -35.00 -35.97
C PHE Y 4 6.79 -35.12 -34.89
N THR Y 5 7.16 -36.33 -34.51
CA THR Y 5 8.08 -36.55 -33.40
C THR Y 5 9.49 -36.90 -33.83
N GLY Y 6 9.67 -37.48 -35.00
CA GLY Y 6 10.97 -37.91 -35.49
C GLY Y 6 11.18 -39.40 -35.53
N LEU Y 7 10.28 -40.20 -34.97
CA LEU Y 7 10.41 -41.65 -35.01
C LEU Y 7 10.01 -42.17 -36.39
N THR Y 8 10.34 -43.43 -36.63
CA THR Y 8 9.94 -44.14 -37.84
C THR Y 8 8.78 -45.08 -37.52
N ASP Y 9 8.33 -45.81 -38.54
CA ASP Y 9 7.24 -46.75 -38.34
C ASP Y 9 7.63 -47.89 -37.40
N GLU Y 10 8.83 -48.45 -37.61
CA GLU Y 10 9.27 -49.60 -36.82
C GLU Y 10 9.45 -49.23 -35.36
N GLN Y 11 10.03 -48.05 -35.09
CA GLN Y 11 10.21 -47.61 -33.71
C GLN Y 11 8.87 -47.39 -33.02
N ALA Y 12 7.90 -46.81 -33.73
CA ALA Y 12 6.57 -46.62 -33.14
C ALA Y 12 5.91 -47.95 -32.84
N GLN Y 13 6.00 -48.92 -33.75
CA GLN Y 13 5.42 -50.24 -33.50
C GLN Y 13 6.07 -50.90 -32.29
N GLU Y 14 7.40 -50.85 -32.21
CA GLU Y 14 8.10 -51.47 -31.10
C GLU Y 14 7.74 -50.82 -29.77
N LEU Y 15 7.62 -49.49 -29.75
CA LEU Y 15 7.22 -48.80 -28.53
C LEU Y 15 5.80 -49.18 -28.13
N HIS Y 16 4.89 -49.25 -29.10
CA HIS Y 16 3.49 -49.52 -28.79
C HIS Y 16 3.29 -50.93 -28.24
N SER Y 17 4.03 -51.91 -28.75
CA SER Y 17 3.87 -53.27 -28.20
C SER Y 17 4.26 -53.33 -26.73
N VAL Y 18 5.40 -52.73 -26.37
CA VAL Y 18 5.82 -52.71 -24.97
C VAL Y 18 4.89 -51.89 -24.10
N TYR Y 19 4.30 -50.81 -24.63
CA TYR Y 19 3.30 -50.07 -23.87
C TYR Y 19 2.06 -50.91 -23.60
N MET Y 20 1.59 -51.65 -24.60
CA MET Y 20 0.38 -52.44 -24.45
C MET Y 20 0.58 -53.59 -23.46
N SER Y 21 1.78 -54.17 -23.43
CA SER Y 21 2.05 -55.20 -22.43
C SER Y 21 1.86 -54.70 -21.00
N GLY Y 22 2.44 -53.55 -20.67
CA GLY Y 22 2.26 -52.99 -19.34
C GLY Y 22 0.83 -52.58 -19.05
N LEU Y 23 0.13 -52.06 -20.06
CA LEU Y 23 -1.28 -51.72 -19.85
C LEU Y 23 -2.09 -52.96 -19.49
N TRP Y 24 -1.86 -54.07 -20.19
CA TRP Y 24 -2.60 -55.30 -19.88
C TRP Y 24 -2.24 -55.83 -18.51
N LEU Y 25 -0.96 -55.78 -18.12
CA LEU Y 25 -0.58 -56.26 -16.80
C LEU Y 25 -1.24 -55.43 -15.69
N PHE Y 26 -1.22 -54.10 -15.85
CA PHE Y 26 -1.87 -53.22 -14.88
C PHE Y 26 -3.36 -53.51 -14.78
N SER Y 27 -4.01 -53.71 -15.94
CA SER Y 27 -5.44 -54.02 -15.94
C SER Y 27 -5.72 -55.34 -15.24
N ALA Y 28 -4.87 -56.36 -15.44
CA ALA Y 28 -5.09 -57.65 -14.79
C ALA Y 28 -4.98 -57.54 -13.27
N VAL Y 29 -3.97 -56.80 -12.79
CA VAL Y 29 -3.85 -56.60 -11.34
C VAL Y 29 -5.08 -55.88 -10.80
N ALA Y 30 -5.53 -54.84 -11.51
CA ALA Y 30 -6.72 -54.12 -11.07
C ALA Y 30 -7.96 -55.03 -11.04
N VAL Y 31 -8.09 -55.92 -12.03
CA VAL Y 31 -9.24 -56.82 -12.08
C VAL Y 31 -9.23 -57.75 -10.88
N VAL Y 32 -8.07 -58.32 -10.55
CA VAL Y 32 -7.99 -59.21 -9.40
C VAL Y 32 -8.37 -58.47 -8.12
N ALA Y 33 -7.83 -57.26 -7.95
CA ALA Y 33 -8.15 -56.48 -6.76
C ALA Y 33 -9.65 -56.17 -6.68
N HIS Y 34 -10.26 -55.79 -7.81
CA HIS Y 34 -11.68 -55.46 -7.81
C HIS Y 34 -12.54 -56.67 -7.46
N LEU Y 35 -12.18 -57.84 -7.98
CA LEU Y 35 -12.95 -59.04 -7.66
C LEU Y 35 -12.85 -59.39 -6.18
N ALA Y 36 -11.64 -59.30 -5.62
CA ALA Y 36 -11.51 -59.57 -4.18
C ALA Y 36 -12.32 -58.58 -3.36
N THR Y 37 -12.28 -57.29 -3.72
CA THR Y 37 -13.04 -56.29 -2.98
C THR Y 37 -14.55 -56.53 -3.10
N PHE Y 38 -15.01 -56.92 -4.29
CA PHE Y 38 -16.42 -57.23 -4.46
C PHE Y 38 -16.84 -58.39 -3.58
N ILE Y 39 -15.99 -59.42 -3.49
CA ILE Y 39 -16.32 -60.54 -2.62
C ILE Y 39 -16.41 -60.10 -1.17
N TRP Y 40 -15.47 -59.24 -0.73
CA TRP Y 40 -15.47 -58.81 0.68
C TRP Y 40 -16.69 -57.95 1.00
N ARG Y 41 -16.94 -56.91 0.21
CA ARG Y 41 -18.01 -55.96 0.48
C ARG Y 41 -18.68 -55.57 -0.83
N PRO Y 42 -19.74 -56.27 -1.21
CA PRO Y 42 -20.33 -56.06 -2.54
C PRO Y 42 -21.02 -54.70 -2.66
N TRP Y 43 -20.86 -54.10 -3.83
CA TRP Y 43 -21.73 -53.03 -4.30
C TRP Y 43 -22.64 -53.61 -5.37
N PHE Y 44 -23.57 -52.80 -5.86
CA PHE Y 44 -24.64 -53.29 -6.73
C PHE Y 44 -25.46 -54.36 -6.02
N MET Z 1 -20.53 -35.97 -46.07
CA MET Z 1 -19.96 -36.81 -45.04
C MET Z 1 -18.69 -37.52 -45.46
N SER Z 2 -18.54 -37.79 -46.74
CA SER Z 2 -17.35 -38.43 -47.24
C SER Z 2 -16.17 -37.52 -47.12
N LYS Z 3 -16.40 -36.23 -47.10
CA LYS Z 3 -15.32 -35.25 -47.07
C LYS Z 3 -15.15 -34.60 -45.70
N PHE Z 4 -15.44 -35.31 -44.62
CA PHE Z 4 -15.13 -34.79 -43.29
C PHE Z 4 -13.65 -34.89 -42.96
N TYR Z 5 -12.92 -35.76 -43.66
CA TYR Z 5 -11.49 -35.95 -43.39
C TYR Z 5 -10.69 -34.66 -43.59
N LYS Z 6 -11.28 -33.68 -44.25
CA LYS Z 6 -10.61 -32.41 -44.53
C LYS Z 6 -10.62 -31.49 -43.36
N ILE Z 7 -11.22 -31.94 -42.27
CA ILE Z 7 -11.12 -31.17 -41.03
C ILE Z 7 -9.69 -31.12 -40.54
N TRP Z 8 -8.87 -32.11 -40.88
CA TRP Z 8 -7.47 -32.11 -40.51
C TRP Z 8 -6.62 -31.25 -41.43
N LEU Z 9 -7.20 -30.71 -42.51
CA LEU Z 9 -6.55 -29.67 -43.29
C LEU Z 9 -6.78 -28.28 -42.71
N ILE Z 10 -7.60 -28.17 -41.67
CA ILE Z 10 -7.90 -26.91 -41.01
C ILE Z 10 -7.26 -26.85 -39.61
N PHE Z 11 -7.45 -27.90 -38.82
CA PHE Z 11 -7.00 -27.94 -37.44
C PHE Z 11 -5.76 -28.82 -37.30
N ASP Z 12 -4.90 -28.44 -36.36
CA ASP Z 12 -3.68 -29.19 -36.09
C ASP Z 12 -3.99 -30.34 -35.14
N PRO Z 13 -3.73 -31.59 -35.54
CA PRO Z 13 -4.14 -32.73 -34.68
C PRO Z 13 -3.53 -32.71 -33.29
N ARG Z 14 -2.31 -32.16 -33.15
CA ARG Z 14 -1.65 -32.16 -31.85
C ARG Z 14 -2.43 -31.35 -30.81
N ARG Z 15 -3.01 -30.22 -31.23
CA ARG Z 15 -3.82 -29.43 -30.31
C ARG Z 15 -5.15 -30.11 -30.03
N VAL Z 16 -5.81 -30.63 -31.08
CA VAL Z 16 -7.14 -31.19 -30.94
C VAL Z 16 -7.13 -32.42 -30.04
N PHE Z 17 -6.10 -33.26 -30.15
CA PHE Z 17 -6.05 -34.47 -29.35
C PHE Z 17 -5.96 -34.15 -27.86
N VAL Z 18 -5.09 -33.21 -27.49
CA VAL Z 18 -4.97 -32.81 -26.09
C VAL Z 18 -6.26 -32.20 -25.58
N ALA Z 19 -6.85 -31.29 -26.35
CA ALA Z 19 -8.10 -30.66 -25.92
C ALA Z 19 -9.20 -31.69 -25.75
N GLN Z 20 -9.31 -32.63 -26.69
CA GLN Z 20 -10.35 -33.65 -26.61
C GLN Z 20 -10.16 -34.55 -25.40
N GLY Z 21 -8.92 -34.96 -25.11
CA GLY Z 21 -8.70 -35.79 -23.94
C GLY Z 21 -9.09 -35.10 -22.65
N VAL Z 22 -8.66 -33.84 -22.48
CA VAL Z 22 -9.02 -33.11 -21.28
C VAL Z 22 -10.53 -32.94 -21.17
N PHE Z 23 -11.18 -32.57 -22.28
CA PHE Z 23 -12.62 -32.36 -22.28
C PHE Z 23 -13.37 -33.63 -21.92
N LEU Z 24 -12.96 -34.76 -22.50
CA LEU Z 24 -13.66 -36.03 -22.23
C LEU Z 24 -13.53 -36.43 -20.78
N PHE Z 25 -12.31 -36.36 -20.21
CA PHE Z 25 -12.19 -36.75 -18.81
C PHE Z 25 -13.00 -35.83 -17.91
N LEU Z 26 -12.95 -34.52 -18.15
CA LEU Z 26 -13.69 -33.60 -17.30
C LEU Z 26 -15.19 -33.82 -17.39
N LEU Z 27 -15.71 -34.09 -18.59
CA LEU Z 27 -17.14 -34.35 -18.74
C LEU Z 27 -17.56 -35.62 -18.03
N ALA Z 28 -16.75 -36.68 -18.15
CA ALA Z 28 -17.07 -37.93 -17.46
C ALA Z 28 -17.07 -37.74 -15.95
N ALA Z 29 -16.08 -37.02 -15.42
CA ALA Z 29 -16.05 -36.76 -13.98
C ALA Z 29 -17.25 -35.94 -13.53
N MET Z 30 -17.64 -34.91 -14.25
CA MET Z 30 -18.82 -34.14 -13.92
C MET Z 30 -20.09 -34.97 -13.92
N ILE Z 31 -20.28 -35.83 -14.90
CA ILE Z 31 -21.49 -36.65 -14.89
C ILE Z 31 -21.49 -37.60 -13.70
N HIS Z 32 -20.36 -38.27 -13.46
CA HIS Z 32 -20.29 -39.20 -12.33
C HIS Z 32 -20.55 -38.49 -11.01
N LEU Z 33 -20.05 -37.26 -10.86
CA LEU Z 33 -20.31 -36.49 -9.65
C LEU Z 33 -21.76 -36.00 -9.55
N VAL Z 34 -22.40 -35.68 -10.67
CA VAL Z 34 -23.79 -35.26 -10.64
C VAL Z 34 -24.70 -36.43 -10.22
N LEU Z 35 -24.38 -37.65 -10.64
CA LEU Z 35 -25.19 -38.80 -10.22
C LEU Z 35 -25.14 -39.00 -8.71
N LEU Z 36 -23.97 -38.77 -8.08
CA LEU Z 36 -23.83 -39.02 -6.66
C LEU Z 36 -24.56 -38.00 -5.79
N SER Z 37 -25.02 -36.88 -6.34
CA SER Z 37 -25.72 -35.87 -5.57
C SER Z 37 -27.19 -36.17 -5.39
N THR Z 38 -27.73 -37.15 -6.10
CA THR Z 38 -29.11 -37.56 -5.94
C THR Z 38 -29.21 -38.70 -4.93
N GLU Z 39 -30.44 -39.10 -4.62
CA GLU Z 39 -30.65 -40.18 -3.69
C GLU Z 39 -31.00 -41.46 -4.41
N HIS Z 40 -31.73 -41.37 -5.50
CA HIS Z 40 -32.16 -42.56 -6.22
C HIS Z 40 -31.05 -43.21 -7.04
N PHE Z 41 -29.94 -42.51 -7.28
CA PHE Z 41 -28.87 -43.02 -8.12
C PHE Z 41 -27.52 -43.04 -7.42
N ASN Z 42 -27.47 -42.81 -6.12
CA ASN Z 42 -26.22 -42.88 -5.35
C ASN Z 42 -25.97 -44.33 -4.95
N TRP Z 43 -25.02 -44.99 -5.61
CA TRP Z 43 -24.82 -46.42 -5.38
C TRP Z 43 -24.13 -46.71 -4.05
N PHE Z 44 -23.29 -45.80 -3.56
CA PHE Z 44 -22.69 -46.00 -2.24
C PHE Z 44 -23.76 -46.03 -1.15
N GLU Z 45 -24.75 -45.14 -1.23
CA GLU Z 45 -25.83 -45.13 -0.26
C GLU Z 45 -26.84 -46.24 -0.53
N LEU Z 46 -27.01 -46.63 -1.79
CA LEU Z 46 -27.88 -47.75 -2.11
C LEU Z 46 -27.35 -49.04 -1.50
N ALA Z 47 -26.03 -49.24 -1.52
CA ALA Z 47 -25.44 -50.44 -0.97
C ALA Z 47 -25.70 -50.56 0.53
N ALA Z 48 -25.63 -49.44 1.26
CA ALA Z 48 -25.85 -49.47 2.70
C ALA Z 48 -27.27 -49.85 3.06
N ALA Z 49 -28.25 -49.39 2.28
CA ALA Z 49 -29.66 -49.63 2.57
C ALA Z 49 -30.11 -51.03 2.19
N ASN Z 50 -29.32 -51.78 1.43
CA ASN Z 50 -29.66 -53.13 1.02
C ASN Z 50 -28.96 -54.18 1.87
N ALA Z 51 -28.14 -53.69 2.79
CA ALA Z 51 -27.53 -54.55 3.79
C ALA Z 51 -28.17 -54.33 5.17
N ASP AA 1 -5.27 -27.81 -54.13
CA ASP AA 1 -6.00 -28.06 -52.90
C ASP AA 1 -5.58 -27.08 -51.81
N LEU AA 2 -6.47 -26.84 -50.86
CA LEU AA 2 -6.23 -25.90 -49.77
C LEU AA 2 -5.79 -26.64 -48.52
N SER AA 3 -4.79 -26.09 -47.83
CA SER AA 3 -4.27 -26.70 -46.62
C SER AA 3 -3.69 -25.62 -45.72
N PHE AA 4 -4.03 -25.68 -44.43
CA PHE AA 4 -3.49 -24.77 -43.44
C PHE AA 4 -2.47 -25.41 -42.51
N THR AA 5 -2.45 -26.74 -42.41
CA THR AA 5 -1.60 -27.44 -41.46
C THR AA 5 -0.31 -27.97 -42.08
N GLY AA 6 -0.26 -28.10 -43.40
CA GLY AA 6 0.88 -28.68 -44.08
C GLY AA 6 0.68 -30.12 -44.51
N LEU AA 7 -0.42 -30.76 -44.10
CA LEU AA 7 -0.72 -32.11 -44.53
C LEU AA 7 -1.32 -32.11 -45.94
N THR AA 8 -1.16 -33.24 -46.63
CA THR AA 8 -1.76 -33.44 -47.93
C THR AA 8 -3.09 -34.17 -47.77
N ASP AA 9 -3.72 -34.48 -48.90
CA ASP AA 9 -5.04 -35.12 -48.87
C ASP AA 9 -4.94 -36.54 -48.32
N GLU AA 10 -3.95 -37.31 -48.77
CA GLU AA 10 -3.88 -38.73 -48.41
C GLU AA 10 -3.56 -38.92 -46.93
N GLN AA 11 -2.65 -38.11 -46.40
CA GLN AA 11 -2.34 -38.17 -44.97
C GLN AA 11 -3.57 -37.86 -44.13
N ALA AA 12 -4.35 -36.85 -44.53
CA ALA AA 12 -5.60 -36.53 -43.85
C ALA AA 12 -6.60 -37.67 -43.94
N GLN AA 13 -6.72 -38.31 -45.10
CA GLN AA 13 -7.64 -39.45 -45.23
C GLN AA 13 -7.26 -40.58 -44.28
N GLU AA 14 -5.98 -40.93 -44.23
CA GLU AA 14 -5.57 -42.03 -43.37
C GLU AA 14 -5.69 -41.68 -41.90
N LEU AA 15 -5.35 -40.44 -41.51
CA LEU AA 15 -5.53 -40.02 -40.13
C LEU AA 15 -7.00 -40.05 -39.73
N HIS AA 16 -7.88 -39.60 -40.62
CA HIS AA 16 -9.31 -39.62 -40.31
C HIS AA 16 -9.83 -41.04 -40.17
N SER AA 17 -9.36 -41.96 -41.02
CA SER AA 17 -9.80 -43.35 -40.89
C SER AA 17 -9.39 -43.92 -39.53
N VAL AA 18 -8.16 -43.76 -39.08
CA VAL AA 18 -7.76 -44.24 -37.74
C VAL AA 18 -8.47 -43.53 -36.57
N TYR AA 19 -8.76 -42.23 -36.69
CA TYR AA 19 -9.49 -41.49 -35.67
C TYR AA 19 -10.91 -42.01 -35.54
N MET AA 20 -11.52 -42.40 -36.65
CA MET AA 20 -12.89 -42.85 -36.65
C MET AA 20 -13.02 -44.21 -36.09
N SER AA 21 -11.95 -44.97 -36.04
CA SER AA 21 -11.95 -46.30 -35.47
C SER AA 21 -11.86 -46.23 -33.97
N GLY AA 22 -11.20 -45.23 -33.45
CA GLY AA 22 -11.15 -45.02 -32.03
C GLY AA 22 -12.45 -44.45 -31.55
N LEU AA 23 -13.11 -43.60 -32.33
CA LEU AA 23 -14.40 -43.10 -31.96
C LEU AA 23 -15.45 -44.21 -31.83
N TRP AA 24 -15.55 -45.09 -32.81
CA TRP AA 24 -16.55 -46.14 -32.78
C TRP AA 24 -16.34 -47.19 -31.69
N LEU AA 25 -15.11 -47.43 -31.28
CA LEU AA 25 -14.84 -48.32 -30.20
C LEU AA 25 -15.23 -47.74 -28.87
N PHE AA 26 -14.85 -46.51 -28.59
CA PHE AA 26 -15.22 -45.81 -27.36
C PHE AA 26 -16.72 -45.72 -27.26
N SER AA 27 -17.40 -45.49 -28.38
CA SER AA 27 -18.84 -45.42 -28.41
C SER AA 27 -19.54 -46.74 -28.19
N ALA AA 28 -19.08 -47.84 -28.78
CA ALA AA 28 -19.65 -49.16 -28.51
C ALA AA 28 -19.54 -49.52 -27.03
N VAL AA 29 -18.38 -49.25 -26.42
CA VAL AA 29 -18.22 -49.52 -24.99
C VAL AA 29 -19.21 -48.70 -24.18
N ALA AA 30 -19.38 -47.41 -24.52
CA ALA AA 30 -20.36 -46.58 -23.84
C ALA AA 30 -21.78 -47.08 -24.02
N VAL AA 31 -22.11 -47.60 -25.20
CA VAL AA 31 -23.45 -48.15 -25.43
C VAL AA 31 -23.71 -49.35 -24.53
N VAL AA 32 -22.73 -50.25 -24.43
CA VAL AA 32 -22.89 -51.41 -23.56
C VAL AA 32 -23.06 -50.97 -22.10
N ALA AA 33 -22.25 -50.00 -21.66
CA ALA AA 33 -22.36 -49.52 -20.28
C ALA AA 33 -23.72 -48.89 -20.02
N HIS AA 34 -24.22 -48.07 -20.95
CA HIS AA 34 -25.52 -47.43 -20.76
C HIS AA 34 -26.64 -48.45 -20.74
N LEU AA 35 -26.57 -49.49 -21.58
CA LEU AA 35 -27.59 -50.53 -21.57
C LEU AA 35 -27.61 -51.28 -20.24
N ALA AA 36 -26.43 -51.63 -19.73
CA ALA AA 36 -26.37 -52.31 -18.43
C ALA AA 36 -26.93 -51.42 -17.33
N THR AA 37 -26.58 -50.14 -17.33
CA THR AA 37 -27.08 -49.23 -16.29
C THR AA 37 -28.60 -49.08 -16.38
N PHE AA 38 -29.14 -48.99 -17.60
CA PHE AA 38 -30.58 -48.89 -17.76
C PHE AA 38 -31.29 -50.12 -17.23
N ILE AA 39 -30.74 -51.31 -17.50
CA ILE AA 39 -31.35 -52.52 -16.93
C ILE AA 39 -31.26 -52.53 -15.41
N TRP AA 40 -30.15 -52.04 -14.84
CA TRP AA 40 -30.02 -52.05 -13.39
C TRP AA 40 -30.96 -51.05 -12.69
N ARG AA 41 -31.01 -49.81 -13.16
CA ARG AA 41 -31.85 -48.78 -12.56
C ARG AA 41 -32.28 -47.81 -13.65
N PRO AA 42 -33.53 -47.92 -14.12
CA PRO AA 42 -33.92 -47.17 -15.31
C PRO AA 42 -34.30 -45.73 -15.02
N TRP AA 43 -33.90 -44.84 -15.91
CA TRP AA 43 -34.48 -43.51 -16.03
C TRP AA 43 -35.52 -43.56 -17.14
N PHE AA 44 -36.19 -42.44 -17.36
CA PHE AA 44 -37.37 -42.38 -18.24
C PHE AA 44 -38.44 -43.36 -17.76
N MET BA 1 -28.96 -15.96 -51.40
CA MET BA 1 -29.37 -17.22 -50.80
C MET BA 1 -28.50 -18.36 -51.31
N SER BA 2 -28.32 -18.41 -52.63
CA SER BA 2 -27.45 -19.40 -53.25
C SER BA 2 -25.99 -18.98 -53.22
N LYS BA 3 -25.68 -17.79 -52.72
CA LYS BA 3 -24.31 -17.29 -52.64
C LYS BA 3 -23.89 -17.03 -51.20
N PHE BA 4 -24.40 -17.81 -50.26
CA PHE BA 4 -23.96 -17.69 -48.88
C PHE BA 4 -22.54 -18.18 -48.67
N TYR BA 5 -22.01 -19.00 -49.58
CA TYR BA 5 -20.66 -19.53 -49.43
C TYR BA 5 -19.61 -18.42 -49.33
N LYS BA 6 -19.86 -17.27 -49.94
CA LYS BA 6 -18.93 -16.15 -49.87
C LYS BA 6 -18.75 -15.61 -48.47
N ILE BA 7 -19.47 -16.15 -47.47
CA ILE BA 7 -19.18 -15.81 -46.09
C ILE BA 7 -17.77 -16.25 -45.74
N TRP BA 8 -17.25 -17.28 -46.41
CA TRP BA 8 -15.88 -17.70 -46.16
C TRP BA 8 -14.86 -16.81 -46.86
N LEU BA 9 -15.30 -15.86 -47.67
CA LEU BA 9 -14.41 -14.86 -48.25
C LEU BA 9 -14.23 -13.64 -47.35
N ILE BA 10 -14.98 -13.54 -46.26
CA ILE BA 10 -14.94 -12.40 -45.35
C ILE BA 10 -14.37 -12.90 -44.04
N PHE BA 11 -14.85 -14.04 -43.56
CA PHE BA 11 -14.40 -14.60 -42.28
C PHE BA 11 -13.38 -15.73 -42.38
N ASP BA 12 -12.46 -15.81 -41.43
CA ASP BA 12 -11.44 -16.86 -41.38
C ASP BA 12 -12.04 -18.12 -40.76
N PRO BA 13 -12.05 -19.25 -41.48
CA PRO BA 13 -12.67 -20.47 -40.92
C PRO BA 13 -12.05 -20.97 -39.63
N ARG BA 14 -10.73 -20.78 -39.44
CA ARG BA 14 -10.07 -21.34 -38.26
C ARG BA 14 -10.59 -20.72 -36.97
N ARG BA 15 -10.78 -19.41 -36.95
CA ARG BA 15 -11.33 -18.72 -35.78
C ARG BA 15 -12.82 -19.03 -35.61
N VAL BA 16 -13.56 -19.08 -36.71
CA VAL BA 16 -15.00 -19.31 -36.68
C VAL BA 16 -15.30 -20.68 -36.08
N PHE BA 17 -14.55 -21.71 -36.47
CA PHE BA 17 -14.84 -23.06 -36.00
C PHE BA 17 -14.62 -23.20 -34.49
N VAL BA 18 -13.54 -22.64 -33.97
CA VAL BA 18 -13.29 -22.69 -32.53
C VAL BA 18 -14.36 -21.94 -31.76
N ALA BA 19 -14.71 -20.74 -32.23
CA ALA BA 19 -15.76 -19.97 -31.56
C ALA BA 19 -17.08 -20.73 -31.58
N GLN BA 20 -17.43 -21.32 -32.70
CA GLN BA 20 -18.64 -22.10 -32.81
C GLN BA 20 -18.67 -23.23 -31.84
N GLY BA 21 -17.61 -24.02 -31.82
CA GLY BA 21 -17.58 -25.17 -30.93
C GLY BA 21 -17.78 -24.78 -29.47
N VAL BA 22 -17.05 -23.75 -29.02
CA VAL BA 22 -17.18 -23.31 -27.63
C VAL BA 22 -18.60 -22.83 -27.36
N PHE BA 23 -19.15 -22.02 -28.26
CA PHE BA 23 -20.50 -21.49 -28.09
C PHE BA 23 -21.54 -22.60 -28.02
N LEU BA 24 -21.44 -23.58 -28.92
CA LEU BA 24 -22.43 -24.65 -28.96
C LEU BA 24 -22.39 -25.50 -27.69
N PHE BA 25 -21.19 -25.87 -27.23
CA PHE BA 25 -21.14 -26.67 -26.01
C PHE BA 25 -21.67 -25.90 -24.81
N LEU BA 26 -21.29 -24.62 -24.69
CA LEU BA 26 -21.77 -23.84 -23.55
C LEU BA 26 -23.28 -23.68 -23.57
N LEU BA 27 -23.87 -23.46 -24.75
CA LEU BA 27 -25.31 -23.33 -24.85
C LEU BA 27 -26.00 -24.63 -24.45
N ALA BA 28 -25.51 -25.77 -24.94
CA ALA BA 28 -26.12 -27.05 -24.59
C ALA BA 28 -26.05 -27.31 -23.09
N ALA BA 29 -24.90 -27.05 -22.48
CA ALA BA 29 -24.75 -27.28 -21.05
C ALA BA 29 -25.67 -26.38 -20.24
N MET BA 30 -25.77 -25.10 -20.62
CA MET BA 30 -26.66 -24.19 -19.92
C MET BA 30 -28.11 -24.62 -20.03
N ILE BA 31 -28.55 -25.07 -21.22
CA ILE BA 31 -29.94 -25.49 -21.37
C ILE BA 31 -30.23 -26.72 -20.52
N HIS BA 32 -29.32 -27.70 -20.52
CA HIS BA 32 -29.53 -28.88 -19.69
C HIS BA 32 -29.60 -28.52 -18.20
N LEU BA 33 -28.72 -27.62 -17.74
CA LEU BA 33 -28.77 -27.19 -16.35
C LEU BA 33 -30.07 -26.47 -16.01
N VAL BA 34 -30.53 -25.59 -16.89
CA VAL BA 34 -31.78 -24.87 -16.65
C VAL BA 34 -32.95 -25.83 -16.55
N LEU BA 35 -32.98 -26.85 -17.42
CA LEU BA 35 -34.02 -27.87 -17.31
C LEU BA 35 -33.92 -28.61 -16.00
N LEU BA 36 -32.70 -28.94 -15.54
CA LEU BA 36 -32.55 -29.62 -14.27
C LEU BA 36 -32.97 -28.76 -13.08
N SER BA 37 -32.94 -27.44 -13.22
CA SER BA 37 -33.28 -26.57 -12.08
C SER BA 37 -34.77 -26.54 -11.77
N THR BA 38 -35.63 -26.96 -12.69
CA THR BA 38 -37.07 -26.89 -12.49
C THR BA 38 -37.60 -28.14 -11.78
N GLU BA 39 -38.88 -28.12 -11.46
CA GLU BA 39 -39.52 -29.21 -10.75
C GLU BA 39 -40.30 -30.16 -11.66
N HIS BA 40 -40.72 -29.72 -12.84
CA HIS BA 40 -41.51 -30.55 -13.74
C HIS BA 40 -40.66 -31.27 -14.78
N PHE BA 41 -39.41 -30.84 -14.99
CA PHE BA 41 -38.59 -31.39 -16.06
C PHE BA 41 -37.29 -32.01 -15.55
N ASN BA 42 -37.13 -32.14 -14.23
CA ASN BA 42 -35.98 -32.85 -13.67
C ASN BA 42 -36.22 -34.34 -13.79
N TRP BA 43 -35.44 -35.02 -14.62
CA TRP BA 43 -35.66 -36.44 -14.88
C TRP BA 43 -35.04 -37.35 -13.83
N PHE BA 44 -34.14 -36.82 -12.99
CA PHE BA 44 -33.62 -37.62 -11.89
C PHE BA 44 -34.61 -37.75 -10.75
N GLU BA 45 -35.40 -36.71 -10.48
CA GLU BA 45 -36.40 -36.76 -9.42
C GLU BA 45 -37.70 -37.43 -9.86
N LEU BA 46 -38.00 -37.40 -11.16
CA LEU BA 46 -39.16 -38.13 -11.65
C LEU BA 46 -39.00 -39.64 -11.53
N ALA BA 47 -37.77 -40.14 -11.71
CA ALA BA 47 -37.51 -41.56 -11.52
C ALA BA 47 -37.74 -41.96 -10.07
N ALA BA 48 -37.28 -41.14 -9.14
CA ALA BA 48 -37.53 -41.40 -7.72
C ALA BA 48 -39.02 -41.34 -7.41
N ALA BA 49 -39.76 -40.38 -7.93
CA ALA BA 49 -41.20 -40.30 -7.73
C ALA BA 49 -41.97 -41.49 -8.27
N ASN BA 50 -41.53 -42.05 -9.38
CA ASN BA 50 -42.27 -43.13 -10.02
C ASN BA 50 -41.85 -44.48 -9.53
N ALA BA 51 -41.19 -44.53 -8.38
CA ALA BA 51 -40.76 -45.80 -7.83
C ALA BA 51 -41.21 -45.82 -6.39
N ASP CA 1 -13.35 -9.36 -58.01
CA ASP CA 1 -13.29 -10.38 -56.97
C ASP CA 1 -12.76 -9.77 -55.66
N LEU CA 2 -13.45 -10.07 -54.56
CA LEU CA 2 -13.09 -9.58 -53.25
C LEU CA 2 -12.76 -10.75 -52.33
N SER CA 3 -11.69 -10.61 -51.56
CA SER CA 3 -11.26 -11.68 -50.65
C SER CA 3 -10.42 -11.06 -49.54
N PHE CA 4 -10.93 -11.10 -48.32
CA PHE CA 4 -10.20 -10.64 -47.15
C PHE CA 4 -9.46 -11.76 -46.42
N THR CA 5 -9.63 -13.01 -46.86
CA THR CA 5 -9.07 -14.15 -46.16
C THR CA 5 -7.99 -14.90 -46.94
N GLY CA 6 -7.92 -14.71 -48.26
CA GLY CA 6 -6.91 -15.36 -49.07
C GLY CA 6 -7.38 -16.55 -49.87
N LEU CA 7 -8.62 -17.00 -49.68
CA LEU CA 7 -9.15 -18.10 -50.46
C LEU CA 7 -9.71 -17.61 -51.80
N THR CA 8 -9.96 -18.56 -52.69
CA THR CA 8 -10.57 -18.29 -53.98
C THR CA 8 -12.03 -18.73 -53.97
N ASP CA 9 -12.73 -18.44 -55.06
CA ASP CA 9 -14.16 -18.71 -55.14
C ASP CA 9 -14.45 -20.20 -55.04
N GLU CA 10 -13.68 -21.04 -55.74
CA GLU CA 10 -13.90 -22.47 -55.72
C GLU CA 10 -13.62 -23.09 -54.36
N GLN CA 11 -12.55 -22.64 -53.69
CA GLN CA 11 -12.26 -23.16 -52.35
C GLN CA 11 -13.36 -22.82 -51.37
N ALA CA 12 -13.89 -21.58 -51.43
CA ALA CA 12 -15.01 -21.21 -50.59
C ALA CA 12 -16.25 -22.03 -50.89
N GLN CA 13 -16.52 -22.29 -52.17
CA GLN CA 13 -17.66 -23.13 -52.52
C GLN CA 13 -17.52 -24.53 -51.93
N GLU CA 14 -16.34 -25.13 -52.07
CA GLU CA 14 -16.12 -26.48 -51.54
C GLU CA 14 -16.24 -26.50 -50.02
N LEU CA 15 -15.65 -25.51 -49.34
CA LEU CA 15 -15.72 -25.46 -47.89
C LEU CA 15 -17.16 -25.32 -47.40
N HIS CA 16 -17.95 -24.45 -48.04
CA HIS CA 16 -19.35 -24.30 -47.66
C HIS CA 16 -20.15 -25.56 -47.94
N SER CA 17 -19.87 -26.24 -49.06
CA SER CA 17 -20.56 -27.48 -49.36
C SER CA 17 -20.30 -28.52 -48.28
N VAL CA 18 -19.06 -28.61 -47.79
CA VAL CA 18 -18.76 -29.55 -46.73
C VAL CA 18 -19.41 -29.11 -45.42
N TYR CA 19 -19.42 -27.81 -45.13
CA TYR CA 19 -19.94 -27.30 -43.87
C TYR CA 19 -21.44 -27.55 -43.73
N MET CA 20 -22.20 -27.32 -44.80
CA MET CA 20 -23.64 -27.49 -44.71
C MET CA 20 -24.06 -28.94 -44.52
N SER CA 21 -23.25 -29.89 -44.99
CA SER CA 21 -23.55 -31.30 -44.76
C SER CA 21 -23.51 -31.66 -43.29
N GLY CA 22 -22.55 -31.14 -42.53
CA GLY CA 22 -22.53 -31.32 -41.10
C GLY CA 22 -23.59 -30.57 -40.36
N LEU CA 23 -23.89 -29.34 -40.80
CA LEU CA 23 -24.98 -28.60 -40.17
C LEU CA 23 -26.32 -29.31 -40.29
N TRP CA 24 -26.62 -29.88 -41.45
CA TRP CA 24 -27.90 -30.58 -41.62
C TRP CA 24 -27.99 -31.85 -40.78
N LEU CA 25 -26.89 -32.59 -40.66
CA LEU CA 25 -26.89 -33.79 -39.80
C LEU CA 25 -27.10 -33.42 -38.34
N PHE CA 26 -26.42 -32.38 -37.87
CA PHE CA 26 -26.65 -31.90 -36.51
C PHE CA 26 -28.10 -31.49 -36.30
N SER CA 27 -28.68 -30.77 -37.27
CA SER CA 27 -30.06 -30.35 -37.15
C SER CA 27 -31.03 -31.53 -37.13
N ALA CA 28 -30.78 -32.55 -37.95
CA ALA CA 28 -31.67 -33.72 -37.95
C ALA CA 28 -31.62 -34.47 -36.63
N VAL CA 29 -30.42 -34.65 -36.07
CA VAL CA 29 -30.32 -35.31 -34.78
C VAL CA 29 -31.06 -34.50 -33.71
N ALA CA 30 -30.89 -33.18 -33.71
CA ALA CA 30 -31.59 -32.34 -32.73
C ALA CA 30 -33.10 -32.40 -32.92
N VAL CA 31 -33.58 -32.47 -34.16
CA VAL CA 31 -35.01 -32.54 -34.41
C VAL CA 31 -35.59 -33.84 -33.86
N VAL CA 32 -34.92 -34.97 -34.10
CA VAL CA 32 -35.41 -36.23 -33.57
C VAL CA 32 -35.41 -36.21 -32.03
N ALA CA 33 -34.35 -35.66 -31.42
CA ALA CA 33 -34.31 -35.57 -29.97
C ALA CA 33 -35.46 -34.72 -29.42
N HIS CA 34 -35.72 -33.57 -30.05
CA HIS CA 34 -36.81 -32.70 -29.59
C HIS CA 34 -38.16 -33.38 -29.74
N LEU CA 35 -38.41 -34.20 -30.75
CA LEU CA 35 -39.69 -34.92 -30.87
C LEU CA 35 -39.99 -35.95 -29.80
N ALA CA 36 -39.06 -36.81 -29.46
CA ALA CA 36 -39.23 -37.77 -28.37
C ALA CA 36 -39.50 -37.15 -27.02
N THR CA 37 -38.87 -36.01 -26.72
CA THR CA 37 -39.06 -35.31 -25.47
C THR CA 37 -40.46 -34.74 -25.35
N PHE CA 38 -41.06 -34.26 -26.42
CA PHE CA 38 -42.43 -33.80 -26.39
C PHE CA 38 -43.43 -34.92 -26.21
N ILE CA 39 -43.21 -36.08 -26.81
CA ILE CA 39 -44.10 -37.24 -26.62
C ILE CA 39 -44.03 -37.80 -25.19
N TRP CA 40 -42.93 -37.60 -24.51
CA TRP CA 40 -42.79 -38.08 -23.14
C TRP CA 40 -43.26 -37.04 -22.13
N ARG CA 41 -42.92 -35.78 -22.33
CA ARG CA 41 -43.33 -34.69 -21.42
C ARG CA 41 -43.56 -33.37 -22.17
N PRO CA 42 -44.78 -33.13 -22.67
CA PRO CA 42 -45.10 -31.91 -23.46
C PRO CA 42 -44.85 -30.54 -22.82
N TRP CA 43 -44.46 -29.52 -23.59
CA TRP CA 43 -44.16 -28.24 -23.02
C TRP CA 43 -45.03 -27.09 -23.46
N PHE CA 44 -45.90 -27.34 -24.43
CA PHE CA 44 -46.85 -26.32 -24.86
C PHE CA 44 -48.17 -26.99 -24.63
N MET DA 1 22.03 -57.45 -5.80
CA MET DA 1 22.24 -57.21 -4.38
C MET DA 1 23.72 -57.04 -4.08
N SER DA 2 24.54 -57.73 -4.87
CA SER DA 2 25.99 -57.56 -4.80
C SER DA 2 26.50 -56.49 -5.74
N LYS DA 3 25.65 -55.93 -6.59
CA LYS DA 3 26.02 -54.89 -7.54
C LYS DA 3 25.53 -53.51 -7.10
N PHE DA 4 25.24 -53.33 -5.82
CA PHE DA 4 24.72 -52.06 -5.33
C PHE DA 4 25.76 -50.95 -5.36
N TYR DA 5 27.05 -51.29 -5.30
CA TYR DA 5 28.10 -50.28 -5.31
C TYR DA 5 28.04 -49.41 -6.56
N LYS DA 6 27.48 -49.94 -7.66
CA LYS DA 6 27.32 -49.18 -8.88
C LYS DA 6 26.47 -47.92 -8.70
N ILE DA 7 25.79 -47.78 -7.56
CA ILE DA 7 25.06 -46.54 -7.28
C ILE DA 7 26.02 -45.35 -7.27
N TRP DA 8 27.29 -45.59 -6.97
CA TRP DA 8 28.27 -44.51 -6.97
C TRP DA 8 28.78 -44.17 -8.36
N LEU DA 9 28.39 -44.93 -9.38
CA LEU DA 9 28.61 -44.52 -10.77
C LEU DA 9 27.52 -43.60 -11.28
N ILE DA 10 26.45 -43.40 -10.51
CA ILE DA 10 25.33 -42.56 -10.91
C ILE DA 10 25.34 -41.23 -10.16
N PHE DA 11 25.57 -41.27 -8.85
CA PHE DA 11 25.47 -40.10 -7.99
C PHE DA 11 26.84 -39.74 -7.42
N ASP DA 12 27.16 -38.46 -7.45
CA ASP DA 12 28.38 -37.97 -6.83
C ASP DA 12 28.22 -37.93 -5.32
N PRO DA 13 29.20 -38.41 -4.55
CA PRO DA 13 29.04 -38.46 -3.09
C PRO DA 13 28.84 -37.10 -2.43
N ARG DA 14 29.33 -36.02 -3.03
CA ARG DA 14 29.29 -34.72 -2.37
C ARG DA 14 27.85 -34.23 -2.17
N ARG DA 15 26.98 -34.43 -3.17
CA ARG DA 15 25.59 -34.01 -3.03
C ARG DA 15 24.81 -34.97 -2.14
N VAL DA 16 25.03 -36.27 -2.32
CA VAL DA 16 24.27 -37.29 -1.59
C VAL DA 16 24.55 -37.19 -0.09
N PHE DA 17 25.81 -36.96 0.28
CA PHE DA 17 26.17 -36.91 1.69
C PHE DA 17 25.49 -35.74 2.40
N VAL DA 18 25.46 -34.55 1.77
CA VAL DA 18 24.79 -33.43 2.41
C VAL DA 18 23.28 -33.64 2.46
N ALA DA 19 22.69 -34.24 1.42
CA ALA DA 19 21.27 -34.53 1.48
C ALA DA 19 20.93 -35.48 2.63
N GLN DA 20 21.72 -36.54 2.78
CA GLN DA 20 21.52 -37.48 3.88
C GLN DA 20 21.75 -36.84 5.24
N GLY DA 21 22.75 -35.97 5.34
CA GLY DA 21 23.00 -35.29 6.61
C GLY DA 21 21.86 -34.39 7.03
N VAL DA 22 21.25 -33.69 6.08
CA VAL DA 22 20.06 -32.90 6.42
C VAL DA 22 18.91 -33.82 6.82
N PHE DA 23 18.67 -34.88 6.04
CA PHE DA 23 17.50 -35.73 6.24
C PHE DA 23 17.53 -36.40 7.61
N LEU DA 24 18.68 -36.94 8.01
CA LEU DA 24 18.76 -37.72 9.24
C LEU DA 24 18.48 -36.87 10.46
N PHE DA 25 19.14 -35.71 10.56
CA PHE DA 25 18.91 -34.83 11.69
C PHE DA 25 17.48 -34.29 11.69
N LEU DA 26 16.88 -34.01 10.56
CA LEU DA 26 15.48 -33.60 10.54
C LEU DA 26 14.57 -34.67 11.15
N LEU DA 27 14.70 -35.93 10.74
CA LEU DA 27 13.93 -37.03 11.30
C LEU DA 27 14.06 -37.17 12.80
N ALA DA 28 15.27 -37.23 13.32
CA ALA DA 28 15.50 -37.29 14.73
C ALA DA 28 14.82 -36.21 15.54
N ALA DA 29 14.94 -34.96 15.13
CA ALA DA 29 14.28 -33.86 15.81
C ALA DA 29 12.78 -33.95 15.82
N MET DA 30 12.17 -34.38 14.74
CA MET DA 30 10.75 -34.58 14.68
C MET DA 30 10.21 -35.67 15.60
N ILE DA 31 10.87 -36.83 15.70
CA ILE DA 31 10.41 -37.93 16.53
C ILE DA 31 10.52 -37.55 17.99
N HIS DA 32 11.53 -36.80 18.36
CA HIS DA 32 11.67 -36.35 19.72
C HIS DA 32 10.57 -35.39 20.10
N LEU DA 33 10.10 -34.56 19.19
CA LEU DA 33 9.02 -33.65 19.44
C LEU DA 33 7.66 -34.30 19.36
N VAL DA 34 7.49 -35.32 18.52
CA VAL DA 34 6.25 -36.04 18.50
C VAL DA 34 6.26 -36.79 19.80
N LEU DA 35 7.41 -37.30 20.23
CA LEU DA 35 7.32 -37.97 21.53
C LEU DA 35 7.07 -36.97 22.65
N LEU DA 36 7.67 -35.78 22.57
CA LEU DA 36 7.50 -34.80 23.65
C LEU DA 36 6.09 -34.23 23.73
N SER DA 37 5.25 -34.47 22.73
CA SER DA 37 3.91 -33.88 22.68
C SER DA 37 2.82 -34.84 23.16
N THR DA 38 3.19 -35.97 23.74
CA THR DA 38 2.24 -36.93 24.28
C THR DA 38 2.27 -36.90 25.80
N GLU DA 39 1.28 -37.56 26.41
CA GLU DA 39 1.25 -37.67 27.87
C GLU DA 39 2.06 -38.85 28.37
N HIS DA 40 2.02 -39.97 27.64
CA HIS DA 40 2.65 -41.20 28.13
C HIS DA 40 4.17 -41.19 27.99
N PHE DA 41 4.70 -40.47 26.98
CA PHE DA 41 6.11 -40.58 26.65
C PHE DA 41 6.89 -39.29 26.84
N ASN DA 42 6.31 -38.29 27.51
CA ASN DA 42 7.05 -37.08 27.84
C ASN DA 42 7.87 -37.34 29.09
N TRP DA 43 9.19 -37.42 28.93
CA TRP DA 43 10.05 -37.80 30.05
C TRP DA 43 10.34 -36.64 30.99
N PHE DA 44 10.08 -35.40 30.57
CA PHE DA 44 10.23 -34.28 31.48
C PHE DA 44 9.09 -34.23 32.49
N GLU DA 45 7.87 -34.53 32.05
CA GLU DA 45 6.72 -34.57 32.95
C GLU DA 45 6.73 -35.80 33.85
N LEU DA 46 7.20 -36.92 33.37
CA LEU DA 46 7.30 -38.08 34.21
C LEU DA 46 8.21 -37.88 35.42
N ALA DA 47 9.35 -37.22 35.27
CA ALA DA 47 10.21 -36.94 36.41
C ALA DA 47 9.56 -36.02 37.42
N ALA DA 48 8.70 -35.11 36.98
CA ALA DA 48 7.96 -34.25 37.90
C ALA DA 48 6.84 -35.01 38.60
N ALA DA 49 6.17 -35.92 37.90
CA ALA DA 49 5.08 -36.67 38.51
C ALA DA 49 5.61 -37.74 39.48
N ASN DA 50 6.71 -38.40 39.12
CA ASN DA 50 7.25 -39.50 39.93
C ASN DA 50 8.00 -39.03 41.15
N ALA DA 51 8.07 -37.70 41.23
CA ALA DA 51 8.73 -37.05 42.36
C ALA DA 51 7.73 -36.62 43.42
N ASP EA 1 31.48 -48.98 -20.63
CA ASP EA 1 31.10 -48.91 -19.22
C ASP EA 1 30.38 -47.60 -18.91
N LEU EA 2 29.23 -47.70 -18.25
CA LEU EA 2 28.44 -46.53 -17.90
C LEU EA 2 29.00 -45.88 -16.65
N SER EA 3 29.28 -44.58 -16.73
CA SER EA 3 29.81 -43.84 -15.58
C SER EA 3 29.44 -42.37 -15.77
N PHE EA 4 28.48 -41.90 -14.98
CA PHE EA 4 28.13 -40.48 -15.02
C PHE EA 4 29.02 -39.65 -14.11
N THR EA 5 29.61 -40.25 -13.09
CA THR EA 5 30.46 -39.55 -12.14
C THR EA 5 31.93 -39.59 -12.53
N GLY EA 6 32.32 -40.50 -13.43
CA GLY EA 6 33.70 -40.63 -13.82
C GLY EA 6 34.51 -41.60 -13.00
N LEU EA 7 33.95 -42.16 -11.93
CA LEU EA 7 34.66 -43.15 -11.12
C LEU EA 7 34.79 -44.47 -11.88
N THR EA 8 35.85 -45.20 -11.55
CA THR EA 8 36.06 -46.53 -12.10
C THR EA 8 35.35 -47.56 -11.23
N ASP EA 9 35.47 -48.83 -11.65
CA ASP EA 9 34.79 -49.90 -10.94
C ASP EA 9 35.34 -50.08 -9.52
N GLU EA 10 36.66 -49.98 -9.35
CA GLU EA 10 37.27 -50.25 -8.05
C GLU EA 10 37.03 -49.11 -7.07
N GLN EA 11 37.04 -47.87 -7.54
CA GLN EA 11 36.80 -46.73 -6.65
C GLN EA 11 35.41 -46.80 -6.03
N ALA EA 12 34.41 -47.17 -6.83
CA ALA EA 12 33.06 -47.31 -6.32
C ALA EA 12 32.95 -48.41 -5.27
N GLN EA 13 33.65 -49.53 -5.47
CA GLN EA 13 33.64 -50.59 -4.46
C GLN EA 13 34.29 -50.14 -3.17
N GLU EA 14 35.42 -49.42 -3.25
CA GLU EA 14 36.03 -48.87 -2.05
C GLU EA 14 35.07 -47.93 -1.31
N LEU EA 15 34.54 -46.91 -1.97
CA LEU EA 15 33.56 -46.04 -1.34
C LEU EA 15 32.39 -46.84 -0.74
N HIS EA 16 31.79 -47.78 -1.45
CA HIS EA 16 30.71 -48.54 -0.87
C HIS EA 16 31.08 -49.31 0.36
N SER EA 17 32.23 -49.93 0.39
CA SER EA 17 32.70 -50.60 1.58
C SER EA 17 32.68 -49.71 2.82
N VAL EA 18 33.33 -48.56 2.78
CA VAL EA 18 33.33 -47.60 3.90
C VAL EA 18 31.95 -47.03 4.27
N TYR EA 19 31.10 -46.72 3.30
CA TYR EA 19 29.75 -46.24 3.56
C TYR EA 19 28.94 -47.24 4.33
N MET EA 20 28.93 -48.48 3.89
CA MET EA 20 28.20 -49.54 4.55
C MET EA 20 28.75 -49.85 5.94
N SER EA 21 29.98 -49.49 6.25
CA SER EA 21 30.53 -49.68 7.56
C SER EA 21 30.07 -48.65 8.54
N GLY EA 22 29.53 -47.53 8.06
CA GLY EA 22 29.03 -46.49 8.93
C GLY EA 22 27.56 -46.65 9.10
N LEU EA 23 26.95 -47.37 8.19
CA LEU EA 23 25.55 -47.68 8.27
C LEU EA 23 25.31 -48.72 9.34
N TRP EA 24 26.30 -49.55 9.60
CA TRP EA 24 26.18 -50.58 10.61
C TRP EA 24 26.55 -50.13 11.97
N LEU EA 25 27.37 -49.11 12.08
CA LEU EA 25 27.71 -48.55 13.36
C LEU EA 25 26.55 -47.67 13.81
N PHE EA 26 25.84 -47.04 12.89
CA PHE EA 26 24.69 -46.23 13.22
C PHE EA 26 23.49 -47.10 13.53
N SER EA 27 23.30 -48.20 12.82
CA SER EA 27 22.18 -49.11 13.05
C SER EA 27 22.31 -49.82 14.38
N ALA EA 28 23.53 -50.27 14.73
CA ALA EA 28 23.72 -50.96 16.01
C ALA EA 28 23.42 -50.04 17.19
N VAL EA 29 23.90 -48.79 17.13
CA VAL EA 29 23.62 -47.84 18.20
C VAL EA 29 22.13 -47.59 18.33
N ALA EA 30 21.45 -47.42 17.19
CA ALA EA 30 20.00 -47.22 17.22
C ALA EA 30 19.29 -48.43 17.83
N VAL EA 31 19.73 -49.63 17.50
CA VAL EA 31 19.10 -50.84 18.03
C VAL EA 31 19.26 -50.91 19.55
N VAL EA 32 20.46 -50.60 20.05
CA VAL EA 32 20.65 -50.62 21.50
C VAL EA 32 19.78 -49.57 22.18
N ALA EA 33 19.71 -48.37 21.61
CA ALA EA 33 18.88 -47.32 22.19
C ALA EA 33 17.41 -47.72 22.22
N HIS EA 34 16.93 -48.34 21.13
CA HIS EA 34 15.53 -48.77 21.08
C HIS EA 34 15.25 -49.88 22.08
N LEU EA 35 16.20 -50.80 22.27
CA LEU EA 35 16.02 -51.83 23.29
C LEU EA 35 15.92 -51.25 24.69
N ALA EA 36 16.80 -50.29 25.02
CA ALA EA 36 16.74 -49.65 26.33
C ALA EA 36 15.41 -48.90 26.51
N THR EA 37 14.98 -48.18 25.48
CA THR EA 37 13.71 -47.45 25.58
C THR EA 37 12.53 -48.41 25.75
N PHE EA 38 12.51 -49.52 25.03
CA PHE EA 38 11.41 -50.47 25.16
C PHE EA 38 11.38 -51.08 26.56
N ILE EA 39 12.55 -51.41 27.12
CA ILE EA 39 12.57 -51.92 28.48
C ILE EA 39 12.07 -50.86 29.45
N TRP EA 40 12.43 -49.59 29.24
CA TRP EA 40 11.98 -48.53 30.12
C TRP EA 40 10.48 -48.29 30.01
N ARG EA 41 9.97 -48.06 28.80
CA ARG EA 41 8.54 -47.77 28.56
C ARG EA 41 7.98 -48.51 27.31
N PRO EA 42 7.42 -49.75 27.42
CA PRO EA 42 6.98 -50.48 26.23
C PRO EA 42 5.90 -49.73 25.46
N TRP EA 43 5.75 -50.07 24.20
CA TRP EA 43 4.75 -49.45 23.35
C TRP EA 43 4.00 -50.46 22.54
N PHE EA 44 4.41 -51.72 22.60
CA PHE EA 44 3.65 -52.77 21.93
C PHE EA 44 3.20 -53.72 23.03
N MET FA 1 -32.44 26.09 -45.72
CA MET FA 1 -33.14 24.83 -45.52
C MET FA 1 -32.94 23.89 -46.68
N SER FA 2 -32.75 24.44 -47.86
CA SER FA 2 -32.54 23.62 -49.03
C SER FA 2 -31.06 23.52 -49.26
N LYS FA 3 -30.29 23.99 -48.30
CA LYS FA 3 -28.87 23.92 -48.39
C LYS FA 3 -28.33 23.21 -47.17
N PHE FA 4 -29.11 22.31 -46.60
CA PHE FA 4 -28.67 21.57 -45.43
C PHE FA 4 -27.74 20.47 -45.83
N TYR FA 5 -27.70 20.14 -47.12
CA TYR FA 5 -26.78 19.15 -47.60
C TYR FA 5 -25.34 19.46 -47.32
N LYS FA 6 -25.00 20.73 -47.22
CA LYS FA 6 -23.65 21.20 -46.94
C LYS FA 6 -23.17 20.80 -45.55
N ILE FA 7 -24.04 20.23 -44.72
CA ILE FA 7 -23.58 19.65 -43.47
C ILE FA 7 -22.57 18.52 -43.71
N TRP FA 8 -22.59 17.93 -44.90
CA TRP FA 8 -21.62 16.89 -45.24
C TRP FA 8 -20.32 17.46 -45.77
N LEU FA 9 -20.23 18.78 -45.96
CA LEU FA 9 -18.96 19.42 -46.28
C LEU FA 9 -18.15 19.73 -45.03
N ILE FA 10 -18.72 19.54 -43.84
CA ILE FA 10 -18.06 19.83 -42.59
C ILE FA 10 -17.85 18.58 -41.75
N PHE FA 11 -18.86 17.70 -41.70
CA PHE FA 11 -18.81 16.51 -40.86
C PHE FA 11 -18.46 15.28 -41.68
N ASP FA 12 -17.62 14.42 -41.10
CA ASP FA 12 -17.27 13.15 -41.73
C ASP FA 12 -18.42 12.16 -41.57
N PRO FA 13 -18.93 11.58 -42.66
CA PRO FA 13 -20.06 10.64 -42.53
C PRO FA 13 -19.78 9.43 -41.65
N ARG FA 14 -18.55 8.92 -41.62
CA ARG FA 14 -18.25 7.70 -40.85
C ARG FA 14 -18.52 7.91 -39.37
N ARG FA 15 -17.92 8.96 -38.80
CA ARG FA 15 -18.07 9.23 -37.37
C ARG FA 15 -19.51 9.53 -37.02
N VAL FA 16 -20.18 10.33 -37.86
CA VAL FA 16 -21.58 10.67 -37.62
C VAL FA 16 -22.44 9.42 -37.62
N PHE FA 17 -22.24 8.52 -38.57
CA PHE FA 17 -23.05 7.31 -38.66
C PHE FA 17 -22.85 6.40 -37.45
N VAL FA 18 -21.59 6.19 -37.04
CA VAL FA 18 -21.34 5.34 -35.88
C VAL FA 18 -21.97 5.94 -34.63
N ALA FA 19 -21.75 7.23 -34.42
CA ALA FA 19 -22.30 7.89 -33.23
C ALA FA 19 -23.83 7.84 -33.23
N GLN FA 20 -24.44 8.05 -34.40
CA GLN FA 20 -25.89 8.02 -34.49
C GLN FA 20 -26.45 6.64 -34.17
N GLY FA 21 -25.81 5.58 -34.67
CA GLY FA 21 -26.29 4.25 -34.35
C GLY FA 21 -26.23 3.95 -32.85
N VAL FA 22 -25.09 4.25 -32.23
CA VAL FA 22 -24.96 4.00 -30.79
C VAL FA 22 -25.98 4.82 -30.01
N PHE FA 23 -26.12 6.11 -30.36
CA PHE FA 23 -27.03 7.00 -29.66
C PHE FA 23 -28.47 6.51 -29.77
N LEU FA 24 -28.89 6.12 -30.97
CA LEU FA 24 -30.28 5.69 -31.17
C LEU FA 24 -30.58 4.43 -30.38
N PHE FA 25 -29.67 3.45 -30.41
CA PHE FA 25 -29.95 2.22 -29.65
C PHE FA 25 -30.02 2.51 -28.16
N LEU FA 26 -29.08 3.30 -27.64
CA LEU FA 26 -29.08 3.58 -26.21
C LEU FA 26 -30.34 4.33 -25.79
N LEU FA 27 -30.77 5.30 -26.59
CA LEU FA 27 -31.98 6.05 -26.26
C LEU FA 27 -33.22 5.16 -26.25
N ALA FA 28 -33.36 4.30 -27.27
CA ALA FA 28 -34.51 3.41 -27.31
C ALA FA 28 -34.53 2.46 -26.13
N ALA FA 29 -33.37 1.89 -25.78
CA ALA FA 29 -33.33 0.98 -24.63
C ALA FA 29 -33.69 1.72 -23.34
N MET FA 30 -33.18 2.94 -23.16
CA MET FA 30 -33.50 3.71 -21.96
C MET FA 30 -35.00 3.97 -21.86
N ILE FA 31 -35.62 4.36 -22.98
CA ILE FA 31 -37.05 4.67 -22.93
C ILE FA 31 -37.87 3.43 -22.61
N HIS FA 32 -37.53 2.29 -23.23
CA HIS FA 32 -38.26 1.06 -22.94
C HIS FA 32 -38.12 0.68 -21.46
N LEU FA 33 -37.01 0.90 -20.81
CA LEU FA 33 -36.87 0.61 -19.36
C LEU FA 33 -37.57 1.52 -18.31
N VAL FA 34 -37.86 2.75 -18.64
CA VAL FA 34 -38.55 3.66 -17.74
C VAL FA 34 -40.02 3.28 -17.72
N LEU FA 35 -40.56 2.89 -18.86
CA LEU FA 35 -41.93 2.44 -18.93
C LEU FA 35 -42.19 1.21 -18.08
N LEU FA 36 -41.22 0.33 -17.93
CA LEU FA 36 -41.36 -0.87 -17.12
C LEU FA 36 -41.22 -0.63 -15.63
N SER FA 37 -40.68 0.49 -15.24
CA SER FA 37 -40.51 0.85 -13.85
C SER FA 37 -41.71 1.57 -13.30
N THR FA 38 -42.68 1.87 -14.14
CA THR FA 38 -43.90 2.51 -13.72
C THR FA 38 -44.93 1.42 -13.56
N GLU FA 39 -46.06 1.73 -12.96
CA GLU FA 39 -47.14 0.76 -12.79
C GLU FA 39 -48.12 0.68 -13.93
N HIS FA 40 -48.64 1.80 -14.39
CA HIS FA 40 -49.60 1.85 -15.47
C HIS FA 40 -49.09 1.41 -16.84
N PHE FA 41 -47.80 1.55 -17.10
CA PHE FA 41 -47.27 1.24 -18.43
C PHE FA 41 -46.42 -0.03 -18.60
N ASN FA 42 -46.40 -0.94 -17.64
CA ASN FA 42 -45.70 -2.22 -17.77
C ASN FA 42 -46.65 -3.18 -18.43
N TRP FA 43 -46.27 -3.74 -19.57
CA TRP FA 43 -47.17 -4.58 -20.35
C TRP FA 43 -47.23 -6.02 -19.93
N PHE FA 44 -46.30 -6.43 -19.09
CA PHE FA 44 -46.31 -7.81 -18.59
C PHE FA 44 -47.25 -7.94 -17.39
N GLU FA 45 -47.17 -7.01 -16.45
CA GLU FA 45 -48.10 -7.00 -15.32
C GLU FA 45 -49.53 -6.75 -15.80
N LEU FA 46 -49.68 -5.98 -16.87
CA LEU FA 46 -51.02 -5.76 -17.43
C LEU FA 46 -51.62 -7.06 -17.93
N ALA FA 47 -50.84 -7.87 -18.66
CA ALA FA 47 -51.32 -9.16 -19.12
C ALA FA 47 -51.58 -10.09 -17.95
N ALA FA 48 -50.72 -10.05 -16.93
CA ALA FA 48 -50.91 -10.90 -15.76
C ALA FA 48 -52.19 -10.57 -15.02
N ALA FA 49 -52.51 -9.27 -14.88
CA ALA FA 49 -53.69 -8.85 -14.13
C ALA FA 49 -54.96 -8.83 -14.97
N ASN FA 50 -54.85 -8.87 -16.30
CA ASN FA 50 -56.03 -8.94 -17.15
C ASN FA 50 -56.72 -10.29 -17.04
N ALA FA 51 -55.96 -11.38 -16.99
CA ALA FA 51 -56.52 -12.71 -16.84
C ALA FA 51 -57.02 -12.91 -15.41
N ASP GA 1 -15.34 26.46 -53.71
CA ASP GA 1 -16.30 26.14 -52.67
C ASP GA 1 -15.61 25.62 -51.42
N LEU GA 2 -16.13 25.99 -50.26
CA LEU GA 2 -15.56 25.57 -48.99
C LEU GA 2 -15.90 24.11 -48.73
N SER GA 3 -14.89 23.33 -48.30
CA SER GA 3 -15.09 21.91 -48.02
C SER GA 3 -13.99 21.44 -47.09
N PHE GA 4 -14.37 20.96 -45.91
CA PHE GA 4 -13.40 20.46 -44.94
C PHE GA 4 -13.19 18.96 -45.04
N THR GA 5 -14.22 18.21 -45.39
CA THR GA 5 -14.12 16.75 -45.39
C THR GA 5 -13.34 16.24 -46.60
N GLY GA 6 -13.52 16.86 -47.76
CA GLY GA 6 -12.92 16.41 -49.00
C GLY GA 6 -13.92 16.09 -50.09
N LEU GA 7 -15.20 15.99 -49.76
CA LEU GA 7 -16.24 15.72 -50.73
C LEU GA 7 -16.46 16.93 -51.56
N THR GA 8 -17.16 16.78 -52.67
CA THR GA 8 -17.44 17.87 -53.55
C THR GA 8 -18.90 18.16 -53.38
N ASP GA 9 -19.41 19.21 -53.98
CA ASP GA 9 -20.80 19.58 -53.81
C ASP GA 9 -21.79 18.55 -54.34
N GLU GA 10 -21.48 17.88 -55.44
CA GLU GA 10 -22.36 16.90 -56.00
C GLU GA 10 -22.37 15.60 -55.20
N GLN GA 11 -21.23 15.20 -54.67
CA GLN GA 11 -21.17 14.03 -53.81
C GLN GA 11 -21.99 14.27 -52.57
N ALA GA 12 -21.98 15.50 -52.03
CA ALA GA 12 -22.73 15.83 -50.84
C ALA GA 12 -24.20 15.92 -51.08
N GLN GA 13 -24.59 16.29 -52.27
CA GLN GA 13 -26.00 16.35 -52.59
C GLN GA 13 -26.59 14.96 -52.77
N GLU GA 14 -25.81 14.00 -53.23
CA GLU GA 14 -26.29 12.63 -53.40
C GLU GA 14 -26.38 11.88 -52.07
N LEU GA 15 -25.45 12.08 -51.18
CA LEU GA 15 -25.41 11.44 -49.87
C LEU GA 15 -26.53 11.95 -48.98
N HIS GA 16 -26.79 13.27 -49.00
CA HIS GA 16 -27.87 13.83 -48.20
C HIS GA 16 -29.23 13.35 -48.67
N SER GA 17 -29.42 13.20 -49.98
CA SER GA 17 -30.68 12.66 -50.47
C SER GA 17 -30.92 11.24 -49.95
N VAL GA 18 -29.90 10.39 -50.00
CA VAL GA 18 -30.06 9.02 -49.49
C VAL GA 18 -30.32 9.03 -47.99
N TYR GA 19 -29.59 9.89 -47.26
CA TYR GA 19 -29.76 9.96 -45.81
C TYR GA 19 -31.19 10.38 -45.44
N MET GA 20 -31.73 11.38 -46.14
CA MET GA 20 -33.09 11.82 -45.87
C MET GA 20 -34.11 10.74 -46.24
N SER GA 21 -33.83 9.98 -47.30
CA SER GA 21 -34.70 8.86 -47.64
C SER GA 21 -34.78 7.84 -46.52
N GLY GA 22 -33.64 7.52 -45.90
CA GLY GA 22 -33.67 6.64 -44.74
C GLY GA 22 -34.35 7.23 -43.51
N LEU GA 23 -34.08 8.48 -43.18
CA LEU GA 23 -34.72 9.17 -42.05
C LEU GA 23 -36.24 9.22 -42.07
N TRP GA 24 -36.82 9.37 -43.24
CA TRP GA 24 -38.25 9.47 -43.32
C TRP GA 24 -38.87 8.14 -43.09
N LEU GA 25 -38.28 7.08 -43.62
CA LEU GA 25 -38.76 5.75 -43.35
C LEU GA 25 -38.72 5.45 -41.87
N PHE GA 26 -37.64 5.82 -41.22
CA PHE GA 26 -37.56 5.58 -39.78
C PHE GA 26 -38.64 6.35 -39.03
N SER GA 27 -38.80 7.64 -39.35
CA SER GA 27 -39.81 8.46 -38.69
C SER GA 27 -41.24 8.02 -39.01
N ALA GA 28 -41.49 7.57 -40.24
CA ALA GA 28 -42.82 7.08 -40.60
C ALA GA 28 -43.19 5.81 -39.83
N VAL GA 29 -42.21 4.93 -39.59
CA VAL GA 29 -42.52 3.78 -38.74
C VAL GA 29 -42.77 4.20 -37.29
N ALA GA 30 -41.95 5.13 -36.78
CA ALA GA 30 -42.10 5.57 -35.40
C ALA GA 30 -43.45 6.24 -35.15
N VAL GA 31 -44.03 6.92 -36.13
CA VAL GA 31 -45.32 7.58 -35.99
C VAL GA 31 -46.50 6.63 -35.81
N VAL GA 32 -46.57 5.58 -36.62
CA VAL GA 32 -47.64 4.59 -36.51
C VAL GA 32 -47.58 3.84 -35.19
N ALA GA 33 -46.40 3.53 -34.70
CA ALA GA 33 -46.25 2.90 -33.41
C ALA GA 33 -46.73 3.75 -32.23
N HIS GA 34 -46.63 5.07 -32.32
CA HIS GA 34 -47.04 5.96 -31.25
C HIS GA 34 -48.54 6.14 -31.25
N LEU GA 35 -49.16 6.01 -32.40
CA LEU GA 35 -50.58 6.14 -32.50
C LEU GA 35 -51.27 4.94 -31.93
N ALA GA 36 -50.74 3.75 -32.19
CA ALA GA 36 -51.30 2.55 -31.62
C ALA GA 36 -51.14 2.50 -30.13
N THR GA 37 -50.02 2.96 -29.58
CA THR GA 37 -49.84 3.02 -28.15
C THR GA 37 -50.79 4.00 -27.48
N PHE GA 38 -51.25 5.01 -28.20
CA PHE GA 38 -52.16 5.98 -27.65
C PHE GA 38 -53.59 5.46 -27.67
N ILE GA 39 -53.98 4.75 -28.71
CA ILE GA 39 -55.31 4.17 -28.71
C ILE GA 39 -55.36 3.05 -27.68
N TRP GA 40 -54.26 2.32 -27.52
CA TRP GA 40 -54.19 1.26 -26.55
C TRP GA 40 -54.09 1.84 -25.16
N ARG GA 41 -53.09 2.66 -24.86
CA ARG GA 41 -53.07 3.16 -23.48
C ARG GA 41 -52.66 4.62 -23.51
N PRO GA 42 -53.63 5.53 -23.46
CA PRO GA 42 -53.33 6.94 -23.74
C PRO GA 42 -52.69 7.64 -22.55
N TRP GA 43 -51.61 8.37 -22.80
CA TRP GA 43 -51.14 9.40 -21.91
C TRP GA 43 -51.77 10.73 -22.33
N PHE GA 44 -51.56 11.77 -21.53
CA PHE GA 44 -52.27 13.03 -21.69
C PHE GA 44 -53.78 12.81 -21.63
N LYS HA 1 59.91 6.74 18.09
CA LYS HA 1 59.40 7.62 17.05
C LYS HA 1 59.91 7.28 15.67
N TRP HA 2 59.31 6.27 15.02
CA TRP HA 2 59.80 5.79 13.72
C TRP HA 2 58.63 5.82 12.80
N PHE HA 3 57.77 6.81 12.89
CA PHE HA 3 56.50 6.72 12.18
C PHE HA 3 56.45 7.10 10.72
N ASP HA 4 57.15 6.33 9.90
CA ASP HA 4 57.06 6.53 8.47
C ASP HA 4 56.03 5.49 8.16
N GLU HA 5 55.61 4.76 9.18
CA GLU HA 5 54.61 3.74 9.02
C GLU HA 5 53.23 4.29 8.76
N TRP HA 6 52.80 5.29 9.53
CA TRP HA 6 51.42 5.73 9.36
C TRP HA 6 51.18 6.09 7.93
N ASN HA 7 52.12 6.80 7.34
CA ASN HA 7 51.91 7.27 6.00
C ASN HA 7 52.14 6.19 4.95
N SER HA 8 53.03 5.25 5.22
CA SER HA 8 53.33 4.24 4.23
C SER HA 8 52.25 3.16 4.22
N LYS HA 9 51.77 2.76 5.40
CA LYS HA 9 50.74 1.74 5.49
C LYS HA 9 49.50 2.52 5.71
N ASN HA 10 49.20 3.40 4.78
CA ASN HA 10 48.09 4.32 4.98
C ASN HA 10 46.63 3.93 5.02
N PRO HA 11 46.15 3.23 3.98
CA PRO HA 11 44.69 3.02 4.00
C PRO HA 11 44.19 2.23 5.19
N THR HA 12 43.33 2.88 5.98
CA THR HA 12 42.74 2.23 7.12
C THR HA 12 41.44 2.93 7.34
N ASP HA 13 40.34 2.21 7.23
CA ASP HA 13 39.07 2.80 7.58
C ASP HA 13 38.95 2.74 9.08
N ILE HA 14 39.54 3.69 9.78
CA ILE HA 14 39.56 3.68 11.23
C ILE HA 14 38.22 3.74 11.93
N TYR HA 15 37.17 4.09 11.21
CA TYR HA 15 35.86 4.29 11.84
C TYR HA 15 34.92 3.09 11.85
N LYS HA 16 34.94 2.27 10.83
CA LYS HA 16 34.01 1.13 10.73
C LYS HA 16 33.93 0.18 11.93
N PRO HA 17 35.08 -0.25 12.49
CA PRO HA 17 34.93 -1.06 13.70
C PRO HA 17 34.15 -0.33 14.82
N ALA HA 18 34.42 0.95 15.06
CA ALA HA 18 33.64 1.69 16.06
C ALA HA 18 32.15 1.78 15.78
N ILE HA 19 31.77 2.10 14.55
CA ILE HA 19 30.35 2.13 14.22
C ILE HA 19 29.70 0.78 14.52
N VAL HA 20 30.38 -0.31 14.15
CA VAL HA 20 29.84 -1.64 14.42
C VAL HA 20 29.70 -1.88 15.91
N VAL HA 21 30.68 -1.43 16.70
CA VAL HA 21 30.59 -1.59 18.16
C VAL HA 21 29.43 -0.77 18.71
N GLY HA 22 29.31 0.48 18.29
CA GLY HA 22 28.24 1.33 18.75
C GLY HA 22 26.86 0.91 18.31
N VAL HA 23 26.75 0.11 17.26
CA VAL HA 23 25.48 -0.47 16.83
C VAL HA 23 25.17 -1.77 17.58
N ALA HA 24 26.17 -2.64 17.70
CA ALA HA 24 25.94 -3.95 18.35
C ALA HA 24 25.74 -3.80 19.85
N GLY HA 25 26.68 -3.17 20.54
CA GLY HA 25 26.58 -3.00 21.97
C GLY HA 25 25.66 -1.85 22.35
N GLY HA 26 24.89 -1.36 21.38
CA GLY HA 26 23.94 -0.31 21.67
C GLY HA 26 22.60 -0.94 21.83
N ALA HA 27 22.45 -2.15 21.32
CA ALA HA 27 21.22 -2.88 21.50
C ALA HA 27 21.27 -3.52 22.89
N VAL HA 28 22.45 -3.80 23.41
CA VAL HA 28 22.60 -4.33 24.77
C VAL HA 28 22.21 -3.24 25.77
N PHE HA 29 22.38 -1.97 25.40
CA PHE HA 29 22.06 -0.85 26.29
C PHE HA 29 20.55 -0.69 26.48
N ALA HA 30 19.78 -0.71 25.39
CA ALA HA 30 18.32 -0.60 25.50
C ALA HA 30 17.72 -1.86 26.09
N ALA HA 31 18.35 -3.01 25.89
CA ALA HA 31 17.90 -4.24 26.51
C ALA HA 31 18.10 -4.18 28.01
N ALA HA 32 19.24 -3.65 28.45
CA ALA HA 32 19.51 -3.51 29.87
C ALA HA 32 18.58 -2.55 30.55
N LEU HA 33 18.12 -1.54 29.82
CA LEU HA 33 17.22 -0.53 30.36
C LEU HA 33 15.79 -1.01 30.45
N LEU HA 34 15.39 -1.96 29.61
CA LEU HA 34 14.06 -2.54 29.65
C LEU HA 34 13.98 -3.68 30.65
N VAL HA 35 15.13 -4.14 31.13
CA VAL HA 35 15.16 -5.22 32.10
C VAL HA 35 15.28 -4.62 33.50
N SER HA 36 16.06 -3.54 33.63
CA SER HA 36 16.21 -2.86 34.92
C SER HA 36 14.95 -2.13 35.29
N MET HA 37 14.53 -1.18 34.47
CA MET HA 37 13.30 -0.46 34.72
C MET HA 37 12.40 -1.17 33.76
N GLY HA 38 11.10 -1.10 33.90
CA GLY HA 38 10.27 -1.89 33.01
C GLY HA 38 9.73 -1.29 31.75
N GLN HA 39 8.51 -1.67 31.39
CA GLN HA 39 7.88 -1.16 30.19
C GLN HA 39 7.25 0.23 30.44
N PRO HA 40 7.51 1.29 29.59
CA PRO HA 40 6.94 2.59 29.94
C PRO HA 40 5.41 2.57 30.03
N LEU HA 41 4.75 2.26 28.94
CA LEU HA 41 3.28 2.35 28.91
C LEU HA 41 2.61 0.99 28.82
N ALA HA 42 2.70 0.16 29.82
CA ALA HA 42 2.18 -1.17 29.72
C ALA HA 42 0.68 -1.27 29.66
N THR HA 43 0.23 -2.37 29.13
CA THR HA 43 -1.15 -2.58 29.12
C THR HA 43 -1.57 -4.02 29.22
N ASP HA 44 -2.74 -4.28 29.81
CA ASP HA 44 -3.24 -5.63 29.96
C ASP HA 44 -4.55 -5.86 29.25
N SER HA 45 -4.78 -7.07 28.78
CA SER HA 45 -6.00 -7.43 28.07
C SER HA 45 -6.83 -8.58 28.67
N MET HA 46 -8.15 -8.55 28.53
CA MET HA 46 -9.07 -9.56 29.04
C MET HA 46 -9.59 -10.44 27.90
N GLN HA 47 -9.46 -11.76 27.97
CA GLN HA 47 -9.93 -12.68 26.93
C GLN HA 47 -11.40 -12.99 26.97
N THR HA 48 -12.09 -12.85 25.85
CA THR HA 48 -13.54 -13.07 25.77
C THR HA 48 -14.01 -14.24 24.89
N GLY HA 49 -13.12 -14.97 24.25
CA GLY HA 49 -13.51 -16.05 23.41
C GLY HA 49 -12.34 -16.93 23.21
N PRO HA 50 -12.44 -17.95 22.38
CA PRO HA 50 -11.36 -18.91 22.09
C PRO HA 50 -9.98 -18.40 21.58
N ARG HA 51 -8.85 -19.08 21.79
CA ARG HA 51 -7.53 -18.72 21.31
C ARG HA 51 -7.33 -18.62 19.77
N GLY HA 52 -6.75 -17.55 19.20
CA GLY HA 52 -6.62 -17.35 17.79
C GLY HA 52 -7.73 -16.52 17.21
N THR HA 53 -8.78 -16.28 17.96
CA THR HA 53 -9.92 -15.52 17.49
C THR HA 53 -9.65 -14.05 17.37
N GLY HA 54 -8.97 -13.47 18.34
CA GLY HA 54 -8.76 -12.06 18.33
C GLY HA 54 -9.77 -11.43 19.23
N MET HA 55 -10.44 -12.22 20.04
CA MET HA 55 -11.45 -11.72 20.96
C MET HA 55 -10.90 -11.41 22.33
N SER HA 56 -10.52 -10.17 22.55
CA SER HA 56 -9.98 -9.72 23.81
C SER HA 56 -10.22 -8.22 23.95
N VAL HA 57 -10.20 -7.69 25.17
CA VAL HA 57 -10.34 -6.22 25.40
C VAL HA 57 -9.12 -5.56 26.03
N PRO HA 58 -8.50 -4.62 25.33
CA PRO HA 58 -7.29 -3.93 25.79
C PRO HA 58 -7.39 -2.67 26.74
N GLU HA 59 -6.56 -2.55 27.77
CA GLU HA 59 -6.58 -1.39 28.68
C GLU HA 59 -5.24 -1.00 29.28
N PHE HA 60 -4.94 0.29 29.43
CA PHE HA 60 -3.69 0.75 30.08
C PHE HA 60 -3.73 0.50 31.56
N VAL HA 61 -2.63 0.17 32.17
CA VAL HA 61 -2.61 -0.20 33.59
C VAL HA 61 -2.67 0.93 34.60
N SER HA 62 -2.32 2.12 34.15
CA SER HA 62 -2.57 3.32 34.86
C SER HA 62 -4.05 3.68 34.91
N ASP HA 63 -4.83 3.19 33.96
CA ASP HA 63 -6.25 3.46 33.89
C ASP HA 63 -6.99 2.42 34.71
N LEU HA 64 -6.50 1.19 34.73
CA LEU HA 64 -7.08 0.13 35.53
C LEU HA 64 -6.85 0.38 37.01
N ASP HA 65 -5.78 1.05 37.40
CA ASP HA 65 -5.58 1.39 38.81
C ASP HA 65 -6.25 2.67 39.31
N THR HA 66 -6.98 3.37 38.45
CA THR HA 66 -7.70 4.55 38.87
C THR HA 66 -9.17 4.22 39.04
N PRO HA 67 -9.65 4.17 40.30
CA PRO HA 67 -11.06 3.91 40.52
C PRO HA 67 -12.02 4.98 40.03
N ASP HA 68 -13.31 4.68 39.90
CA ASP HA 68 -14.31 5.67 39.55
C ASP HA 68 -14.22 6.62 40.75
N PRO HA 69 -14.05 7.91 40.50
CA PRO HA 69 -13.88 8.85 41.60
C PRO HA 69 -15.10 9.19 42.45
N THR HA 70 -16.25 8.58 42.24
CA THR HA 70 -17.46 8.90 42.96
C THR HA 70 -17.79 7.80 43.94
N ILE HA 71 -17.05 6.71 43.90
CA ILE HA 71 -17.23 5.63 44.86
C ILE HA 71 -16.96 6.15 46.27
N GLU HA 72 -15.95 6.98 46.43
CA GLU HA 72 -15.62 7.54 47.72
C GLU HA 72 -16.62 8.57 48.23
N VAL HA 73 -17.25 9.32 47.33
CA VAL HA 73 -18.29 10.26 47.72
C VAL HA 73 -19.47 9.51 48.30
N PHE HA 74 -19.84 8.39 47.70
CA PHE HA 74 -20.92 7.60 48.21
C PHE HA 74 -20.65 7.07 49.59
N LEU HA 75 -19.47 6.51 49.84
CA LEU HA 75 -19.16 5.91 51.13
C LEU HA 75 -19.10 6.91 52.26
N ALA HA 76 -19.05 8.19 51.93
CA ALA HA 76 -19.00 9.22 52.91
C ALA HA 76 -20.38 9.80 53.15
N SER HA 77 -21.39 9.26 52.50
CA SER HA 77 -22.75 9.74 52.66
C SER HA 77 -23.71 8.62 52.96
N THR HA 78 -23.22 7.50 53.49
CA THR HA 78 -24.08 6.35 53.70
C THR HA 78 -24.05 5.85 55.14
N SER HA 79 -25.14 5.26 55.61
CA SER HA 79 -25.21 4.80 56.98
C SER HA 79 -26.03 3.52 57.05
N ASP HA 80 -25.85 2.79 58.15
CA ASP HA 80 -26.52 1.51 58.35
C ASP HA 80 -27.97 1.74 58.79
N PRO HA 81 -28.88 0.85 58.41
CA PRO HA 81 -30.28 1.01 58.82
C PRO HA 81 -30.45 0.81 60.31
N VAL HA 82 -31.49 1.44 60.86
CA VAL HA 82 -31.86 1.31 62.27
C VAL HA 82 -33.07 0.40 62.36
N ILE HA 83 -32.92 -0.75 63.01
CA ILE HA 83 -33.97 -1.75 63.11
C ILE HA 83 -35.12 -1.20 63.94
N PRO HA 84 -36.35 -1.20 63.40
CA PRO HA 84 -37.50 -0.71 64.19
C PRO HA 84 -37.70 -1.53 65.45
N GLU HA 85 -38.09 -0.83 66.52
CA GLU HA 85 -38.33 -1.48 67.80
C GLU HA 85 -39.80 -1.86 67.91
N GLU HA 86 -40.22 -2.25 69.11
CA GLU HA 86 -41.61 -2.64 69.33
C GLU HA 86 -42.50 -1.41 69.42
N GLY HA 87 -43.43 -1.27 68.48
CA GLY HA 87 -44.37 -0.16 68.48
C GLY HA 87 -43.73 1.21 68.37
N ALA HA 88 -42.80 1.38 67.42
CA ALA HA 88 -42.10 2.64 67.26
C ALA HA 88 -43.03 3.69 66.64
N GLN HA 89 -42.74 4.95 66.95
CA GLN HA 89 -43.50 6.06 66.40
C GLN HA 89 -43.05 6.36 64.98
N THR HA 90 -44.01 6.52 64.08
CA THR HA 90 -43.72 6.68 62.65
C THR HA 90 -43.61 8.16 62.30
N ALA HA 91 -43.32 8.44 61.04
CA ALA HA 91 -43.14 9.82 60.59
C ALA HA 91 -44.44 10.56 60.40
N GLY HA 92 -45.50 9.84 60.06
CA GLY HA 92 -46.79 10.47 59.90
C GLY HA 92 -47.41 10.88 61.21
N GLU HA 93 -47.06 10.22 62.31
CA GLU HA 93 -47.54 10.67 63.60
C GLU HA 93 -46.61 11.72 64.21
N ALA HA 94 -45.71 12.27 63.43
CA ALA HA 94 -44.83 13.31 63.94
C ALA HA 94 -44.81 14.55 63.06
N TYR HA 95 -45.19 14.43 61.80
CA TYR HA 95 -45.24 15.57 60.88
C TYR HA 95 -46.41 15.38 59.93
N GLU HA 96 -46.57 16.27 58.96
CA GLU HA 96 -47.59 16.05 57.91
C GLU HA 96 -46.90 15.68 56.60
N ASN HA 97 -46.85 14.40 56.26
CA ASN HA 97 -46.10 13.97 55.09
C ASN HA 97 -46.91 13.30 54.00
N VAL HA 98 -46.22 12.68 53.06
CA VAL HA 98 -46.88 12.01 51.95
C VAL HA 98 -46.97 10.53 52.19
N ASP HA 99 -48.02 9.92 51.69
CA ASP HA 99 -48.20 8.47 51.83
C ASP HA 99 -47.01 7.54 51.54
N PRO HA 100 -46.25 7.73 50.43
CA PRO HA 100 -45.11 6.83 50.25
C PRO HA 100 -44.11 6.80 51.38
N VAL HA 101 -43.88 7.91 52.05
CA VAL HA 101 -42.86 7.96 53.08
C VAL HA 101 -43.46 8.05 54.49
N LEU HA 102 -44.72 7.69 54.67
CA LEU HA 102 -45.40 7.89 55.95
C LEU HA 102 -45.32 6.78 57.01
N ALA HA 103 -45.25 5.53 56.59
CA ALA HA 103 -45.18 4.44 57.54
C ALA HA 103 -43.75 4.13 57.91
N ASP HA 104 -42.87 5.05 57.58
CA ASP HA 104 -41.49 4.87 57.93
C ASP HA 104 -41.40 5.45 59.29
N LEU HA 105 -40.37 5.11 60.03
CA LEU HA 105 -40.19 5.59 61.39
C LEU HA 105 -39.58 6.96 61.32
N THR HA 106 -39.37 7.60 62.46
CA THR HA 106 -38.76 8.92 62.49
C THR HA 106 -37.27 8.85 62.14
N VAL HA 107 -36.55 7.87 62.67
CA VAL HA 107 -35.10 7.80 62.45
C VAL HA 107 -34.79 7.43 60.99
N GLU HA 108 -35.57 6.50 60.42
CA GLU HA 108 -35.39 6.18 59.02
C GLU HA 108 -35.79 7.33 58.12
N ASN HA 109 -36.86 8.06 58.48
CA ASN HA 109 -37.17 9.32 57.81
C ASN HA 109 -35.98 10.26 57.84
N TYR HA 110 -35.28 10.34 58.95
CA TYR HA 110 -34.19 11.29 59.02
C TYR HA 110 -33.06 10.90 58.11
N ASP HA 111 -32.66 9.63 58.09
CA ASP HA 111 -31.52 9.26 57.29
C ASP HA 111 -31.83 9.27 55.80
N ARG HA 112 -33.00 8.78 55.42
CA ARG HA 112 -33.36 8.82 54.03
C ARG HA 112 -33.41 10.22 53.51
N LEU HA 113 -34.21 11.08 54.12
CA LEU HA 113 -34.39 12.39 53.55
C LEU HA 113 -33.18 13.27 53.45
N LEU HA 114 -32.54 13.52 54.56
CA LEU HA 114 -31.48 14.50 54.52
C LEU HA 114 -30.17 13.95 54.25
N ALA HA 115 -29.85 12.92 54.99
CA ALA HA 115 -28.52 12.39 54.84
C ALA HA 115 -28.32 11.81 53.47
N ALA HA 116 -29.40 11.50 52.79
CA ALA HA 116 -29.24 10.84 51.54
C ALA HA 116 -29.79 11.61 50.40
N MET HA 117 -31.10 11.69 50.27
CA MET HA 117 -31.70 12.30 49.11
C MET HA 117 -31.33 13.73 48.80
N ARG HA 118 -31.00 14.51 49.81
CA ARG HA 118 -30.60 15.88 49.62
C ARG HA 118 -29.12 16.03 49.35
N SER HA 119 -28.35 14.98 49.52
CA SER HA 119 -26.94 15.05 49.17
C SER HA 119 -26.67 14.35 47.85
N TRP HA 120 -27.49 13.38 47.49
CA TRP HA 120 -27.28 12.64 46.28
C TRP HA 120 -27.73 13.46 45.12
N THR HA 121 -28.74 14.29 45.30
CA THR HA 121 -29.19 15.20 44.29
C THR HA 121 -28.84 16.41 45.07
N GLY HA 122 -28.08 17.34 44.54
CA GLY HA 122 -27.64 18.46 45.34
C GLY HA 122 -28.72 19.50 45.51
N ILE HA 123 -29.80 19.17 46.18
CA ILE HA 123 -30.91 20.09 46.38
C ILE HA 123 -31.08 20.19 47.87
N PRO HA 124 -30.53 21.24 48.49
CA PRO HA 124 -30.52 21.35 49.95
C PRO HA 124 -31.85 21.41 50.69
N ASP HA 125 -32.91 21.86 50.04
CA ASP HA 125 -34.21 21.99 50.68
C ASP HA 125 -35.24 21.08 50.06
N LEU HA 126 -34.85 19.89 49.64
CA LEU HA 126 -35.77 18.99 48.98
C LEU HA 126 -36.89 18.51 49.88
N LEU HA 127 -38.10 18.49 49.35
CA LEU HA 127 -39.26 18.01 50.10
C LEU HA 127 -39.61 18.82 51.34
N GLU HA 128 -39.29 20.10 51.33
CA GLU HA 128 -39.68 20.98 52.44
C GLU HA 128 -40.98 21.70 52.17
N ASP HA 129 -41.18 22.19 50.94
CA ASP HA 129 -42.45 22.76 50.52
C ASP HA 129 -43.20 21.73 49.71
N PRO HA 130 -44.38 21.28 50.15
CA PRO HA 130 -45.07 20.18 49.47
C PRO HA 130 -45.67 20.54 48.12
N ASP HA 131 -45.43 21.78 47.66
CA ASP HA 131 -46.00 22.24 46.41
C ASP HA 131 -44.97 22.57 45.34
N HIS HA 132 -43.68 22.59 45.68
CA HIS HA 132 -42.65 22.77 44.66
C HIS HA 132 -42.63 21.59 43.71
N TYR HA 133 -42.35 21.86 42.44
CA TYR HA 133 -42.38 20.80 41.44
C TYR HA 133 -41.31 19.74 41.70
N GLN HA 134 -40.21 20.13 42.33
CA GLN HA 134 -39.15 19.17 42.62
C GLN HA 134 -39.62 18.10 43.61
N SER HA 135 -40.42 18.48 44.61
CA SER HA 135 -40.99 17.48 45.51
C SER HA 135 -41.93 16.52 44.77
N LYS HA 136 -42.76 17.06 43.87
CA LYS HA 136 -43.69 16.25 43.11
C LYS HA 136 -42.96 15.27 42.19
N VAL HA 137 -41.81 15.65 41.65
CA VAL HA 137 -41.08 14.71 40.81
C VAL HA 137 -40.26 13.73 41.65
N ALA HA 138 -39.77 14.16 42.82
CA ALA HA 138 -39.01 13.25 43.67
C ALA HA 138 -39.90 12.15 44.24
N ILE HA 139 -41.16 12.46 44.53
CA ILE HA 139 -42.07 11.42 45.02
C ILE HA 139 -42.26 10.33 43.97
N ASN HA 140 -42.35 10.71 42.69
CA ASN HA 140 -42.43 9.71 41.63
C ASN HA 140 -41.11 8.97 41.46
N MET HA 141 -39.99 9.67 41.61
CA MET HA 141 -38.68 9.02 41.46
C MET HA 141 -38.46 7.97 42.53
N ILE HA 142 -39.00 8.17 43.73
CA ILE HA 142 -38.89 7.14 44.77
C ILE HA 142 -39.54 5.84 44.32
N GLN HA 143 -40.77 5.93 43.79
CA GLN HA 143 -41.47 4.74 43.33
C GLN HA 143 -40.78 4.11 42.13
N MET HA 144 -40.26 4.94 41.21
CA MET HA 144 -39.54 4.39 40.07
C MET HA 144 -38.27 3.65 40.50
N ASN HA 145 -37.53 4.21 41.45
CA ASN HA 145 -36.37 3.54 42.01
C ASN HA 145 -36.73 2.24 42.71
N GLN HA 146 -37.88 2.20 43.38
CA GLN HA 146 -38.33 0.94 43.98
C GLN HA 146 -38.66 -0.11 42.93
N THR HA 147 -39.39 0.27 41.88
CA THR HA 147 -39.76 -0.70 40.85
C THR HA 147 -38.54 -1.19 40.07
N ILE HA 148 -37.53 -0.35 39.87
CA ILE HA 148 -36.32 -0.80 39.18
C ILE HA 148 -35.67 -1.94 39.95
N ASN HA 149 -35.53 -1.76 41.27
CA ASN HA 149 -34.89 -2.79 42.09
C ASN HA 149 -35.77 -4.03 42.24
N GLU HA 150 -37.10 -3.87 42.22
CA GLU HA 150 -37.99 -4.99 42.46
C GLU HA 150 -38.25 -5.85 41.23
N GLU HA 151 -38.58 -5.23 40.09
CA GLU HA 151 -39.07 -5.98 38.93
C GLU HA 151 -38.04 -6.11 37.82
N TRP HA 152 -36.85 -5.53 37.96
CA TRP HA 152 -35.81 -5.64 36.96
C TRP HA 152 -34.53 -6.19 37.56
N ALA HA 153 -34.69 -7.16 38.46
CA ALA HA 153 -33.53 -7.77 39.12
C ALA HA 153 -32.69 -8.61 38.18
N GLY HA 154 -33.24 -8.97 37.02
CA GLY HA 154 -32.46 -9.73 36.05
C GLY HA 154 -31.31 -8.96 35.45
N HIS HA 155 -31.40 -7.63 35.43
CA HIS HA 155 -30.33 -6.77 34.94
C HIS HA 155 -29.46 -6.22 36.06
N VAL HA 156 -30.07 -5.63 37.09
CA VAL HA 156 -29.29 -5.00 38.16
C VAL HA 156 -28.69 -5.99 39.13
N TYR HA 157 -29.24 -7.19 39.26
CA TYR HA 157 -28.67 -8.24 40.08
C TYR HA 157 -28.15 -9.39 39.22
N ALA HA 158 -27.52 -9.06 38.09
CA ALA HA 158 -27.12 -10.07 37.13
C ALA HA 158 -26.07 -11.01 37.72
N ASN HA 159 -24.99 -10.45 38.27
CA ASN HA 159 -23.90 -11.25 38.81
C ASN HA 159 -23.79 -11.21 40.32
N ALA HA 160 -24.29 -10.17 40.96
CA ALA HA 160 -24.23 -10.01 42.41
C ALA HA 160 -25.26 -8.95 42.80
N GLU HA 161 -25.35 -8.68 44.09
CA GLU HA 161 -26.28 -7.69 44.61
C GLU HA 161 -25.72 -6.30 44.35
N VAL HA 162 -26.16 -5.66 43.26
CA VAL HA 162 -25.78 -4.30 42.95
C VAL HA 162 -27.05 -3.54 42.54
N GLY HA 163 -27.63 -2.80 43.47
CA GLY HA 163 -28.87 -2.10 43.22
C GLY HA 163 -28.64 -0.73 42.61
N VAL HA 164 -29.65 0.13 42.77
CA VAL HA 164 -29.56 1.52 42.35
C VAL HA 164 -30.16 2.41 43.42
N THR HA 165 -29.56 3.58 43.61
CA THR HA 165 -30.12 4.61 44.47
C THR HA 165 -30.20 5.91 43.68
N CYS HA 166 -30.48 7.03 44.36
CA CYS HA 166 -30.39 8.32 43.69
C CYS HA 166 -28.98 8.59 43.20
N PHE HA 167 -27.98 8.10 43.93
CA PHE HA 167 -26.57 8.28 43.57
C PHE HA 167 -26.14 7.24 42.54
N THR HA 168 -26.90 7.09 41.47
CA THR HA 168 -26.48 6.28 40.33
C THR HA 168 -26.64 7.02 39.01
N CYS HA 169 -27.72 7.77 38.83
CA CYS HA 169 -27.85 8.71 37.73
C CYS HA 169 -27.52 10.13 38.16
N HIS HA 170 -27.98 10.54 39.33
CA HIS HA 170 -27.46 11.74 39.99
C HIS HA 170 -26.16 11.39 40.69
N ARG HA 171 -25.20 12.31 40.64
CA ARG HA 171 -23.96 12.16 41.38
C ARG HA 171 -23.63 13.47 42.09
N GLY HA 172 -24.62 14.03 42.78
CA GLY HA 172 -24.53 15.33 43.39
C GLY HA 172 -25.13 16.45 42.58
N GLN HA 173 -25.84 16.15 41.50
CA GLN HA 173 -26.40 17.14 40.61
C GLN HA 173 -27.92 17.01 40.57
N ALA HA 174 -28.58 18.08 40.16
CA ALA HA 174 -30.03 18.07 40.00
C ALA HA 174 -30.45 17.45 38.67
N VAL HA 175 -29.73 17.77 37.60
CA VAL HA 175 -29.97 17.17 36.29
C VAL HA 175 -28.91 16.09 36.06
N PRO HA 176 -29.29 14.82 35.95
CA PRO HA 176 -28.28 13.76 35.77
C PRO HA 176 -27.48 13.96 34.49
N SER HA 177 -26.21 13.57 34.55
CA SER HA 177 -25.36 13.65 33.38
C SER HA 177 -25.77 12.62 32.33
N GLU HA 178 -25.38 12.89 31.08
CA GLU HA 178 -25.58 11.99 29.95
C GLU HA 178 -27.07 11.74 29.67
N VAL HA 179 -27.84 12.82 29.54
CA VAL HA 179 -29.20 12.74 29.05
C VAL HA 179 -29.23 13.25 27.62
N TRP HA 180 -30.26 12.87 26.87
CA TRP HA 180 -30.28 13.13 25.44
C TRP HA 180 -31.64 13.70 25.03
N TYR HA 181 -31.69 14.35 23.87
CA TYR HA 181 -32.92 14.94 23.33
C TYR HA 181 -33.02 14.61 21.86
N ARG HA 182 -34.14 14.88 21.21
CA ARG HA 182 -34.21 14.70 19.77
C ARG HA 182 -33.62 15.87 19.00
N ILE HA 183 -32.75 15.59 18.04
CA ILE HA 183 -32.10 16.64 17.25
C ILE HA 183 -32.11 16.26 15.79
N ASP HA 184 -33.11 15.57 15.29
CA ASP HA 184 -33.07 14.94 13.94
C ASP HA 184 -32.84 15.50 12.60
N PRO HA 185 -33.48 16.61 12.23
CA PRO HA 185 -33.06 17.14 10.91
C PRO HA 185 -31.72 17.77 11.21
N VAL HA 186 -30.61 17.10 10.91
CA VAL HA 186 -29.29 17.58 11.29
C VAL HA 186 -28.60 18.43 10.26
N THR HA 187 -29.21 18.61 9.09
CA THR HA 187 -28.66 19.39 8.03
C THR HA 187 -29.83 20.13 7.43
N GLU HA 188 -29.57 21.07 6.53
CA GLU HA 188 -30.61 21.80 5.88
C GLU HA 188 -30.72 21.36 4.45
N ASN HA 189 -31.83 21.60 3.81
CA ASN HA 189 -32.03 21.24 2.40
C ASN HA 189 -31.90 19.74 2.12
N THR HA 190 -32.51 18.87 2.94
CA THR HA 190 -32.37 17.40 2.83
C THR HA 190 -33.69 16.83 3.32
N SER HA 191 -34.08 15.60 2.92
CA SER HA 191 -35.40 15.08 3.29
C SER HA 191 -35.61 13.67 3.87
N GLY HA 192 -34.85 12.66 3.51
CA GLY HA 192 -35.13 11.36 4.09
C GLY HA 192 -34.03 10.77 4.92
N TRP HA 193 -33.26 9.85 4.36
CA TRP HA 193 -32.12 9.31 5.05
C TRP HA 193 -31.02 10.34 4.95
N ALA HA 194 -31.20 11.37 4.14
CA ALA HA 194 -30.25 12.46 3.98
C ALA HA 194 -30.32 13.47 5.08
N SER HA 195 -31.39 13.46 5.85
CA SER HA 195 -31.58 14.38 6.96
C SER HA 195 -31.10 13.96 8.32
N VAL HA 196 -30.44 12.81 8.50
CA VAL HA 196 -30.15 12.28 9.81
C VAL HA 196 -28.68 11.90 10.01
N GLN HA 197 -27.88 11.84 8.96
CA GLN HA 197 -26.61 11.15 9.25
C GLN HA 197 -25.35 11.95 8.96
N ASN HA 198 -25.26 12.62 7.80
CA ASN HA 198 -23.95 13.04 7.29
C ASN HA 198 -23.47 14.31 8.00
N ARG HA 199 -23.11 14.14 9.27
CA ARG HA 199 -22.63 15.23 10.10
C ARG HA 199 -22.09 14.66 11.41
N ALA HA 200 -21.05 15.28 11.94
CA ALA HA 200 -20.51 14.91 13.25
C ALA HA 200 -21.25 15.69 14.32
N THR HA 201 -22.08 15.01 15.09
CA THR HA 201 -22.94 15.62 16.10
C THR HA 201 -22.64 15.03 17.48
N SER HA 202 -23.42 15.43 18.47
CA SER HA 202 -23.25 15.00 19.85
C SER HA 202 -23.92 13.66 20.13
N LEU HA 203 -24.72 13.15 19.20
CA LEU HA 203 -25.34 11.85 19.35
C LEU HA 203 -24.71 10.78 18.49
N SER HA 204 -24.13 11.14 17.34
CA SER HA 204 -23.25 10.24 16.63
C SER HA 204 -21.92 10.17 17.36
N GLN HA 205 -21.30 9.01 17.34
CA GLN HA 205 -20.09 8.75 18.11
C GLN HA 205 -18.84 9.03 17.27
N PHE HA 206 -18.64 10.31 16.98
CA PHE HA 206 -17.53 10.84 16.18
C PHE HA 206 -17.54 10.33 14.74
N THR HA 207 -18.63 9.74 14.28
CA THR HA 207 -18.76 9.24 12.93
C THR HA 207 -19.83 10.04 12.17
N SER HA 208 -20.07 9.64 10.93
CA SER HA 208 -21.13 10.19 10.12
C SER HA 208 -22.35 9.28 10.06
N LEU HA 209 -22.41 8.28 10.94
CA LEU HA 209 -23.56 7.39 11.01
C LEU HA 209 -24.77 8.15 11.53
N PRO HA 210 -25.98 7.64 11.29
CA PRO HA 210 -27.19 8.38 11.67
C PRO HA 210 -27.23 8.72 13.15
N SER HA 211 -27.67 9.95 13.44
CA SER HA 211 -27.96 10.39 14.80
C SER HA 211 -29.43 10.20 15.14
N ASP HA 212 -30.12 9.34 14.39
CA ASP HA 212 -31.51 9.02 14.61
C ASP HA 212 -31.72 7.90 15.61
N ALA HA 213 -30.68 7.10 15.87
CA ALA HA 213 -30.77 6.04 16.87
C ALA HA 213 -30.94 6.64 18.26
N LEU HA 214 -31.34 5.79 19.19
CA LEU HA 214 -31.77 6.08 20.56
C LEU HA 214 -33.16 6.69 20.58
N TYR HA 215 -33.72 7.07 19.44
CA TYR HA 215 -35.08 7.59 19.34
C TYR HA 215 -36.01 6.63 18.64
N GLN HA 216 -35.52 5.92 17.63
CA GLN HA 216 -36.27 4.87 16.97
C GLN HA 216 -36.13 3.51 17.67
N TYR HA 217 -35.15 3.37 18.55
CA TYR HA 217 -34.85 2.09 19.19
C TYR HA 217 -35.13 2.07 20.68
N LEU HA 218 -34.70 3.10 21.42
CA LEU HA 218 -34.87 3.13 22.87
C LEU HA 218 -36.02 4.00 23.33
N LEU HA 219 -36.68 4.70 22.42
CA LEU HA 219 -37.89 5.46 22.72
C LEU HA 219 -39.11 4.91 21.98
N ASN HA 220 -38.95 4.54 20.71
CA ASN HA 220 -39.94 3.79 19.97
C ASN HA 220 -39.48 2.34 19.87
N TYR HA 221 -40.26 1.51 19.19
CA TYR HA 221 -39.99 0.08 19.07
C TYR HA 221 -39.82 -0.28 17.60
N GLU HA 222 -38.60 -0.13 17.10
CA GLU HA 222 -38.26 -0.53 15.75
C GLU HA 222 -37.32 -1.74 15.78
N GLN HA 223 -37.29 -2.47 14.67
CA GLN HA 223 -36.50 -3.69 14.57
C GLN HA 223 -35.02 -3.36 14.48
N ILE HA 224 -34.20 -4.03 15.29
CA ILE HA 224 -32.77 -3.85 15.24
C ILE HA 224 -32.08 -4.91 14.37
N ALA HA 225 -32.65 -6.10 14.26
CA ALA HA 225 -32.04 -7.16 13.46
C ALA HA 225 -32.17 -6.88 11.97
N VAL HA 226 -31.13 -7.22 11.21
CA VAL HA 226 -31.09 -6.92 9.78
C VAL HA 226 -30.75 -8.16 8.96
N HIS HA 227 -30.19 -9.18 9.62
CA HIS HA 227 -29.63 -10.33 8.91
C HIS HA 227 -30.70 -11.23 8.32
N ASP HA 228 -30.40 -11.78 7.14
CA ASP HA 228 -31.21 -12.87 6.58
C ASP HA 228 -30.76 -14.20 7.18
N LEU HA 229 -31.74 -15.02 7.58
CA LEU HA 229 -31.47 -16.27 8.27
C LEU HA 229 -31.45 -17.47 7.33
N GLU HA 230 -31.12 -17.25 6.07
CA GLU HA 230 -30.92 -18.32 5.12
C GLU HA 230 -29.83 -17.90 4.13
N SER HA 231 -29.16 -18.88 3.54
CA SER HA 231 -28.11 -18.58 2.58
C SER HA 231 -28.67 -17.89 1.34
N ARG HA 232 -29.83 -18.32 0.86
CA ARG HA 232 -30.49 -17.71 -0.29
C ARG HA 232 -31.95 -17.48 0.06
N VAL HA 233 -32.41 -16.23 -0.04
CA VAL HA 233 -33.80 -15.87 0.18
C VAL HA 233 -34.27 -15.01 -0.98
N GLU HA 234 -35.59 -14.91 -1.13
CA GLU HA 234 -36.17 -14.02 -2.12
C GLU HA 234 -36.41 -12.64 -1.48
N THR HA 235 -35.68 -11.63 -1.96
CA THR HA 235 -35.75 -10.31 -1.38
C THR HA 235 -37.05 -9.61 -1.79
N LEU HA 236 -37.78 -9.09 -0.81
CA LEU HA 236 -39.03 -8.41 -1.02
C LEU HA 236 -38.91 -6.92 -0.69
N PRO HA 237 -39.76 -6.08 -1.26
CA PRO HA 237 -39.79 -4.67 -0.85
C PRO HA 237 -40.27 -4.57 0.59
N GLY HA 238 -39.57 -3.77 1.39
CA GLY HA 238 -39.84 -3.64 2.81
C GLY HA 238 -38.89 -4.40 3.70
N ASP HA 239 -37.98 -5.18 3.13
CA ASP HA 239 -36.97 -5.89 3.92
C ASP HA 239 -35.85 -4.93 4.33
N PRO HA 240 -35.13 -5.26 5.40
CA PRO HA 240 -34.03 -4.40 5.84
C PRO HA 240 -32.96 -4.22 4.78
N THR HA 241 -32.36 -3.03 4.76
CA THR HA 241 -31.30 -2.69 3.83
C THR HA 241 -30.07 -2.27 4.62
N TRP HA 242 -29.04 -1.79 3.90
CA TRP HA 242 -27.82 -1.33 4.56
C TRP HA 242 -28.03 0.00 5.29
N GLN HA 243 -29.04 0.77 4.89
CA GLN HA 243 -29.38 1.98 5.61
C GLN HA 243 -29.84 1.69 7.03
N ASN HA 244 -30.64 0.64 7.23
CA ASN HA 244 -31.00 0.21 8.58
C ASN HA 244 -29.80 -0.35 9.33
N THR HA 245 -28.90 -1.03 8.62
CA THR HA 245 -27.69 -1.54 9.23
C THR HA 245 -26.82 -0.42 9.79
N GLU HA 246 -26.78 0.73 9.12
CA GLU HA 246 -26.00 1.84 9.65
C GLU HA 246 -26.61 2.42 10.94
N ARG HA 247 -27.94 2.46 11.05
CA ARG HA 247 -28.56 2.90 12.29
C ARG HA 247 -28.29 1.92 13.43
N THR HA 248 -28.35 0.61 13.15
CA THR HA 248 -27.97 -0.37 14.15
C THR HA 248 -26.51 -0.21 14.55
N TYR HA 249 -25.62 0.07 13.62
CA TYR HA 249 -24.22 0.33 13.91
C TYR HA 249 -24.02 1.55 14.77
N SER HA 250 -24.80 2.59 14.56
CA SER HA 250 -24.73 3.74 15.44
C SER HA 250 -25.15 3.38 16.86
N LEU HA 251 -26.25 2.62 17.00
CA LEU HA 251 -26.67 2.19 18.33
C LEU HA 251 -25.61 1.34 19.01
N MET HA 252 -24.92 0.48 18.26
CA MET HA 252 -23.92 -0.39 18.86
C MET HA 252 -22.67 0.38 19.24
N ASN HA 253 -22.29 1.39 18.45
CA ASN HA 253 -21.23 2.29 18.88
C ASN HA 253 -21.59 3.00 20.17
N TYR HA 254 -22.86 3.42 20.31
CA TYR HA 254 -23.29 4.01 21.57
C TYR HA 254 -23.16 3.00 22.72
N PHE HA 255 -23.55 1.74 22.50
CA PHE HA 255 -23.40 0.72 23.52
C PHE HA 255 -21.94 0.60 23.98
N SER HA 256 -21.03 0.46 23.02
CA SER HA 256 -19.62 0.29 23.35
C SER HA 256 -19.05 1.49 24.09
N ASN HA 257 -19.39 2.70 23.64
CA ASN HA 257 -18.87 3.88 24.33
C ASN HA 257 -19.53 4.10 25.69
N SER HA 258 -20.74 3.60 25.89
CA SER HA 258 -21.41 3.71 27.18
C SER HA 258 -20.86 2.75 28.21
N LEU HA 259 -20.43 1.55 27.80
CA LEU HA 259 -19.87 0.60 28.76
C LEU HA 259 -18.35 0.64 28.83
N GLY HA 260 -17.68 1.38 27.95
CA GLY HA 260 -16.24 1.37 27.94
C GLY HA 260 -15.61 0.11 27.39
N ARG HA 261 -16.35 -0.67 26.63
CA ARG HA 261 -15.90 -1.94 26.07
C ARG HA 261 -15.90 -1.83 24.54
N ASN HA 262 -15.68 -2.97 23.87
CA ASN HA 262 -15.67 -2.98 22.42
C ASN HA 262 -16.65 -4.01 21.85
N CYS HA 263 -16.58 -4.22 20.54
CA CYS HA 263 -17.57 -5.07 19.87
C CYS HA 263 -17.43 -6.53 20.26
N VAL HA 264 -16.19 -7.05 20.34
CA VAL HA 264 -15.99 -8.46 20.67
C VAL HA 264 -16.37 -8.78 22.10
N PHE HA 265 -16.58 -7.76 22.94
CA PHE HA 265 -17.34 -7.90 24.16
C PHE HA 265 -18.80 -8.08 23.75
N CYS HA 266 -19.36 -9.25 24.02
CA CYS HA 266 -20.72 -9.70 23.70
C CYS HA 266 -20.91 -10.20 22.26
N HIS HA 267 -19.89 -10.17 21.41
CA HIS HA 267 -20.08 -10.60 20.02
C HIS HA 267 -18.88 -11.37 19.51
N ASN HA 268 -19.15 -12.29 18.58
CA ASN HA 268 -18.16 -12.84 17.67
C ASN HA 268 -18.45 -12.25 16.30
N SER HA 269 -17.52 -11.43 15.79
CA SER HA 269 -17.82 -10.57 14.66
C SER HA 269 -17.96 -11.31 13.34
N ARG HA 270 -17.56 -12.59 13.27
CA ARG HA 270 -17.77 -13.34 12.03
C ARG HA 270 -19.24 -13.67 11.80
N ALA HA 271 -20.05 -13.64 12.85
CA ALA HA 271 -21.51 -13.85 12.72
C ALA HA 271 -22.18 -13.04 13.83
N PHE HA 272 -22.62 -11.82 13.47
CA PHE HA 272 -23.29 -10.95 14.43
C PHE HA 272 -24.69 -11.45 14.79
N TYR HA 273 -25.26 -12.33 13.98
CA TYR HA 273 -26.63 -12.79 14.14
C TYR HA 273 -26.76 -14.08 14.95
N ASP HA 274 -25.71 -14.88 15.02
CA ASP HA 274 -25.84 -16.26 15.48
C ASP HA 274 -25.95 -16.31 17.00
N PRO HA 275 -27.06 -16.81 17.56
CA PRO HA 275 -27.18 -16.88 19.02
C PRO HA 275 -26.22 -17.86 19.67
N ALA HA 276 -25.64 -18.79 18.92
CA ALA HA 276 -24.72 -19.77 19.47
C ALA HA 276 -23.30 -19.24 19.64
N GLN HA 277 -23.03 -18.02 19.18
CA GLN HA 277 -21.68 -17.44 19.27
C GLN HA 277 -21.67 -16.14 20.07
N HIS HA 278 -22.72 -15.89 20.87
CA HIS HA 278 -22.75 -14.73 21.76
C HIS HA 278 -22.19 -15.10 23.13
N THR HA 279 -21.70 -14.09 23.84
CA THR HA 279 -21.26 -14.23 25.22
C THR HA 279 -22.42 -14.01 26.18
N PRO HA 280 -22.30 -14.44 27.44
CA PRO HA 280 -23.42 -14.28 28.38
C PRO HA 280 -23.82 -12.84 28.66
N GLN HA 281 -22.97 -11.85 28.37
CA GLN HA 281 -23.33 -10.45 28.59
C GLN HA 281 -24.35 -9.94 27.57
N TRP HA 282 -24.46 -10.61 26.42
CA TRP HA 282 -25.43 -10.24 25.40
C TRP HA 282 -26.86 -10.35 25.93
N ALA HA 283 -27.16 -11.37 26.73
CA ALA HA 283 -28.50 -11.54 27.28
C ALA HA 283 -28.86 -10.44 28.28
N THR HA 284 -27.94 -10.06 29.17
CA THR HA 284 -28.25 -8.98 30.10
C THR HA 284 -28.36 -7.63 29.40
N ALA HA 285 -27.59 -7.42 28.33
CA ALA HA 285 -27.82 -6.23 27.51
C ALA HA 285 -29.19 -6.25 26.85
N MET HA 286 -29.64 -7.43 26.39
CA MET HA 286 -30.97 -7.54 25.80
C MET HA 286 -32.05 -7.21 26.82
N LEU HA 287 -31.87 -7.64 28.06
CA LEU HA 287 -32.79 -7.25 29.13
C LEU HA 287 -32.75 -5.74 29.38
N GLY HA 288 -31.55 -5.16 29.38
CA GLY HA 288 -31.42 -3.72 29.59
C GLY HA 288 -32.09 -2.88 28.53
N ILE HA 289 -32.14 -3.37 27.28
CA ILE HA 289 -32.87 -2.65 26.24
C ILE HA 289 -34.34 -2.47 26.63
N SER HA 290 -34.99 -3.56 27.04
CA SER HA 290 -36.39 -3.47 27.44
C SER HA 290 -36.57 -2.64 28.70
N MET HA 291 -35.63 -2.73 29.65
CA MET HA 291 -35.75 -1.91 30.85
C MET HA 291 -35.67 -0.42 30.51
N VAL HA 292 -34.77 -0.04 29.61
CA VAL HA 292 -34.68 1.36 29.19
C VAL HA 292 -35.94 1.79 28.46
N GLN HA 293 -36.45 0.95 27.55
CA GLN HA 293 -37.68 1.30 26.84
C GLN HA 293 -38.86 1.48 27.78
N GLU HA 294 -38.97 0.67 28.83
CA GLU HA 294 -40.03 0.84 29.81
C GLU HA 294 -39.84 2.08 30.68
N LEU HA 295 -38.61 2.35 31.15
CA LEU HA 295 -38.37 3.51 31.98
C LEU HA 295 -38.65 4.81 31.24
N ASN HA 296 -38.29 4.90 29.96
CA ASN HA 296 -38.53 6.12 29.22
C ASN HA 296 -40.02 6.36 28.98
N ASN HA 297 -40.75 5.32 28.57
CA ASN HA 297 -42.13 5.50 28.14
C ASN HA 297 -43.12 5.53 29.30
N GLU HA 298 -42.79 4.93 30.44
CA GLU HA 298 -43.75 4.81 31.53
C GLU HA 298 -43.48 5.74 32.71
N TRP HA 299 -42.23 6.12 32.96
CA TRP HA 299 -41.88 6.88 34.15
C TRP HA 299 -41.29 8.25 33.83
N ILE HA 300 -40.32 8.31 32.92
CA ILE HA 300 -39.51 9.52 32.79
C ILE HA 300 -40.24 10.59 31.97
N VAL HA 301 -40.79 10.21 30.83
CA VAL HA 301 -41.51 11.17 29.98
C VAL HA 301 -42.79 11.67 30.66
N PRO HA 302 -43.66 10.80 31.21
CA PRO HA 302 -44.93 11.32 31.76
C PRO HA 302 -44.77 12.41 32.81
N ILE HA 303 -43.76 12.32 33.67
CA ILE HA 303 -43.46 13.37 34.62
C ILE HA 303 -42.34 14.22 34.03
N GLY HA 304 -42.58 15.52 33.94
CA GLY HA 304 -41.70 16.38 33.15
C GLY HA 304 -42.51 17.05 32.07
N GLU HA 305 -43.43 16.30 31.48
CA GLU HA 305 -44.50 16.90 30.70
C GLU HA 305 -45.59 17.49 31.58
N ALA HA 306 -45.50 17.26 32.90
CA ALA HA 306 -46.47 17.78 33.85
C ALA HA 306 -45.88 18.73 34.88
N HIS HA 307 -44.57 18.71 35.11
CA HIS HA 307 -43.97 19.51 36.17
C HIS HA 307 -42.72 20.28 35.77
N LEU HA 308 -41.95 19.82 34.80
CA LEU HA 308 -40.67 20.45 34.48
C LEU HA 308 -40.74 21.83 33.88
N PRO HA 309 -39.96 22.78 34.42
CA PRO HA 309 -39.98 24.16 33.94
C PRO HA 309 -39.46 24.34 32.51
N PRO HA 310 -39.87 25.42 31.81
CA PRO HA 310 -39.47 25.63 30.40
C PRO HA 310 -38.00 25.62 30.08
N GLU HA 311 -37.15 25.82 31.07
CA GLU HA 311 -35.71 25.80 30.86
C GLU HA 311 -35.02 24.46 30.96
N ARG HA 312 -35.75 23.37 30.76
CA ARG HA 312 -35.17 22.07 30.80
C ARG HA 312 -35.71 21.33 29.61
N LEU HA 313 -36.08 22.02 28.52
CA LEU HA 313 -36.83 21.34 27.47
C LEU HA 313 -36.06 21.23 26.15
N GLY HA 314 -34.75 21.44 26.16
CA GLY HA 314 -33.94 21.10 25.01
C GLY HA 314 -34.08 22.03 23.83
N PRO HA 315 -33.13 21.94 22.90
CA PRO HA 315 -33.09 22.91 21.77
C PRO HA 315 -34.29 22.85 20.84
N VAL HA 316 -34.58 21.70 20.25
CA VAL HA 316 -35.63 21.56 19.25
C VAL HA 316 -36.73 20.67 19.80
N TYR HA 317 -37.96 20.92 19.37
CA TYR HA 317 -39.19 20.20 19.69
C TYR HA 317 -39.66 20.47 21.11
N ASN HA 318 -38.91 21.22 21.93
CA ASN HA 318 -39.20 21.38 23.35
C ASN HA 318 -39.35 20.01 24.02
N ASP HA 319 -38.35 19.17 23.80
CA ASP HA 319 -38.39 17.78 24.25
C ASP HA 319 -38.13 17.68 25.74
N VAL HA 320 -38.80 16.71 26.37
CA VAL HA 320 -38.48 16.30 27.73
C VAL HA 320 -37.23 15.43 27.67
N PRO HA 321 -36.23 15.66 28.53
CA PRO HA 321 -35.02 14.84 28.47
C PRO HA 321 -35.29 13.40 28.83
N LYS HA 322 -34.47 12.51 28.24
CA LYS HA 322 -34.65 11.09 28.40
C LYS HA 322 -33.38 10.42 28.84
N LEU HA 323 -33.43 9.14 29.17
CA LEU HA 323 -32.28 8.40 29.67
C LEU HA 323 -31.96 7.23 28.75
N ALA HA 324 -30.75 6.72 28.89
CA ALA HA 324 -30.25 5.59 28.12
C ALA HA 324 -29.25 4.84 28.98
N CYS HA 325 -28.41 4.01 28.36
CA CYS HA 325 -27.51 3.15 29.11
C CYS HA 325 -26.43 3.95 29.84
N LYS HA 326 -25.89 5.05 29.31
CA LYS HA 326 -24.79 5.83 29.94
C LYS HA 326 -25.20 6.74 31.07
N THR HA 327 -26.48 6.92 31.26
CA THR HA 327 -26.95 7.74 32.34
C THR HA 327 -26.63 7.10 33.65
N CYS HA 328 -26.43 5.80 33.65
CA CYS HA 328 -26.03 5.10 34.85
C CYS HA 328 -24.70 4.43 34.93
N HIS HA 329 -24.12 4.06 33.81
CA HIS HA 329 -22.84 3.38 33.78
C HIS HA 329 -21.71 4.35 33.73
N LYS HA 330 -21.82 5.39 32.92
CA LYS HA 330 -20.82 6.47 32.80
C LYS HA 330 -19.48 6.10 32.22
N GLY HA 331 -19.44 5.21 31.22
CA GLY HA 331 -18.20 4.73 30.65
C GLY HA 331 -17.55 3.63 31.47
N TYR HA 332 -18.31 3.00 32.36
CA TYR HA 332 -17.81 1.89 33.17
C TYR HA 332 -18.58 0.61 32.95
N GLN HA 333 -17.97 -0.55 33.17
CA GLN HA 333 -18.61 -1.85 32.89
C GLN HA 333 -19.77 -2.11 33.79
N GLN HA 334 -19.64 -1.75 35.04
CA GLN HA 334 -20.73 -1.84 35.96
C GLN HA 334 -20.88 -0.43 36.60
N PRO HA 335 -22.12 0.07 36.94
CA PRO HA 335 -22.25 1.33 37.68
C PRO HA 335 -21.46 1.28 38.97
N LEU HA 336 -20.70 2.35 39.23
CA LEU HA 336 -19.80 2.46 40.38
C LEU HA 336 -18.90 1.24 40.50
N GLN HA 337 -18.62 0.59 39.37
CA GLN HA 337 -17.80 -0.62 39.30
C GLN HA 337 -18.30 -1.70 40.25
N GLY HA 338 -19.62 -1.81 40.42
CA GLY HA 338 -20.22 -2.91 41.13
C GLY HA 338 -20.42 -2.72 42.62
N LEU HA 339 -20.37 -1.49 43.13
CA LEU HA 339 -20.58 -1.24 44.55
C LEU HA 339 -21.96 -1.71 44.98
N ASN HA 340 -22.04 -2.38 46.13
CA ASN HA 340 -23.31 -2.73 46.74
C ASN HA 340 -23.90 -1.49 47.40
N VAL HA 341 -24.90 -0.90 46.76
CA VAL HA 341 -25.49 0.35 47.22
C VAL HA 341 -26.90 0.17 47.74
N VAL HA 342 -27.42 -1.06 47.74
CA VAL HA 342 -28.82 -1.32 48.11
C VAL HA 342 -28.94 -2.06 49.43
N ALA HA 343 -27.83 -2.53 49.99
CA ALA HA 343 -27.89 -3.24 51.26
C ALA HA 343 -28.21 -2.32 52.43
N ASP HA 344 -27.75 -1.07 52.39
CA ASP HA 344 -27.97 -0.13 53.47
C ASP HA 344 -29.29 0.62 53.36
N TRP HA 345 -30.03 0.45 52.27
CA TRP HA 345 -31.26 1.19 52.03
C TRP HA 345 -32.37 0.22 51.62
N PRO HA 346 -32.90 -0.55 52.57
CA PRO HA 346 -34.01 -1.46 52.26
C PRO HA 346 -35.29 -0.74 51.85
N GLU HA 347 -35.41 0.56 52.14
CA GLU HA 347 -36.60 1.31 51.80
C GLU HA 347 -36.70 1.59 50.31
N LEU HA 348 -35.59 1.59 49.58
CA LEU HA 348 -35.58 1.79 48.14
C LEU HA 348 -35.46 0.49 47.36
N ALA HA 349 -35.59 -0.65 48.05
CA ALA HA 349 -35.39 -1.95 47.42
C ALA HA 349 -36.69 -2.66 47.05
N THR HA 350 -37.80 -2.36 47.70
CA THR HA 350 -39.05 -3.02 47.42
C THR HA 350 -40.17 -1.98 47.38
N THR HA 351 -41.21 -2.30 46.62
CA THR HA 351 -42.42 -1.50 46.56
C THR HA 351 -43.27 -1.64 47.81
N GLU HA 352 -43.26 -2.81 48.44
CA GLU HA 352 -44.04 -3.05 49.65
C GLU HA 352 -43.31 -2.52 50.87
N GLY HA 353 -43.77 -2.86 52.06
CA GLY HA 353 -43.18 -2.37 53.29
C GLY HA 353 -41.73 -2.77 53.43
N PRO HA 354 -40.92 -1.87 53.99
CA PRO HA 354 -39.47 -2.12 54.08
C PRO HA 354 -39.17 -3.31 54.98
N PHE HA 355 -38.49 -4.30 54.43
CA PHE HA 355 -38.13 -5.51 55.16
C PHE HA 355 -36.77 -5.31 55.80
N TYR HA 356 -36.73 -5.20 57.13
CA TYR HA 356 -35.51 -4.95 57.88
C TYR HA 356 -34.92 -6.22 58.47
N ASP HA 357 -35.35 -7.39 58.03
CA ASP HA 357 -34.85 -8.66 58.54
C ASP HA 357 -33.36 -8.81 58.29
N GLU IA 1 -33.59 -17.90 -4.45
CA GLU IA 1 -33.01 -18.49 -5.65
C GLU IA 1 -32.80 -19.99 -5.47
N GLU IA 2 -32.92 -20.74 -6.56
CA GLU IA 2 -32.88 -22.20 -6.52
C GLU IA 2 -31.52 -22.72 -6.95
N THR IA 3 -31.32 -24.02 -6.75
CA THR IA 3 -30.11 -24.71 -7.14
C THR IA 3 -30.38 -25.64 -8.30
N PHE IA 4 -29.34 -25.89 -9.10
CA PHE IA 4 -29.47 -26.80 -10.23
C PHE IA 4 -29.51 -28.25 -9.76
N PHE IA 5 -28.65 -28.62 -8.82
CA PHE IA 5 -28.63 -29.96 -8.25
C PHE IA 5 -27.80 -29.91 -6.97
N GLY IA 6 -28.27 -30.62 -5.94
CA GLY IA 6 -27.56 -30.64 -4.67
C GLY IA 6 -27.45 -29.25 -4.08
N ASN IA 7 -26.22 -28.78 -3.92
CA ASN IA 7 -25.94 -27.43 -3.44
C ASN IA 7 -25.42 -26.52 -4.54
N PHE IA 8 -25.51 -26.94 -5.80
CA PHE IA 8 -24.91 -26.21 -6.92
C PHE IA 8 -25.82 -25.08 -7.36
N ASP IA 9 -25.36 -23.84 -7.22
CA ASP IA 9 -26.11 -22.69 -7.69
C ASP IA 9 -25.26 -21.84 -8.63
N LEU IA 10 -25.73 -20.63 -8.95
CA LEU IA 10 -25.06 -19.79 -9.94
C LEU IA 10 -23.64 -19.42 -9.53
N ALA IA 11 -23.42 -19.18 -8.23
CA ALA IA 11 -22.10 -18.83 -7.75
C ALA IA 11 -21.11 -19.97 -7.97
N SER IA 12 -21.54 -21.21 -7.73
CA SER IA 12 -20.66 -22.36 -7.96
C SER IA 12 -20.30 -22.50 -9.43
N LEU IA 13 -21.27 -22.30 -10.32
CA LEU IA 13 -20.99 -22.37 -11.75
C LEU IA 13 -20.00 -21.31 -12.17
N SER IA 14 -20.17 -20.08 -11.67
CA SER IA 14 -19.23 -19.00 -11.97
C SER IA 14 -17.83 -19.35 -11.47
N LEU IA 15 -17.75 -19.90 -10.26
CA LEU IA 15 -16.45 -20.24 -9.68
C LEU IA 15 -15.73 -21.30 -10.50
N TRP IA 16 -16.43 -22.35 -10.93
CA TRP IA 16 -15.79 -23.39 -11.72
C TRP IA 16 -15.41 -22.89 -13.12
N LEU IA 17 -16.23 -22.03 -13.72
CA LEU IA 17 -15.86 -21.43 -14.99
C LEU IA 17 -14.59 -20.60 -14.87
N PHE IA 18 -14.46 -19.83 -13.78
CA PHE IA 18 -13.23 -19.09 -13.55
C PHE IA 18 -12.04 -20.01 -13.33
N TYR IA 19 -12.25 -21.15 -12.64
CA TYR IA 19 -11.17 -22.11 -12.47
C TYR IA 19 -10.64 -22.58 -13.82
N GLY IA 20 -11.53 -22.96 -14.73
CA GLY IA 20 -11.08 -23.41 -16.04
C GLY IA 20 -10.37 -22.32 -16.82
N PHE IA 21 -10.95 -21.11 -16.82
CA PHE IA 21 -10.30 -20.00 -17.53
C PHE IA 21 -8.91 -19.72 -16.98
N PHE IA 22 -8.76 -19.74 -15.65
CA PHE IA 22 -7.47 -19.46 -15.04
C PHE IA 22 -6.44 -20.53 -15.36
N ALA IA 23 -6.86 -21.81 -15.44
CA ALA IA 23 -5.92 -22.83 -15.87
C ALA IA 23 -5.43 -22.58 -17.29
N LEU IA 24 -6.34 -22.24 -18.21
CA LEU IA 24 -5.91 -21.94 -19.58
C LEU IA 24 -5.00 -20.70 -19.61
N LEU IA 25 -5.30 -19.70 -18.80
CA LEU IA 25 -4.47 -18.49 -18.77
C LEU IA 25 -3.07 -18.78 -18.25
N ILE IA 26 -2.96 -19.63 -17.22
CA ILE IA 26 -1.64 -20.01 -16.72
C ILE IA 26 -0.85 -20.73 -17.80
N TYR IA 27 -1.51 -21.64 -18.54
CA TYR IA 27 -0.82 -22.29 -19.64
C TYR IA 27 -0.31 -21.28 -20.67
N TYR IA 28 -1.16 -20.34 -21.07
CA TYR IA 28 -0.75 -19.33 -22.04
C TYR IA 28 0.42 -18.48 -21.54
N LEU IA 29 0.34 -18.04 -20.28
CA LEU IA 29 1.39 -17.18 -19.74
C LEU IA 29 2.72 -17.91 -19.66
N GLN IA 30 2.72 -19.16 -19.21
CA GLN IA 30 3.98 -19.89 -19.12
C GLN IA 30 4.55 -20.19 -20.51
N THR IA 31 3.69 -20.49 -21.48
CA THR IA 31 4.18 -20.77 -22.81
C THR IA 31 4.75 -19.51 -23.48
N GLU IA 32 4.17 -18.33 -23.21
CA GLU IA 32 4.63 -17.10 -23.83
C GLU IA 32 6.04 -16.70 -23.39
N ASN IA 33 6.50 -17.18 -22.24
CA ASN IA 33 7.79 -16.78 -21.69
C ASN IA 33 8.91 -17.75 -22.02
N MET IA 34 8.76 -18.54 -23.08
CA MET IA 34 9.76 -19.54 -23.46
C MET IA 34 10.32 -19.28 -24.84
N ARG IA 35 10.38 -18.01 -25.25
CA ARG IA 35 10.89 -17.64 -26.57
C ARG IA 35 12.38 -17.36 -26.57
N GLU IA 36 13.05 -17.44 -25.42
CA GLU IA 36 14.49 -17.25 -25.33
C GLU IA 36 15.09 -18.33 -24.45
N GLY IA 37 16.23 -18.88 -24.88
CA GLY IA 37 17.01 -19.80 -24.08
C GLY IA 37 16.68 -21.27 -24.22
N TYR IA 38 15.72 -21.63 -25.06
CA TYR IA 38 15.33 -23.02 -25.25
C TYR IA 38 15.72 -23.50 -26.64
N PRO IA 39 15.94 -24.82 -26.84
CA PRO IA 39 15.80 -25.93 -25.89
C PRO IA 39 16.91 -26.04 -24.85
N LEU IA 40 16.67 -26.77 -23.77
CA LEU IA 40 17.64 -26.89 -22.70
C LEU IA 40 18.82 -27.77 -23.12
N GLU IA 41 19.96 -27.53 -22.48
CA GLU IA 41 21.19 -28.25 -22.79
C GLU IA 41 21.83 -28.70 -21.49
N ASP IA 42 22.77 -29.65 -21.61
CA ASP IA 42 23.53 -30.11 -20.46
C ASP IA 42 24.84 -29.32 -20.37
N GLU IA 43 25.70 -29.72 -19.43
CA GLU IA 43 26.93 -28.98 -19.16
C GLU IA 43 28.02 -29.24 -20.19
N ASP IA 44 27.76 -30.08 -21.20
CA ASP IA 44 28.72 -30.34 -22.26
C ASP IA 44 28.26 -29.77 -23.60
N GLY IA 45 27.17 -29.01 -23.63
CA GLY IA 45 26.68 -28.41 -24.85
C GLY IA 45 25.72 -29.25 -25.66
N ASN IA 46 25.40 -30.45 -25.21
CA ASN IA 46 24.46 -31.31 -25.92
C ASN IA 46 23.04 -31.07 -25.42
N THR IA 47 22.08 -31.42 -26.28
CA THR IA 47 20.67 -31.29 -25.90
C THR IA 47 20.33 -32.24 -24.76
N ALA IA 48 19.62 -31.72 -23.77
CA ALA IA 48 19.30 -32.49 -22.57
C ALA IA 48 18.13 -33.44 -22.84
N ALA IA 49 18.12 -34.55 -22.10
CA ALA IA 49 17.05 -35.52 -22.24
C ALA IA 49 15.71 -34.94 -21.78
N ASN IA 50 15.73 -34.20 -20.68
CA ASN IA 50 14.52 -33.56 -20.16
C ASN IA 50 14.28 -32.17 -20.72
N GLN IA 51 13.08 -31.90 -21.16
CA GLN IA 51 12.75 -30.61 -21.71
C GLN IA 51 11.60 -29.95 -20.98
N GLY IA 52 11.17 -30.55 -19.87
CA GLY IA 52 10.03 -30.03 -19.15
C GLY IA 52 8.63 -30.39 -19.57
N PRO IA 53 7.64 -30.00 -18.77
CA PRO IA 53 6.23 -30.32 -19.06
C PRO IA 53 5.48 -29.49 -20.11
N PHE IA 54 5.97 -28.32 -20.48
CA PHE IA 54 5.28 -27.47 -21.43
C PHE IA 54 5.93 -27.52 -22.78
N PRO IA 55 5.11 -27.67 -23.87
CA PRO IA 55 5.77 -27.57 -25.17
C PRO IA 55 6.16 -26.13 -25.58
N LEU IA 56 6.99 -25.98 -26.59
CA LEU IA 56 7.48 -24.64 -27.03
C LEU IA 56 6.43 -23.82 -27.82
N PRO IA 57 6.48 -22.49 -27.78
CA PRO IA 57 5.44 -21.76 -28.52
C PRO IA 57 5.63 -21.71 -30.02
N LYS IA 58 4.62 -21.30 -30.78
CA LYS IA 58 4.77 -21.11 -32.22
C LYS IA 58 5.49 -19.81 -32.50
N GLU IA 59 5.73 -19.45 -33.74
CA GLU IA 59 6.53 -18.27 -34.01
C GLU IA 59 5.89 -16.91 -34.15
N LYS IA 60 6.55 -15.87 -33.66
CA LYS IA 60 6.08 -14.53 -33.85
C LYS IA 60 7.13 -13.76 -34.62
N THR IA 61 6.71 -12.75 -35.39
CA THR IA 61 7.65 -11.91 -36.11
C THR IA 61 7.59 -10.43 -35.69
N PHE IA 62 8.74 -9.78 -35.49
CA PHE IA 62 8.80 -8.35 -35.16
C PHE IA 62 9.38 -7.57 -36.34
N LYS IA 63 8.71 -6.55 -36.83
CA LYS IA 63 9.20 -5.69 -37.90
C LYS IA 63 9.95 -4.52 -37.26
N LEU IA 64 11.25 -4.47 -37.48
CA LEU IA 64 12.09 -3.47 -36.82
C LEU IA 64 12.11 -2.17 -37.63
N GLN IA 65 12.58 -1.10 -36.97
CA GLN IA 65 12.63 0.22 -37.56
C GLN IA 65 13.97 0.47 -38.24
N HIS IA 66 14.01 1.52 -39.06
CA HIS IA 66 15.21 1.99 -39.74
C HIS IA 66 15.82 0.96 -40.67
N GLY IA 67 15.00 0.06 -41.21
CA GLY IA 67 15.48 -0.97 -42.12
C GLY IA 67 16.41 -1.99 -41.50
N ARG IA 68 16.19 -2.37 -40.27
CA ARG IA 68 17.04 -3.39 -39.67
C ARG IA 68 16.56 -4.81 -39.99
N GLY IA 69 15.35 -4.99 -40.53
CA GLY IA 69 14.90 -6.30 -40.94
C GLY IA 69 13.76 -6.85 -40.13
N GLU IA 70 13.73 -8.17 -39.94
CA GLU IA 70 12.68 -8.84 -39.17
C GLU IA 70 13.32 -9.78 -38.15
N LEU IA 71 12.61 -10.01 -37.06
CA LEU IA 71 13.05 -10.91 -36.00
C LEU IA 71 11.98 -11.95 -35.74
N THR IA 72 12.34 -13.23 -35.83
CA THR IA 72 11.40 -14.31 -35.60
C THR IA 72 11.84 -15.11 -34.38
N LEU IA 73 10.91 -15.28 -33.44
CA LEU IA 73 11.19 -16.00 -32.20
C LEU IA 73 10.07 -16.98 -31.91
N PRO IA 74 10.37 -18.15 -31.35
CA PRO IA 74 11.71 -18.67 -30.99
C PRO IA 74 12.54 -19.07 -32.20
N GLY IA 75 13.85 -18.88 -32.12
CA GLY IA 75 14.74 -19.24 -33.20
C GLY IA 75 16.13 -19.61 -32.72
N GLU IA 76 17.13 -19.50 -33.59
CA GLU IA 76 18.49 -19.82 -33.22
C GLU IA 76 19.08 -18.72 -32.35
N ASP IA 77 20.05 -19.10 -31.52
CA ASP IA 77 20.73 -18.17 -30.62
C ASP IA 77 21.82 -17.44 -31.39
N VAL IA 78 21.59 -16.16 -31.70
CA VAL IA 78 22.56 -15.37 -32.44
C VAL IA 78 23.50 -14.59 -31.53
N GLN IA 79 23.25 -14.58 -30.22
CA GLN IA 79 24.09 -13.89 -29.26
C GLN IA 79 25.04 -14.83 -28.53
N ARG IA 80 25.32 -16.00 -29.11
CA ARG IA 80 26.11 -17.02 -28.45
C ARG IA 80 27.60 -16.71 -28.55
N ARG IA 81 28.32 -16.91 -27.45
CA ARG IA 81 29.77 -16.80 -27.45
C ARG IA 81 30.38 -18.08 -28.00
N ASP IA 82 31.57 -17.94 -28.58
CA ASP IA 82 32.18 -19.02 -29.36
C ASP IA 82 33.22 -19.82 -28.57
N ASN IA 83 34.26 -19.17 -28.07
CA ASN IA 83 35.37 -19.85 -27.40
C ASN IA 83 35.52 -19.26 -26.00
N LEU IA 84 34.94 -19.93 -25.01
CA LEU IA 84 35.02 -19.48 -23.63
C LEU IA 84 36.12 -20.24 -22.91
N ALA IA 85 36.99 -19.50 -22.22
CA ALA IA 85 38.10 -20.09 -21.48
C ALA IA 85 37.59 -20.55 -20.12
N LEU IA 86 36.92 -21.70 -20.13
CA LEU IA 86 36.34 -22.26 -18.92
C LEU IA 86 36.67 -23.75 -18.86
N ARG IA 87 36.66 -24.28 -17.64
CA ARG IA 87 37.03 -25.66 -17.38
C ARG IA 87 36.05 -26.27 -16.38
N LYS IA 88 35.61 -27.49 -16.66
CA LYS IA 88 34.73 -28.19 -15.72
C LYS IA 88 35.50 -28.64 -14.49
N THR IA 89 34.86 -28.53 -13.33
CA THR IA 89 35.41 -29.00 -12.07
C THR IA 89 34.83 -30.34 -11.64
N ALA IA 90 34.05 -30.99 -12.50
CA ALA IA 90 33.45 -32.27 -12.20
C ALA IA 90 33.11 -32.97 -13.50
N HIS IA 91 32.83 -34.27 -13.41
CA HIS IA 91 32.53 -35.07 -14.58
C HIS IA 91 31.05 -35.05 -14.96
N GLY IA 92 30.17 -34.76 -14.03
CA GLY IA 92 28.73 -34.71 -14.27
C GLY IA 92 28.20 -33.30 -14.39
N ASN IA 93 26.94 -33.12 -14.00
CA ASN IA 93 26.27 -31.84 -14.04
C ASN IA 93 26.06 -31.31 -12.62
N GLY IA 94 25.95 -29.99 -12.50
CA GLY IA 94 25.61 -29.34 -11.25
C GLY IA 94 26.75 -28.73 -10.48
N PHE IA 95 27.96 -28.72 -11.02
CA PHE IA 95 29.11 -28.15 -10.34
C PHE IA 95 29.65 -26.93 -11.08
N PRO IA 96 30.33 -26.03 -10.38
CA PRO IA 96 30.80 -24.78 -11.04
C PRO IA 96 31.93 -25.00 -12.02
N MET IA 97 32.30 -23.95 -12.75
CA MET IA 97 33.40 -23.97 -13.70
C MET IA 97 34.49 -23.01 -13.25
N GLU IA 98 35.71 -23.28 -13.71
CA GLU IA 98 36.89 -22.52 -13.35
C GLU IA 98 37.45 -21.79 -14.56
N PRO IA 99 37.83 -20.52 -14.43
CA PRO IA 99 38.49 -19.83 -15.54
C PRO IA 99 39.85 -20.44 -15.85
N THR IA 100 40.20 -20.42 -17.13
CA THR IA 100 41.49 -20.95 -17.57
C THR IA 100 42.60 -19.91 -17.49
N GLY IA 101 42.30 -18.65 -17.80
CA GLY IA 101 43.29 -17.59 -17.72
C GLY IA 101 42.84 -16.45 -16.83
N ASP IA 102 42.86 -15.23 -17.36
CA ASP IA 102 42.41 -14.06 -16.61
C ASP IA 102 40.91 -13.91 -16.80
N PRO IA 103 40.10 -14.05 -15.76
CA PRO IA 103 38.64 -13.94 -15.93
C PRO IA 103 38.18 -12.59 -16.41
N MET IA 104 38.85 -11.50 -16.00
CA MET IA 104 38.39 -10.18 -16.39
C MET IA 104 38.67 -9.89 -17.86
N LEU IA 105 39.81 -10.37 -18.38
CA LEU IA 105 40.14 -10.15 -19.77
C LEU IA 105 39.40 -11.11 -20.71
N ASP IA 106 38.99 -12.28 -20.21
CA ASP IA 106 38.33 -13.27 -21.03
C ASP IA 106 36.82 -13.14 -21.05
N GLY IA 107 36.25 -12.23 -20.25
CA GLY IA 107 34.82 -12.01 -20.27
C GLY IA 107 33.98 -13.19 -19.81
N VAL IA 108 34.32 -13.76 -18.66
CA VAL IA 108 33.59 -14.89 -18.11
C VAL IA 108 33.19 -14.57 -16.67
N GLY IA 109 32.17 -15.28 -16.19
CA GLY IA 109 31.63 -15.05 -14.87
C GLY IA 109 30.84 -13.76 -14.80
N PRO IA 110 31.01 -12.99 -13.71
CA PRO IA 110 30.35 -11.68 -13.63
C PRO IA 110 30.90 -10.66 -14.62
N ALA IA 111 31.92 -10.99 -15.40
CA ALA IA 111 32.45 -10.11 -16.43
C ALA IA 111 31.97 -10.51 -17.83
N SER IA 112 30.98 -11.40 -17.93
CA SER IA 112 30.54 -11.91 -19.22
C SER IA 112 29.70 -10.88 -19.96
N TRP IA 113 29.92 -10.80 -21.26
CA TRP IA 113 29.13 -9.97 -22.16
C TRP IA 113 28.44 -10.83 -23.20
N SER IA 114 27.35 -10.30 -23.75
CA SER IA 114 26.59 -10.97 -24.79
C SER IA 114 26.89 -10.34 -26.14
N LYS IA 115 26.96 -11.17 -27.18
CA LYS IA 115 27.33 -10.70 -28.53
C LYS IA 115 26.14 -9.98 -29.15
N ARG IA 116 26.05 -8.69 -28.88
CA ARG IA 116 25.00 -7.85 -29.44
C ARG IA 116 25.42 -7.34 -30.82
N ARG IA 117 24.51 -6.61 -31.46
CA ARG IA 117 24.79 -6.03 -32.77
C ARG IA 117 25.91 -5.00 -32.68
N ASP IA 118 26.73 -4.95 -33.73
CA ASP IA 118 27.86 -4.01 -33.77
C ASP IA 118 27.47 -2.69 -34.42
N VAL IA 119 26.37 -2.10 -33.94
CA VAL IA 119 25.90 -0.80 -34.41
C VAL IA 119 25.32 -0.03 -33.22
N PRO IA 120 25.38 1.29 -33.26
CA PRO IA 120 24.78 2.08 -32.18
C PRO IA 120 23.26 2.04 -32.21
N GLU IA 121 22.65 2.24 -31.05
CA GLU IA 121 21.21 2.37 -30.96
C GLU IA 121 20.78 3.74 -31.45
N LEU IA 122 19.69 3.77 -32.21
CA LEU IA 122 19.21 4.99 -32.84
C LEU IA 122 18.00 5.56 -32.10
N ASP IA 123 17.77 6.85 -32.29
CA ASP IA 123 16.59 7.54 -31.79
C ASP IA 123 15.54 7.61 -32.89
N ALA IA 124 14.50 8.41 -32.66
CA ALA IA 124 13.39 8.49 -33.60
C ALA IA 124 13.81 9.02 -34.96
N HIS IA 125 14.76 9.93 -35.02
CA HIS IA 125 15.21 10.52 -36.28
C HIS IA 125 16.27 9.68 -36.99
N GLY IA 126 16.75 8.60 -36.42
CA GLY IA 126 17.69 7.74 -37.09
C GLY IA 126 19.11 8.15 -36.80
N HIS IA 127 19.32 8.83 -35.68
CA HIS IA 127 20.63 9.32 -35.32
C HIS IA 127 21.16 8.52 -34.11
N PRO IA 128 22.50 8.40 -33.85
CA PRO IA 128 22.93 7.68 -32.65
C PRO IA 128 22.35 8.31 -31.40
N LYS IA 129 21.96 7.47 -30.44
CA LYS IA 129 21.20 7.91 -29.29
C LYS IA 129 22.07 8.54 -28.21
N ILE IA 130 23.31 8.07 -28.04
CA ILE IA 130 24.19 8.54 -26.98
C ILE IA 130 25.32 9.33 -27.61
N VAL IA 131 25.47 10.58 -27.20
CA VAL IA 131 26.39 11.52 -27.84
C VAL IA 131 27.22 12.23 -26.77
N PRO IA 132 28.52 12.46 -27.00
CA PRO IA 132 29.30 13.27 -26.04
C PRO IA 132 28.74 14.67 -25.92
N MET IA 133 28.81 15.28 -24.74
CA MET IA 133 28.19 16.60 -24.50
C MET IA 133 28.81 17.74 -25.26
N SER IA 134 30.04 17.57 -25.70
CA SER IA 134 30.74 18.60 -26.44
C SER IA 134 30.23 18.75 -27.84
N ALA IA 135 29.24 17.97 -28.23
CA ALA IA 135 28.71 17.98 -29.56
C ALA IA 135 27.20 17.97 -29.50
N ALA IA 136 26.63 18.34 -28.36
CA ALA IA 136 25.18 18.26 -28.21
C ALA IA 136 24.62 19.63 -28.04
N GLU IA 137 24.02 20.17 -29.08
CA GLU IA 137 23.55 21.54 -29.06
C GLU IA 137 22.52 21.94 -28.03
N GLY IA 138 22.90 22.76 -27.07
CA GLY IA 138 21.92 23.26 -26.13
C GLY IA 138 21.87 22.65 -24.76
N PHE IA 139 22.76 21.72 -24.46
CA PHE IA 139 22.69 21.04 -23.20
C PHE IA 139 23.62 21.62 -22.16
N GLY IA 140 23.18 21.71 -20.90
CA GLY IA 140 24.03 22.18 -19.83
C GLY IA 140 23.65 21.56 -18.50
N VAL IA 141 24.54 21.59 -17.53
CA VAL IA 141 24.23 21.10 -16.20
C VAL IA 141 23.26 22.03 -15.48
N SER IA 142 22.08 21.52 -15.15
CA SER IA 142 21.04 22.33 -14.52
C SER IA 142 20.89 22.08 -13.03
N ALA IA 143 21.42 20.97 -12.52
CA ALA IA 143 21.36 20.68 -11.09
C ALA IA 143 22.47 19.72 -10.74
N GLY IA 144 22.79 19.67 -9.45
CA GLY IA 144 23.84 18.79 -8.97
C GLY IA 144 25.22 19.37 -9.17
N THR IA 145 26.21 18.56 -8.83
CA THR IA 145 27.62 18.95 -8.95
C THR IA 145 28.18 18.45 -10.28
N ASP IA 146 28.82 19.35 -11.02
CA ASP IA 146 29.40 19.01 -12.31
C ASP IA 146 30.71 18.25 -12.09
N PRO IA 147 30.86 17.04 -12.63
CA PRO IA 147 32.08 16.27 -12.40
C PRO IA 147 33.22 16.56 -13.35
N ARG IA 148 33.03 17.40 -14.36
CA ARG IA 148 34.09 17.64 -15.34
C ARG IA 148 35.24 18.41 -14.70
N GLY IA 149 36.45 17.90 -14.89
CA GLY IA 149 37.65 18.49 -14.33
C GLY IA 149 38.11 17.89 -13.03
N LEU IA 150 37.29 17.08 -12.37
CA LEU IA 150 37.65 16.46 -11.11
C LEU IA 150 38.55 15.25 -11.33
N PRO IA 151 39.44 14.95 -10.39
CA PRO IA 151 40.22 13.71 -10.47
C PRO IA 151 39.39 12.49 -10.10
N VAL IA 152 39.85 11.34 -10.59
CA VAL IA 152 39.17 10.07 -10.36
C VAL IA 152 40.05 9.19 -9.49
N MET IA 153 39.45 8.62 -8.44
CA MET IA 153 40.15 7.76 -7.50
C MET IA 153 39.64 6.33 -7.66
N ALA IA 154 40.57 5.37 -7.66
CA ALA IA 154 40.22 3.97 -7.83
C ALA IA 154 39.82 3.35 -6.50
N GLY IA 155 39.58 2.04 -6.51
CA GLY IA 155 39.12 1.34 -5.32
C GLY IA 155 40.17 1.12 -4.26
N ASP IA 156 41.45 1.12 -4.65
CA ASP IA 156 42.53 0.95 -3.70
C ASP IA 156 43.15 2.28 -3.26
N GLY IA 157 42.61 3.40 -3.72
CA GLY IA 157 43.06 4.70 -3.29
C GLY IA 157 44.07 5.39 -4.18
N GLU IA 158 44.03 5.16 -5.49
CA GLU IA 158 44.98 5.75 -6.43
C GLU IA 158 44.26 6.69 -7.38
N ILE IA 159 44.91 7.81 -7.69
CA ILE IA 159 44.41 8.75 -8.69
C ILE IA 159 44.92 8.32 -10.06
N VAL IA 160 44.00 8.10 -11.00
CA VAL IA 160 44.35 7.55 -12.30
C VAL IA 160 44.18 8.55 -13.43
N GLY IA 161 43.44 9.63 -13.24
CA GLY IA 161 43.25 10.59 -14.31
C GLY IA 161 42.15 11.57 -14.00
N LEU IA 162 41.69 12.25 -15.05
CA LEU IA 162 40.72 13.34 -14.89
C LEU IA 162 39.52 13.12 -15.80
N VAL IA 163 38.37 13.61 -15.35
CA VAL IA 163 37.16 13.57 -16.16
C VAL IA 163 37.23 14.67 -17.20
N SER IA 164 37.04 14.31 -18.47
CA SER IA 164 37.16 15.25 -19.57
C SER IA 164 35.81 15.62 -20.19
N ASP IA 165 34.86 14.69 -20.24
CA ASP IA 165 33.59 14.95 -20.89
C ASP IA 165 32.52 14.04 -20.27
N MET IA 166 31.29 14.24 -20.73
CA MET IA 166 30.16 13.39 -20.36
C MET IA 166 29.41 13.00 -21.62
N TRP IA 167 28.92 11.77 -21.66
CA TRP IA 167 28.13 11.26 -22.77
C TRP IA 167 26.67 11.17 -22.32
N ILE IA 168 25.77 11.77 -23.08
CA ILE IA 168 24.39 11.93 -22.67
C ILE IA 168 23.46 11.31 -23.70
N ASP IA 169 22.29 10.90 -23.22
CA ASP IA 169 21.19 10.45 -24.06
C ASP IA 169 20.26 11.64 -24.28
N GLU IA 170 20.24 12.16 -25.50
CA GLU IA 170 19.54 13.42 -25.75
C GLU IA 170 18.03 13.24 -25.77
N ALA IA 171 17.52 12.09 -26.24
CA ALA IA 171 16.08 11.89 -26.28
C ALA IA 171 15.49 11.87 -24.88
N GLU IA 172 16.13 11.18 -23.95
CA GLU IA 172 15.63 11.08 -22.58
C GLU IA 172 16.28 12.07 -21.62
N GLN IA 173 17.26 12.85 -22.08
CA GLN IA 173 17.91 13.91 -21.29
C GLN IA 173 18.50 13.33 -19.99
N LEU IA 174 19.46 12.42 -20.17
CA LEU IA 174 20.08 11.73 -19.04
C LEU IA 174 21.53 11.46 -19.37
N VAL IA 175 22.38 11.56 -18.35
CA VAL IA 175 23.80 11.25 -18.49
C VAL IA 175 23.97 9.74 -18.44
N ARG IA 176 24.71 9.19 -19.40
CA ARG IA 176 24.94 7.75 -19.47
C ARG IA 176 26.38 7.35 -19.16
N TYR IA 177 27.37 8.11 -19.60
CA TYR IA 177 28.76 7.73 -19.42
C TYR IA 177 29.60 8.95 -19.03
N LEU IA 178 30.68 8.67 -18.31
CA LEU IA 178 31.71 9.65 -17.99
C LEU IA 178 32.98 9.26 -18.72
N GLU IA 179 33.67 10.25 -19.29
CA GLU IA 179 34.89 10.03 -20.06
C GLU IA 179 36.10 10.45 -19.24
N LEU IA 180 37.06 9.54 -19.12
CA LEU IA 180 38.25 9.74 -18.30
C LEU IA 180 39.50 9.71 -19.16
N GLU IA 181 40.34 10.73 -18.99
CA GLU IA 181 41.66 10.78 -19.59
C GLU IA 181 42.68 10.28 -18.56
N LEU IA 182 43.46 9.27 -18.95
CA LEU IA 182 44.38 8.60 -18.06
C LEU IA 182 45.72 9.33 -17.99
N ASP IA 183 46.34 9.30 -16.83
CA ASP IA 183 47.71 9.75 -16.69
C ASP IA 183 48.65 8.75 -17.36
N PRO IA 184 49.82 9.20 -17.84
CA PRO IA 184 50.75 8.27 -18.51
C PRO IA 184 51.17 7.10 -17.64
N GLU IA 185 51.25 7.29 -16.32
CA GLU IA 185 51.66 6.23 -15.42
C GLU IA 185 50.64 5.09 -15.34
N TRP IA 186 49.37 5.37 -15.65
CA TRP IA 186 48.31 4.37 -15.52
C TRP IA 186 47.72 3.94 -16.85
N GLY IA 187 48.37 4.26 -17.98
CA GLY IA 187 47.90 3.89 -19.28
C GLY IA 187 47.88 5.08 -20.21
N ASP IA 188 47.26 4.88 -21.38
CA ASP IA 188 47.16 5.93 -22.39
C ASP IA 188 45.76 5.95 -22.98
N GLY IA 189 45.36 7.12 -23.47
CA GLY IA 189 44.09 7.26 -24.15
C GLY IA 189 42.95 7.70 -23.25
N LYS IA 190 41.73 7.35 -23.64
CA LYS IA 190 40.53 7.71 -22.91
C LYS IA 190 39.69 6.46 -22.66
N ARG IA 191 38.98 6.43 -21.53
CA ARG IA 191 38.12 5.32 -21.17
C ARG IA 191 36.77 5.86 -20.75
N LEU IA 192 35.79 4.96 -20.65
CA LEU IA 192 34.42 5.31 -20.28
C LEU IA 192 34.02 4.57 -19.01
N VAL IA 193 33.17 5.22 -18.21
CA VAL IA 193 32.57 4.61 -17.03
C VAL IA 193 31.06 4.85 -17.10
N GLN IA 194 30.27 3.80 -16.89
CA GLN IA 194 28.83 3.99 -16.83
C GLN IA 194 28.45 4.76 -15.57
N ARG IA 195 27.43 5.61 -15.63
CA ARG IA 195 27.04 6.46 -14.50
C ARG IA 195 26.63 5.79 -13.22
N GLN IA 196 26.14 4.57 -13.30
CA GLN IA 196 25.67 3.82 -12.15
C GLN IA 196 26.77 3.21 -11.31
N MET IA 197 28.01 3.38 -11.71
CA MET IA 197 29.14 2.85 -10.97
C MET IA 197 30.07 3.88 -10.36
N VAL IA 198 29.65 5.12 -10.25
CA VAL IA 198 30.48 6.20 -9.70
C VAL IA 198 29.80 6.96 -8.58
N ARG IA 199 30.56 7.59 -7.71
CA ARG IA 199 29.99 8.44 -6.67
C ARG IA 199 30.69 9.76 -6.83
N ILE IA 200 29.95 10.80 -7.17
CA ILE IA 200 30.53 12.11 -7.40
C ILE IA 200 30.50 12.94 -6.15
N LYS IA 201 31.66 13.31 -5.67
CA LYS IA 201 31.74 14.14 -4.48
C LYS IA 201 32.23 15.54 -4.84
N SER IA 202 32.48 16.36 -3.85
CA SER IA 202 32.88 17.74 -4.08
C SER IA 202 34.30 17.92 -4.61
N ASP IA 203 35.18 17.03 -4.24
CA ASP IA 203 36.55 17.14 -4.68
C ASP IA 203 37.07 15.96 -5.48
N ARG IA 204 36.26 14.92 -5.69
CA ARG IA 204 36.71 13.70 -6.35
C ARG IA 204 35.58 12.93 -6.95
N VAL IA 205 35.88 11.89 -7.71
CA VAL IA 205 34.88 11.01 -8.28
C VAL IA 205 35.37 9.61 -7.94
N LYS IA 206 34.61 8.83 -7.18
CA LYS IA 206 35.03 7.48 -6.77
C LYS IA 206 34.50 6.26 -7.51
N VAL IA 207 35.41 5.41 -8.01
CA VAL IA 207 35.02 4.16 -8.64
C VAL IA 207 35.58 3.05 -7.77
N ARG IA 208 34.75 2.34 -7.02
CA ARG IA 208 35.15 1.26 -6.13
C ARG IA 208 35.34 -0.12 -6.71
N SER IA 209 34.71 -0.42 -7.83
CA SER IA 209 34.76 -1.75 -8.44
C SER IA 209 36.13 -2.27 -8.83
N ILE IA 210 36.93 -1.44 -9.46
CA ILE IA 210 38.25 -1.87 -9.92
C ILE IA 210 39.33 -1.02 -9.27
N TYR IA 211 40.57 -1.52 -9.36
CA TYR IA 211 41.73 -0.84 -8.84
C TYR IA 211 42.40 -0.03 -9.95
N GLY IA 212 43.48 0.67 -9.58
CA GLY IA 212 44.18 1.48 -10.56
C GLY IA 212 44.82 0.67 -11.67
N LYS IA 213 45.49 -0.43 -11.30
CA LYS IA 213 46.19 -1.27 -12.27
C LYS IA 213 45.26 -1.92 -13.27
N HIS IA 214 43.95 -1.93 -13.02
CA HIS IA 214 42.98 -2.47 -13.94
C HIS IA 214 42.47 -1.45 -14.96
N PHE IA 215 42.85 -0.18 -14.83
CA PHE IA 215 42.26 0.86 -15.68
C PHE IA 215 42.81 0.86 -17.10
N LYS IA 216 43.97 0.29 -17.37
CA LYS IA 216 44.49 0.23 -18.73
C LYS IA 216 43.86 -0.82 -19.61
N ASN IA 217 43.17 -1.77 -19.02
CA ASN IA 217 42.59 -2.86 -19.79
C ASN IA 217 41.09 -2.70 -20.02
N VAL IA 218 40.53 -1.54 -19.68
CA VAL IA 218 39.12 -1.28 -20.00
C VAL IA 218 38.97 -1.24 -21.52
N PRO IA 219 37.97 -1.89 -22.10
CA PRO IA 219 37.81 -1.87 -23.56
C PRO IA 219 37.60 -0.47 -24.09
N LYS IA 220 38.10 -0.23 -25.29
CA LYS IA 220 38.10 1.08 -25.92
C LYS IA 220 37.16 1.10 -27.12
N THR IA 221 36.47 2.23 -27.30
CA THR IA 221 35.59 2.40 -28.43
C THR IA 221 36.37 2.65 -29.71
N LYS IA 222 35.76 2.30 -30.85
CA LYS IA 222 36.42 2.50 -32.13
C LYS IA 222 36.37 3.97 -32.55
N SER IA 223 35.18 4.56 -32.55
CA SER IA 223 35.03 5.96 -32.93
C SER IA 223 34.96 6.84 -31.68
N PRO IA 224 35.53 8.04 -31.72
CA PRO IA 224 35.45 8.95 -30.59
C PRO IA 224 34.10 9.67 -30.45
N ASN IA 225 33.15 9.44 -31.35
CA ASN IA 225 31.88 10.14 -31.33
C ASN IA 225 30.67 9.23 -31.12
N GLN IA 226 30.82 7.91 -31.24
CA GLN IA 226 29.69 7.01 -31.08
C GLN IA 226 30.19 5.68 -30.54
N VAL IA 227 29.28 4.94 -29.89
CA VAL IA 227 29.59 3.65 -29.30
C VAL IA 227 28.48 2.67 -29.70
N THR IA 228 28.87 1.47 -30.11
CA THR IA 228 27.91 0.44 -30.48
C THR IA 228 27.45 -0.34 -29.26
N LEU IA 229 26.45 -1.20 -29.46
CA LEU IA 229 25.89 -1.98 -28.36
C LEU IA 229 26.87 -3.02 -27.85
N LEU IA 230 27.65 -3.64 -28.73
CA LEU IA 230 28.64 -4.63 -28.32
C LEU IA 230 29.70 -4.01 -27.42
N GLU IA 231 30.21 -2.83 -27.80
CA GLU IA 231 31.18 -2.13 -26.97
C GLU IA 231 30.58 -1.74 -25.63
N GLU IA 232 29.35 -1.29 -25.61
CA GLU IA 232 28.67 -0.96 -24.38
C GLU IA 232 28.62 -2.16 -23.45
N ASP IA 233 28.26 -3.33 -23.94
CA ASP IA 233 28.19 -4.55 -23.15
C ASP IA 233 29.53 -5.01 -22.63
N LYS IA 234 30.58 -4.88 -23.42
CA LYS IA 234 31.91 -5.23 -22.98
C LYS IA 234 32.48 -4.26 -21.96
N ILE IA 235 32.17 -2.97 -22.08
CA ILE IA 235 32.64 -2.00 -21.11
C ILE IA 235 31.91 -2.16 -19.78
N MET IA 236 30.59 -2.35 -19.83
CA MET IA 236 29.84 -2.48 -18.58
C MET IA 236 30.17 -3.77 -17.86
N ALA IA 237 30.32 -4.87 -18.60
CA ALA IA 237 30.68 -6.14 -17.98
C ALA IA 237 32.07 -6.11 -17.36
N TYR IA 238 33.01 -5.37 -17.97
CA TYR IA 238 34.35 -5.28 -17.39
C TYR IA 238 34.30 -4.66 -15.99
N TYR IA 239 33.57 -3.56 -15.83
CA TYR IA 239 33.46 -2.96 -14.51
C TYR IA 239 32.68 -3.85 -13.56
N ALA IA 240 31.65 -4.53 -14.05
CA ALA IA 240 30.87 -5.41 -13.17
C ALA IA 240 31.69 -6.59 -12.65
N GLY IA 241 32.65 -7.08 -13.43
CA GLY IA 241 33.46 -8.21 -12.99
C GLY IA 241 34.44 -7.89 -11.87
N GLY IA 242 34.77 -6.61 -11.69
CA GLY IA 242 35.70 -6.22 -10.65
C GLY IA 242 35.15 -6.38 -9.25
N THR IA 243 33.82 -6.35 -9.10
CA THR IA 243 33.22 -6.56 -7.79
C THR IA 243 33.56 -7.93 -7.20
N LEU IA 244 33.93 -8.89 -8.05
CA LEU IA 244 34.32 -10.21 -7.60
C LEU IA 244 35.78 -10.54 -7.87
N TYR IA 245 36.39 -9.97 -8.92
CA TYR IA 245 37.71 -10.40 -9.35
C TYR IA 245 38.82 -9.40 -9.07
N ALA IA 246 38.51 -8.22 -8.52
CA ALA IA 246 39.54 -7.22 -8.28
C ALA IA 246 40.57 -7.70 -7.27
N ASP IA 247 40.11 -8.29 -6.17
CA ASP IA 247 40.99 -8.76 -5.11
C ASP IA 247 40.61 -10.18 -4.73
N GLU IA 248 41.60 -10.96 -4.31
CA GLU IA 248 41.35 -12.34 -3.94
C GLU IA 248 40.49 -12.46 -2.69
N SER IA 249 40.45 -11.44 -1.84
CA SER IA 249 39.58 -11.46 -0.68
C SER IA 249 38.12 -11.23 -1.01
N ARG IA 250 37.83 -10.66 -2.18
CA ARG IA 250 36.44 -10.49 -2.62
C ARG IA 250 35.82 -11.78 -3.11
N LEU IA 251 36.64 -12.78 -3.46
CA LEU IA 251 36.15 -14.06 -3.97
C LEU IA 251 36.00 -15.11 -2.89
N GLU IA 252 36.80 -15.05 -1.84
CA GLU IA 252 36.74 -16.02 -0.76
C GLU IA 252 35.60 -15.72 0.19
N PRO IA 253 35.18 -16.71 0.99
CA PRO IA 253 34.09 -16.47 1.94
C PRO IA 253 34.42 -15.36 2.93
N GLN IA 254 33.43 -14.54 3.24
CA GLN IA 254 33.62 -13.38 4.11
C GLN IA 254 33.45 -13.80 5.53
N LEU IA 255 32.69 -14.85 5.74
CA LEU IA 255 32.47 -15.44 7.06
C LEU IA 255 31.89 -14.52 8.13
N ALA JA 1 19.61 -29.31 -16.43
CA ALA JA 1 19.59 -28.72 -17.77
C ALA JA 1 19.75 -27.21 -17.70
N LEU JA 2 20.51 -26.65 -18.64
CA LEU JA 2 20.84 -25.24 -18.66
C LEU JA 2 20.14 -24.54 -19.82
N LEU JA 3 19.95 -23.23 -19.67
CA LEU JA 3 19.52 -22.42 -20.79
C LEU JA 3 20.68 -22.27 -21.79
N SER JA 4 20.36 -21.74 -22.97
CA SER JA 4 21.34 -21.64 -24.04
C SER JA 4 22.51 -20.73 -23.69
N PHE JA 5 22.35 -19.84 -22.72
CA PHE JA 5 23.35 -18.83 -22.40
C PHE JA 5 23.81 -18.87 -20.94
N GLU JA 6 23.53 -19.95 -20.21
CA GLU JA 6 23.70 -19.98 -18.77
C GLU JA 6 25.07 -20.49 -18.33
N ARG JA 7 25.74 -21.29 -19.15
CA ARG JA 7 26.94 -22.00 -18.71
C ARG JA 7 28.06 -21.04 -18.31
N LYS JA 8 28.22 -19.92 -19.00
CA LYS JA 8 29.34 -19.04 -18.73
C LYS JA 8 29.20 -18.27 -17.41
N TYR JA 9 28.01 -18.23 -16.83
CA TYR JA 9 27.79 -17.54 -15.57
C TYR JA 9 27.98 -18.43 -14.35
N ARG JA 10 28.06 -19.75 -14.53
CA ARG JA 10 28.13 -20.69 -13.42
C ARG JA 10 29.58 -20.87 -12.99
N VAL JA 11 30.09 -19.89 -12.26
CA VAL JA 11 31.46 -19.91 -11.76
C VAL JA 11 31.43 -20.09 -10.25
N ARG JA 12 32.62 -20.31 -9.71
CA ARG JA 12 32.81 -20.52 -8.28
C ARG JA 12 33.17 -19.26 -7.51
N GLY JA 13 32.67 -19.12 -6.29
CA GLY JA 13 32.96 -17.97 -5.45
C GLY JA 13 31.72 -17.16 -5.13
N GLY JA 14 31.94 -16.13 -4.30
CA GLY JA 14 30.88 -15.21 -3.96
C GLY JA 14 29.97 -15.64 -2.84
N THR JA 15 30.43 -16.49 -1.93
CA THR JA 15 29.63 -16.97 -0.82
C THR JA 15 29.96 -16.20 0.47
N LEU JA 16 28.94 -16.01 1.29
CA LEU JA 16 29.15 -15.38 2.60
C LEU JA 16 29.81 -16.36 3.57
N ILE JA 17 29.42 -17.62 3.55
CA ILE JA 17 29.96 -18.64 4.44
C ILE JA 17 29.75 -19.99 3.79
N GLY JA 18 30.74 -20.87 3.92
CA GLY JA 18 30.66 -22.23 3.44
C GLY JA 18 31.68 -22.58 2.38
N GLY JA 19 32.20 -21.60 1.67
CA GLY JA 19 33.18 -21.89 0.63
C GLY JA 19 32.60 -22.76 -0.46
N ASP JA 20 33.34 -23.80 -0.86
CA ASP JA 20 32.91 -24.72 -1.89
C ASP JA 20 32.35 -26.02 -1.30
N LEU JA 21 32.05 -26.03 0.00
CA LEU JA 21 31.43 -27.19 0.61
C LEU JA 21 29.98 -27.35 0.18
N PHE JA 22 29.28 -26.25 -0.08
CA PHE JA 22 27.89 -26.29 -0.54
C PHE JA 22 27.71 -25.55 -1.86
N ASP JA 23 28.80 -25.31 -2.59
CA ASP JA 23 28.77 -24.52 -3.82
C ASP JA 23 28.43 -25.41 -5.02
N PHE JA 24 27.14 -25.69 -5.19
CA PHE JA 24 26.69 -26.46 -6.34
C PHE JA 24 25.20 -26.20 -6.57
N TRP JA 25 24.66 -26.89 -7.57
CA TRP JA 25 23.28 -26.77 -7.98
C TRP JA 25 22.59 -28.13 -7.91
N VAL JA 26 21.31 -28.10 -7.58
CA VAL JA 26 20.42 -29.26 -7.68
C VAL JA 26 19.33 -28.85 -8.65
N GLY JA 27 19.33 -29.46 -9.84
CA GLY JA 27 18.44 -29.04 -10.89
C GLY JA 27 18.67 -27.59 -11.27
N PRO JA 28 17.63 -26.78 -11.24
CA PRO JA 28 17.82 -25.33 -11.46
C PRO JA 28 18.18 -24.57 -10.20
N PHE JA 29 17.99 -25.19 -9.03
CA PHE JA 29 18.17 -24.50 -7.76
C PHE JA 29 19.64 -24.43 -7.39
N TYR JA 30 20.05 -23.29 -6.83
CA TYR JA 30 21.39 -23.15 -6.26
C TYR JA 30 21.35 -23.50 -4.77
N VAL JA 31 22.32 -24.18 -4.22
CA VAL JA 31 22.29 -24.48 -2.81
C VAL JA 31 23.50 -23.84 -2.26
N GLY JA 32 23.52 -23.42 -1.02
CA GLY JA 32 24.74 -22.96 -0.41
C GLY JA 32 24.55 -23.31 1.02
N PHE JA 33 25.13 -22.58 1.94
CA PHE JA 33 24.91 -22.79 3.35
C PHE JA 33 23.48 -22.43 3.73
N PHE JA 34 22.96 -21.37 3.16
CA PHE JA 34 21.62 -20.93 3.46
C PHE JA 34 20.59 -21.68 2.71
N GLY JA 35 20.98 -22.57 1.83
CA GLY JA 35 20.03 -23.43 1.17
C GLY JA 35 19.82 -24.66 2.00
N VAL JA 36 20.80 -25.06 2.78
CA VAL JA 36 20.66 -26.19 3.68
C VAL JA 36 19.86 -25.84 4.93
N THR JA 37 19.98 -24.62 5.43
CA THR JA 37 19.24 -24.16 6.59
C THR JA 37 17.80 -23.90 6.24
N THR JA 38 17.51 -23.39 5.04
CA THR JA 38 16.14 -23.19 4.57
C THR JA 38 15.41 -24.52 4.44
N ALA JA 39 16.06 -25.51 3.82
CA ALA JA 39 15.41 -26.81 3.66
C ALA JA 39 15.06 -27.42 5.01
N PHE JA 40 16.01 -27.43 5.94
CA PHE JA 40 15.75 -28.01 7.26
C PHE JA 40 14.57 -27.32 7.95
N PHE JA 41 14.61 -25.98 8.04
CA PHE JA 41 13.57 -25.27 8.77
C PHE JA 41 12.19 -25.45 8.11
N ALA JA 42 12.12 -25.31 6.79
CA ALA JA 42 10.83 -25.42 6.10
C ALA JA 42 10.25 -26.82 6.22
N LEU JA 43 11.07 -27.85 6.05
CA LEU JA 43 10.55 -29.21 6.16
C LEU JA 43 10.08 -29.52 7.57
N LEU JA 44 10.84 -29.09 8.59
CA LEU JA 44 10.40 -29.30 9.97
C LEU JA 44 9.08 -28.60 10.24
N GLY JA 45 8.94 -27.36 9.77
CA GLY JA 45 7.69 -26.63 9.99
C GLY JA 45 6.50 -27.29 9.33
N THR JA 46 6.64 -27.72 8.08
CA THR JA 46 5.53 -28.38 7.40
C THR JA 46 5.16 -29.71 8.05
N ILE JA 47 6.15 -30.51 8.44
CA ILE JA 47 5.85 -31.79 9.08
C ILE JA 47 5.13 -31.57 10.40
N LEU JA 48 5.57 -30.58 11.18
CA LEU JA 48 4.87 -30.28 12.43
C LEU JA 48 3.46 -29.78 12.19
N ILE JA 49 3.23 -28.98 11.14
CA ILE JA 49 1.89 -28.54 10.82
C ILE JA 49 0.98 -29.74 10.53
N PHE JA 50 1.48 -30.70 9.75
CA PHE JA 50 0.63 -31.84 9.43
C PHE JA 50 0.45 -32.80 10.60
N TRP JA 51 1.43 -32.92 11.50
CA TRP JA 51 1.22 -33.69 12.73
C TRP JA 51 0.15 -33.04 13.60
N GLY JA 52 0.19 -31.71 13.73
CA GLY JA 52 -0.87 -31.02 14.43
C GLY JA 52 -2.22 -31.20 13.78
N ALA JA 53 -2.27 -31.21 12.45
CA ALA JA 53 -3.53 -31.47 11.75
C ALA JA 53 -4.04 -32.88 12.04
N SER JA 54 -3.15 -33.86 12.07
CA SER JA 54 -3.58 -35.22 12.40
C SER JA 54 -4.12 -35.30 13.82
N GLN JA 55 -3.52 -34.59 14.76
CA GLN JA 55 -4.01 -34.64 16.13
C GLN JA 55 -5.30 -33.83 16.31
N GLN JA 56 -5.51 -32.81 15.49
CA GLN JA 56 -6.76 -32.04 15.57
C GLN JA 56 -7.95 -32.90 15.18
N GLY JA 57 -7.82 -33.73 14.15
CA GLY JA 57 -8.87 -34.62 13.72
C GLY JA 57 -9.37 -34.43 12.31
N THR JA 58 -8.83 -33.46 11.56
CA THR JA 58 -9.25 -33.24 10.19
C THR JA 58 -8.03 -32.95 9.32
N PHE JA 59 -8.07 -33.45 8.09
CA PHE JA 59 -7.03 -33.18 7.10
C PHE JA 59 -7.52 -32.24 6.00
N ASN JA 60 -8.72 -31.68 6.14
CA ASN JA 60 -9.27 -30.77 5.15
C ASN JA 60 -8.45 -29.49 5.10
N PRO JA 61 -7.90 -29.10 3.95
CA PRO JA 61 -7.07 -27.89 3.91
C PRO JA 61 -7.81 -26.62 4.33
N TRP JA 62 -9.13 -26.57 4.16
CA TRP JA 62 -9.88 -25.39 4.58
C TRP JA 62 -9.99 -25.30 6.09
N LEU JA 63 -9.98 -26.43 6.79
CA LEU JA 63 -10.36 -26.48 8.20
C LEU JA 63 -9.21 -26.69 9.15
N ILE JA 64 -7.97 -26.84 8.66
CA ILE JA 64 -6.83 -27.02 9.55
C ILE JA 64 -6.56 -25.72 10.29
N ASN JA 65 -6.38 -25.83 11.61
CA ASN JA 65 -6.18 -24.65 12.46
C ASN JA 65 -5.21 -24.99 13.58
N ILE JA 66 -4.08 -24.29 13.61
CA ILE JA 66 -3.12 -24.37 14.71
C ILE JA 66 -3.04 -22.99 15.34
N ALA JA 67 -3.30 -22.92 16.65
CA ALA JA 67 -3.59 -21.64 17.28
C ALA JA 67 -2.59 -21.31 18.38
N PRO JA 68 -2.41 -20.03 18.68
CA PRO JA 68 -1.52 -19.63 19.79
C PRO JA 68 -2.14 -19.97 21.13
N PRO JA 69 -1.41 -19.82 22.24
CA PRO JA 69 -1.96 -20.21 23.54
C PRO JA 69 -2.91 -19.17 24.11
N ASP JA 70 -3.45 -19.50 25.28
CA ASP JA 70 -4.29 -18.57 26.04
C ASP JA 70 -3.46 -17.40 26.56
N LEU JA 71 -4.15 -16.29 26.86
CA LEU JA 71 -3.47 -15.13 27.41
C LEU JA 71 -2.94 -15.38 28.81
N SER JA 72 -3.48 -16.37 29.54
CA SER JA 72 -3.04 -16.62 30.90
C SER JA 72 -1.62 -17.17 30.97
N TYR JA 73 -1.08 -17.68 29.86
CA TYR JA 73 0.28 -18.18 29.85
C TYR JA 73 1.31 -17.07 29.71
N GLY JA 74 0.90 -15.87 29.31
CA GLY JA 74 1.82 -14.75 29.25
C GLY JA 74 2.87 -14.96 28.17
N LEU JA 75 4.12 -14.69 28.53
CA LEU JA 75 5.24 -14.83 27.62
C LEU JA 75 6.03 -16.12 27.86
N GLY JA 76 5.49 -17.05 28.64
CA GLY JA 76 6.11 -18.34 28.86
C GLY JA 76 5.74 -19.33 27.77
N MET JA 77 6.17 -20.56 27.98
CA MET JA 77 5.93 -21.65 27.04
C MET JA 77 4.74 -22.48 27.50
N ALA JA 78 3.85 -22.79 26.57
CA ALA JA 78 2.65 -23.57 26.82
C ALA JA 78 2.87 -25.03 26.49
N PRO JA 79 2.00 -25.92 26.95
CA PRO JA 79 2.07 -27.32 26.49
C PRO JA 79 1.91 -27.42 24.98
N LEU JA 80 2.61 -28.39 24.39
CA LEU JA 80 2.71 -28.46 22.93
C LEU JA 80 1.36 -28.60 22.24
N MET JA 81 0.37 -29.16 22.91
CA MET JA 81 -0.95 -29.27 22.30
C MET JA 81 -1.80 -28.03 22.51
N GLU JA 82 -1.65 -27.33 23.63
CA GLU JA 82 -2.36 -26.09 23.90
C GLU JA 82 -1.54 -24.87 23.50
N GLY JA 83 -1.02 -24.82 22.28
CA GLY JA 83 -0.41 -23.61 21.76
C GLY JA 83 1.10 -23.62 21.63
N GLY JA 84 1.80 -24.66 22.09
CA GLY JA 84 3.25 -24.69 21.95
C GLY JA 84 3.75 -25.02 20.56
N LEU JA 85 2.99 -25.84 19.82
CA LEU JA 85 3.32 -26.12 18.43
C LEU JA 85 3.33 -24.85 17.59
N TRP JA 86 2.43 -23.91 17.89
CA TRP JA 86 2.42 -22.63 17.22
C TRP JA 86 3.73 -21.87 17.44
N GLN JA 87 4.24 -21.89 18.67
CA GLN JA 87 5.49 -21.21 18.97
C GLN JA 87 6.66 -21.84 18.23
N ILE JA 88 6.72 -23.18 18.21
CA ILE JA 88 7.81 -23.84 17.50
C ILE JA 88 7.75 -23.55 16.01
N ILE JA 89 6.55 -23.59 15.43
CA ILE JA 89 6.40 -23.30 14.00
C ILE JA 89 6.76 -21.86 13.70
N THR JA 90 6.46 -20.93 14.62
CA THR JA 90 6.84 -19.54 14.42
C THR JA 90 8.36 -19.39 14.37
N ILE JA 91 9.07 -20.06 15.28
CA ILE JA 91 10.54 -20.02 15.25
C ILE JA 91 11.05 -20.58 13.93
N CYS JA 92 10.50 -21.72 13.50
CA CYS JA 92 10.94 -22.32 12.24
C CYS JA 92 10.70 -21.40 11.05
N ALA JA 93 9.55 -20.73 11.02
CA ALA JA 93 9.25 -19.80 9.92
C ALA JA 93 10.19 -18.61 9.90
N ILE JA 94 10.51 -18.05 11.06
CA ILE JA 94 11.47 -16.95 11.11
C ILE JA 94 12.82 -17.40 10.55
N GLY JA 95 13.28 -18.58 10.98
CA GLY JA 95 14.54 -19.09 10.47
C GLY JA 95 14.52 -19.31 8.96
N ALA JA 96 13.44 -19.87 8.44
CA ALA JA 96 13.33 -20.11 7.00
C ALA JA 96 13.36 -18.80 6.21
N PHE JA 97 12.63 -17.79 6.68
CA PHE JA 97 12.60 -16.52 5.95
C PHE JA 97 13.97 -15.84 5.94
N VAL JA 98 14.65 -15.81 7.09
CA VAL JA 98 15.97 -15.19 7.12
C VAL JA 98 16.96 -15.96 6.24
N SER JA 99 16.89 -17.29 6.24
CA SER JA 99 17.76 -18.07 5.36
C SER JA 99 17.47 -17.80 3.89
N TRP JA 100 16.20 -17.63 3.52
CA TRP JA 100 15.86 -17.30 2.14
C TRP JA 100 16.48 -15.97 1.72
N ALA JA 101 16.38 -14.95 2.59
CA ALA JA 101 17.00 -13.67 2.26
C ALA JA 101 18.52 -13.77 2.12
N LEU JA 102 19.19 -14.49 3.02
CA LEU JA 102 20.63 -14.62 2.92
C LEU JA 102 21.07 -15.48 1.74
N ARG JA 103 20.19 -16.36 1.24
CA ARG JA 103 20.50 -17.09 0.01
C ARG JA 103 20.38 -16.19 -1.21
N GLU JA 104 19.36 -15.33 -1.24
CA GLU JA 104 19.26 -14.35 -2.31
C GLU JA 104 20.47 -13.44 -2.35
N VAL JA 105 21.01 -13.08 -1.17
CA VAL JA 105 22.19 -12.23 -1.13
C VAL JA 105 23.36 -12.90 -1.83
N GLU JA 106 23.57 -14.20 -1.57
CA GLU JA 106 24.68 -14.92 -2.21
C GLU JA 106 24.48 -15.04 -3.71
N ILE JA 107 23.25 -15.27 -4.16
CA ILE JA 107 23.00 -15.32 -5.59
C ILE JA 107 23.32 -13.98 -6.25
N CYS JA 108 22.91 -12.88 -5.61
CA CYS JA 108 23.24 -11.55 -6.12
C CYS JA 108 24.76 -11.34 -6.19
N ARG JA 109 25.47 -11.76 -5.14
CA ARG JA 109 26.92 -11.59 -5.13
C ARG JA 109 27.57 -12.39 -6.25
N LYS JA 110 27.10 -13.61 -6.50
CA LYS JA 110 27.69 -14.41 -7.57
C LYS JA 110 27.42 -13.82 -8.94
N LEU JA 111 26.23 -13.24 -9.16
CA LEU JA 111 25.91 -12.69 -10.47
C LEU JA 111 26.46 -11.28 -10.69
N GLY JA 112 27.04 -10.65 -9.67
CA GLY JA 112 27.58 -9.31 -9.82
C GLY JA 112 26.54 -8.22 -9.89
N MET JA 113 25.38 -8.43 -9.27
CA MET JA 113 24.26 -7.50 -9.33
C MET JA 113 24.17 -6.67 -8.05
N GLY JA 114 23.23 -5.74 -8.04
CA GLY JA 114 22.88 -5.02 -6.83
C GLY JA 114 22.07 -5.87 -5.87
N TYR JA 115 21.95 -5.36 -4.64
CA TYR JA 115 21.28 -6.09 -3.57
C TYR JA 115 19.90 -5.54 -3.26
N HIS JA 116 19.15 -5.13 -4.29
CA HIS JA 116 17.86 -4.49 -4.06
C HIS JA 116 16.78 -5.48 -3.64
N VAL JA 117 16.79 -6.68 -4.21
CA VAL JA 117 15.75 -7.68 -3.98
C VAL JA 117 15.74 -8.17 -2.52
N PRO JA 118 16.87 -8.56 -1.93
CA PRO JA 118 16.85 -8.94 -0.51
C PRO JA 118 16.41 -7.80 0.40
N PHE JA 119 16.81 -6.57 0.07
CA PHE JA 119 16.38 -5.41 0.85
C PHE JA 119 14.87 -5.23 0.77
N ALA JA 120 14.29 -5.44 -0.42
CA ALA JA 120 12.84 -5.34 -0.55
C ALA JA 120 12.13 -6.46 0.20
N PHE JA 121 12.68 -7.67 0.20
CA PHE JA 121 12.08 -8.78 0.93
C PHE JA 121 12.16 -8.57 2.44
N SER JA 122 13.18 -7.85 2.92
CA SER JA 122 13.29 -7.55 4.33
C SER JA 122 12.09 -6.77 4.86
N VAL JA 123 11.42 -5.98 4.00
CA VAL JA 123 10.25 -5.23 4.45
C VAL JA 123 9.08 -6.16 4.76
N ALA JA 124 8.85 -7.15 3.90
CA ALA JA 124 7.81 -8.14 4.19
C ALA JA 124 8.15 -8.96 5.41
N ILE JA 125 9.40 -9.29 5.67
CA ILE JA 125 9.78 -9.99 6.89
C ILE JA 125 9.47 -9.12 8.10
N PHE JA 126 9.77 -7.83 8.05
CA PHE JA 126 9.42 -6.90 9.12
C PHE JA 126 7.92 -6.79 9.42
N ALA JA 127 7.04 -6.83 8.44
CA ALA JA 127 5.60 -6.84 8.71
C ALA JA 127 5.09 -8.10 9.37
N TYR JA 128 5.70 -9.24 9.11
CA TYR JA 128 5.34 -10.49 9.74
C TYR JA 128 5.86 -10.59 11.15
N VAL JA 129 7.08 -10.17 11.45
CA VAL JA 129 7.68 -10.18 12.78
C VAL JA 129 6.98 -9.18 13.69
N THR JA 130 6.40 -8.15 13.16
CA THR JA 130 5.61 -7.23 13.93
C THR JA 130 4.31 -7.88 14.38
N LEU JA 131 3.66 -8.63 13.52
CA LEU JA 131 2.45 -9.38 13.85
C LEU JA 131 2.56 -10.56 14.82
N VAL JA 132 3.68 -11.25 14.87
CA VAL JA 132 3.85 -12.43 15.70
C VAL JA 132 4.86 -12.28 16.84
N VAL JA 133 5.77 -11.33 16.77
CA VAL JA 133 6.74 -11.06 17.84
C VAL JA 133 6.64 -9.69 18.51
N PHE JA 134 6.63 -8.58 17.79
CA PHE JA 134 6.67 -7.21 18.39
C PHE JA 134 5.40 -6.76 19.10
N ARG JA 135 4.25 -6.82 18.45
CA ARG JA 135 2.97 -6.52 19.11
C ARG JA 135 2.67 -7.47 20.24
N PRO JA 136 2.83 -8.80 20.06
CA PRO JA 136 2.63 -9.67 21.21
C PRO JA 136 3.53 -9.45 22.43
N LEU JA 137 4.79 -9.12 22.26
CA LEU JA 137 5.68 -8.84 23.36
C LEU JA 137 5.29 -7.57 24.07
N LEU JA 138 4.96 -6.54 23.32
CA LEU JA 138 4.51 -5.30 23.89
C LEU JA 138 3.20 -5.48 24.62
N MET JA 139 2.28 -6.23 24.05
CA MET JA 139 1.00 -6.41 24.71
C MET JA 139 1.05 -7.41 25.87
N GLY JA 140 2.10 -8.22 25.95
CA GLY JA 140 2.35 -9.03 27.12
C GLY JA 140 2.01 -10.50 27.05
N ALA JA 141 1.66 -11.02 25.87
CA ALA JA 141 1.31 -12.43 25.76
C ALA JA 141 1.45 -12.88 24.31
N TRP JA 142 1.95 -14.10 24.12
CA TRP JA 142 2.07 -14.65 22.78
C TRP JA 142 0.72 -14.96 22.14
N GLY JA 143 -0.33 -15.06 22.95
CA GLY JA 143 -1.67 -15.34 22.44
C GLY JA 143 -2.30 -14.24 21.61
N HIS JA 144 -1.58 -13.15 21.37
CA HIS JA 144 -2.07 -12.07 20.52
C HIS JA 144 -1.73 -12.26 19.05
N GLY JA 145 -0.97 -13.31 18.70
CA GLY JA 145 -0.66 -13.58 17.32
C GLY JA 145 -1.81 -14.25 16.58
N PHE JA 146 -1.75 -14.18 15.26
CA PHE JA 146 -2.82 -14.77 14.46
C PHE JA 146 -2.57 -16.28 14.27
N PRO JA 147 -3.64 -17.06 14.13
CA PRO JA 147 -3.48 -18.51 13.99
C PRO JA 147 -3.10 -18.91 12.57
N TYR JA 148 -2.59 -20.13 12.45
CA TYR JA 148 -2.13 -20.68 11.18
C TYR JA 148 -3.24 -21.54 10.60
N GLY JA 149 -4.12 -20.91 9.82
CA GLY JA 149 -5.23 -21.59 9.18
C GLY JA 149 -5.74 -20.78 8.01
N ILE JA 150 -6.12 -21.45 6.93
CA ILE JA 150 -6.47 -20.75 5.70
C ILE JA 150 -7.70 -19.87 5.91
N TRP JA 151 -8.72 -20.40 6.56
CA TRP JA 151 -9.94 -19.64 6.82
C TRP JA 151 -10.07 -19.17 8.27
N SER JA 152 -9.17 -19.57 9.15
CA SER JA 152 -9.22 -19.12 10.54
C SER JA 152 -8.35 -17.90 10.79
N HIS JA 153 -7.43 -17.56 9.88
CA HIS JA 153 -6.67 -16.33 10.03
C HIS JA 153 -7.40 -15.12 9.47
N LEU JA 154 -8.60 -15.32 8.92
CA LEU JA 154 -9.47 -14.20 8.57
C LEU JA 154 -10.40 -13.83 9.72
N ASP JA 155 -10.78 -14.81 10.54
CA ASP JA 155 -11.55 -14.52 11.75
C ASP JA 155 -10.74 -13.65 12.71
N TRP JA 156 -9.44 -13.92 12.82
CA TRP JA 156 -8.56 -13.08 13.63
C TRP JA 156 -8.56 -11.64 13.13
N VAL JA 157 -8.46 -11.46 11.81
CA VAL JA 157 -8.44 -10.11 11.24
C VAL JA 157 -9.76 -9.40 11.53
N SER JA 158 -10.88 -10.09 11.33
CA SER JA 158 -12.19 -9.47 11.59
C SER JA 158 -12.32 -9.06 13.05
N ASN JA 159 -12.06 -9.92 14.00
CA ASN JA 159 -12.21 -9.61 15.43
C ASN JA 159 -11.26 -8.55 15.94
N THR JA 160 -10.04 -8.50 15.42
CA THR JA 160 -9.06 -7.48 15.77
C THR JA 160 -9.41 -6.07 15.27
N GLY JA 161 -10.09 -5.94 14.15
CA GLY JA 161 -10.56 -4.65 13.71
C GLY JA 161 -11.78 -4.09 14.42
N TYR JA 162 -12.73 -4.91 14.83
CA TYR JA 162 -13.93 -4.50 15.54
C TYR JA 162 -13.65 -4.32 16.99
N ALA JA 163 -12.46 -4.62 17.44
CA ALA JA 163 -12.03 -4.37 18.78
C ALA JA 163 -11.67 -2.91 18.91
N TYR JA 164 -11.67 -2.14 17.83
CA TYR JA 164 -11.43 -0.71 17.85
C TYR JA 164 -12.60 -0.11 17.13
N LEU JA 165 -13.75 -0.77 17.16
CA LEU JA 165 -15.03 -0.28 16.59
C LEU JA 165 -15.22 -0.03 15.13
N HIS JA 166 -14.47 0.87 14.51
CA HIS JA 166 -14.54 1.21 13.11
C HIS JA 166 -13.12 1.41 12.62
N PHE JA 167 -12.39 0.35 12.25
CA PHE JA 167 -11.01 0.38 11.76
C PHE JA 167 -10.68 1.24 10.53
N HIS JA 168 -11.63 1.53 9.67
CA HIS JA 168 -11.44 2.44 8.57
C HIS JA 168 -10.98 3.83 8.97
N TYR JA 169 -11.30 4.29 10.17
CA TYR JA 169 -10.91 5.58 10.68
C TYR JA 169 -9.52 5.65 11.29
N ASN JA 170 -8.71 4.60 11.18
CA ASN JA 170 -7.34 4.57 11.65
C ASN JA 170 -6.60 5.36 10.62
N PRO JA 171 -5.90 6.42 11.05
CA PRO JA 171 -5.15 7.28 10.15
C PRO JA 171 -4.04 6.62 9.34
N ALA JA 172 -3.26 5.72 9.91
CA ALA JA 172 -2.19 5.03 9.22
C ALA JA 172 -2.66 3.87 8.36
N HIS JA 173 -3.91 3.42 8.49
CA HIS JA 173 -4.50 2.39 7.67
C HIS JA 173 -4.99 3.06 6.40
N MET JA 174 -5.43 4.29 6.48
CA MET JA 174 -5.83 5.04 5.30
C MET JA 174 -4.66 5.33 4.40
N LEU JA 175 -3.51 5.64 4.95
CA LEU JA 175 -2.30 5.83 4.15
C LEU JA 175 -1.88 4.54 3.48
N ALA JA 176 -1.88 3.43 4.19
CA ALA JA 176 -1.53 2.14 3.64
C ALA JA 176 -2.42 1.62 2.53
N VAL JA 177 -3.73 1.85 2.58
CA VAL JA 177 -4.66 1.45 1.56
C VAL JA 177 -4.46 2.27 0.31
N THR JA 178 -4.20 3.56 0.46
CA THR JA 178 -3.91 4.42 -0.67
C THR JA 178 -2.66 3.96 -1.41
N PHE JA 179 -1.61 3.58 -0.66
CA PHE JA 179 -0.39 3.09 -1.29
C PHE JA 179 -0.64 1.82 -2.08
N PHE JA 180 -1.42 0.89 -1.52
CA PHE JA 180 -1.74 -0.36 -2.22
C PHE JA 180 -2.47 -0.10 -3.55
N PHE JA 181 -3.51 0.73 -3.51
CA PHE JA 181 -4.28 1.00 -4.71
C PHE JA 181 -3.42 1.71 -5.77
N THR JA 182 -2.59 2.67 -5.39
CA THR JA 182 -1.68 3.36 -6.32
C THR JA 182 -0.63 2.45 -6.97
N THR JA 183 -0.10 1.47 -6.26
CA THR JA 183 0.84 0.51 -6.82
C THR JA 183 0.19 -0.32 -7.91
N THR JA 184 -1.05 -0.75 -7.73
CA THR JA 184 -1.77 -1.53 -8.70
C THR JA 184 -2.15 -0.73 -9.92
N LEU JA 185 -2.53 0.52 -9.77
CA LEU JA 185 -2.80 1.37 -10.93
C LEU JA 185 -1.54 1.65 -11.73
N ALA JA 186 -0.42 1.92 -11.09
CA ALA JA 186 0.86 2.09 -11.75
C ALA JA 186 1.43 0.83 -12.38
N LEU JA 187 1.28 -0.34 -11.74
CA LEU JA 187 1.69 -1.57 -12.40
C LEU JA 187 0.87 -1.83 -13.66
N ALA JA 188 -0.44 -1.63 -13.59
CA ALA JA 188 -1.28 -1.82 -14.78
C ALA JA 188 -0.84 -0.90 -15.91
N LEU JA 189 -0.62 0.39 -15.59
CA LEU JA 189 -0.22 1.34 -16.63
C LEU JA 189 1.12 0.97 -17.26
N HIS JA 190 2.10 0.58 -16.43
CA HIS JA 190 3.43 0.25 -16.95
C HIS JA 190 3.38 -0.97 -17.87
N GLY JA 191 2.73 -2.03 -17.42
CA GLY JA 191 2.61 -3.22 -18.27
C GLY JA 191 1.91 -2.92 -19.58
N ALA JA 192 0.81 -2.17 -19.51
CA ALA JA 192 0.08 -1.82 -20.72
C ALA JA 192 0.94 -1.02 -21.69
N LEU JA 193 1.69 -0.04 -21.18
CA LEU JA 193 2.50 0.79 -22.07
C LEU JA 193 3.59 -0.01 -22.74
N VAL JA 194 4.30 -0.86 -22.00
CA VAL JA 194 5.36 -1.64 -22.62
C VAL JA 194 4.79 -2.60 -23.66
N LEU JA 195 3.70 -3.30 -23.33
CA LEU JA 195 3.12 -4.24 -24.28
C LEU JA 195 2.60 -3.54 -25.53
N SER JA 196 1.98 -2.37 -25.37
CA SER JA 196 1.49 -1.64 -26.54
C SER JA 196 2.62 -1.11 -27.39
N ALA JA 197 3.77 -0.79 -26.80
CA ALA JA 197 4.92 -0.41 -27.61
C ALA JA 197 5.51 -1.58 -28.37
N ALA JA 198 5.56 -2.76 -27.76
CA ALA JA 198 6.17 -3.92 -28.41
C ALA JA 198 5.25 -4.69 -29.34
N ASN JA 199 3.94 -4.44 -29.30
CA ASN JA 199 2.97 -5.21 -30.09
C ASN JA 199 2.03 -4.27 -30.84
N PRO JA 200 2.46 -3.74 -31.96
CA PRO JA 200 1.62 -2.82 -32.73
C PRO JA 200 0.60 -3.57 -33.57
N PRO JA 201 -0.31 -2.87 -34.24
CA PRO JA 201 -1.23 -3.55 -35.15
C PRO JA 201 -0.50 -4.26 -36.28
N LYS JA 202 -1.11 -5.32 -36.79
CA LYS JA 202 -0.48 -6.14 -37.82
C LYS JA 202 -0.16 -5.31 -39.05
N GLY JA 203 1.08 -5.45 -39.53
CA GLY JA 203 1.56 -4.67 -40.65
C GLY JA 203 2.32 -3.40 -40.29
N GLU JA 204 2.57 -3.15 -39.02
CA GLU JA 204 3.26 -1.96 -38.55
C GLU JA 204 4.59 -2.33 -37.92
N GLU JA 205 5.46 -1.33 -37.80
CA GLU JA 205 6.75 -1.50 -37.15
C GLU JA 205 6.63 -1.28 -35.65
N VAL JA 206 7.61 -1.79 -34.91
CA VAL JA 206 7.64 -1.62 -33.47
C VAL JA 206 8.03 -0.19 -33.11
N LYS JA 207 7.79 0.19 -31.86
CA LYS JA 207 8.01 1.55 -31.38
C LYS JA 207 9.13 1.59 -30.36
N GLY JA 208 9.61 2.81 -30.09
CA GLY JA 208 10.68 3.03 -29.15
C GLY JA 208 10.28 3.87 -27.96
N PRO JA 209 11.25 4.21 -27.10
CA PRO JA 209 10.93 5.02 -25.92
C PRO JA 209 10.38 6.40 -26.23
N ASP JA 210 10.79 7.00 -27.35
CA ASP JA 210 10.26 8.31 -27.74
C ASP JA 210 8.75 8.26 -27.90
N ASN JA 211 8.28 7.26 -28.58
CA ASN JA 211 6.86 7.06 -28.74
C ASN JA 211 6.12 6.88 -27.41
N GLU JA 212 6.71 6.17 -26.45
CA GLU JA 212 6.11 5.98 -25.14
C GLU JA 212 6.05 7.25 -24.32
N ASP JA 213 7.11 8.04 -24.34
CA ASP JA 213 7.12 9.32 -23.69
C ASP JA 213 6.07 10.24 -24.27
N THR JA 214 5.92 10.24 -25.59
CA THR JA 214 4.96 11.10 -26.25
C THR JA 214 3.51 10.75 -25.97
N PHE JA 215 3.16 9.48 -26.03
CA PHE JA 215 1.81 9.05 -25.71
C PHE JA 215 1.38 9.52 -24.33
N PHE JA 216 2.24 9.41 -23.33
CA PHE JA 216 1.90 9.81 -21.98
C PHE JA 216 1.86 11.30 -21.71
N ARG JA 217 2.62 12.10 -22.44
CA ARG JA 217 2.49 13.54 -22.33
C ARG JA 217 1.24 13.97 -23.08
N ASP JA 218 0.85 13.29 -24.13
CA ASP JA 218 -0.38 13.59 -24.80
C ASP JA 218 -1.59 13.20 -23.98
N PHE JA 219 -1.52 12.09 -23.27
CA PHE JA 219 -2.61 11.61 -22.47
C PHE JA 219 -2.77 12.45 -21.22
N ILE JA 220 -1.70 12.70 -20.47
CA ILE JA 220 -1.91 13.41 -19.21
C ILE JA 220 -0.98 14.60 -19.03
N GLY JA 221 -0.10 14.90 -19.98
CA GLY JA 221 0.77 16.04 -19.86
C GLY JA 221 2.03 15.83 -19.07
N TYR JA 222 2.37 14.59 -18.72
CA TYR JA 222 3.61 14.31 -18.02
C TYR JA 222 4.02 12.86 -18.27
N SER JA 223 5.33 12.61 -18.24
CA SER JA 223 5.89 11.27 -18.38
C SER JA 223 7.06 11.14 -17.42
N ILE JA 224 7.00 10.11 -16.57
CA ILE JA 224 8.04 9.93 -15.56
C ILE JA 224 9.34 9.43 -16.20
N GLY JA 225 9.25 8.64 -17.26
CA GLY JA 225 10.40 8.09 -17.93
C GLY JA 225 10.58 6.61 -17.66
N THR JA 226 11.50 6.01 -18.41
CA THR JA 226 11.74 4.58 -18.34
C THR JA 226 12.51 4.18 -17.08
N LEU JA 227 13.32 5.07 -16.52
CA LEU JA 227 14.04 4.79 -15.29
C LEU JA 227 13.24 5.19 -14.05
N GLY JA 228 12.49 6.30 -14.13
CA GLY JA 228 11.74 6.76 -12.98
C GLY JA 228 10.62 5.84 -12.56
N ILE JA 229 10.00 5.14 -13.51
CA ILE JA 229 8.84 4.32 -13.20
C ILE JA 229 9.20 3.16 -12.27
N HIS JA 230 10.38 2.58 -12.44
CA HIS JA 230 10.79 1.47 -11.57
C HIS JA 230 11.14 1.95 -10.16
N ARG JA 231 11.84 3.08 -10.04
CA ARG JA 231 12.06 3.68 -8.73
C ARG JA 231 10.75 3.96 -8.03
N VAL JA 232 9.78 4.52 -8.76
CA VAL JA 232 8.51 4.89 -8.14
C VAL JA 232 7.72 3.65 -7.73
N GLY JA 233 7.72 2.60 -8.56
CA GLY JA 233 7.04 1.38 -8.17
C GLY JA 233 7.63 0.73 -6.93
N LEU JA 234 8.96 0.65 -6.86
CA LEU JA 234 9.61 0.10 -5.68
C LEU JA 234 9.28 0.93 -4.44
N LEU JA 235 9.38 2.25 -4.55
CA LEU JA 235 9.12 3.10 -3.40
C LEU JA 235 7.68 2.98 -2.92
N LEU JA 236 6.73 2.92 -3.86
CA LEU JA 236 5.33 2.74 -3.49
C LEU JA 236 5.10 1.42 -2.76
N ALA JA 237 5.65 0.32 -3.29
CA ALA JA 237 5.46 -0.98 -2.64
C ALA JA 237 6.07 -1.02 -1.25
N LEU JA 238 7.28 -0.49 -1.08
CA LEU JA 238 7.91 -0.50 0.23
C LEU JA 238 7.20 0.41 1.22
N ASN JA 239 6.67 1.55 0.75
CA ASN JA 239 5.88 2.40 1.62
C ASN JA 239 4.58 1.73 2.07
N ALA JA 240 3.99 0.90 1.22
CA ALA JA 240 2.76 0.15 1.54
C ALA JA 240 2.95 -0.84 2.65
N GLY JA 241 4.05 -1.59 2.63
CA GLY JA 241 4.37 -2.50 3.70
C GLY JA 241 4.82 -1.90 4.99
N PHE JA 242 5.53 -0.78 4.97
CA PHE JA 242 5.93 -0.09 6.18
C PHE JA 242 4.74 0.50 6.93
N TRP JA 243 3.80 1.10 6.22
CA TRP JA 243 2.64 1.72 6.83
C TRP JA 243 1.64 0.74 7.33
N SER JA 244 1.68 -0.49 6.81
CA SER JA 244 0.84 -1.54 7.28
C SER JA 244 1.33 -1.95 8.66
N ALA JA 245 2.62 -2.15 8.83
CA ALA JA 245 3.19 -2.48 10.12
C ALA JA 245 2.89 -1.45 11.18
N VAL JA 246 2.93 -0.18 10.85
CA VAL JA 246 2.59 0.90 11.76
C VAL JA 246 1.12 0.86 12.19
N CYS JA 247 0.17 0.77 11.27
CA CYS JA 247 -1.26 0.67 11.56
C CYS JA 247 -1.62 -0.42 12.59
N ILE JA 248 -0.96 -1.57 12.58
CA ILE JA 248 -1.18 -2.65 13.55
C ILE JA 248 -0.48 -2.47 14.91
N ILE JA 249 0.71 -1.90 14.95
CA ILE JA 249 1.44 -1.70 16.19
C ILE JA 249 0.98 -0.49 17.01
N ILE JA 250 0.13 0.35 16.44
CA ILE JA 250 -0.40 1.43 17.21
C ILE JA 250 -1.78 1.08 17.69
N SER JA 251 -2.42 0.11 17.06
CA SER JA 251 -3.78 -0.22 17.37
C SER JA 251 -3.78 -0.87 18.68
N GLY JA 252 -2.80 -1.65 18.97
CA GLY JA 252 -2.88 -2.24 20.29
C GLY JA 252 -2.16 -1.47 21.38
N PRO JA 253 -0.83 -1.33 21.28
CA PRO JA 253 -0.06 -0.79 22.41
C PRO JA 253 -0.13 0.72 22.58
N VAL JA 254 -0.73 1.48 21.66
CA VAL JA 254 -0.67 2.93 21.73
C VAL JA 254 -2.06 3.53 21.94
N TRP JA 255 -3.07 2.87 21.38
CA TRP JA 255 -4.44 3.38 21.41
C TRP JA 255 -5.35 2.29 21.93
N THR JA 256 -6.29 2.65 22.80
CA THR JA 256 -7.22 1.69 23.40
C THR JA 256 -8.67 1.91 23.00
N LYS JA 257 -9.05 3.13 22.66
CA LYS JA 257 -10.44 3.47 22.38
C LYS JA 257 -10.75 3.21 20.91
N GLY JA 258 -11.96 3.58 20.50
CA GLY JA 258 -12.31 3.51 19.10
C GLY JA 258 -11.52 4.52 18.28
N TRP JA 259 -11.30 4.18 17.02
CA TRP JA 259 -10.52 5.02 16.13
C TRP JA 259 -11.24 6.31 15.71
N PRO JA 260 -12.57 6.32 15.54
CA PRO JA 260 -13.24 7.61 15.32
C PRO JA 260 -12.96 8.64 16.39
N GLU JA 261 -12.95 8.25 17.67
CA GLU JA 261 -12.70 9.19 18.75
C GLU JA 261 -11.35 9.89 18.62
N TRP JA 262 -10.36 9.22 18.02
CA TRP JA 262 -9.06 9.83 17.82
C TRP JA 262 -9.16 11.13 17.03
N TRP JA 263 -10.17 11.27 16.19
CA TRP JA 263 -10.31 12.47 15.38
C TRP JA 263 -10.82 13.67 16.16
N ASN JA 264 -11.15 13.50 17.45
CA ASN JA 264 -11.68 14.60 18.24
C ASN JA 264 -10.75 15.81 18.27
N TRP JA 265 -9.43 15.58 18.22
CA TRP JA 265 -8.48 16.69 18.22
C TRP JA 265 -8.78 17.67 17.09
N TRP JA 266 -9.26 17.18 15.95
CA TRP JA 266 -9.58 18.08 14.85
C TRP JA 266 -10.90 18.80 15.09
N LEU JA 267 -11.87 18.11 15.71
CA LEU JA 267 -13.21 18.67 15.85
C LEU JA 267 -13.30 19.75 16.92
N GLU JA 268 -12.36 19.78 17.87
CA GLU JA 268 -12.41 20.74 18.97
C GLU JA 268 -11.17 21.63 19.00
N MET JA 269 -10.62 21.90 17.84
CA MET JA 269 -9.49 22.77 17.75
C MET JA 269 -9.97 24.18 18.18
N PRO JA 270 -9.15 24.97 18.94
CA PRO JA 270 -9.66 26.25 19.48
C PRO JA 270 -10.00 27.28 18.42
N ILE JA 271 -9.48 27.15 17.19
CA ILE JA 271 -9.80 28.13 16.15
C ILE JA 271 -11.27 28.09 15.78
N TRP JA 272 -11.88 26.92 15.82
CA TRP JA 272 -13.27 26.79 15.40
C TRP JA 272 -14.19 27.56 16.36
N PRO JA 273 -15.19 28.28 15.84
CA PRO JA 273 -16.15 29.05 16.64
C PRO JA 273 -16.91 28.20 17.64
N PRO KA 1 29.52 2.66 0.40
CA PRO KA 1 28.86 1.66 -0.43
C PRO KA 1 28.79 2.09 -1.89
N GLU KA 2 28.37 1.19 -2.77
CA GLU KA 2 28.20 1.50 -4.17
C GLU KA 2 26.97 2.37 -4.39
N TYR KA 3 26.96 3.17 -5.44
CA TYR KA 3 25.81 3.98 -5.79
C TYR KA 3 24.61 3.09 -5.98
N GLN KA 4 23.44 3.51 -5.50
CA GLN KA 4 22.26 2.66 -5.55
C GLN KA 4 21.24 3.01 -6.58
N ASN KA 5 21.34 4.15 -7.22
CA ASN KA 5 20.45 4.59 -8.29
C ASN KA 5 19.01 4.93 -7.91
N ILE KA 6 18.85 5.62 -6.80
CA ILE KA 6 17.53 6.06 -6.40
C ILE KA 6 17.42 7.56 -6.68
N PHE KA 7 18.53 8.27 -6.61
CA PHE KA 7 18.51 9.70 -6.90
C PHE KA 7 19.62 10.03 -7.89
N THR KA 8 19.31 10.88 -8.86
CA THR KA 8 20.29 11.24 -9.89
C THR KA 8 21.36 12.16 -9.32
N GLN KA 9 22.61 11.90 -9.68
CA GLN KA 9 23.74 12.67 -9.16
C GLN KA 9 23.80 14.06 -9.78
N VAL KA 10 23.69 14.15 -11.10
CA VAL KA 10 23.80 15.42 -11.81
C VAL KA 10 22.76 15.45 -12.92
N GLN KA 11 22.08 16.57 -13.07
CA GLN KA 11 21.04 16.74 -14.07
C GLN KA 11 21.55 17.58 -15.23
N VAL KA 12 21.02 17.29 -16.43
CA VAL KA 12 21.34 18.04 -17.64
C VAL KA 12 20.03 18.42 -18.31
N GLN KA 13 19.99 19.62 -18.89
CA GLN KA 13 18.78 20.15 -19.51
C GLN KA 13 19.10 20.67 -20.91
N GLY KA 14 18.19 20.40 -21.84
CA GLY KA 14 18.33 20.87 -23.19
C GLY KA 14 17.01 21.40 -23.74
N PRO KA 15 16.91 21.54 -25.06
CA PRO KA 15 15.66 22.00 -25.65
C PRO KA 15 14.51 21.05 -25.35
N ALA KA 16 13.33 21.62 -25.15
CA ALA KA 16 12.16 20.83 -24.78
C ALA KA 16 11.71 19.96 -25.95
N GLU KA 17 11.30 18.73 -25.63
CA GLU KA 17 10.78 17.81 -26.64
C GLU KA 17 9.30 18.11 -26.89
N LEU KA 18 8.93 18.19 -28.17
CA LEU KA 18 7.55 18.46 -28.54
C LEU KA 18 6.79 17.22 -29.00
N GLY KA 19 7.47 16.11 -29.22
CA GLY KA 19 6.81 14.85 -29.52
C GLY KA 19 6.99 14.44 -30.96
N VAL KA 20 6.71 13.15 -31.20
CA VAL KA 20 6.82 12.56 -32.53
C VAL KA 20 5.52 12.80 -33.29
N ASP KA 21 5.60 12.67 -34.59
CA ASP KA 21 4.40 12.80 -35.40
C ASP KA 21 4.38 11.86 -36.58
N ASN KA 22 3.22 11.71 -37.21
CA ASN KA 22 3.02 10.89 -38.40
C ASN KA 22 1.95 11.56 -39.26
N GLU KA 23 1.37 10.81 -40.19
CA GLU KA 23 0.40 11.37 -41.12
C GLU KA 23 -0.91 11.78 -40.45
N ASN KA 24 -1.14 11.39 -39.20
CA ASN KA 24 -2.38 11.76 -38.51
C ASN KA 24 -2.36 13.17 -37.96
N ASN KA 25 -1.21 13.86 -38.00
CA ASN KA 25 -1.10 15.27 -37.65
C ASN KA 25 -1.56 15.54 -36.21
N LEU KA 26 -0.82 14.97 -35.26
CA LEU KA 26 -1.10 15.20 -33.85
C LEU KA 26 -0.67 16.58 -33.38
N THR KA 27 0.17 17.28 -34.13
CA THR KA 27 0.68 18.58 -33.72
C THR KA 27 -0.43 19.64 -33.68
N GLU KA 28 -1.43 19.52 -34.55
CA GLU KA 28 -2.46 20.55 -34.67
C GLU KA 28 -3.25 20.76 -33.37
N GLU KA 29 -3.42 19.73 -32.56
CA GLU KA 29 -4.22 19.83 -31.34
C GLU KA 29 -3.40 19.87 -30.06
N ARG KA 30 -2.07 19.92 -30.15
CA ARG KA 30 -1.23 19.99 -28.96
C ARG KA 30 -1.02 21.45 -28.55
N THR KA 31 -1.07 21.69 -27.25
CA THR KA 31 -0.80 23.01 -26.71
C THR KA 31 0.69 23.34 -26.85
N THR KA 32 1.00 24.63 -26.98
CA THR KA 32 2.39 25.08 -26.94
C THR KA 32 2.71 25.65 -25.57
N GLY KA 33 3.87 25.28 -25.05
CA GLY KA 33 4.27 25.73 -23.73
C GLY KA 33 4.70 24.61 -22.81
N THR KA 34 5.92 24.70 -22.30
CA THR KA 34 6.48 23.65 -21.44
C THR KA 34 7.18 24.30 -20.25
N GLY KA 35 7.47 23.47 -19.25
CA GLY KA 35 8.19 23.92 -18.07
C GLY KA 35 9.19 22.86 -17.64
N PHE KA 36 9.95 23.20 -16.60
CA PHE KA 36 10.96 22.29 -16.05
C PHE KA 36 10.93 22.39 -14.54
N SER KA 37 10.97 21.25 -13.87
CA SER KA 37 10.99 21.17 -12.41
C SER KA 37 12.20 20.37 -11.98
N GLN KA 38 13.13 21.02 -11.28
CA GLN KA 38 14.33 20.35 -10.82
C GLN KA 38 14.10 19.51 -9.57
N LEU KA 39 13.00 19.75 -8.85
CA LEU KA 39 12.69 18.92 -7.69
C LEU KA 39 12.26 17.52 -8.12
N ILE KA 40 11.39 17.45 -9.12
CA ILE KA 40 10.97 16.15 -9.65
C ILE KA 40 12.12 15.44 -10.34
N GLY KA 41 13.01 16.19 -10.99
CA GLY KA 41 14.09 15.62 -11.77
C GLY KA 41 15.07 14.78 -10.98
N TRP KA 42 15.06 14.88 -9.66
CA TRP KA 42 15.88 14.00 -8.83
C TRP KA 42 15.45 12.56 -8.94
N ILE KA 43 14.20 12.30 -9.33
CA ILE KA 43 13.65 10.96 -9.40
C ILE KA 43 13.37 10.54 -10.85
N GLY KA 44 12.69 11.40 -11.62
CA GLY KA 44 12.32 11.09 -12.98
C GLY KA 44 12.60 12.27 -13.90
N ASN KA 45 11.77 12.38 -14.94
CA ASN KA 45 11.91 13.44 -15.91
C ASN KA 45 11.53 14.78 -15.29
N ALA KA 46 12.14 15.86 -15.81
CA ALA KA 46 11.90 17.20 -15.30
C ALA KA 46 10.95 18.02 -16.16
N GLN KA 47 10.75 17.65 -17.43
CA GLN KA 47 9.91 18.43 -18.32
C GLN KA 47 8.44 18.29 -17.96
N LEU KA 48 7.71 19.40 -18.03
CA LEU KA 48 6.27 19.43 -17.81
C LEU KA 48 5.57 19.91 -19.07
N GLY KA 49 4.56 19.17 -19.51
CA GLY KA 49 3.85 19.49 -20.73
C GLY KA 49 4.60 19.06 -21.96
N PRO KA 50 3.99 19.23 -23.14
CA PRO KA 50 2.65 19.74 -23.40
C PRO KA 50 1.58 18.65 -23.36
N ILE KA 51 0.32 18.99 -23.61
CA ILE KA 51 -0.79 18.04 -23.54
C ILE KA 51 -1.62 18.15 -24.81
N TYR KA 52 -2.33 17.07 -25.13
CA TYR KA 52 -3.19 17.00 -26.30
C TYR KA 52 -4.63 17.29 -25.89
N LEU KA 53 -5.30 18.14 -26.67
CA LEU KA 53 -6.70 18.50 -26.41
C LEU KA 53 -7.56 18.08 -27.59
N GLY KA 54 -8.27 16.97 -27.44
CA GLY KA 54 -9.31 16.58 -28.35
C GLY KA 54 -10.68 16.92 -27.81
N TRP KA 55 -11.71 16.41 -28.50
CA TRP KA 55 -13.07 16.65 -28.01
C TRP KA 55 -13.44 15.74 -26.85
N PHE KA 56 -12.95 14.49 -26.86
CA PHE KA 56 -13.25 13.58 -25.76
C PHE KA 56 -12.73 14.12 -24.43
N GLY KA 57 -11.48 14.61 -24.41
CA GLY KA 57 -10.93 15.15 -23.19
C GLY KA 57 -11.65 16.40 -22.70
N ILE KA 58 -12.01 17.29 -23.61
CA ILE KA 58 -12.74 18.50 -23.23
C ILE KA 58 -14.11 18.17 -22.65
N ILE KA 59 -14.84 17.26 -23.30
CA ILE KA 59 -16.15 16.87 -22.78
C ILE KA 59 -16.00 16.20 -21.41
N SER KA 60 -15.00 15.33 -21.26
CA SER KA 60 -14.79 14.67 -19.99
C SER KA 60 -14.49 15.67 -18.89
N LEU KA 61 -13.61 16.64 -19.16
CA LEU KA 61 -13.28 17.66 -18.16
C LEU KA 61 -14.50 18.49 -17.78
N VAL KA 62 -15.26 19.00 -18.72
CA VAL KA 62 -16.46 19.80 -18.44
C VAL KA 62 -17.52 19.08 -17.63
N THR KA 63 -17.88 17.87 -18.02
CA THR KA 63 -18.87 17.07 -17.30
C THR KA 63 -18.40 16.53 -15.94
N GLY KA 64 -17.11 16.46 -15.71
CA GLY KA 64 -16.60 16.02 -14.43
C GLY KA 64 -16.51 17.15 -13.47
N THR KA 65 -16.35 18.36 -13.98
CA THR KA 65 -16.31 19.53 -13.17
C THR KA 65 -17.74 19.83 -12.76
N LEU KA 66 -18.69 19.59 -13.62
CA LEU KA 66 -20.09 19.76 -13.25
C LEU KA 66 -20.52 18.85 -12.12
N TRP KA 67 -20.17 17.58 -12.16
CA TRP KA 67 -20.45 16.66 -11.10
C TRP KA 67 -19.87 17.14 -9.80
N PHE KA 68 -18.62 17.58 -9.80
CA PHE KA 68 -17.92 18.07 -8.62
C PHE KA 68 -18.59 19.27 -7.97
N ASN KA 69 -19.11 20.17 -8.78
CA ASN KA 69 -19.76 21.37 -8.29
C ASN KA 69 -21.17 21.15 -7.82
N ILE KA 70 -21.89 20.17 -8.36
CA ILE KA 70 -23.20 19.83 -7.84
C ILE KA 70 -23.04 19.20 -6.48
N VAL KA 71 -22.09 18.31 -6.32
CA VAL KA 71 -21.81 17.75 -5.02
C VAL KA 71 -21.30 18.86 -4.11
N GLY KA 72 -20.30 19.64 -4.52
CA GLY KA 72 -19.77 20.61 -3.58
C GLY KA 72 -20.78 21.65 -3.15
N PHE KA 73 -21.61 22.13 -4.08
CA PHE KA 73 -22.60 23.13 -3.73
C PHE KA 73 -23.71 22.54 -2.87
N ASN KA 74 -24.10 21.29 -3.12
CA ASN KA 74 -25.06 20.65 -2.22
C ASN KA 74 -24.49 20.53 -0.81
N MET KA 75 -23.21 20.13 -0.71
CA MET KA 75 -22.59 20.03 0.61
C MET KA 75 -22.54 21.39 1.29
N LEU KA 76 -22.21 22.45 0.55
CA LEU KA 76 -22.15 23.79 1.14
C LEU KA 76 -23.52 24.26 1.59
N SER KA 77 -24.58 23.98 0.81
CA SER KA 77 -25.91 24.42 1.19
C SER KA 77 -26.48 23.61 2.35
N GLN KA 78 -26.04 22.37 2.53
CA GLN KA 78 -26.51 21.58 3.67
C GLN KA 78 -26.08 22.19 5.00
N VAL KA 79 -25.06 23.03 5.01
CA VAL KA 79 -24.47 23.54 6.24
C VAL KA 79 -24.87 24.99 6.50
N GLY KA 80 -25.71 25.57 5.65
CA GLY KA 80 -26.14 26.94 5.83
C GLY KA 80 -25.22 27.99 5.25
N TYR KA 81 -24.41 27.62 4.25
CA TYR KA 81 -23.47 28.54 3.61
C TYR KA 81 -22.44 29.10 4.59
N SER KA 82 -22.08 28.32 5.60
CA SER KA 82 -21.08 28.71 6.59
C SER KA 82 -19.74 28.13 6.18
N ILE KA 83 -18.84 28.99 5.72
CA ILE KA 83 -17.54 28.52 5.22
C ILE KA 83 -16.69 27.88 6.32
N PRO KA 84 -16.52 28.49 7.50
CA PRO KA 84 -15.71 27.82 8.53
C PRO KA 84 -16.25 26.45 8.95
N GLU KA 85 -17.56 26.27 9.05
CA GLU KA 85 -18.18 24.96 9.33
C GLU KA 85 -18.05 24.05 8.13
N PHE KA 86 -18.14 24.61 6.95
CA PHE KA 86 -17.90 23.80 5.76
C PHE KA 86 -16.52 23.17 5.80
N ILE KA 87 -15.51 23.94 6.22
CA ILE KA 87 -14.16 23.41 6.34
C ILE KA 87 -14.06 22.42 7.50
N ARG KA 88 -14.72 22.73 8.62
CA ARG KA 88 -14.62 21.88 9.81
C ARG KA 88 -15.12 20.46 9.53
N GLN KA 89 -16.22 20.33 8.80
CA GLN KA 89 -16.89 19.05 8.61
C GLN KA 89 -16.76 18.51 7.18
N LEU KA 90 -15.69 18.87 6.48
CA LEU KA 90 -15.57 18.49 5.07
C LEU KA 90 -15.54 16.97 4.90
N PHE KA 91 -14.80 16.26 5.76
CA PHE KA 91 -14.68 14.81 5.64
C PHE KA 91 -15.96 14.07 6.00
N TRP KA 92 -16.92 14.73 6.62
CA TRP KA 92 -18.13 14.06 7.11
C TRP KA 92 -19.35 14.26 6.23
N LEU KA 93 -19.36 15.27 5.36
CA LEU KA 93 -20.52 15.56 4.52
C LEU KA 93 -20.54 14.66 3.29
N ALA KA 94 -21.71 14.57 2.67
CA ALA KA 94 -21.88 13.73 1.50
C ALA KA 94 -23.15 14.13 0.75
N LEU KA 95 -23.26 13.63 -0.48
CA LEU KA 95 -24.50 13.67 -1.26
C LEU KA 95 -25.06 12.25 -1.31
N GLU KA 96 -26.14 12.02 -0.57
CA GLU KA 96 -26.78 10.76 -0.23
C GLU KA 96 -27.62 10.23 -1.40
N PRO KA 97 -27.57 8.92 -1.65
CA PRO KA 97 -28.45 8.30 -2.66
C PRO KA 97 -29.89 8.32 -2.21
N PRO KA 98 -30.84 8.03 -3.11
CA PRO KA 98 -32.26 8.14 -2.75
C PRO KA 98 -32.69 7.11 -1.72
N SER KA 99 -33.90 7.32 -1.20
CA SER KA 99 -34.52 6.45 -0.21
C SER KA 99 -35.06 5.19 -0.88
N PRO KA 100 -35.10 4.06 -0.15
CA PRO KA 100 -35.53 2.79 -0.76
C PRO KA 100 -36.99 2.78 -1.23
N GLU KA 101 -37.84 3.66 -0.72
CA GLU KA 101 -39.25 3.62 -1.06
C GLU KA 101 -39.55 4.04 -2.48
N TYR KA 102 -38.60 4.69 -3.17
CA TYR KA 102 -38.86 5.22 -4.51
C TYR KA 102 -38.51 4.24 -5.62
N GLY KA 103 -37.90 3.10 -5.30
CA GLY KA 103 -37.59 2.12 -6.34
C GLY KA 103 -36.60 2.65 -7.36
N LEU KA 104 -36.89 2.39 -8.63
CA LEU KA 104 -36.07 2.87 -9.74
C LEU KA 104 -36.67 4.10 -10.40
N ARG KA 105 -37.71 4.69 -9.83
CA ARG KA 105 -38.30 5.91 -10.36
C ARG KA 105 -37.48 7.13 -9.94
N MET KA 106 -37.84 8.28 -10.49
CA MET KA 106 -37.15 9.54 -10.22
C MET KA 106 -37.57 10.14 -8.89
N PRO KA 107 -36.62 10.28 -7.99
CA PRO KA 107 -36.90 10.81 -6.67
C PRO KA 107 -36.95 12.34 -6.57
N PRO KA 108 -37.50 12.90 -5.48
CA PRO KA 108 -37.51 14.36 -5.29
C PRO KA 108 -36.12 14.93 -5.21
N LEU KA 109 -35.91 16.17 -5.62
CA LEU KA 109 -34.57 16.70 -5.65
C LEU KA 109 -33.98 16.72 -4.29
N ASP KA 110 -34.75 16.91 -3.24
CA ASP KA 110 -34.26 16.86 -1.85
C ASP KA 110 -33.89 15.45 -1.38
N ASP KA 111 -34.35 14.42 -2.09
CA ASP KA 111 -34.14 13.06 -1.62
C ASP KA 111 -33.55 12.18 -2.72
N GLY KA 112 -32.62 12.72 -3.50
CA GLY KA 112 -31.84 11.91 -4.42
C GLY KA 112 -31.88 12.31 -5.88
N GLY KA 113 -32.66 13.32 -6.24
CA GLY KA 113 -32.73 13.83 -7.59
C GLY KA 113 -31.44 14.47 -8.04
N TRP KA 114 -30.81 15.27 -7.20
CA TRP KA 114 -29.49 15.79 -7.54
C TRP KA 114 -28.45 14.71 -7.60
N PHE KA 115 -28.57 13.68 -6.79
CA PHE KA 115 -27.68 12.54 -6.86
C PHE KA 115 -27.74 11.86 -8.23
N ILE KA 116 -28.92 11.67 -8.80
CA ILE KA 116 -29.07 11.06 -10.11
C ILE KA 116 -28.59 11.94 -11.27
N ILE KA 117 -28.78 13.25 -11.18
CA ILE KA 117 -28.31 14.16 -12.21
C ILE KA 117 -26.81 14.21 -12.20
N ALA KA 118 -26.20 14.28 -11.03
CA ALA KA 118 -24.76 14.24 -10.93
C ALA KA 118 -24.13 12.92 -11.31
N SER KA 119 -24.80 11.80 -11.10
CA SER KA 119 -24.33 10.49 -11.50
C SER KA 119 -24.31 10.35 -13.01
N PHE KA 120 -25.28 10.92 -13.71
CA PHE KA 120 -25.30 10.95 -15.16
C PHE KA 120 -24.15 11.79 -15.76
N PHE KA 121 -23.73 12.85 -15.10
CA PHE KA 121 -22.60 13.63 -15.57
C PHE KA 121 -21.26 12.96 -15.31
N LEU KA 122 -21.12 12.18 -14.24
CA LEU KA 122 -19.90 11.41 -13.96
C LEU KA 122 -19.77 10.22 -14.88
N LEU KA 123 -20.87 9.62 -15.24
CA LEU KA 123 -20.87 8.54 -16.17
C LEU KA 123 -20.36 9.03 -17.50
N VAL KA 124 -20.95 10.09 -18.01
CA VAL KA 124 -20.55 10.64 -19.31
C VAL KA 124 -19.06 10.99 -19.30
N SER KA 125 -18.59 11.60 -18.20
CA SER KA 125 -17.18 11.99 -18.11
C SER KA 125 -16.25 10.77 -18.21
N VAL KA 126 -16.56 9.70 -17.46
CA VAL KA 126 -15.68 8.53 -17.46
C VAL KA 126 -15.66 7.85 -18.83
N ILE KA 127 -16.79 7.70 -19.51
CA ILE KA 127 -16.79 7.01 -20.79
C ILE KA 127 -16.07 7.82 -21.86
N SER KA 128 -16.02 9.13 -21.72
CA SER KA 128 -15.31 9.98 -22.65
C SER KA 128 -13.80 9.90 -22.49
N TRP KA 129 -13.29 9.68 -21.30
CA TRP KA 129 -11.88 9.56 -21.05
C TRP KA 129 -11.35 8.26 -21.56
N TRP KA 130 -12.22 7.28 -21.66
CA TRP KA 130 -11.87 6.01 -22.21
C TRP KA 130 -11.83 6.03 -23.73
N LEU KA 131 -12.70 6.78 -24.37
CA LEU KA 131 -12.67 6.90 -25.79
C LEU KA 131 -11.46 7.69 -26.21
N ARG KA 132 -10.95 8.57 -25.36
CA ARG KA 132 -9.72 9.28 -25.62
C ARG KA 132 -8.51 8.38 -25.55
N THR KA 133 -8.48 7.48 -24.58
CA THR KA 133 -7.40 6.55 -24.44
C THR KA 133 -7.31 5.55 -25.59
N TYR KA 134 -8.41 5.27 -26.29
CA TYR KA 134 -8.43 4.35 -27.38
C TYR KA 134 -8.02 5.07 -28.63
N GLN KA 135 -8.50 6.28 -28.82
CA GLN KA 135 -8.18 7.09 -29.98
C GLN KA 135 -6.76 7.46 -30.06
N LEU KA 136 -6.13 7.82 -28.96
CA LEU KA 136 -4.71 8.11 -28.98
C LEU KA 136 -3.80 6.96 -29.36
N ALA KA 137 -4.13 5.72 -29.04
CA ALA KA 137 -3.35 4.57 -29.50
C ALA KA 137 -3.53 4.36 -30.94
N GLU KA 138 -4.76 4.50 -31.39
CA GLU KA 138 -5.05 4.38 -32.77
C GLU KA 138 -4.34 5.50 -33.47
N MET KA 139 -4.36 6.70 -32.89
CA MET KA 139 -3.63 7.70 -33.68
C MET KA 139 -2.12 7.48 -33.62
N HIS KA 140 -1.60 6.99 -32.49
CA HIS KA 140 -0.17 6.75 -32.38
C HIS KA 140 0.28 5.46 -33.05
N LYS KA 141 -0.65 4.65 -33.56
CA LYS KA 141 -0.35 3.37 -34.22
C LYS KA 141 0.30 2.38 -33.24
N MET KA 142 -0.30 2.25 -32.06
CA MET KA 142 0.15 1.33 -31.03
C MET KA 142 -0.98 0.36 -30.70
N GLY KA 143 -0.68 -0.57 -29.79
CA GLY KA 143 -1.69 -1.49 -29.32
C GLY KA 143 -2.67 -0.82 -28.36
N LYS KA 144 -3.77 -1.53 -28.09
CA LYS KA 144 -4.85 -1.02 -27.26
C LYS KA 144 -4.84 -1.59 -25.84
N HIS KA 145 -3.66 -1.88 -25.30
CA HIS KA 145 -3.59 -2.50 -23.98
C HIS KA 145 -4.05 -1.54 -22.88
N VAL KA 146 -3.72 -0.26 -23.00
CA VAL KA 146 -4.09 0.72 -21.98
C VAL KA 146 -5.61 0.84 -21.87
N ALA KA 147 -6.29 0.91 -23.01
CA ALA KA 147 -7.74 1.04 -23.00
C ALA KA 147 -8.40 -0.18 -22.38
N TRP KA 148 -7.89 -1.38 -22.68
CA TRP KA 148 -8.46 -2.59 -22.09
C TRP KA 148 -8.24 -2.63 -20.59
N ALA KA 149 -7.05 -2.24 -20.13
CA ALA KA 149 -6.80 -2.19 -18.69
C ALA KA 149 -7.69 -1.17 -17.99
N PHE KA 150 -7.96 -0.03 -18.63
CA PHE KA 150 -8.89 0.95 -18.06
C PHE KA 150 -10.32 0.42 -18.02
N ALA KA 151 -10.75 -0.26 -19.08
CA ALA KA 151 -12.09 -0.85 -19.11
C ALA KA 151 -12.25 -1.92 -18.04
N ALA KA 152 -11.17 -2.59 -17.66
CA ALA KA 152 -11.25 -3.56 -16.56
C ALA KA 152 -11.72 -2.89 -15.27
N ALA KA 153 -11.19 -1.72 -14.95
CA ALA KA 153 -11.62 -1.01 -13.74
C ALA KA 153 -12.98 -0.36 -13.93
N ILE KA 154 -13.27 0.12 -15.14
CA ILE KA 154 -14.61 0.65 -15.43
C ILE KA 154 -15.69 -0.41 -15.23
N TRP KA 155 -15.35 -1.69 -15.43
CA TRP KA 155 -16.33 -2.75 -15.19
C TRP KA 155 -16.80 -2.77 -13.74
N LEU KA 156 -15.87 -2.73 -12.78
CA LEU KA 156 -16.25 -2.68 -11.37
C LEU KA 156 -16.94 -1.37 -11.01
N PHE KA 157 -16.48 -0.25 -11.58
CA PHE KA 157 -17.15 1.02 -11.38
C PHE KA 157 -18.62 0.94 -11.76
N LEU KA 158 -18.92 0.43 -12.96
CA LEU KA 158 -20.29 0.30 -13.44
C LEU KA 158 -21.10 -0.73 -12.66
N VAL KA 159 -20.46 -1.81 -12.23
CA VAL KA 159 -21.17 -2.79 -11.39
C VAL KA 159 -21.61 -2.14 -10.08
N LEU KA 160 -20.71 -1.41 -9.43
CA LEU KA 160 -21.06 -0.76 -8.17
C LEU KA 160 -22.17 0.26 -8.35
N GLY KA 161 -22.10 1.06 -9.41
CA GLY KA 161 -23.06 2.16 -9.51
C GLY KA 161 -24.28 1.98 -10.40
N LEU KA 162 -24.21 1.13 -11.42
CA LEU KA 162 -25.27 1.05 -12.41
C LEU KA 162 -25.96 -0.31 -12.46
N PHE KA 163 -25.19 -1.40 -12.59
CA PHE KA 163 -25.80 -2.69 -12.91
C PHE KA 163 -26.53 -3.29 -11.72
N ARG KA 164 -25.86 -3.39 -10.58
CA ARG KA 164 -26.43 -4.00 -9.38
C ARG KA 164 -27.68 -3.27 -8.88
N PRO KA 165 -27.69 -1.92 -8.83
CA PRO KA 165 -28.96 -1.25 -8.47
C PRO KA 165 -30.12 -1.59 -9.39
N ILE KA 166 -29.85 -1.75 -10.70
CA ILE KA 166 -30.93 -2.07 -11.63
C ILE KA 166 -31.41 -3.50 -11.41
N LEU KA 167 -30.48 -4.45 -11.24
CA LEU KA 167 -30.90 -5.83 -11.00
C LEU KA 167 -31.58 -6.00 -9.66
N MET KA 168 -31.25 -5.15 -8.68
CA MET KA 168 -31.89 -5.22 -7.37
C MET KA 168 -33.20 -4.46 -7.30
N GLY KA 169 -33.41 -3.50 -8.20
CA GLY KA 169 -34.67 -2.79 -8.27
C GLY KA 169 -34.77 -1.54 -7.43
N SER KA 170 -33.66 -0.85 -7.15
CA SER KA 170 -33.69 0.36 -6.36
C SER KA 170 -32.44 1.18 -6.62
N TRP KA 171 -32.61 2.49 -6.79
CA TRP KA 171 -31.47 3.40 -6.86
C TRP KA 171 -30.80 3.57 -5.51
N SER KA 172 -31.45 3.16 -4.43
CA SER KA 172 -30.92 3.28 -3.08
C SER KA 172 -29.73 2.37 -2.81
N GLU KA 173 -29.38 1.50 -3.74
CA GLU KA 173 -28.28 0.57 -3.56
C GLU KA 173 -26.93 1.15 -3.95
N ALA KA 174 -26.88 2.41 -4.36
CA ALA KA 174 -25.66 3.04 -4.85
C ALA KA 174 -24.84 3.62 -3.69
N VAL KA 175 -23.61 4.02 -4.02
CA VAL KA 175 -22.63 4.50 -3.05
C VAL KA 175 -22.74 6.02 -2.90
N PRO KA 176 -22.74 6.54 -1.67
CA PRO KA 176 -22.76 8.00 -1.48
C PRO KA 176 -21.43 8.64 -1.83
N TYR KA 177 -21.49 9.95 -2.09
CA TYR KA 177 -20.33 10.74 -2.48
C TYR KA 177 -19.78 11.45 -1.24
N GLY KA 178 -18.85 10.79 -0.57
CA GLY KA 178 -18.24 11.36 0.63
C GLY KA 178 -17.00 10.59 1.01
N ILE KA 179 -16.23 11.15 1.93
CA ILE KA 179 -14.99 10.54 2.36
C ILE KA 179 -15.25 9.46 3.40
N PHE KA 180 -15.78 9.85 4.54
CA PHE KA 180 -16.16 8.93 5.61
C PHE KA 180 -17.46 8.16 5.31
N PRO KA 181 -18.49 8.95 4.75
CA PRO KA 181 -19.71 8.26 4.39
C PRO KA 181 -19.56 7.11 3.44
N HIS KA 182 -18.61 7.14 2.53
CA HIS KA 182 -18.37 6.00 1.66
C HIS KA 182 -17.66 4.83 2.31
N LEU KA 183 -17.00 5.05 3.41
CA LEU KA 183 -16.33 3.99 4.12
C LEU KA 183 -17.32 3.35 5.04
N ASP KA 184 -18.31 4.07 5.48
CA ASP KA 184 -19.37 3.54 6.28
C ASP KA 184 -20.21 2.67 5.39
N TRP KA 185 -20.38 3.04 4.11
CA TRP KA 185 -21.09 2.18 3.17
C TRP KA 185 -20.40 0.84 3.02
N THR KA 186 -19.07 0.83 2.94
CA THR KA 186 -18.34 -0.43 2.80
C THR KA 186 -18.57 -1.34 4.00
N THR KA 187 -18.44 -0.78 5.22
CA THR KA 187 -18.65 -1.60 6.40
C THR KA 187 -20.09 -2.09 6.51
N ALA KA 188 -21.06 -1.23 6.20
CA ALA KA 188 -22.46 -1.63 6.29
C ALA KA 188 -22.82 -2.67 5.23
N PHE KA 189 -22.26 -2.55 4.03
CA PHE KA 189 -22.45 -3.56 2.99
C PHE KA 189 -21.91 -4.90 3.44
N SER KA 190 -20.72 -4.91 4.05
CA SER KA 190 -20.16 -6.17 4.52
C SER KA 190 -21.03 -6.78 5.63
N ILE KA 191 -21.53 -5.95 6.55
CA ILE KA 191 -22.30 -6.48 7.67
C ILE KA 191 -23.66 -6.99 7.20
N ARG KA 192 -24.32 -6.27 6.30
CA ARG KA 192 -25.71 -6.59 5.93
C ARG KA 192 -25.84 -7.97 5.30
N TYR KA 193 -24.81 -8.43 4.59
CA TYR KA 193 -24.88 -9.66 3.83
C TYR KA 193 -23.98 -10.73 4.42
N GLY KA 194 -24.00 -10.86 5.74
CA GLY KA 194 -23.17 -11.86 6.40
C GLY KA 194 -21.78 -11.33 6.62
N ASN KA 195 -20.78 -12.07 6.15
CA ASN KA 195 -19.39 -11.67 6.22
C ASN KA 195 -18.80 -11.75 4.83
N LEU KA 196 -18.28 -10.62 4.32
CA LEU KA 196 -17.75 -10.58 2.96
C LEU KA 196 -16.42 -11.32 2.84
N TYR KA 197 -15.79 -11.71 3.96
CA TYR KA 197 -14.62 -12.55 3.89
C TYR KA 197 -14.93 -13.89 3.21
N TYR KA 198 -16.13 -14.42 3.45
CA TYR KA 198 -16.51 -15.73 2.96
C TYR KA 198 -17.10 -15.71 1.57
N ASN KA 199 -17.01 -14.58 0.87
CA ASN KA 199 -17.31 -14.53 -0.55
C ASN KA 199 -16.09 -14.97 -1.33
N PRO KA 200 -16.14 -16.07 -2.09
CA PRO KA 200 -14.93 -16.57 -2.76
C PRO KA 200 -14.30 -15.61 -3.75
N PHE KA 201 -15.10 -14.83 -4.47
CA PHE KA 201 -14.55 -13.87 -5.42
C PHE KA 201 -13.88 -12.68 -4.72
N HIS KA 202 -14.34 -12.31 -3.53
CA HIS KA 202 -13.62 -11.34 -2.72
C HIS KA 202 -12.24 -11.86 -2.35
N ALA KA 203 -12.15 -13.13 -1.97
CA ALA KA 203 -10.86 -13.75 -1.70
C ALA KA 203 -9.96 -13.78 -2.93
N LEU KA 204 -10.53 -14.09 -4.11
CA LEU KA 204 -9.74 -14.06 -5.34
C LEU KA 204 -9.23 -12.66 -5.66
N SER KA 205 -10.08 -11.64 -5.46
CA SER KA 205 -9.64 -10.27 -5.68
C SER KA 205 -8.50 -9.89 -4.75
N ILE KA 206 -8.58 -10.31 -3.47
CA ILE KA 206 -7.49 -10.07 -2.54
C ILE KA 206 -6.22 -10.79 -2.99
N VAL KA 207 -6.36 -12.02 -3.48
CA VAL KA 207 -5.21 -12.77 -4.00
C VAL KA 207 -4.52 -11.98 -5.11
N PHE KA 208 -5.29 -11.47 -6.07
CA PHE KA 208 -4.68 -10.75 -7.18
C PHE KA 208 -4.13 -9.38 -6.79
N LEU KA 209 -4.74 -8.68 -5.84
CA LEU KA 209 -4.17 -7.42 -5.37
C LEU KA 209 -2.84 -7.65 -4.65
N TYR KA 210 -2.79 -8.64 -3.75
CA TYR KA 210 -1.54 -8.98 -3.10
C TYR KA 210 -0.47 -9.36 -4.11
N GLY KA 211 -0.84 -10.19 -5.10
CA GLY KA 211 0.09 -10.57 -6.14
C GLY KA 211 0.61 -9.44 -6.98
N SER KA 212 -0.25 -8.47 -7.32
CA SER KA 212 0.21 -7.31 -8.08
C SER KA 212 1.20 -6.47 -7.29
N VAL KA 213 1.05 -6.21 -6.01
CA VAL KA 213 2.03 -5.48 -5.19
C VAL KA 213 3.32 -6.25 -4.94
N LEU KA 214 3.27 -7.55 -4.80
CA LEU KA 214 4.47 -8.33 -4.70
C LEU KA 214 5.29 -8.28 -6.00
N LEU KA 215 4.64 -8.17 -7.14
CA LEU KA 215 5.31 -8.11 -8.42
C LEU KA 215 5.95 -6.81 -8.81
N PHE KA 216 5.52 -5.68 -8.30
CA PHE KA 216 6.20 -4.43 -8.53
C PHE KA 216 7.37 -4.27 -7.58
N ALA KA 217 7.39 -4.98 -6.47
CA ALA KA 217 8.52 -4.96 -5.56
C ALA KA 217 9.60 -5.81 -6.13
N MET KA 218 9.22 -6.91 -6.72
CA MET KA 218 10.14 -7.79 -7.36
C MET KA 218 10.59 -7.19 -8.67
N HIS KA 219 9.71 -6.64 -9.50
CA HIS KA 219 10.16 -6.14 -10.79
C HIS KA 219 10.94 -4.84 -10.66
N GLY KA 220 10.48 -3.92 -9.81
CA GLY KA 220 11.23 -2.71 -9.58
C GLY KA 220 12.61 -2.98 -9.02
N ALA KA 221 12.70 -3.85 -8.01
CA ALA KA 221 14.01 -4.17 -7.46
C ALA KA 221 14.91 -4.86 -8.47
N THR KA 222 14.38 -5.80 -9.26
CA THR KA 222 15.19 -6.51 -10.24
C THR KA 222 15.72 -5.57 -11.32
N ILE KA 223 14.87 -4.65 -11.81
CA ILE KA 223 15.32 -3.73 -12.84
C ILE KA 223 16.35 -2.74 -12.29
N LEU KA 224 16.17 -2.29 -11.04
CA LEU KA 224 17.18 -1.41 -10.47
C LEU KA 224 18.49 -2.16 -10.20
N ALA KA 225 18.55 -3.44 -9.99
CA ALA KA 225 19.84 -4.10 -9.83
C ALA KA 225 20.65 -4.39 -11.10
N VAL KA 226 20.07 -4.24 -12.28
CA VAL KA 226 20.72 -4.54 -13.56
C VAL KA 226 20.87 -3.28 -14.39
N THR KA 227 20.72 -2.12 -13.77
CA THR KA 227 20.85 -0.83 -14.44
C THR KA 227 22.31 -0.50 -14.73
N ARG KA 228 23.24 -1.24 -14.14
CA ARG KA 228 24.65 -1.09 -14.44
C ARG KA 228 25.00 -1.82 -15.72
N PHE KA 229 24.05 -2.50 -16.35
CA PHE KA 229 24.24 -3.21 -17.60
C PHE KA 229 23.23 -2.69 -18.62
N GLY KA 230 22.64 -1.53 -18.38
CA GLY KA 230 21.67 -0.94 -19.28
C GLY KA 230 20.30 -1.55 -19.25
N GLY KA 231 19.84 -2.01 -18.11
CA GLY KA 231 18.62 -2.78 -18.06
C GLY KA 231 17.34 -1.97 -18.11
N ASP KA 232 17.41 -0.66 -17.89
CA ASP KA 232 16.21 0.17 -17.96
C ASP KA 232 15.79 0.51 -19.39
N ARG KA 233 16.62 0.17 -20.38
CA ARG KA 233 16.23 0.29 -21.79
C ARG KA 233 15.64 -1.04 -22.24
N GLU KA 234 14.37 -1.23 -21.90
CA GLU KA 234 13.75 -2.55 -22.00
C GLU KA 234 13.43 -2.92 -23.45
N LEU KA 235 12.98 -1.95 -24.25
CA LEU KA 235 12.53 -2.28 -25.61
C LEU KA 235 13.69 -2.78 -26.47
N GLU KA 236 14.85 -2.13 -26.38
CA GLU KA 236 16.01 -2.60 -27.13
C GLU KA 236 16.51 -3.93 -26.61
N GLN KA 237 16.34 -4.20 -25.31
CA GLN KA 237 16.64 -5.52 -24.77
C GLN KA 237 15.71 -6.58 -25.34
N ILE KA 238 14.45 -6.22 -25.61
CA ILE KA 238 13.54 -7.14 -26.27
C ILE KA 238 13.97 -7.38 -27.71
N TYR KA 239 14.32 -6.32 -28.44
CA TYR KA 239 14.70 -6.47 -29.84
C TYR KA 239 16.09 -7.07 -30.02
N ASP KA 240 16.97 -6.97 -29.02
CA ASP KA 240 18.31 -7.54 -29.10
C ASP KA 240 18.75 -7.89 -27.69
N ARG KA 241 18.70 -9.18 -27.35
CA ARG KA 241 18.97 -9.62 -25.99
C ARG KA 241 20.40 -9.26 -25.57
N GLY KA 242 20.53 -8.70 -24.37
CA GLY KA 242 21.82 -8.37 -23.81
C GLY KA 242 22.07 -9.10 -22.51
N THR KA 243 23.18 -8.79 -21.83
CA THR KA 243 23.53 -9.48 -20.60
C THR KA 243 22.64 -9.10 -19.42
N ALA KA 244 21.98 -7.94 -19.46
CA ALA KA 244 21.11 -7.54 -18.37
C ALA KA 244 19.91 -8.48 -18.25
N SER KA 245 19.28 -8.79 -19.38
CA SER KA 245 18.17 -9.73 -19.40
C SER KA 245 18.60 -11.12 -18.96
N GLU KA 246 19.77 -11.56 -19.39
CA GLU KA 246 20.27 -12.89 -19.01
C GLU KA 246 20.49 -12.98 -17.51
N ARG KA 247 21.16 -11.98 -16.92
CA ARG KA 247 21.38 -12.01 -15.47
C ARG KA 247 20.08 -11.88 -14.69
N ALA KA 248 19.15 -11.04 -15.16
CA ALA KA 248 17.86 -10.91 -14.48
C ALA KA 248 17.08 -12.21 -14.50
N GLY KA 249 17.10 -12.92 -15.64
CA GLY KA 249 16.44 -14.20 -15.70
C GLY KA 249 17.10 -15.25 -14.84
N LEU KA 250 18.44 -15.30 -14.86
CA LEU KA 250 19.15 -16.32 -14.09
C LEU KA 250 19.03 -16.12 -12.59
N PHE KA 251 18.90 -14.88 -12.11
CA PHE KA 251 18.67 -14.66 -10.69
C PHE KA 251 17.42 -15.41 -10.22
N TRP KA 252 16.29 -15.19 -10.88
CA TRP KA 252 15.05 -15.84 -10.48
C TRP KA 252 15.05 -17.32 -10.80
N ARG KA 253 15.72 -17.75 -11.87
CA ARG KA 253 15.81 -19.17 -12.15
C ARG KA 253 16.55 -19.91 -11.04
N TRP KA 254 17.68 -19.36 -10.58
CA TRP KA 254 18.40 -19.97 -9.48
C TRP KA 254 17.69 -19.79 -8.14
N THR KA 255 16.83 -18.79 -8.01
CA THR KA 255 16.11 -18.59 -6.76
C THR KA 255 14.92 -19.54 -6.60
N MET KA 256 13.99 -19.55 -7.57
CA MET KA 256 12.74 -20.29 -7.39
C MET KA 256 12.45 -21.30 -8.49
N GLY KA 257 13.41 -21.61 -9.36
CA GLY KA 257 13.27 -22.71 -10.28
C GLY KA 257 12.66 -22.39 -11.63
N PHE KA 258 12.14 -21.18 -11.83
CA PHE KA 258 11.65 -20.78 -13.14
C PHE KA 258 11.75 -19.26 -13.24
N ASN KA 259 11.71 -18.77 -14.47
CA ASN KA 259 11.93 -17.35 -14.73
C ASN KA 259 11.07 -16.92 -15.91
N ALA KA 260 11.22 -15.66 -16.30
CA ALA KA 260 10.47 -15.04 -17.37
C ALA KA 260 11.44 -14.47 -18.41
N THR KA 261 10.89 -13.73 -19.36
CA THR KA 261 11.67 -12.97 -20.33
C THR KA 261 11.43 -11.48 -20.13
N MET KA 262 12.19 -10.68 -20.88
CA MET KA 262 12.05 -9.23 -20.77
C MET KA 262 10.67 -8.78 -21.22
N GLU KA 263 10.15 -9.35 -22.32
CA GLU KA 263 8.82 -8.99 -22.80
C GLU KA 263 7.72 -9.68 -21.98
N GLY KA 264 7.97 -10.91 -21.52
CA GLY KA 264 6.92 -11.71 -20.93
C GLY KA 264 6.55 -11.37 -19.50
N ILE KA 265 7.43 -10.68 -18.77
CA ILE KA 265 7.09 -10.28 -17.40
C ILE KA 265 5.99 -9.24 -17.38
N HIS KA 266 5.94 -8.38 -18.40
CA HIS KA 266 4.91 -7.36 -18.49
C HIS KA 266 3.53 -7.96 -18.74
N ARG KA 267 3.44 -9.11 -19.41
CA ARG KA 267 2.16 -9.81 -19.53
C ARG KA 267 1.68 -10.33 -18.18
N TRP KA 268 2.60 -10.90 -17.38
CA TRP KA 268 2.26 -11.30 -16.02
C TRP KA 268 1.73 -10.12 -15.23
N ALA KA 269 2.43 -8.98 -15.28
CA ALA KA 269 1.98 -7.80 -14.55
C ALA KA 269 0.62 -7.31 -15.04
N TRP KA 270 0.43 -7.27 -16.36
CA TRP KA 270 -0.82 -6.81 -16.93
C TRP KA 270 -1.99 -7.68 -16.46
N TRP KA 271 -1.86 -8.99 -16.47
CA TRP KA 271 -2.95 -9.89 -16.08
C TRP KA 271 -3.32 -9.90 -14.59
N PHE KA 272 -2.38 -9.90 -13.67
CA PHE KA 272 -2.65 -9.81 -12.25
C PHE KA 272 -3.37 -8.55 -11.85
N ALA KA 273 -2.99 -7.43 -12.45
CA ALA KA 273 -3.61 -6.18 -12.16
C ALA KA 273 -4.96 -6.17 -12.78
N VAL KA 274 -5.06 -6.65 -14.01
CA VAL KA 274 -6.38 -6.58 -14.61
C VAL KA 274 -7.37 -7.50 -13.90
N LEU KA 275 -6.91 -8.64 -13.37
CA LEU KA 275 -7.83 -9.61 -12.81
C LEU KA 275 -8.49 -9.18 -11.50
N THR KA 276 -7.96 -8.16 -10.82
CA THR KA 276 -8.54 -7.74 -9.54
C THR KA 276 -9.95 -7.18 -9.70
N PRO KA 277 -10.21 -6.15 -10.52
CA PRO KA 277 -11.58 -5.64 -10.63
C PRO KA 277 -12.56 -6.60 -11.30
N ILE KA 278 -12.09 -7.48 -12.18
CA ILE KA 278 -13.01 -8.43 -12.83
C ILE KA 278 -13.61 -9.38 -11.81
N THR KA 279 -12.74 -10.02 -11.00
CA THR KA 279 -13.23 -10.92 -9.96
C THR KA 279 -14.01 -10.16 -8.90
N GLY KA 280 -13.57 -8.95 -8.56
CA GLY KA 280 -14.32 -8.15 -7.61
C GLY KA 280 -15.72 -7.83 -8.08
N GLY KA 281 -15.87 -7.44 -9.35
CA GLY KA 281 -17.19 -7.14 -9.88
C GLY KA 281 -18.07 -8.36 -9.98
N ILE KA 282 -17.50 -9.51 -10.37
CA ILE KA 282 -18.29 -10.74 -10.37
C ILE KA 282 -18.75 -11.08 -8.96
N GLY KA 283 -17.90 -10.86 -7.96
CA GLY KA 283 -18.32 -11.12 -6.59
C GLY KA 283 -19.40 -10.18 -6.10
N ILE KA 284 -19.30 -8.89 -6.45
CA ILE KA 284 -20.30 -7.93 -6.02
C ILE KA 284 -21.64 -8.18 -6.70
N LEU KA 285 -21.61 -8.57 -7.98
CA LEU KA 285 -22.85 -8.78 -8.72
C LEU KA 285 -23.67 -9.96 -8.19
N LEU KA 286 -23.05 -10.88 -7.47
CA LEU KA 286 -23.75 -12.06 -6.95
C LEU KA 286 -24.35 -11.85 -5.57
N THR KA 287 -24.16 -10.68 -4.96
CA THR KA 287 -24.59 -10.44 -3.59
C THR KA 287 -26.00 -9.85 -3.57
N GLY KA 288 -26.87 -10.46 -2.79
CA GLY KA 288 -28.25 -10.03 -2.70
C GLY KA 288 -29.11 -10.60 -3.80
N THR KA 289 -28.56 -10.63 -5.02
CA THR KA 289 -29.27 -11.21 -6.15
C THR KA 289 -29.32 -12.72 -6.10
N VAL KA 290 -28.28 -13.36 -5.57
CA VAL KA 290 -28.23 -14.82 -5.48
C VAL KA 290 -28.04 -15.24 -4.03
N VAL KA 291 -26.95 -14.79 -3.41
CA VAL KA 291 -26.58 -15.20 -2.06
C VAL KA 291 -26.86 -14.04 -1.11
N ASP KA 292 -27.54 -14.33 -0.01
CA ASP KA 292 -27.92 -13.32 0.97
C ASP KA 292 -27.15 -13.40 2.28
N ASN KA 293 -26.53 -14.53 2.59
CA ASN KA 293 -25.72 -14.70 3.81
C ASN KA 293 -24.53 -15.56 3.44
N TRP KA 294 -23.34 -14.95 3.35
CA TRP KA 294 -22.17 -15.67 2.88
C TRP KA 294 -21.61 -16.63 3.93
N PHE KA 295 -21.79 -16.35 5.22
CA PHE KA 295 -21.35 -17.30 6.24
C PHE KA 295 -22.21 -18.55 6.25
N LEU KA 296 -23.53 -18.42 6.06
CA LEU KA 296 -24.36 -19.60 5.92
C LEU KA 296 -24.04 -20.36 4.64
N TRP KA 297 -23.65 -19.65 3.58
CA TRP KA 297 -23.18 -20.31 2.36
C TRP KA 297 -21.92 -21.12 2.61
N ALA KA 298 -20.98 -20.57 3.38
CA ALA KA 298 -19.77 -21.29 3.74
C ALA KA 298 -20.07 -22.49 4.62
N VAL KA 299 -21.02 -22.37 5.56
CA VAL KA 299 -21.42 -23.51 6.37
C VAL KA 299 -22.04 -24.59 5.50
N GLU KA 300 -22.87 -24.19 4.53
CA GLU KA 300 -23.47 -25.13 3.59
C GLU KA 300 -22.40 -25.86 2.78
N HIS KA 301 -21.38 -25.15 2.33
CA HIS KA 301 -20.36 -25.73 1.47
C HIS KA 301 -19.11 -26.16 2.23
N ASN KA 302 -19.15 -26.14 3.56
CA ASN KA 302 -18.18 -26.83 4.42
C ASN KA 302 -16.77 -26.26 4.28
N PHE KA 303 -16.62 -24.96 4.49
CA PHE KA 303 -15.31 -24.37 4.72
C PHE KA 303 -15.37 -23.31 5.81
N ALA KA 304 -16.23 -23.52 6.80
CA ALA KA 304 -16.33 -22.66 7.96
C ALA KA 304 -15.73 -23.34 9.18
N PRO KA 305 -14.72 -22.77 9.83
CA PRO KA 305 -14.09 -23.44 10.96
C PRO KA 305 -15.00 -23.51 12.19
N ASP KA 306 -14.68 -24.46 13.05
CA ASP KA 306 -15.42 -24.68 14.29
C ASP KA 306 -14.49 -24.56 15.50
N TYR KA 307 -14.98 -24.03 16.60
CA TYR KA 307 -14.18 -23.80 17.80
C TYR KA 307 -14.79 -24.55 18.98
N THR KA 308 -13.91 -25.07 19.84
CA THR KA 308 -14.32 -25.92 20.95
C THR KA 308 -14.50 -25.16 22.26
N GLN KA 309 -13.68 -24.14 22.52
CA GLN KA 309 -13.71 -23.44 23.78
C GLN KA 309 -14.99 -22.60 23.92
N ASP KA 310 -15.15 -22.00 25.09
CA ASP KA 310 -16.36 -21.27 25.45
C ASP KA 310 -16.21 -19.78 25.17
N TYR KA 311 -17.34 -19.07 25.27
CA TYR KA 311 -17.40 -17.63 25.10
C TYR KA 311 -17.69 -16.97 26.44
N GLY KA 312 -17.04 -15.84 26.70
CA GLY KA 312 -17.25 -15.10 27.92
C GLY KA 312 -15.98 -14.79 28.67
N TYR KA 313 -15.92 -13.62 29.31
CA TYR KA 313 -14.70 -13.26 30.04
C TYR KA 313 -14.58 -14.04 31.35
N GLU KA 314 -15.69 -14.43 31.95
CA GLU KA 314 -15.63 -15.16 33.22
C GLU KA 314 -15.37 -16.65 33.03
N ALA KA 315 -15.27 -17.12 31.79
CA ALA KA 315 -14.70 -18.42 31.51
C ALA KA 315 -13.17 -18.41 31.55
N TYR KA 316 -12.56 -17.23 31.63
CA TYR KA 316 -11.11 -17.10 31.64
C TYR KA 316 -10.56 -16.26 32.78
N THR KA 317 -11.35 -15.39 33.40
CA THR KA 317 -10.83 -14.49 34.42
C THR KA 317 -11.99 -14.01 35.29
N THR KA 318 -11.70 -13.03 36.15
CA THR KA 318 -12.67 -12.45 37.07
C THR KA 318 -12.60 -10.94 36.95
N TYR KA 319 -13.76 -10.28 37.10
CA TYR KA 319 -13.81 -8.83 36.98
C TYR KA 319 -12.94 -8.14 38.02
N ASP KA 320 -12.93 -8.65 39.26
CA ASP KA 320 -12.05 -8.10 40.28
C ASP KA 320 -10.58 -8.34 39.97
N GLY KA 321 -10.25 -9.50 39.40
CA GLY KA 321 -8.88 -9.81 39.07
C GLY KA 321 -8.32 -9.02 37.90
N PHE KA 322 -9.19 -8.51 37.03
CA PHE KA 322 -8.78 -7.67 35.93
C PHE KA 322 -8.54 -6.23 36.35
N LEU KA 323 -9.07 -5.81 37.49
CA LEU KA 323 -8.85 -4.46 38.01
C LEU KA 323 -7.73 -4.36 39.01
N GLY KA 324 -7.20 -5.48 39.49
CA GLY KA 324 -6.17 -5.45 40.51
C GLY KA 324 -6.68 -5.34 41.93
N ARG KA 325 -7.99 -5.43 42.13
CA ARG KA 325 -8.57 -5.33 43.46
C ARG KA 325 -8.36 -6.61 44.25
N MET LA 1 -34.25 4.67 -51.46
CA MET LA 1 -34.11 3.27 -51.08
C MET LA 1 -33.30 2.44 -52.05
N SER LA 2 -33.50 2.62 -53.37
CA SER LA 2 -32.62 1.93 -54.29
C SER LA 2 -31.13 2.13 -54.11
N LYS LA 3 -30.69 3.10 -53.33
CA LYS LA 3 -29.28 3.33 -53.22
C LYS LA 3 -28.68 3.03 -51.86
N PHE LA 4 -29.34 2.18 -51.08
CA PHE LA 4 -28.88 1.84 -49.74
C PHE LA 4 -27.72 0.89 -49.75
N TYR LA 5 -27.31 0.43 -50.91
CA TYR LA 5 -26.18 -0.46 -51.05
C TYR LA 5 -24.91 0.25 -50.84
N LYS LA 6 -24.94 1.56 -50.95
CA LYS LA 6 -23.76 2.36 -50.82
C LYS LA 6 -23.35 2.51 -49.39
N ILE LA 7 -23.90 1.68 -48.52
CA ILE LA 7 -23.51 1.67 -47.13
C ILE LA 7 -22.17 0.99 -47.05
N TRP LA 8 -21.90 0.12 -48.01
CA TRP LA 8 -20.67 -0.63 -47.98
C TRP LA 8 -19.54 0.18 -48.55
N LEU LA 9 -19.83 1.36 -49.10
CA LEU LA 9 -18.75 2.23 -49.52
C LEU LA 9 -18.27 3.11 -48.37
N ILE LA 10 -18.87 2.98 -47.19
CA ILE LA 10 -18.50 3.74 -46.01
C ILE LA 10 -18.05 2.83 -44.87
N PHE LA 11 -18.78 1.74 -44.64
CA PHE LA 11 -18.52 0.84 -43.51
C PHE LA 11 -17.80 -0.41 -43.99
N ASP LA 12 -16.88 -0.90 -43.16
CA ASP LA 12 -16.17 -2.14 -43.45
C ASP LA 12 -17.03 -3.33 -43.07
N PRO LA 13 -17.38 -4.23 -44.00
CA PRO LA 13 -18.26 -5.35 -43.64
C PRO LA 13 -17.70 -6.27 -42.57
N ARG LA 14 -16.38 -6.41 -42.50
CA ARG LA 14 -15.77 -7.34 -41.54
C ARG LA 14 -16.11 -6.96 -40.10
N ARG LA 15 -16.05 -5.67 -39.78
CA ARG LA 15 -16.32 -5.22 -38.42
C ARG LA 15 -17.81 -5.31 -38.10
N VAL LA 16 -18.65 -4.85 -39.03
CA VAL LA 16 -20.09 -4.80 -38.77
C VAL LA 16 -20.71 -6.18 -38.69
N PHE LA 17 -20.16 -7.19 -39.39
CA PHE LA 17 -20.72 -8.52 -39.28
C PHE LA 17 -20.53 -9.09 -37.88
N VAL LA 18 -19.31 -8.94 -37.32
CA VAL LA 18 -19.05 -9.40 -35.96
C VAL LA 18 -19.90 -8.63 -34.95
N ALA LA 19 -19.97 -7.31 -35.12
CA ALA LA 19 -20.77 -6.50 -34.19
C ALA LA 19 -22.23 -6.91 -34.23
N GLN LA 20 -22.78 -7.13 -35.43
CA GLN LA 20 -24.17 -7.51 -35.56
C GLN LA 20 -24.44 -8.87 -34.94
N GLY LA 21 -23.54 -9.85 -35.17
CA GLY LA 21 -23.74 -11.15 -34.56
C GLY LA 21 -23.76 -11.11 -33.05
N VAL LA 22 -22.78 -10.42 -32.46
CA VAL LA 22 -22.74 -10.31 -31.00
C VAL LA 22 -23.99 -9.61 -30.47
N PHE LA 23 -24.37 -8.51 -31.12
CA PHE LA 23 -25.54 -7.75 -30.68
C PHE LA 23 -26.80 -8.59 -30.74
N LEU LA 24 -27.01 -9.32 -31.85
CA LEU LA 24 -28.22 -10.10 -32.01
C LEU LA 24 -28.31 -11.21 -30.96
N PHE LA 25 -27.21 -11.94 -30.73
CA PHE LA 25 -27.30 -13.02 -29.75
C PHE LA 25 -27.54 -12.47 -28.35
N LEU LA 26 -26.85 -11.38 -27.98
CA LEU LA 26 -27.04 -10.82 -26.65
C LEU LA 26 -28.47 -10.32 -26.45
N LEU LA 27 -29.02 -9.67 -27.47
CA LEU LA 27 -30.40 -9.17 -27.37
C LEU LA 27 -31.39 -10.32 -27.22
N ALA LA 28 -31.23 -11.38 -28.01
CA ALA LA 28 -32.15 -12.51 -27.91
C ALA LA 28 -32.06 -13.18 -26.54
N ALA LA 29 -30.85 -13.37 -26.03
CA ALA LA 29 -30.70 -13.98 -24.70
C ALA LA 29 -31.33 -13.11 -23.62
N MET LA 30 -31.13 -11.79 -23.70
CA MET LA 30 -31.71 -10.90 -22.71
C MET LA 30 -33.23 -10.96 -22.74
N ILE LA 31 -33.83 -10.98 -23.93
CA ILE LA 31 -35.28 -11.03 -24.02
C ILE LA 31 -35.82 -12.34 -23.46
N HIS LA 32 -35.19 -13.46 -23.80
CA HIS LA 32 -35.65 -14.75 -23.28
C HIS LA 32 -35.56 -14.78 -21.76
N LEU LA 33 -34.47 -14.27 -21.19
CA LEU LA 33 -34.35 -14.24 -19.73
C LEU LA 33 -35.37 -13.30 -19.07
N VAL LA 34 -35.64 -12.15 -19.68
CA VAL LA 34 -36.63 -11.24 -19.13
C VAL LA 34 -38.02 -11.90 -19.13
N LEU LA 35 -38.35 -12.63 -20.19
CA LEU LA 35 -39.59 -13.39 -20.18
C LEU LA 35 -39.61 -14.44 -19.09
N LEU LA 36 -38.48 -15.13 -18.89
CA LEU LA 36 -38.42 -16.14 -17.83
C LEU LA 36 -38.55 -15.53 -16.44
N SER LA 37 -38.23 -14.24 -16.27
CA SER LA 37 -38.30 -13.63 -14.95
C SER LA 37 -39.69 -13.20 -14.54
N THR LA 38 -40.66 -13.21 -15.44
CA THR LA 38 -42.02 -12.79 -15.11
C THR LA 38 -42.82 -13.95 -14.52
N GLU LA 39 -44.07 -13.68 -14.18
CA GLU LA 39 -44.98 -14.68 -13.63
C GLU LA 39 -45.97 -15.23 -14.63
N HIS LA 40 -46.41 -14.41 -15.59
CA HIS LA 40 -47.40 -14.81 -16.56
C HIS LA 40 -46.81 -15.48 -17.80
N PHE LA 41 -45.51 -15.30 -18.06
CA PHE LA 41 -44.89 -15.75 -19.29
C PHE LA 41 -43.79 -16.79 -19.08
N ASN LA 42 -43.65 -17.32 -17.86
CA ASN LA 42 -42.71 -18.41 -17.63
C ASN LA 42 -43.35 -19.72 -18.09
N TRP LA 43 -42.78 -20.32 -19.14
CA TRP LA 43 -43.40 -21.50 -19.74
C TRP LA 43 -43.04 -22.80 -19.06
N PHE LA 44 -41.95 -22.84 -18.29
CA PHE LA 44 -41.66 -24.03 -17.48
C PHE LA 44 -42.66 -24.17 -16.34
N GLU LA 45 -43.00 -23.06 -15.69
CA GLU LA 45 -43.96 -23.10 -14.59
C GLU LA 45 -45.40 -23.27 -15.07
N LEU LA 46 -45.70 -22.92 -16.28
CA LEU LA 46 -47.01 -23.15 -16.78
C LEU LA 46 -47.30 -24.61 -16.97
N ALA LA 47 -46.33 -25.39 -17.45
CA ALA LA 47 -46.54 -26.82 -17.60
C ALA LA 47 -46.76 -27.50 -16.26
N ALA LA 48 -46.04 -27.07 -15.23
CA ALA LA 48 -46.20 -27.64 -13.91
C ALA LA 48 -47.57 -27.36 -13.31
N ALA LA 49 -48.24 -26.29 -13.74
CA ALA LA 49 -49.55 -25.93 -13.22
C ALA LA 49 -50.69 -26.38 -14.12
N ASN LA 50 -50.42 -26.82 -15.34
CA ASN LA 50 -51.44 -27.35 -16.23
C ASN LA 50 -51.54 -28.87 -16.16
N ALA LA 51 -50.38 -29.51 -15.87
CA ALA LA 51 -50.39 -30.94 -15.61
C ALA LA 51 -51.29 -31.28 -14.42
N ASP MA 1 -18.30 7.82 -57.33
CA ASP MA 1 -16.90 7.39 -57.34
C ASP MA 1 -16.31 7.42 -55.93
N LEU MA 2 -17.10 7.91 -54.99
CA LEU MA 2 -16.64 8.01 -53.60
C LEU MA 2 -16.55 6.63 -52.96
N SER MA 3 -15.51 6.42 -52.15
CA SER MA 3 -15.31 5.15 -51.46
C SER MA 3 -14.32 5.36 -50.33
N PHE MA 4 -14.65 4.86 -49.15
CA PHE MA 4 -13.76 4.92 -47.99
C PHE MA 4 -13.18 3.57 -47.61
N THR MA 5 -13.71 2.47 -48.13
CA THR MA 5 -13.28 1.13 -47.75
C THR MA 5 -12.43 0.44 -48.81
N GLY MA 6 -12.50 0.88 -50.06
CA GLY MA 6 -11.77 0.25 -51.15
C GLY MA 6 -12.64 -0.55 -52.10
N LEU MA 7 -13.88 -0.84 -51.76
CA LEU MA 7 -14.76 -1.58 -52.65
C LEU MA 7 -15.18 -0.71 -53.84
N THR MA 8 -15.59 -1.37 -54.90
CA THR MA 8 -16.19 -0.71 -56.05
C THR MA 8 -17.71 -0.76 -55.93
N ASP MA 9 -18.38 -0.10 -56.87
CA ASP MA 9 -19.84 -0.02 -56.84
C ASP MA 9 -20.49 -1.39 -57.03
N GLU MA 10 -20.01 -2.14 -58.02
CA GLU MA 10 -20.62 -3.42 -58.36
C GLU MA 10 -20.43 -4.46 -57.27
N GLN MA 11 -19.27 -4.47 -56.60
CA GLN MA 11 -19.07 -5.37 -55.48
C GLN MA 11 -20.03 -5.05 -54.35
N ALA MA 12 -20.25 -3.75 -54.08
CA ALA MA 12 -21.19 -3.34 -53.05
C ALA MA 12 -22.60 -3.77 -53.36
N GLN MA 13 -23.03 -3.68 -54.63
CA GLN MA 13 -24.37 -4.13 -54.98
C GLN MA 13 -24.54 -5.62 -54.70
N GLU MA 14 -23.54 -6.40 -55.08
CA GLU MA 14 -23.55 -7.84 -54.87
C GLU MA 14 -23.57 -8.23 -53.42
N LEU MA 15 -22.83 -7.54 -52.56
CA LEU MA 15 -22.83 -7.76 -51.11
C LEU MA 15 -24.17 -7.38 -50.51
N HIS MA 16 -24.74 -6.26 -50.95
CA HIS MA 16 -26.03 -5.83 -50.43
C HIS MA 16 -27.14 -6.81 -50.79
N SER MA 17 -27.10 -7.37 -52.00
CA SER MA 17 -28.14 -8.32 -52.39
C SER MA 17 -28.10 -9.56 -51.49
N VAL MA 18 -26.89 -10.10 -51.26
CA VAL MA 18 -26.79 -11.27 -50.38
C VAL MA 18 -27.25 -10.93 -48.97
N TYR MA 19 -26.84 -9.77 -48.46
CA TYR MA 19 -27.23 -9.35 -47.13
C TYR MA 19 -28.74 -9.23 -47.00
N MET MA 20 -29.40 -8.67 -48.01
CA MET MA 20 -30.86 -8.53 -47.96
C MET MA 20 -31.55 -9.88 -48.00
N SER MA 21 -31.01 -10.83 -48.78
CA SER MA 21 -31.57 -12.18 -48.75
C SER MA 21 -31.55 -12.77 -47.34
N GLY MA 22 -30.40 -12.66 -46.68
CA GLY MA 22 -30.29 -13.16 -45.31
C GLY MA 22 -31.24 -12.45 -44.36
N LEU MA 23 -31.34 -11.13 -44.49
CA LEU MA 23 -32.21 -10.35 -43.62
C LEU MA 23 -33.67 -10.75 -43.78
N TRP MA 24 -34.11 -10.94 -45.02
CA TRP MA 24 -35.50 -11.33 -45.24
C TRP MA 24 -35.79 -12.71 -44.69
N LEU MA 25 -34.85 -13.65 -44.84
CA LEU MA 25 -35.04 -14.97 -44.24
C LEU MA 25 -35.21 -14.88 -42.73
N PHE MA 26 -34.29 -14.17 -42.07
CA PHE MA 26 -34.36 -14.01 -40.62
C PHE MA 26 -35.67 -13.37 -40.19
N SER MA 27 -36.08 -12.30 -40.89
CA SER MA 27 -37.31 -11.60 -40.53
C SER MA 27 -38.54 -12.48 -40.69
N ALA MA 28 -38.59 -13.28 -41.76
CA ALA MA 28 -39.73 -14.17 -41.96
C ALA MA 28 -39.84 -15.19 -40.83
N VAL MA 29 -38.70 -15.77 -40.44
CA VAL MA 29 -38.72 -16.74 -39.35
C VAL MA 29 -39.21 -16.07 -38.06
N ALA MA 30 -38.71 -14.86 -37.78
CA ALA MA 30 -39.13 -14.15 -36.58
C ALA MA 30 -40.62 -13.83 -36.60
N VAL MA 31 -41.15 -13.45 -37.76
CA VAL MA 31 -42.57 -13.13 -37.87
C VAL MA 31 -43.43 -14.35 -37.57
N VAL MA 32 -43.07 -15.50 -38.14
CA VAL MA 32 -43.84 -16.71 -37.86
C VAL MA 32 -43.78 -17.06 -36.37
N ALA MA 33 -42.58 -16.93 -35.77
CA ALA MA 33 -42.44 -17.23 -34.35
C ALA MA 33 -43.33 -16.32 -33.50
N HIS MA 34 -43.32 -15.01 -33.79
CA HIS MA 34 -44.11 -14.07 -33.01
C HIS MA 34 -45.61 -14.34 -33.18
N LEU MA 35 -46.04 -14.70 -34.39
CA LEU MA 35 -47.45 -15.04 -34.62
C LEU MA 35 -47.86 -16.24 -33.78
N ALA MA 36 -47.05 -17.29 -33.80
CA ALA MA 36 -47.36 -18.47 -32.98
C ALA MA 36 -47.41 -18.13 -31.50
N THR MA 37 -46.46 -17.32 -31.03
CA THR MA 37 -46.46 -16.94 -29.62
C THR MA 37 -47.70 -16.14 -29.25
N PHE MA 38 -48.11 -15.21 -30.11
CA PHE MA 38 -49.29 -14.41 -29.81
C PHE MA 38 -50.54 -15.27 -29.79
N ILE MA 39 -50.64 -16.25 -30.68
CA ILE MA 39 -51.79 -17.16 -30.63
C ILE MA 39 -51.76 -17.98 -29.34
N TRP MA 40 -50.58 -18.42 -28.91
CA TRP MA 40 -50.50 -19.25 -27.71
C TRP MA 40 -50.79 -18.46 -26.44
N ARG MA 41 -50.17 -17.30 -26.25
CA ARG MA 41 -50.33 -16.51 -25.03
C ARG MA 41 -50.32 -14.97 -25.36
N PRO MA 42 -51.51 -14.30 -25.52
CA PRO MA 42 -51.47 -12.86 -25.92
C PRO MA 42 -50.94 -11.80 -24.94
N TRP MA 43 -50.41 -10.69 -25.43
CA TRP MA 43 -49.82 -9.68 -24.56
C TRP MA 43 -50.49 -8.33 -24.69
N PHE MA 44 -51.39 -8.21 -25.63
CA PHE MA 44 -52.10 -6.96 -25.85
C PHE MA 44 -53.56 -7.34 -25.70
C1 U10 NA . -7.19 19.65 6.15
C2 U10 NA . -6.68 18.53 6.97
C3 U10 NA . -7.59 17.51 7.53
C4 U10 NA . -9.05 17.62 7.27
C5 U10 NA . -9.55 18.72 6.42
C6 U10 NA . -8.63 19.74 5.86
C1M U10 NA . -6.21 20.66 5.61
C3M U10 NA . -6.55 16.69 9.61
C4M U10 NA . -10.16 16.24 9.03
C7 U10 NA . -9.16 20.88 5.03
C8 U10 NA . -9.25 20.51 3.58
C9 U10 NA . -9.21 21.49 2.66
C10 U10 NA . -9.09 22.92 3.09
C11 U10 NA . -9.31 21.18 1.20
C12 U10 NA . -10.58 21.90 0.74
C13 U10 NA . -10.90 21.64 -0.71
C14 U10 NA . -12.05 22.14 -1.17
C15 U10 NA . -12.93 22.95 -0.26
C16 U10 NA . -12.43 21.95 -2.61
C17 U10 NA . -11.41 22.70 -3.44
C18 U10 NA . -11.74 22.69 -4.90
C19 U10 NA . -10.73 22.62 -5.78
C20 U10 NA . -9.32 22.58 -5.27
C21 U10 NA . -11.00 22.63 -7.26
C22 U10 NA . -10.49 23.95 -7.79
C23 U10 NA . -9.96 23.85 -9.20
C24 U10 NA . -8.85 24.52 -9.53
C25 U10 NA . -8.15 25.34 -8.48
C26 U10 NA . -8.28 24.47 -10.93
C27 U10 NA . -9.25 25.03 -11.97
C28 U10 NA . -9.65 26.46 -11.66
C29 U10 NA . -10.19 27.27 -12.58
C30 U10 NA . -10.42 26.77 -13.98
C31 U10 NA . -10.59 28.68 -12.20
C32 U10 NA . -9.49 29.68 -12.55
C33 U10 NA . -9.95 30.53 -13.71
C34 U10 NA . -9.14 30.75 -14.76
C35 U10 NA . -7.76 30.16 -14.77
C36 U10 NA . -9.61 31.58 -15.92
O2 U10 NA . -5.45 18.50 7.17
O3 U10 NA . -7.04 16.51 8.29
O4 U10 NA . -9.99 16.72 7.71
O5 U10 NA . -10.77 18.82 6.18
MG BCL OA . -25.39 42.39 -5.73
CHA BCL OA . -22.52 44.08 -6.20
CHB BCL OA . -24.66 40.48 -8.28
CHC BCL OA . -27.80 40.32 -4.62
CHD BCL OA . -25.72 44.14 -2.64
NA BCL OA . -23.88 42.38 -7.11
C1A BCL OA . -22.82 43.17 -7.20
C2A BCL OA . -22.01 42.90 -8.49
C3A BCL OA . -22.80 41.81 -9.18
C4A BCL OA . -23.84 41.55 -8.12
CMA BCL OA . -23.56 42.20 -10.44
CAA BCL OA . -20.57 42.44 -8.16
CBA BCL OA . -19.95 41.48 -9.17
CGA BCL OA . -18.53 41.80 -9.48
O1A BCL OA . -18.09 42.92 -9.52
O2A BCL OA . -17.80 40.71 -9.73
NB BCL OA . -26.18 40.62 -6.40
C1B BCL OA . -25.75 39.98 -7.52
C2B BCL OA . -26.52 38.83 -7.73
C3B BCL OA . -27.49 38.77 -6.66
C4B BCL OA . -27.21 39.88 -5.83
CMB BCL OA . -26.37 37.87 -8.86
CAB BCL OA . -28.58 37.77 -6.44
OBB BCL OA . -29.26 37.83 -5.44
CBB BCL OA . -28.88 36.68 -7.43
NC BCL OA . -26.54 42.32 -4.02
C1C BCL OA . -27.47 41.36 -3.82
C2C BCL OA . -28.23 41.52 -2.53
C3C BCL OA . -27.72 42.83 -1.96
C4C BCL OA . -26.60 43.12 -2.94
CMC BCL OA . -29.72 41.45 -2.81
CAC BCL OA . -27.12 42.37 -0.62
CBC BCL OA . -27.96 42.75 0.58
ND BCL OA . -24.36 43.76 -4.61
C1D BCL OA . -24.64 44.41 -3.43
C2D BCL OA . -23.66 45.40 -3.16
C3D BCL OA . -22.82 45.30 -4.24
C4D BCL OA . -23.20 44.19 -5.02
CMD BCL OA . -23.56 46.33 -1.99
CAD BCL OA . -21.68 45.92 -4.85
OBD BCL OA . -21.01 46.86 -4.48
CBD BCL OA . -21.38 45.12 -6.15
CGD BCL OA . -21.23 46.01 -7.38
O1D BCL OA . -22.13 46.58 -7.93
O2D BCL OA . -19.96 46.08 -7.76
CED BCL OA . -19.67 47.00 -8.83
C1 BCL OA . -16.55 40.95 -10.43
C2 BCL OA . -16.40 40.09 -11.63
C3 BCL OA . -15.41 40.16 -12.51
C4 BCL OA . -14.31 41.18 -12.44
C5 BCL OA . -15.32 39.20 -13.66
C6 BCL OA . -15.96 39.73 -14.93
C7 BCL OA . -16.46 38.63 -15.87
C8 BCL OA . -16.62 39.01 -17.34
C9 BCL OA . -17.55 38.05 -18.07
C10 BCL OA . -15.26 39.12 -18.04
C11 BCL OA . -14.97 40.42 -18.78
C12 BCL OA . -15.34 40.39 -20.25
C13 BCL OA . -14.23 40.75 -21.24
C14 BCL OA . -12.96 41.17 -20.51
C15 BCL OA . -14.68 41.80 -22.25
C16 BCL OA . -14.42 43.25 -21.86
C17 BCL OA . -15.47 44.20 -22.42
C18 BCL OA . -15.07 45.68 -22.45
C19 BCL OA . -13.70 45.91 -21.85
C20 BCL OA . -16.10 46.56 -21.77
CMA SPN PA . -10.38 40.99 -16.98
O1 SPN PA . -9.92 42.14 -16.26
CM1 SPN PA . -9.46 44.41 -16.49
CM2 SPN PA . -11.13 43.34 -18.01
C1 SPN PA . -10.56 43.37 -16.60
C2 SPN PA . -11.68 43.75 -15.62
O2 SPN PA . -11.41 44.04 -14.47
C3 SPN PA . -13.07 43.72 -16.11
C4 SPN PA . -14.09 43.70 -15.26
C5 SPN PA . -15.51 43.68 -15.59
CM3 SPN PA . -15.89 43.56 -17.04
C6 SPN PA . -16.42 43.85 -14.60
C7 SPN PA . -17.84 43.95 -14.74
C8 SPN PA . -18.67 44.23 -13.71
C9 SPN PA . -20.12 44.37 -13.76
CM4 SPN PA . -20.80 44.08 -15.07
C10 SPN PA . -20.79 44.81 -12.67
C11 SPN PA . -22.19 45.07 -12.54
C12 SPN PA . -22.78 45.45 -11.41
C13 SPN PA . -24.20 45.74 -11.20
CM5 SPN PA . -25.09 45.80 -12.40
C14 SPN PA . -24.63 45.94 -9.94
C15 SPN PA . -25.96 46.27 -9.50
C16 SPN PA . -26.30 46.35 -8.19
C17 SPN PA . -27.60 46.70 -7.69
C18 SPN PA . -28.00 46.69 -6.39
CM6 SPN PA . -27.10 46.28 -5.27
C19 SPN PA . -29.36 47.08 -6.06
C20 SPN PA . -29.88 47.14 -4.83
C21 SPN PA . -31.22 47.53 -4.55
C22 SPN PA . -31.78 47.62 -3.33
CM7 SPN PA . -31.02 47.30 -2.08
C23 SPN PA . -33.21 48.05 -3.12
C24 SPN PA . -33.32 49.50 -2.64
C25 SPN PA . -34.50 50.19 -3.26
C26 SPN PA . -34.49 51.24 -4.08
CM8 SPN PA . -35.75 51.88 -4.62
C27 SPN PA . -33.20 51.85 -4.55
C28 SPN PA . -33.20 52.13 -6.07
C29 SPN PA . -32.47 51.07 -6.83
C30 SPN PA . -31.26 51.14 -7.37
CM9 SPN PA . -30.64 50.00 -8.13
CMB SPN PA . -30.39 52.36 -7.26
CMA SPN QA . -12.45 38.52 5.45
O1 SPN QA . -12.88 39.83 5.84
CM1 SPN QA . -14.61 41.43 6.01
CM2 SPN QA . -15.00 39.25 4.86
C1 SPN QA . -14.00 40.36 5.13
C2 SPN QA . -13.65 41.00 3.78
O2 SPN QA . -14.41 40.87 2.84
C3 SPN QA . -12.39 41.74 3.61
C4 SPN QA . -12.17 42.23 2.40
C5 SPN QA . -11.05 43.00 1.89
CM3 SPN QA . -9.84 43.18 2.77
C6 SPN QA . -11.13 43.49 0.63
C7 SPN QA . -10.16 44.21 -0.12
C8 SPN QA . -10.47 44.63 -1.37
C9 SPN QA . -9.64 45.35 -2.31
CM4 SPN QA . -8.22 45.66 -1.95
C10 SPN QA . -10.19 45.69 -3.51
C11 SPN QA . -9.57 46.31 -4.62
C12 SPN QA . -10.22 46.56 -5.78
C13 SPN QA . -9.67 47.17 -6.97
CM5 SPN QA . -8.31 47.80 -6.86
C14 SPN QA . -10.25 46.92 -8.18
C15 SPN QA . -9.63 47.09 -9.44
C16 SPN QA . -10.09 47.14 -10.73
C17 SPN QA . -11.37 47.14 -11.36
C18 SPN QA . -11.63 47.51 -12.63
CM6 SPN QA . -12.99 47.45 -13.26
C19 SPN QA . -10.52 48.09 -13.41
C20 SPN QA . -10.35 48.35 -14.75
C21 SPN QA . -11.21 48.14 -15.88
C22 SPN QA . -10.90 48.34 -17.19
CM7 SPN QA . -11.95 48.07 -18.23
C23 SPN QA . -9.57 48.81 -17.73
C24 SPN QA . -9.45 48.69 -19.26
C25 SPN QA . -8.06 49.02 -19.77
C26 SPN QA . -7.63 49.00 -21.03
CM8 SPN QA . -8.49 48.57 -22.18
C27 SPN QA . -6.23 49.44 -21.41
C28 SPN QA . -6.04 49.58 -22.94
C29 SPN QA . -5.06 50.66 -23.32
C30 SPN QA . -4.18 50.69 -24.31
CM9 SPN QA . -3.28 51.86 -24.56
CMB SPN QA . -4.00 49.58 -25.30
CMA SPN RA . -26.44 35.43 -4.27
O1 SPN RA . -25.02 35.58 -4.36
CM1 SPN RA . -25.41 33.59 -5.41
CM2 SPN RA . -23.04 34.20 -4.85
C1 SPN RA . -24.40 34.72 -5.31
C2 SPN RA . -24.26 35.36 -6.69
O2 SPN RA . -25.11 35.17 -7.55
C3 SPN RA . -23.14 36.21 -7.01
C4 SPN RA . -23.07 36.62 -8.27
C5 SPN RA . -22.07 37.46 -8.89
CM3 SPN RA . -20.95 37.98 -8.04
C6 SPN RA . -22.21 37.76 -10.21
C7 SPN RA . -21.37 38.55 -11.04
C8 SPN RA . -21.70 38.73 -12.33
C9 SPN RA . -21.00 39.48 -13.36
CM4 SPN RA . -19.81 40.30 -12.96
C10 SPN RA . -21.45 39.38 -14.64
C11 SPN RA . -20.92 39.98 -15.82
C12 SPN RA . -21.46 39.75 -17.02
C13 SPN RA . -21.04 40.27 -18.31
CM5 SPN RA . -19.88 41.23 -18.34
C14 SPN RA . -21.66 39.84 -19.44
C15 SPN RA . -21.33 40.16 -20.79
C16 SPN RA . -21.95 39.64 -21.88
C17 SPN RA . -21.57 40.01 -23.20
C18 SPN RA . -22.05 39.56 -24.39
CM6 SPN RA . -23.15 38.56 -24.50
C19 SPN RA . -21.47 40.12 -25.61
C20 SPN RA . -21.52 39.76 -26.92
C21 SPN RA . -22.15 38.67 -27.59
C22 SPN RA . -22.03 38.49 -28.91
CM7 SPN RA . -22.73 37.43 -29.70
C23 SPN RA . -21.15 39.42 -29.71
C24 SPN RA . -20.74 38.84 -31.07
C25 SPN RA . -19.36 39.26 -31.48
C26 SPN RA . -18.79 39.13 -32.68
CM8 SPN RA . -19.48 38.50 -33.85
C27 SPN RA . -17.39 39.62 -32.94
C28 SPN RA . -17.27 40.25 -34.35
C29 SPN RA . -16.05 39.81 -35.09
C30 SPN RA . -15.34 40.52 -35.96
CM9 SPN RA . -15.67 41.94 -36.30
CMB SPN RA . -14.15 39.98 -36.69
CMA SPN SA . -3.33 41.43 17.15
O1 SPN SA . -2.04 41.05 16.68
CM1 SPN SA . -3.53 39.97 15.26
CM2 SPN SA . -1.17 39.14 15.42
C1 SPN SA . -2.07 40.36 15.44
C2 SPN SA . -1.68 41.30 14.28
O2 SPN SA . -2.54 41.74 13.54
C3 SPN SA . -0.27 41.63 14.11
C4 SPN SA . 0.04 42.45 13.11
C5 SPN SA . 1.34 42.94 12.69
CM3 SPN SA . 2.54 42.49 13.46
C6 SPN SA . 1.41 43.73 11.60
C7 SPN SA . 2.55 44.28 10.95
C8 SPN SA . 2.39 45.05 9.87
C9 SPN SA . 3.39 45.70 9.06
CM4 SPN SA . 4.84 45.51 9.42
C10 SPN SA . 2.99 46.43 8.00
C11 SPN SA . 3.79 47.12 7.05
C12 SPN SA . 3.22 47.78 6.03
C13 SPN SA . 3.87 48.52 4.97
CM5 SPN SA . 5.35 48.78 5.09
C14 SPN SA . 3.14 48.89 3.89
C15 SPN SA . 3.59 49.51 2.70
C16 SPN SA . 2.76 49.82 1.70
C17 SPN SA . 3.17 50.42 0.48
C18 SPN SA . 2.39 50.73 -0.58
CM6 SPN SA . 0.91 50.50 -0.60
C19 SPN SA . 3.02 51.22 -1.79
C20 SPN SA . 2.41 51.48 -2.94
C21 SPN SA . 3.06 51.96 -4.10
C22 SPN SA . 2.42 52.26 -5.23
CM7 SPN SA . 0.93 52.14 -5.36
C23 SPN SA . 3.13 52.74 -6.47
C24 SPN SA . 4.07 51.64 -6.99
C25 SPN SA . 4.60 51.95 -8.35
C26 SPN SA . 5.85 52.26 -8.67
CM8 SPN SA . 6.94 52.44 -7.65
C27 SPN SA . 6.24 52.48 -10.11
C28 SPN SA . 7.44 53.43 -10.28
C29 SPN SA . 8.34 52.98 -11.38
C30 SPN SA . 9.35 53.64 -11.94
CM9 SPN SA . 9.75 55.01 -11.51
CMB SPN SA . 10.17 53.07 -13.06
MG BCL TA . -18.88 46.18 0.81
CHA BCL TA . -18.34 44.77 -2.28
CHB BCL TA . -15.90 47.67 0.70
CHC BCL TA . -19.50 47.39 3.90
CHD BCL TA . -21.76 44.20 1.16
NA BCL TA . -17.42 46.30 -0.56
C1A BCL TA . -17.39 45.80 -1.75
C2A BCL TA . -16.23 46.27 -2.56
C3A BCL TA . -15.34 46.88 -1.52
C4A BCL TA . -16.27 46.96 -0.37
CMA BCL TA . -14.16 45.98 -1.18
CAA BCL TA . -16.67 47.24 -3.66
CBA BCL TA . -15.62 48.28 -4.00
CGA BCL TA . -14.54 47.72 -4.90
O1A BCL TA . -14.74 46.72 -5.56
O2A BCL TA . -13.25 48.36 -5.01
NB BCL TA . -17.85 47.34 2.15
C1B BCL TA . -16.64 47.91 1.94
C2B BCL TA . -16.10 48.74 3.04
C3B BCL TA . -17.19 48.66 4.04
C4B BCL TA . -18.20 47.79 3.36
CMB BCL TA . -14.77 49.46 3.03
CAB BCL TA . -17.31 49.30 5.41
OBB BCL TA . -18.40 49.41 5.93
CBB BCL TA . -16.13 49.83 6.15
NC BCL TA . -20.24 45.84 2.24
C1C BCL TA . -20.28 46.43 3.45
C2C BCL TA . -21.35 45.93 4.36
C3C BCL TA . -22.00 44.89 3.50
C4C BCL TA . -21.23 45.02 2.23
CMC BCL TA . -20.78 45.32 5.64
CAC BCL TA . -23.46 45.21 3.17
CBC BCL TA . -24.41 44.68 4.21
ND BCL TA . -19.92 44.75 -0.22
C1D BCL TA . -21.05 44.06 -0.08
C2D BCL TA . -21.37 43.17 -1.23
C3D BCL TA . -20.26 43.51 -2.12
C4D BCL TA . -19.50 44.42 -1.49
CMD BCL TA . -22.44 42.17 -1.57
CAD BCL TA . -19.66 43.17 -3.43
OBD BCL TA . -20.13 42.38 -4.31
CBD BCL TA . -18.50 44.07 -3.61
CGD BCL TA . -17.39 43.56 -4.50
O1D BCL TA . -17.53 43.75 -5.69
O2D BCL TA . -16.17 42.90 -4.15
CED BCL TA . -15.31 42.81 -5.28
C1 BCL TA . -12.51 48.85 -3.89
C2 BCL TA . -12.32 50.34 -3.97
C3 BCL TA . -11.55 50.98 -4.87
C4 BCL TA . -10.78 50.26 -5.93
C5 BCL TA . -11.44 52.48 -4.83
C6 BCL TA . -11.70 52.96 -3.41
C7 BCL TA . -12.57 54.22 -3.41
C8 BCL TA . -14.02 53.92 -3.75
C9 BCL TA . -14.68 55.14 -4.36
C10 BCL TA . -14.75 53.48 -2.49
C11 BCL TA . -15.65 52.27 -2.74
C12 BCL TA . -15.55 51.26 -1.59
C13 BCL TA . -16.91 50.97 -0.97
C14 BCL TA . -17.97 51.00 -2.06
C15 BCL TA . -17.19 52.03 0.08
C16 BCL TA . -17.98 51.48 1.26
C17 BCL TA . -17.58 52.21 2.53
C18 BCL TA . -18.82 52.75 3.23
C19 BCL TA . -18.56 53.00 4.71
C20 BCL TA . -19.98 51.81 3.03
MG BCL UA . -40.00 16.33 -24.40
CHA BCL UA . -38.89 18.88 -26.30
CHB BCL UA . -38.52 14.22 -26.45
CHC BCL UA . -41.97 13.88 -23.13
CHD BCL UA . -42.33 18.64 -23.02
NA BCL UA . -38.77 16.54 -26.03
C1A BCL UA . -38.35 17.65 -26.62
C2A BCL UA . -37.27 17.39 -27.69
C3A BCL UA . -37.23 15.85 -27.77
C4A BCL UA . -38.23 15.52 -26.69
CMA BCL UA . -37.83 15.26 -29.04
CAA BCL UA . -35.93 18.02 -27.31
CBA BCL UA . -34.70 17.15 -27.55
CGA BCL UA . -33.73 17.72 -28.53
O1A BCL UA . -34.02 18.11 -29.63
O2A BCL UA . -32.49 17.76 -28.03
NB BCL UA . -40.09 14.29 -24.60
C1B BCL UA . -39.28 13.57 -25.44
C2B BCL UA . -39.37 12.22 -25.12
C3B BCL UA . -40.42 12.08 -24.14
C4B BCL UA . -40.90 13.40 -23.91
CMB BCL UA . -38.51 11.13 -25.67
CAB BCL UA . -40.93 10.83 -23.48
OBB BCL UA . -41.69 10.91 -22.53
CBB BCL UA . -40.52 9.46 -23.93
NC BCL UA . -41.76 16.32 -23.27
C1C BCL UA . -42.30 15.16 -22.83
C2C BCL UA . -43.44 15.41 -21.88
C3C BCL UA . -43.81 16.86 -22.13
C4C BCL UA . -42.56 17.30 -22.86
CMC BCL UA . -44.57 14.42 -22.15
CAC BCL UA . -43.81 17.47 -20.72
CBC BCL UA . -45.18 17.84 -20.23
ND BCL UA . -40.52 18.32 -24.57
C1D BCL UA . -41.38 19.12 -23.86
C2D BCL UA . -41.12 20.47 -24.14
C3D BCL UA . -40.16 20.42 -25.12
C4D BCL UA . -39.95 19.05 -25.47
CMD BCL UA . -41.73 21.68 -23.49
CAD BCL UA . -39.28 21.24 -25.92
OBD BCL UA . -39.20 22.45 -25.97
CBD BCL UA . -38.42 20.26 -26.78
CGD BCL UA . -38.60 20.50 -28.29
O1D BCL UA . -39.65 20.47 -28.86
O2D BCL UA . -37.44 20.78 -28.86
CED BCL UA . -37.50 21.59 -30.05
C1 BCL UA . -31.45 18.19 -28.95
C2 BCL UA . -30.43 17.12 -29.13
C3 BCL UA . -29.53 17.05 -30.11
C4 BCL UA . -29.06 18.24 -30.90
C5 BCL UA . -28.88 15.73 -30.47
C6 BCL UA . -29.35 15.17 -31.80
C7 BCL UA . -28.49 14.01 -32.31
C8 BCL UA . -28.64 13.59 -33.78
C9 BCL UA . -29.27 12.19 -33.89
C10 BCL UA . -27.31 13.66 -34.52
C11 BCL UA . -27.21 14.66 -35.66
C12 BCL UA . -27.48 14.06 -37.03
C13 BCL UA . -26.58 14.53 -38.18
C14 BCL UA . -25.74 15.73 -37.78
C15 BCL UA . -27.39 14.81 -39.44
C16 BCL UA . -27.94 16.22 -39.58
C17 BCL UA . -29.25 16.29 -40.34
C18 BCL UA . -29.39 17.47 -41.31
C19 BCL UA . -28.82 18.76 -40.75
C20 BCL UA . -30.81 17.67 -41.78
CMA SPN VA . -24.72 18.43 -34.52
O1 SPN VA . -24.96 19.83 -34.48
CM1 SPN VA . -25.47 21.68 -35.80
CM2 SPN VA . -26.18 19.40 -36.56
C1 SPN VA . -25.99 20.32 -35.36
C2 SPN VA . -27.34 20.49 -34.65
O2 SPN VA . -27.49 21.39 -33.84
C3 SPN VA . -28.40 19.54 -34.95
C4 SPN VA . -29.55 19.49 -34.26
C5 SPN VA . -30.63 18.55 -34.47
CM3 SPN VA . -30.46 17.49 -35.52
C6 SPN VA . -31.77 18.68 -33.73
C7 SPN VA . -32.97 17.88 -33.82
C8 SPN VA . -34.07 18.10 -33.08
C9 SPN VA . -35.31 17.37 -33.11
CM4 SPN VA . -35.39 16.16 -34.00
C10 SPN VA . -36.36 17.82 -32.39
C11 SPN VA . -37.71 17.30 -32.36
C12 SPN VA . -38.66 17.80 -31.56
C13 SPN VA . -40.05 17.37 -31.46
CM5 SPN VA . -40.57 16.41 -32.48
C14 SPN VA . -40.82 17.87 -30.45
C15 SPN VA . -42.21 17.64 -30.18
C16 SPN VA . -42.80 18.04 -29.03
C17 SPN VA . -44.18 17.86 -28.69
C18 SPN VA . -44.78 18.16 -27.52
CM6 SPN VA . -44.04 18.70 -26.33
C19 SPN VA . -46.21 17.95 -27.35
C20 SPN VA . -46.94 18.23 -26.26
C21 SPN VA . -48.33 17.99 -26.15
C22 SPN VA . -49.14 18.20 -25.10
CM7 SPN VA . -48.71 18.79 -23.78
C23 SPN VA . -50.60 17.84 -25.19
C24 SPN VA . -51.53 18.90 -24.60
C25 SPN VA . -52.22 19.68 -25.67
C26 SPN VA . -53.26 20.49 -25.54
CM8 SPN VA . -53.95 20.77 -24.24
C27 SPN VA . -53.85 21.19 -26.74
C28 SPN VA . -53.56 22.70 -26.83
C29 SPN VA . -52.34 22.99 -27.66
C30 SPN VA . -52.15 23.96 -28.54
CM9 SPN VA . -50.87 24.13 -29.30
CMB SPN VA . -53.21 24.96 -28.88
CMA SPN WA . -30.43 24.25 -13.33
O1 SPN WA . -31.39 25.25 -13.72
CM1 SPN WA . -33.70 25.60 -14.18
CM2 SPN WA . -32.71 23.30 -14.30
C1 SPN WA . -32.46 24.79 -14.54
C2 SPN WA . -32.20 24.99 -16.03
O2 SPN WA . -32.69 24.22 -16.84
C3 SPN WA . -31.40 26.12 -16.48
C4 SPN WA . -31.18 26.20 -17.78
C5 SPN WA . -30.44 27.21 -18.52
CM3 SPN WA . -29.78 28.32 -17.74
C6 SPN WA . -30.40 27.10 -19.86
C7 SPN WA . -29.77 27.95 -20.83
C8 SPN WA . -29.91 27.65 -22.12
C9 SPN WA . -29.40 28.32 -23.31
CM4 SPN WA . -28.54 29.53 -23.11
C10 SPN WA . -29.70 27.82 -24.52
C11 SPN WA . -29.29 28.27 -25.80
C12 SPN WA . -29.65 27.63 -26.93
C13 SPN WA . -29.31 27.97 -28.30
CM5 SPN WA . -28.56 29.26 -28.54
C14 SPN WA . -29.61 27.09 -29.28
C15 SPN WA . -29.29 27.18 -30.67
C16 SPN WA . -29.61 26.21 -31.57
C17 SPN WA . -29.29 26.25 -32.95
C18 SPN WA . -29.53 25.29 -33.89
CM6 SPN WA . -30.25 24.02 -33.59
C19 SPN WA . -29.02 25.48 -35.23
C20 SPN WA . -29.03 24.58 -36.23
C21 SPN WA . -28.50 24.82 -37.51
C22 SPN WA . -28.46 23.97 -38.55
CM7 SPN WA . -28.97 22.56 -38.46
C23 SPN WA . -27.88 24.37 -39.88
C24 SPN WA . -26.34 24.31 -39.87
C25 SPN WA . -25.79 24.01 -41.23
C26 SPN WA . -24.97 24.76 -41.94
CM8 SPN WA . -24.44 26.08 -41.47
C27 SPN WA . -24.47 24.32 -43.29
C28 SPN WA . -23.73 25.45 -44.03
C29 SPN WA . -22.36 25.02 -44.46
C30 SPN WA . -21.59 25.54 -45.39
CM9 SPN WA . -22.00 26.72 -46.22
CMB SPN WA . -20.23 25.00 -45.72
MG BCL XA . -38.37 25.24 -20.94
CHA BCL XA . -36.59 23.30 -23.12
CHB BCL XA . -36.58 27.92 -21.85
CHC BCL XA . -39.90 27.02 -18.48
CHD BCL XA . -39.89 22.37 -19.65
NA BCL XA . -36.90 25.59 -22.26
C1A BCL XA . -36.41 24.78 -23.13
C2A BCL XA . -35.50 25.46 -24.11
C3A BCL XA . -35.18 26.73 -23.39
C4A BCL XA . -36.29 26.77 -22.41
CMA BCL XA . -33.83 26.66 -22.70
CAA BCL XA . -36.22 25.74 -25.41
CBA BCL XA . -35.41 25.25 -26.59
CGA BCL XA . -34.33 26.23 -26.95
O1A BCL XA . -33.16 25.93 -26.88
O2A BCL XA . -34.69 27.57 -27.40
NB BCL XA . -38.25 27.18 -20.24
C1B BCL XA . -37.49 28.16 -20.73
C2B BCL XA . -37.57 29.49 -20.09
C3B BCL XA . -38.59 29.24 -19.05
C4B BCL XA . -38.93 27.79 -19.26
CMB BCL XA . -36.79 30.71 -20.49
CAB BCL XA . -39.18 30.18 -18.02
OBB BCL XA . -40.22 29.90 -17.49
CBB BCL XA . -38.53 31.48 -17.67
NC BCL XA . -39.70 24.85 -19.48
C1C BCL XA . -40.22 25.75 -18.64
C2C BCL XA . -41.28 25.19 -17.75
C3C BCL XA . -41.22 23.74 -18.08
C4C BCL XA . -40.19 23.71 -19.15
CMC BCL XA . -40.99 25.47 -16.28
CAC BCL XA . -42.52 23.17 -18.62
CBC BCL XA . -43.41 22.62 -17.52
ND BCL XA . -38.33 23.23 -21.21
C1D BCL XA . -38.96 22.16 -20.73
C2D BCL XA . -38.57 20.87 -21.37
C3D BCL XA . -37.62 21.39 -22.36
C4D BCL XA . -37.55 22.71 -22.21
CMD BCL XA . -38.91 19.42 -21.20
CAD BCL XA . -36.67 20.94 -23.41
OBD BCL XA . -36.49 19.76 -23.84
CBD BCL XA . -36.09 22.19 -24.01
CGD BCL XA . -34.70 22.11 -24.56
O1D BCL XA . -34.56 21.89 -25.74
O2D BCL XA . -33.47 22.29 -23.88
CED BCL XA . -32.42 22.27 -24.83
C1 BCL XA . -34.01 28.72 -26.90
C2 BCL XA . -32.92 29.09 -27.87
C3 BCL XA . -32.87 30.30 -28.42
C4 BCL XA . -31.78 30.63 -29.38
C5 BCL XA . -33.90 31.33 -28.06
C6 BCL XA . -34.54 31.86 -29.33
C7 BCL XA . -35.81 32.61 -28.99
C8 BCL XA . -36.99 31.66 -28.84
C9 BCL XA . -37.99 31.90 -29.96
C10 BCL XA . -37.64 31.83 -27.47
C11 BCL XA . -38.16 30.49 -26.98
C12 BCL XA . -38.06 30.33 -25.46
C13 BCL XA . -38.68 29.00 -25.07
C14 BCL XA . -38.97 28.21 -26.31
C15 BCL XA . -39.97 29.25 -24.31
C16 BCL XA . -39.73 30.00 -23.03
C17 BCL XA . -40.88 29.81 -22.05
C18 BCL XA . -41.42 31.17 -21.63
C19 BCL XA . -40.31 32.20 -21.66
C20 BCL XA . -42.10 31.14 -20.28
MG BCL YA . -34.49 31.22 -16.16
CHA BCL YA . -32.75 33.76 -17.47
CHB BCL YA . -33.70 29.39 -18.77
CHC BCL YA . -36.95 29.08 -15.24
CHD BCL YA . -36.09 33.64 -14.11
NA BCL YA . -33.31 31.51 -17.80
C1A BCL YA . -32.62 32.58 -18.14
C2A BCL YA . -31.68 32.33 -19.33
C3A BCL YA . -32.18 31.00 -19.87
C4A BCL YA . -33.11 30.62 -18.76
CMA BCL YA . -33.07 31.12 -21.11
CAA BCL YA . -30.22 32.29 -18.86
CBA BCL YA . -29.31 31.34 -19.62
CGA BCL YA . -28.27 32.03 -20.43
O1A BCL YA . -28.51 32.83 -21.30
O2A BCL YA . -27.03 31.65 -20.10
NB BCL YA . -35.14 29.40 -16.84
C1B BCL YA . -34.63 28.76 -17.93
C2B BCL YA . -35.13 27.46 -17.98
C3B BCL YA . -36.08 27.32 -16.91
C4B BCL YA . -36.14 28.58 -16.28
CMB BCL YA . -34.73 26.42 -18.98
CAB BCL YA . -36.88 26.09 -16.51
OBB BCL YA . -37.58 26.11 -15.52
CBB BCL YA . -36.84 24.82 -17.30
NC BCL YA . -36.12 31.35 -14.86
C1C BCL YA . -36.92 30.28 -14.61
C2C BCL YA . -37.89 30.55 -13.49
C3C BCL YA . -37.85 32.06 -13.33
C4C BCL YA . -36.61 32.37 -14.15
CMC BCL YA . -39.25 29.99 -13.86
CAC BCL YA . -37.52 32.24 -11.84
CBC BCL YA . -38.73 32.25 -10.95
ND BCL YA . -34.43 33.23 -15.80
C1D BCL YA . -35.03 34.04 -14.85
C2D BCL YA . -34.37 35.29 -14.79
C3D BCL YA . -33.51 35.22 -15.85
C4D BCL YA . -33.73 34.01 -16.56
CMD BCL YA . -34.54 36.41 -13.81
CAD BCL YA . -32.46 35.96 -16.51
OBD BCL YA . -32.08 37.10 -16.33
CBD BCL YA . -31.86 35.02 -17.57
CGD BCL YA . -31.92 35.71 -18.92
O1D BCL YA . -32.94 35.96 -19.52
O2D BCL YA . -30.71 36.01 -19.37
CED BCL YA . -30.65 36.61 -20.68
C1 BCL YA . -25.97 32.04 -21.02
C2 BCL YA . -25.08 30.92 -21.37
C3 BCL YA . -24.42 30.75 -22.52
C4 BCL YA . -23.55 31.81 -23.13
C5 BCL YA . -24.49 29.44 -23.27
C6 BCL YA . -24.89 29.60 -24.73
C7 BCL YA . -24.35 28.48 -25.63
C8 BCL YA . -24.84 28.45 -27.08
C9 BCL YA . -25.86 27.33 -27.29
C10 BCL YA . -23.68 28.33 -28.07
C11 BCL YA . -23.20 29.61 -28.76
C12 BCL YA . -23.66 29.71 -30.21
C13 BCL YA . -22.58 29.89 -31.28
C14 BCL YA . -21.32 30.52 -30.70
C15 BCL YA . -23.12 30.70 -32.46
C16 BCL YA . -23.76 32.03 -32.08
C17 BCL YA . -24.85 32.47 -33.05
C18 BCL YA . -24.67 33.85 -33.65
C19 BCL YA . -23.59 34.64 -32.93
C20 BCL YA . -25.97 34.62 -33.69
CMA SPN ZA . -19.67 31.94 -26.79
O1 SPN ZA . -19.48 33.31 -26.45
CM1 SPN ZA . -19.52 35.48 -27.27
CM2 SPN ZA . -20.81 33.70 -28.47
C1 SPN ZA . -20.36 34.22 -27.12
C2 SPN ZA . -21.61 34.55 -26.28
O2 SPN ZA . -21.52 35.24 -25.28
C3 SPN ZA . -22.89 34.00 -26.72
C4 SPN ZA . -23.98 34.05 -25.95
C5 SPN ZA . -25.30 33.53 -26.28
CM3 SPN ZA . -25.46 32.79 -27.58
C6 SPN ZA . -26.33 33.74 -25.43
C7 SPN ZA . -27.70 33.34 -25.58
C8 SPN ZA . -28.67 33.63 -24.70
C9 SPN ZA . -30.08 33.28 -24.78
CM4 SPN ZA . -30.52 32.41 -25.93
C10 SPN ZA . -30.94 33.76 -23.85
C11 SPN ZA . -32.36 33.59 -23.79
C12 SPN ZA . -33.12 34.09 -22.79
C13 SPN ZA . -34.56 33.98 -22.63
CM5 SPN ZA . -35.37 33.46 -23.79
C14 SPN ZA . -35.12 34.36 -21.45
C15 SPN ZA . -36.50 34.40 -21.10
C16 SPN ZA . -36.92 34.70 -19.84
C17 SPN ZA . -38.29 34.76 -19.42
C18 SPN ZA . -38.77 34.89 -18.15
CM6 SPN ZA . -37.87 34.91 -16.95
C19 SPN ZA . -40.19 35.04 -17.93
C20 SPN ZA . -40.79 35.19 -16.74
C21 SPN ZA . -42.21 35.35 -16.58
C22 SPN ZA . -42.92 35.47 -15.44
CM7 SPN ZA . -42.27 35.45 -14.09
C23 SPN ZA . -44.41 35.61 -15.42
C24 SPN ZA . -44.83 37.07 -15.64
C25 SPN ZA . -45.98 37.22 -16.59
C26 SPN ZA . -45.94 37.38 -17.92
CM8 SPN ZA . -47.14 37.77 -18.74
C27 SPN ZA . -44.66 37.18 -18.69
C28 SPN ZA . -44.25 38.38 -19.55
C29 SPN ZA . -42.76 38.54 -19.58
C30 SPN ZA . -41.90 38.08 -20.48
CM9 SPN ZA . -40.43 38.32 -20.40
CMB SPN ZA . -42.34 37.28 -21.68
MG BCL AB . -30.40 38.27 -10.91
CHA BCL AB . -29.28 36.57 -13.68
CHB BCL AB . -27.88 40.45 -11.22
CHC BCL AB . -31.50 39.79 -8.10
CHD BCL AB . -32.50 35.57 -10.13
NA BCL AB . -28.97 38.58 -12.28
C1A BCL AB . -28.73 37.92 -13.37
C2A BCL AB . -27.70 38.56 -14.24
C3A BCL AB . -27.06 39.54 -13.29
C4A BCL AB . -28.03 39.54 -12.18
CMA BCL AB . -25.71 39.04 -12.79
CAA BCL AB . -28.28 39.28 -15.44
CBA BCL AB . -27.57 38.88 -16.73
CGA BCL AB . -26.16 39.42 -16.77
O1A BCL AB . -25.20 38.66 -16.81
O2A BCL AB . -25.92 40.85 -16.76
NB BCL AB . -29.77 39.88 -9.79
C1B BCL AB . -28.75 40.68 -10.06
C2B BCL AB . -28.49 41.80 -9.13
C3B BCL AB . -29.59 41.61 -8.16
C4B BCL AB . -30.31 40.41 -8.69
CMB BCL AB . -27.38 42.80 -9.27
CAB BCL AB . -29.96 42.42 -6.93
OBB BCL AB . -31.06 42.30 -6.42
CBB BCL AB . -29.03 43.42 -6.34
NC BCL AB . -31.74 37.85 -9.47
C1C BCL AB . -32.05 38.64 -8.43
C2C BCL AB . -33.15 38.11 -7.58
C3C BCL AB . -33.46 36.81 -8.24
C4C BCL AB . -32.48 36.80 -9.35
CMC BCL AB . -32.72 37.88 -6.14
CAC BCL AB . -34.87 36.75 -8.83
CBC BCL AB . -35.79 35.88 -8.00
ND BCL AB . -30.86 36.42 -11.63
C1D BCL AB . -31.71 35.43 -11.33
C2D BCL AB . -31.66 34.28 -12.27
C3D BCL AB . -30.68 34.80 -13.22
C4D BCL AB . -30.29 36.00 -12.80
CMD BCL AB . -32.33 32.95 -12.42
CAD BCL AB . -29.94 34.41 -14.44
OBD BCL AB . -30.11 33.35 -15.12
CBD BCL AB . -29.10 35.59 -14.83
CGD BCL AB . -27.80 35.27 -15.50
O1D BCL AB . -27.75 35.32 -16.71
O2D BCL AB . -26.57 34.92 -14.90
CED BCL AB . -25.55 34.85 -15.89
C1 BCL AB . -24.70 41.35 -16.25
C2 BCL AB . -24.68 42.85 -16.36
C3 BCL AB . -24.22 43.48 -17.45
C4 BCL AB . -23.71 42.70 -18.63
C5 BCL AB . -24.21 44.99 -17.52
C6 BCL AB . -25.26 45.55 -16.57
C7 BCL AB . -26.50 46.02 -17.32
C8 BCL AB . -27.79 45.58 -16.63
C9 BCL AB . -28.79 46.74 -16.58
C10 BCL AB . -27.53 45.06 -15.21
C11 BCL AB . -28.21 43.71 -14.99
C12 BCL AB . -28.83 43.61 -13.59
C13 BCL AB . -30.06 42.72 -13.63
C14 BCL AB . -30.41 42.40 -15.07
C15 BCL AB . -31.22 43.43 -12.95
C16 BCL AB . -30.98 43.63 -11.46
C17 BCL AB . -32.29 43.74 -10.72
C18 BCL AB . -32.09 44.29 -9.31
C19 BCL AB . -33.41 44.76 -8.69
C20 BCL AB . -31.06 45.42 -9.28
MG BCL BB . -12.45 46.88 6.49
CHA BCL BB . -9.66 48.62 5.81
CHB BCL BB . -12.89 46.62 3.20
CHC BCL BB . -15.75 46.18 6.94
CHD BCL BB . -12.62 48.64 9.58
NA BCL BB . -11.30 47.29 4.80
C1A BCL BB . -10.14 47.92 4.73
C2A BCL BB . -9.48 47.82 3.35
C3A BCL BB . -10.53 47.06 2.53
C4A BCL BB . -11.63 46.98 3.55
CMA BCL BB . -11.11 47.87 1.37
CAA BCL BB . -8.13 47.08 3.41
CBA BCL BB . -7.68 46.50 2.07
CGA BCL BB . -6.19 46.27 2.00
O1A BCL BB . -5.38 46.85 2.65
O2A BCL BB . -5.90 45.33 1.09
NB BCL BB . -13.96 46.16 5.30
C1B BCL BB . -13.87 45.96 3.96
C2B BCL BB . -14.88 45.08 3.56
C3B BCL BB . -15.79 44.99 4.67
C4B BCL BB . -15.23 45.77 5.70
CMB BCL BB . -14.97 44.36 2.25
CAB BCL BB . -17.05 44.24 4.73
OBB BCL BB . -17.50 43.87 5.81
CBB BCL BB . -17.82 43.92 3.48
NC BCL BB . -13.83 47.25 8.02
C1C BCL BB . -15.09 46.77 7.97
C2C BCL BB . -15.82 46.95 9.28
C3C BCL BB . -15.01 48.01 10.01
C4C BCL BB . -13.73 47.97 9.15
CMC BCL BB . -17.27 47.36 9.02
CAC BCL BB . -14.76 47.38 11.39
CBC BCL BB . -15.58 48.00 12.49
ND BCL BB . -11.39 48.30 7.51
C1D BCL BB . -11.53 48.83 8.78
C2D BCL BB . -10.37 49.57 9.12
C3D BCL BB . -9.60 49.49 7.97
C4D BCL BB . -10.39 48.89 6.94
CMD BCL BB . -10.05 50.27 10.40
CAD BCL BB . -8.29 49.80 7.43
OBD BCL BB . -7.37 50.41 7.94
CBD BCL BB . -8.25 49.20 5.98
CGD BCL BB . -7.98 50.28 4.95
O1D BCL BB . -8.80 51.06 4.54
O2D BCL BB . -6.71 50.26 4.55
CED BCL BB . -6.36 51.18 3.49
C1 BCL BB . -4.63 45.52 0.38
C2 BCL BB . -4.33 44.38 -0.52
C3 BCL BB . -3.86 44.51 -1.75
C4 BCL BB . -2.61 45.28 -2.08
C5 BCL BB . -4.55 43.86 -2.92
C6 BCL BB . -4.35 44.62 -4.23
C7 BCL BB . -5.60 44.66 -5.10
C8 BCL BB . -5.36 44.88 -6.59
C9 BCL BB . -6.54 44.42 -7.43
C10 BCL BB . -4.05 44.22 -7.04
C11 BCL BB . -3.06 45.12 -7.77
C12 BCL BB . -3.62 45.75 -9.04
C13 BCL BB . -2.61 46.33 -10.01
C14 BCL BB . -1.20 46.32 -9.41
C15 BCL BB . -3.01 47.75 -10.45
C16 BCL BB . -2.02 48.85 -10.11
C17 BCL BB . -2.66 49.98 -9.31
C18 BCL BB . -2.03 51.36 -9.50
C19 BCL BB . -0.60 51.40 -8.99
C20 BCL BB . -2.85 52.45 -8.87
CMA SPN CB . 0.37 45.25 -6.32
O1 SPN CB . 1.42 45.78 -5.52
CM1 SPN CB . 2.78 47.56 -4.84
CM2 SPN CB . 0.99 47.97 -6.53
C1 SPN CB . 1.37 47.20 -5.28
C2 SPN CB . 0.41 47.59 -4.15
O2 SPN CB . 0.78 47.62 -2.99
C3 SPN CB . -0.98 47.92 -4.53
C4 SPN CB . -1.88 48.26 -3.60
C5 SPN CB . -3.26 48.61 -3.83
CM3 SPN CB . -3.79 48.56 -5.24
C6 SPN CB . -4.03 49.00 -2.78
C7 SPN CB . -5.40 49.42 -2.79
C8 SPN CB . -6.05 49.79 -1.69
C9 SPN CB . -7.44 50.24 -1.61
CM4 SPN CB . -8.25 50.27 -2.88
C10 SPN CB . -7.94 50.62 -0.41
C11 SPN CB . -9.25 51.11 -0.13
C12 SPN CB . -9.66 51.42 1.12
C13 SPN CB . -10.97 51.93 1.51
CM5 SPN CB . -11.93 52.32 0.42
C14 SPN CB . -11.28 52.00 2.83
C15 SPN CB . -12.49 52.46 3.42
C16 SPN CB . -12.73 52.39 4.75
C17 SPN CB . -13.92 52.83 5.39
C18 SPN CB . -14.26 52.70 6.69
CM6 SPN CB . -13.38 52.02 7.70
C19 SPN CB . -15.51 53.26 7.17
C20 SPN CB . -15.95 53.28 8.43
C21 SPN CB . -17.21 53.86 8.84
C22 SPN CB . -17.69 53.92 10.09
CM7 SPN CB . -16.93 53.37 11.26
C23 SPN CB . -19.02 54.53 10.41
C24 SPN CB . -18.98 55.44 11.64
C25 SPN CB . -18.47 56.81 11.30
C26 SPN CB . -18.55 57.92 12.02
CM8 SPN CB . -19.19 57.99 13.37
C27 SPN CB . -17.99 59.22 11.50
C28 SPN CB . -16.76 59.70 12.29
C29 SPN CB . -15.68 60.21 11.37
C30 SPN CB . -14.80 61.17 11.61
CM9 SPN CB . -13.77 61.59 10.60
CMB SPN CB . -14.74 61.92 12.91
MG BCL DB . -5.48 48.57 12.74
CHA BCL DB . -5.32 47.68 9.56
CHB BCL DB . -2.18 48.57 12.81
CHC BCL DB . -5.64 48.78 16.12
CHD BCL DB . -8.66 46.94 12.88
NA BCL DB . -4.02 48.43 11.33
C1A BCL DB . -4.16 48.21 10.05
C2A BCL DB . -2.91 48.61 9.25
C3A BCL DB . -1.83 48.58 10.34
C4A BCL DB . -2.71 48.53 11.56
CMA BCL DB . -1.01 47.29 10.38
CAA BCL DB . -3.09 50.00 8.62
CBA BCL DB . -1.79 50.63 8.12
CGA BCL DB . -0.99 49.72 7.25
O1A BCL DB . -1.44 48.94 6.46
O2A BCL DB . 0.32 49.88 7.46
NB BCL DB . -4.12 48.88 14.23
C1B BCL DB . -2.76 48.96 14.03
C2B BCL DB . -2.16 49.46 15.20
C3B BCL DB . -3.17 49.47 16.21
C4B BCL DB . -4.36 49.04 15.59
CMB BCL DB . -0.73 49.90 15.34
CAB BCL DB . -3.03 49.84 17.62
OBB BCL DB . -3.98 50.28 18.25
CBB BCL DB . -1.70 49.68 18.32
NC BCL DB . -6.93 48.03 14.17
C1C BCL DB . -6.74 48.27 15.49
C2C BCL DB . -7.95 47.93 16.32
C3C BCL DB . -8.90 47.24 15.35
C4C BCL DB . -8.11 47.41 14.05
CMC BCL DB . -7.54 47.08 17.52
CAC BCL DB . -10.14 48.15 15.40
CBC BCL DB . -11.15 47.75 16.44
ND BCL DB . -6.73 47.49 11.53
C1D BCL DB . -7.99 46.98 11.69
C2D BCL DB . -8.49 46.54 10.45
C3D BCL DB . -7.43 46.71 9.59
C4D BCL DB . -6.30 47.15 10.36
CMD BCL DB . -9.86 46.00 10.13
CAD BCL DB . -7.01 46.64 8.21
OBD BCL DB . -7.47 45.98 7.29
CBD BCL DB . -5.79 47.60 8.09
CGD BCL DB . -4.73 47.05 7.15
O1D BCL DB . -4.46 47.50 6.07
O2D BCL DB . -4.13 45.99 7.68
CED BCL DB . -3.33 45.20 6.77
C1 BCL DB . 0.94 50.99 6.77
C2 BCL DB . 1.50 52.00 7.72
C3 BCL DB . 2.74 52.46 7.66
C4 BCL DB . 3.83 51.84 6.81
C5 BCL DB . 3.15 53.68 8.45
C6 BCL DB . 2.46 53.77 9.80
C7 BCL DB . 2.33 55.20 10.32
C8 BCL DB . 0.95 55.83 10.22
C9 BCL DB . 1.02 57.27 9.77
C10 BCL DB . 0.17 55.67 11.53
C11 BCL DB . -0.97 54.67 11.51
C12 BCL DB . -1.10 53.89 12.81
C13 BCL DB . -2.09 52.72 12.78
C14 BCL DB . -2.82 52.64 11.44
C15 BCL DB . -3.07 52.82 13.95
C16 BCL DB . -2.52 53.40 15.24
C17 BCL DB . -3.57 53.58 16.33
C18 BCL DB . -3.06 53.53 17.76
C19 BCL DB . -3.68 54.62 18.62
C20 BCL DB . -1.54 53.60 17.81
MG BCL EB . 1.16 45.91 18.09
CHA BCL EB . 4.30 46.92 17.55
CHB BCL EB . 0.58 46.20 14.82
CHC BCL EB . -2.14 46.44 18.68
CHD BCL EB . 1.61 46.95 21.49
NA BCL EB . 2.32 46.32 16.44
C1A BCL EB . 3.60 46.65 16.40
C2A BCL EB . 4.17 46.73 14.98
C3A BCL EB . 2.92 46.54 14.10
C4A BCL EB . 1.88 46.34 15.18
CMA BCL EB . 2.47 47.79 13.35
CAA BCL EB . 5.23 45.66 14.73
CBA BCL EB . 5.33 45.18 13.28
CGA BCL EB . 6.74 44.91 12.85
O1A BCL EB . 7.70 45.57 13.16
O2A BCL EB . 6.81 43.85 12.05
NB BCL EB . -0.53 45.94 16.95
C1B BCL EB . -0.57 45.89 15.58
C2B BCL EB . -1.86 45.54 15.17
C3B BCL EB . -2.69 45.55 16.33
C4B BCL EB . -1.85 45.99 17.38
CMB BCL EB . -2.28 45.21 13.76
CAB BCL EB . -4.11 45.21 16.45
OBB BCL EB . -4.77 45.62 17.39
CBB BCL EB . -4.78 44.36 15.41
NC BCL EB . 0.01 46.33 19.81
C1C BCL EB . -1.35 46.34 19.77
C2C BCL EB . -1.96 46.26 21.14
C3C BCL EB . -0.81 46.64 22.08
C4C BCL EB . 0.35 46.64 21.07
CMC BCL EB . -3.15 47.20 21.22
CAC BCL EB . -0.72 45.43 23.03
CBC BCL EB . -0.67 45.82 24.50
ND BCL EB . 2.61 46.70 19.30
C1D BCL EB . 2.70 46.92 20.66
C2D BCL EB . 4.04 47.09 21.04
C3D BCL EB . 4.70 47.15 19.82
C4D BCL EB . 3.73 47.12 18.77
CMD BCL EB . 4.61 47.19 22.42
CAD BCL EB . 6.02 47.23 19.23
OBD BCL EB . 7.10 47.42 19.77
CBD BCL EB . 5.83 47.03 17.69
CGD BCL EB . 6.36 48.24 16.93
O1D BCL EB . 6.00 49.36 17.09
O2D BCL EB . 7.30 47.88 16.07
CED BCL EB . 8.25 48.90 15.69
C1 BCL EB . 7.92 43.83 11.11
C2 BCL EB . 7.61 43.04 9.89
C3 BCL EB . 8.19 43.22 8.72
C4 BCL EB . 9.64 43.58 8.54
C5 BCL EB . 7.41 43.07 7.43
C6 BCL EB . 7.57 44.24 6.48
C7 BCL EB . 7.22 43.89 5.03
C8 BCL EB . 6.90 45.07 4.12
C9 BCL EB . 5.39 45.26 3.98
C10 BCL EB . 7.57 44.92 2.75
C11 BCL EB . 9.09 45.07 2.74
C12 BCL EB . 9.55 46.51 2.58
C13 BCL EB . 10.23 46.85 1.25
C14 BCL EB . 11.55 46.11 1.10
C15 BCL EB . 10.39 48.35 1.09
C16 BCL EB . 11.51 48.99 1.92
C17 BCL EB . 11.11 50.33 2.51
C18 BCL EB . 12.26 51.29 2.78
C19 BCL EB . 13.44 50.60 3.42
C20 BCL EB . 11.82 52.48 3.61
CMA SPN FB . 12.88 43.61 4.31
O1 SPN FB . 14.14 43.86 4.96
CM1 SPN FB . 15.75 45.26 5.89
CM2 SPN FB . 13.95 46.25 4.48
C1 SPN FB . 14.29 45.18 5.50
C2 SPN FB . 13.45 45.41 6.76
O2 SPN FB . 13.76 44.91 7.83
C3 SPN FB . 12.27 46.28 6.62
C4 SPN FB . 11.56 46.63 7.69
C5 SPN FB . 10.37 47.48 7.70
CM3 SPN FB . 9.88 48.01 6.37
C6 SPN FB . 9.75 47.75 8.87
C7 SPN FB . 8.59 48.56 9.08
C8 SPN FB . 8.07 48.78 10.29
C9 SPN FB . 6.90 49.58 10.61
CM4 SPN FB . 6.17 50.23 9.47
C10 SPN FB . 6.52 49.73 11.90
C11 SPN FB . 5.43 50.48 12.42
C12 SPN FB . 5.12 50.51 13.72
C13 SPN FB . 4.04 51.25 14.35
CM5 SPN FB . 3.26 52.22 13.51
C14 SPN FB . 3.79 51.03 15.67
C15 SPN FB . 2.77 51.64 16.48
C16 SPN FB . 2.55 51.29 17.77
C17 SPN FB . 1.57 51.88 18.60
C18 SPN FB . 1.24 51.53 19.88
CM6 SPN FB . 1.92 50.42 20.61
C19 SPN FB . 0.21 52.29 20.57
C20 SPN FB . -0.17 52.13 21.84
C21 SPN FB . -1.19 52.91 22.46
C22 SPN FB . -1.62 52.82 23.74
CM7 SPN FB . -1.04 51.82 24.71
C23 SPN FB . -2.71 53.70 24.27
C24 SPN FB . -2.39 54.24 25.68
C25 SPN FB . -1.51 55.46 25.62
C26 SPN FB . -1.07 56.18 26.64
CM8 SPN FB . -1.40 55.89 28.08
C27 SPN FB . -0.19 57.39 26.41
C28 SPN FB . 1.17 57.30 27.13
C29 SPN FB . 2.32 57.34 26.16
C30 SPN FB . 3.45 58.01 26.26
CM9 SPN FB . 4.52 57.96 25.22
CMB SPN FB . 3.76 58.90 27.44
MG BCL GB . 8.63 43.72 24.12
CHA BCL GB . 8.62 43.73 20.79
CHB BCL GB . 11.74 42.57 23.95
CHC BCL GB . 8.42 42.75 27.36
CHD BCL GB . 5.09 43.41 23.99
NA BCL GB . 10.02 43.51 22.64
C1A BCL GB . 9.87 43.74 21.35
C2A BCL GB . 11.21 44.01 20.67
C3A BCL GB . 12.17 43.22 21.58
C4A BCL GB . 11.27 43.09 22.78
CMA BCL GB . 12.43 41.79 21.13
CAA BCL GB . 11.53 45.51 20.66
CBA BCL GB . 12.79 45.88 19.90
CGA BCL GB . 12.66 45.69 18.42
O1A BCL GB . 11.84 46.23 17.73
O2A BCL GB . 13.57 44.83 17.95
NB BCL GB . 9.97 43.05 25.53
C1B BCL GB . 11.28 42.75 25.27
C2B BCL GB . 11.97 42.65 26.49
C3B BCL GB . 10.99 42.70 27.52
C4B BCL GB . 9.74 42.83 26.88
CMB BCL GB . 13.46 42.51 26.65
CAB BCL GB . 11.20 42.62 28.98
OBB BCL GB . 10.31 42.97 29.76
CBB BCL GB . 12.49 42.11 29.55
NC BCL GB . 7.04 43.29 25.41
C1C BCL GB . 7.26 43.00 26.72
C2C BCL GB . 5.96 42.96 27.51
C3C BCL GB . 4.88 42.91 26.44
C4C BCL GB . 5.72 43.23 25.19
CMC BCL GB . 5.97 41.76 28.44
CAC BCL GB . 3.97 44.09 26.83
CBC BCL GB . 2.75 43.67 27.62
ND BCL GB . 7.15 43.50 22.72
C1D BCL GB . 5.77 43.46 22.81
C2D BCL GB . 5.21 43.46 21.51
C3D BCL GB . 6.30 43.53 20.68
C4D BCL GB . 7.49 43.37 21.46
CMD BCL GB . 3.76 43.41 21.14
CAD BCL GB . 6.71 43.71 19.31
OBD BCL GB . 6.07 43.57 18.28
CBD BCL GB . 8.22 44.15 19.36
CGD BCL GB . 9.10 43.49 18.31
O1D BCL GB . 10.12 43.96 17.89
O2D BCL GB . 8.59 42.34 17.90
CED BCL GB . 9.10 41.84 16.65
C1 BCL GB . 14.46 44.24 18.94
C2 BCL GB . 15.80 44.89 18.95
C3 BCL GB . 16.63 44.84 19.98
C4 BCL GB . 16.39 44.00 21.21
C5 BCL GB . 17.89 45.68 20.02
C6 BCL GB . 17.62 47.18 20.13
C7 BCL GB . 17.68 47.68 21.57
C8 BCL GB . 16.57 48.67 21.96
C9 BCL GB . 17.00 49.55 23.13
C10 BCL GB . 15.26 47.93 22.26
C11 BCL GB . 14.75 48.06 23.69
C12 BCL GB . 13.26 47.73 23.82
C13 BCL GB . 12.91 46.65 24.83
C14 BCL GB . 11.61 45.94 24.45
C15 BCL GB . 12.85 47.20 26.25
C16 BCL GB . 12.28 46.25 27.30
C17 BCL GB . 12.70 46.60 28.72
C18 BCL GB . 11.61 47.18 29.61
C19 BCL GB . 12.18 47.75 30.89
C20 BCL GB . 10.53 46.15 29.92
CMA SPN HB . 8.98 35.69 26.28
O1 SPN HB . 9.52 34.50 25.71
CM1 SPN HB . 7.77 34.29 24.17
CM2 SPN HB . 9.90 33.03 23.81
C1 SPN HB . 9.28 34.33 24.31
C2 SPN HB . 9.80 35.47 23.45
O2 SPN HB . 9.04 36.33 23.03
C3 SPN HB . 11.23 35.52 23.17
C4 SPN HB . 11.68 36.42 22.30
C5 SPN HB . 13.05 36.65 21.88
CM3 SPN HB . 14.12 35.76 22.44
C6 SPN HB . 13.29 37.64 21.00
C7 SPN HB . 14.53 38.03 20.42
C8 SPN HB . 14.64 39.10 19.63
C9 SPN HB . 15.82 39.60 18.96
CM4 SPN HB . 17.11 38.83 19.12
C10 SPN HB . 15.73 40.71 18.19
C11 SPN HB . 16.74 41.34 17.41
C12 SPN HB . 16.50 42.39 16.63
C13 SPN HB . 17.44 43.09 15.77
CM5 SPN HB . 18.87 42.64 15.79
C14 SPN HB . 16.97 44.07 14.97
C15 SPN HB . 17.70 44.83 14.00
C16 SPN HB . 17.10 45.60 13.07
C17 SPN HB . 17.83 46.32 12.08
C18 SPN HB . 17.43 46.64 10.83
CM6 SPN HB . 16.03 46.40 10.33
C19 SPN HB . 18.44 47.11 9.88
C20 SPN HB . 18.35 47.67 8.65
C21 SPN HB . 17.25 47.90 7.77
C22 SPN HB . 17.41 48.75 6.74
CM7 SPN HB . 18.64 49.60 6.83
C23 SPN HB . 16.50 49.06 5.56
C24 SPN HB . 17.14 49.90 4.43
C25 SPN HB . 18.16 49.16 3.61
C26 SPN HB . 18.88 49.63 2.59
CM8 SPN HB . 18.68 51.00 2.00
C27 SPN HB . 19.96 48.80 1.95
C28 SPN HB . 21.33 49.50 2.02
C29 SPN HB . 22.17 49.27 0.80
C30 SPN HB . 23.09 50.08 0.28
CM9 SPN HB . 23.40 51.42 0.89
CMB SPN HB . 23.92 49.73 -0.92
MG BCL IB . 14.22 38.04 27.90
CHA BCL IB . 17.52 38.00 27.38
CHB BCL IB . 13.78 39.30 24.90
CHC BCL IB . 11.11 39.05 28.78
CHD BCL IB . 14.91 37.81 31.37
NA BCL IB . 15.46 38.42 26.32
C1A BCL IB . 16.78 38.28 26.25
C2A BCL IB . 17.30 38.45 24.80
C3A BCL IB . 16.05 38.95 24.04
C4A BCL IB . 15.04 38.88 25.15
CMA BCL IB . 16.06 40.42 23.64
CAA BCL IB . 17.84 37.13 24.24
CBA BCL IB . 17.65 36.95 22.74
CGA BCL IB . 18.94 36.77 21.99
O1A BCL IB . 19.90 37.49 22.11
O2A BCL IB . 18.90 35.71 21.19
NB BCL IB . 12.58 38.77 26.90
C1B BCL IB . 12.58 39.08 25.59
C2B BCL IB . 11.26 39.12 25.14
C3B BCL IB . 10.42 39.08 26.30
C4B BCL IB . 11.31 38.98 27.40
CMB BCL IB . 10.82 39.15 23.70
CAB BCL IB . 8.93 39.12 26.37
OBB BCL IB . 8.36 38.68 27.36
CBB BCL IB . 8.10 39.67 25.28
NC BCL IB . 13.23 38.26 29.71
C1C BCL IB . 11.91 38.58 29.77
C2C BCL IB . 11.34 38.37 31.14
C3C BCL IB . 12.57 38.37 32.03
C4C BCL IB . 13.64 38.13 30.97
CMC BCL IB . 10.33 39.46 31.48
CAC BCL IB . 12.36 37.08 32.84
CBC BCL IB . 11.68 37.31 34.17
ND BCL IB . 15.83 37.89 29.15
C1D BCL IB . 15.95 37.70 30.50
C2D BCL IB . 17.27 37.35 30.82
C3D BCL IB . 17.94 37.49 29.62
C4D BCL IB . 17.03 38.00 28.65
CMD BCL IB . 17.83 36.91 32.15
CAD BCL IB . 19.22 37.32 28.98
OBD BCL IB . 20.29 36.99 29.46
CBD BCL IB . 19.02 37.63 27.46
CGD BCL IB . 19.95 38.75 27.04
O1D BCL IB . 19.89 39.89 27.43
O2D BCL IB . 20.87 38.31 26.19
CED BCL IB . 21.74 39.32 25.62
C1 BCL IB . 19.91 35.68 20.13
C2 BCL IB . 19.29 35.58 18.78
C3 BCL IB . 19.86 35.94 17.64
C4 BCL IB . 21.07 35.28 17.05
C5 BCL IB . 19.30 37.09 16.83
C6 BCL IB . 19.79 37.13 15.39
C7 BCL IB . 18.74 37.66 14.41
C8 BCL IB . 19.09 38.96 13.67
C9 BCL IB . 17.85 39.64 13.12
C10 BCL IB . 20.13 38.71 12.57
C11 BCL IB . 21.29 39.70 12.50
C12 BCL IB . 21.44 40.38 11.15
C13 BCL IB . 22.86 40.58 10.63
C14 BCL IB . 23.85 39.66 11.33
C15 BCL IB . 23.30 42.05 10.73
C16 BCL IB . 24.02 42.43 12.01
C17 BCL IB . 24.64 43.82 11.96
C18 BCL IB . 26.02 43.96 12.58
C19 BCL IB . 26.74 42.63 12.71
C20 BCL IB . 25.97 44.68 13.91
CMA SPN JB . 23.98 36.17 12.98
O1 SPN JB . 25.21 35.67 13.51
CM1 SPN JB . 27.33 35.96 14.44
CM2 SPN JB . 26.08 37.95 13.58
C1 SPN JB . 25.97 36.61 14.28
C2 SPN JB . 25.39 36.85 15.68
O2 SPN JB . 25.58 36.05 16.59
C3 SPN JB . 24.60 38.07 15.89
C4 SPN JB . 23.88 38.26 16.98
C5 SPN JB . 23.07 39.42 17.30
CM3 SPN JB . 22.95 40.50 16.28
C6 SPN JB . 22.49 39.49 18.53
C7 SPN JB . 21.70 40.57 19.05
C8 SPN JB . 21.20 40.57 20.30
C9 SPN JB . 20.40 41.60 20.92
CM4 SPN JB . 20.00 42.79 20.08
C10 SPN JB . 20.07 41.49 22.22
C11 SPN JB . 19.35 42.42 23.04
C12 SPN JB . 19.04 42.17 24.32
C13 SPN JB . 18.33 43.03 25.24
CM5 SPN JB . 17.99 44.42 24.78
C14 SPN JB . 17.98 42.55 26.46
C15 SPN JB . 17.28 43.24 27.50
C16 SPN JB . 16.93 42.63 28.67
C17 SPN JB . 16.23 43.29 29.73
C18 SPN JB . 15.81 42.76 30.91
CM6 SPN JB . 16.02 41.31 31.26
C19 SPN JB . 15.12 43.60 31.86
C20 SPN JB . 14.67 43.24 33.06
C21 SPN JB . 13.99 44.12 33.96
C22 SPN JB . 13.53 43.82 35.18
CM7 SPN JB . 13.69 42.46 35.80
C23 SPN JB . 12.81 44.84 36.05
C24 SPN JB . 13.32 44.84 37.50
C25 SPN JB . 14.55 45.67 37.66
C26 SPN JB . 15.06 46.18 38.78
CM8 SPN JB . 14.42 46.00 40.13
C27 SPN JB . 16.33 46.99 38.76
C28 SPN JB . 17.59 46.12 38.97
C29 SPN JB . 18.59 46.34 37.87
C30 SPN JB . 19.86 46.72 38.00
CM9 SPN JB . 20.76 46.89 36.82
CMB SPN JB . 20.50 47.00 39.32
MG BCL KB . 20.57 32.54 32.41
CHA BCL KB . 20.33 33.32 29.18
CHB BCL KB . 23.44 31.00 31.74
CHC BCL KB . 20.31 30.94 35.38
CHD BCL KB . 17.02 32.94 32.59
NA BCL KB . 21.77 32.37 30.76
C1A BCL KB . 21.57 32.87 29.55
C2A BCL KB . 22.85 32.87 28.71
C3A BCL KB . 23.68 31.78 29.40
C4A BCL KB . 22.92 31.72 30.70
CMA BCL KB . 23.55 30.40 28.79
CAA BCL KB . 23.52 34.25 28.75
CBA BCL KB . 24.08 34.71 27.40
CGA BCL KB . 25.44 34.12 27.09
O1A BCL KB . 25.63 33.00 26.69
O2A BCL KB . 26.41 35.01 27.32
NB BCL KB . 21.80 31.32 33.51
C1B BCL KB . 23.03 30.85 33.07
C2B BCL KB . 23.68 30.24 34.15
C3B BCL KB . 22.76 30.22 35.25
C4B BCL KB . 21.58 30.81 34.78
CMB BCL KB . 25.09 29.72 34.15
CAB BCL KB . 23.00 29.70 36.59
OBB BCL KB . 22.44 30.20 37.56
CBB BCL KB . 23.92 28.53 36.80
NC BCL KB . 19.00 32.21 33.76
C1C BCL KB . 19.22 31.64 34.96
C2C BCL KB . 18.05 31.81 35.89
C3C BCL KB . 16.89 32.14 34.96
C4C BCL KB . 17.69 32.46 33.69
CMC BCL KB . 17.85 30.53 36.70
CAC BCL KB . 16.30 33.41 35.59
CBC BCL KB . 15.22 33.14 36.60
ND BCL KB . 18.99 32.98 31.19
C1D BCL KB . 17.64 33.21 31.41
C2D BCL KB . 17.04 33.74 30.25
C3D BCL KB . 18.05 33.71 29.32
C4D BCL KB . 19.19 33.09 29.90
CMD BCL KB . 15.63 34.23 30.09
CAD BCL KB . 18.39 34.07 27.96
OBD BCL KB . 17.68 34.28 27.00
CBD BCL KB . 19.95 34.16 27.96
CGD BCL KB . 20.58 33.65 26.66
O1D BCL KB . 21.26 34.31 25.92
O2D BCL KB . 20.28 32.37 26.45
CED BCL KB . 20.49 31.89 25.11
C1 BCL KB . 27.67 34.45 27.77
C2 BCL KB . 27.86 34.60 29.23
C3 BCL KB . 28.84 34.03 29.92
C4 BCL KB . 29.98 33.27 29.28
C5 BCL KB . 28.86 34.08 31.43
C6 BCL KB . 27.67 33.41 32.09
C7 BCL KB . 26.94 34.32 33.07
C8 BCL KB . 25.44 34.47 32.84
C9 BCL KB . 25.14 35.60 31.85
C10 BCL KB . 24.70 34.67 34.16
C11 BCL KB . 24.80 33.52 35.15
C12 BCL KB . 24.14 33.81 36.49
C13 BCL KB . 24.91 33.32 37.72
C14 BCL KB . 25.78 32.11 37.37
C15 BCL KB . 23.96 33.01 38.87
C16 BCL KB . 24.05 33.95 40.07
C17 BCL KB . 23.82 33.25 41.41
C18 BCL KB . 24.27 34.02 42.64
C19 BCL KB . 23.58 33.51 43.90
C20 BCL KB . 24.07 35.51 42.49
CMA SPN LB . 18.28 24.32 32.77
O1 SPN LB . 18.97 23.35 32.00
CM1 SPN LB . 17.47 24.12 30.42
CM2 SPN LB . 18.98 22.22 29.81
C1 SPN LB . 18.86 23.53 30.58
C2 SPN LB . 19.86 24.54 30.02
O2 SPN LB . 19.50 25.69 29.85
C3 SPN LB . 21.22 24.14 29.66
C4 SPN LB . 21.90 25.07 28.98
C5 SPN LB . 23.25 25.01 28.46
CM3 SPN LB . 24.04 23.75 28.68
C6 SPN LB . 23.73 26.09 27.81
C7 SPN LB . 25.00 26.27 27.19
C8 SPN LB . 25.30 27.43 26.58
C9 SPN LB . 26.52 27.82 25.90
CM4 SPN LB . 27.68 26.87 25.91
C10 SPN LB . 26.54 29.02 25.24
C11 SPN LB . 27.59 29.58 24.45
C12 SPN LB . 27.48 30.80 23.89
C13 SPN LB . 28.45 31.49 23.04
CM5 SPN LB . 29.73 30.78 22.72
C14 SPN LB . 28.13 32.69 22.52
C15 SPN LB . 28.85 33.46 21.55
C16 SPN LB . 28.47 34.68 21.10
C17 SPN LB . 29.20 35.41 20.12
C18 SPN LB . 28.87 36.61 19.55
CM6 SPN LB . 27.66 37.40 19.97
C19 SPN LB . 29.62 37.07 18.40
C20 SPN LB . 29.30 38.10 17.60
C21 SPN LB . 30.05 38.47 16.44
C22 SPN LB . 29.74 39.46 15.57
CM7 SPN LB . 28.56 40.33 15.88
C23 SPN LB . 30.47 39.79 14.30
C24 SPN LB . 31.99 40.05 14.42
C25 SPN LB . 32.75 39.44 13.27
C26 SPN LB . 33.06 39.99 12.10
CM8 SPN LB . 32.61 41.36 11.68
C27 SPN LB . 33.91 39.26 11.10
C28 SPN LB . 35.07 40.13 10.59
C29 SPN LB . 35.44 39.84 9.16
C30 SPN LB . 36.58 40.11 8.55
CM9 SPN LB . 37.73 40.79 9.25
CMB SPN LB . 36.83 39.79 7.12
MG BCL MB . 24.33 24.90 34.60
CHA BCL MB . 27.53 24.13 33.90
CHB BCL MB . 24.27 26.84 31.94
CHC BCL MB . 21.50 26.30 35.82
CHD BCL MB . 25.01 23.90 37.96
NA BCL MB . 25.65 25.27 33.05
C1A BCL MB . 26.87 24.81 32.88
C2A BCL MB . 27.44 25.12 31.47
C3A BCL MB . 26.40 26.11 30.92
C4A BCL MB . 25.38 26.07 32.03
CMA BCL MB . 26.90 27.56 30.91
CAA BCL MB . 27.63 23.90 30.56
CBA BCL MB . 28.24 24.25 29.20
CGA BCL MB . 28.57 23.06 28.34
O1A BCL MB . 29.23 22.12 28.69
O2A BCL MB . 28.04 23.16 27.13
NB BCL MB . 22.95 26.23 33.88
C1B BCL MB . 23.06 26.85 32.67
C2B BCL MB . 21.82 27.43 32.35
C3B BCL MB . 20.96 27.29 33.50
C4B BCL MB . 21.75 26.62 34.46
CMB BCL MB . 21.49 28.09 31.04
CAB BCL MB . 19.54 27.73 33.67
OBB BCL MB . 18.93 27.43 34.68
CBB BCL MB . 18.81 28.53 32.64
NC BCL MB . 23.42 24.95 36.48
C1C BCL MB . 22.21 25.51 36.66
C2C BCL MB . 21.62 25.18 38.01
C3C BCL MB . 22.81 24.69 38.82
C4C BCL MB . 23.82 24.51 37.68
CMC BCL MB . 20.93 26.42 38.58
CAC BCL MB . 22.37 23.30 39.32
CBC BCL MB . 21.72 23.33 40.69
ND BCL MB . 25.87 24.13 35.71
C1D BCL MB . 25.96 23.69 37.01
C2D BCL MB . 27.15 22.97 37.19
C3D BCL MB . 27.82 23.16 35.99
C4D BCL MB . 27.05 24.02 35.18
CMD BCL MB . 27.59 22.18 38.38
CAD BCL MB . 29.02 22.80 35.27
OBD BCL MB . 30.00 22.16 35.66
CBD BCL MB . 28.87 23.39 33.84
CGD BCL MB . 30.05 24.31 33.61
O1D BCL MB . 30.26 25.33 34.21
O2D BCL MB . 30.84 23.84 32.66
CED BCL MB . 31.95 24.69 32.27
C1 BCL MB . 28.98 23.06 26.01
C2 BCL MB . 28.30 23.24 24.71
C3 BCL MB . 28.81 23.72 23.58
C4 BCL MB . 30.02 23.14 22.89
C5 BCL MB . 28.17 24.89 22.88
C6 BCL MB . 29.02 25.51 21.77
C7 BCL MB . 28.20 26.27 20.73
C8 BCL MB . 28.71 27.65 20.30
C9 BCL MB . 27.57 28.61 20.00
C10 BCL MB . 29.67 27.55 19.12
C11 BCL MB . 31.14 27.86 19.40
C12 BCL MB . 31.62 29.14 18.71
C13 BCL MB . 32.60 28.94 17.56
C14 BCL MB . 33.02 27.49 17.40
C15 BCL MB . 33.82 29.86 17.71
C16 BCL MB . 34.78 29.48 18.83
C17 BCL MB . 34.89 30.54 19.91
C18 BCL MB . 36.30 30.98 20.26
C19 BCL MB . 37.22 29.83 20.63
C20 BCL MB . 36.30 32.03 21.35
CMA SPN NB . 24.07 9.78 35.76
O1 SPN NB . 24.08 9.00 34.56
CM1 SPN NB . 23.33 10.82 33.35
CM2 SPN NB . 24.22 8.82 32.15
C1 SPN NB . 24.36 9.73 33.36
C2 SPN NB . 25.75 10.39 33.32
O2 SPN NB . 25.92 11.54 33.68
C3 SPN NB . 26.90 9.66 32.79
C4 SPN NB . 27.96 10.42 32.58
C5 SPN NB . 29.26 10.06 32.02
CM3 SPN NB . 29.52 8.62 31.74
C6 SPN NB . 30.10 11.06 31.68
C7 SPN NB . 31.33 10.99 30.96
C8 SPN NB . 31.98 12.12 30.64
C9 SPN NB . 33.21 12.28 29.89
CM4 SPN NB . 33.97 11.04 29.50
C10 SPN NB . 33.58 13.53 29.51
C11 SPN NB . 34.69 13.92 28.68
C12 SPN NB . 34.84 15.20 28.29
C13 SPN NB . 35.89 15.74 27.43
CM5 SPN NB . 37.06 14.87 27.10
C14 SPN NB . 35.73 16.99 26.93
C15 SPN NB . 36.57 17.69 26.01
C16 SPN NB . 36.35 18.99 25.62
C17 SPN NB . 37.19 19.71 24.71
C18 SPN NB . 37.26 21.05 24.51
CM6 SPN NB . 36.35 22.04 25.22
C19 SPN NB . 38.32 21.58 23.69
C20 SPN NB . 38.62 22.85 23.44
C21 SPN NB . 39.70 23.23 22.60
C22 SPN NB . 40.08 24.45 22.16
CM7 SPN NB . 39.35 25.72 22.46
C23 SPN NB . 41.31 24.60 21.31
C24 SPN NB . 41.07 24.28 19.82
C25 SPN NB . 41.32 25.51 18.99
C26 SPN NB . 42.37 25.79 18.23
CM8 SPN NB . 42.78 27.19 17.88
C27 SPN NB . 43.27 24.71 17.69
C28 SPN NB . 44.59 25.25 17.14
C29 SPN NB . 44.66 25.18 15.64
C30 SPN NB . 45.74 25.17 14.87
CM9 SPN NB . 47.13 25.19 15.42
CMB SPN NB . 45.67 25.17 13.37
MG BCL OB . 28.95 17.10 37.64
CHA BCL OB . 28.88 18.55 34.66
CHB BCL OB . 31.64 15.42 36.73
CHC BCL OB . 28.37 15.05 40.28
CHD BCL OB . 25.62 18.29 38.15
NA BCL OB . 30.08 16.99 35.92
C1A BCL OB . 29.95 17.70 34.82
C2A BCL OB . 31.08 17.43 33.81
C3A BCL OB . 31.66 16.10 34.34
C4A BCL OB . 31.09 16.18 35.74
CMA BCL OB . 31.05 14.85 33.71
CAA BCL OB . 32.13 18.56 33.81
CBA BCL OB . 32.90 18.69 32.50
CGA BCL OB . 34.38 18.78 32.69
O1A BCL OB . 34.96 19.74 33.15
O2A BCL OB . 35.00 17.67 32.28
NB BCL OB . 29.90 15.46 38.43
C1B BCL OB . 31.03 14.88 37.89
C2B BCL OB . 31.41 13.79 38.68
C3B BCL OB . 30.54 13.77 39.81
C4B BCL OB . 29.55 14.74 39.58
CMB BCL OB . 32.54 12.84 38.40
CAB BCL OB . 30.64 12.91 40.99
OBB BCL OB . 30.49 13.38 42.11
CBB BCL OB . 30.91 11.44 40.83
NC BCL OB . 27.37 16.89 39.01
C1C BCL OB . 27.45 16.03 40.04
C2C BCL OB . 26.35 16.24 41.05
C3C BCL OB . 25.37 17.16 40.35
C4C BCL OB . 26.17 17.46 39.09
CMC BCL OB . 25.75 14.89 41.44
CAC BCL OB . 25.33 18.36 41.31
CBC BCL OB . 24.05 18.48 42.11
ND BCL OB . 27.51 18.15 36.64
C1D BCL OB . 26.28 18.64 36.99
C2D BCL OB . 25.81 19.56 36.01
C3D BCL OB . 26.79 19.48 35.05
C4D BCL OB . 27.72 18.45 35.38
CMD BCL OB . 24.58 20.40 36.02
CAD BCL OB . 27.23 20.09 33.81
OBD BCL OB . 26.60 20.71 32.97
CBD BCL OB . 28.76 19.78 33.74
CGD BCL OB . 29.23 19.53 32.31
O1D BCL OB . 29.84 20.32 31.65
O2D BCL OB . 28.86 18.33 31.89
CED BCL OB . 29.47 17.88 30.66
C1 BCL OB . 35.41 16.76 33.34
C2 BCL OB . 36.45 17.33 34.23
C3 BCL OB . 36.21 17.72 35.47
C4 BCL OB . 37.23 18.43 36.33
C5 BCL OB . 34.88 17.48 36.13
C6 BCL OB . 34.61 18.38 37.33
C7 BCL OB . 33.58 17.81 38.28
C8 BCL OB . 33.95 17.83 39.76
C9 BCL OB . 35.25 18.60 39.99
C10 BCL OB . 34.02 16.42 40.34
C11 BCL OB . 32.87 16.03 41.25
C12 BCL OB . 32.69 16.96 42.44
C13 BCL OB . 33.14 16.41 43.78
C14 BCL OB . 32.58 15.01 44.04
C15 BCL OB . 32.78 17.37 44.92
C16 BCL OB . 32.92 18.85 44.59
C17 BCL OB . 34.12 19.50 45.28
C18 BCL OB . 35.34 19.73 44.40
C19 BCL OB . 34.94 20.13 42.99
C20 BCL OB . 36.25 18.52 44.39
CMA SPN PB . 36.51 24.65 18.90
O1 SPN PB . 35.94 24.41 20.19
CM1 SPN PB . 33.80 24.05 19.25
CM2 SPN PB . 35.28 22.10 19.77
C1 SPN PB . 34.84 23.48 20.20
C2 SPN PB . 34.20 23.38 21.59
O2 SPN PB . 34.11 22.32 22.18
C3 SPN PB . 33.70 24.65 22.14
C4 SPN PB . 33.28 24.77 23.39
C5 SPN PB . 32.77 25.99 24.01
CM3 SPN PB . 32.70 27.22 23.16
C6 SPN PB . 32.42 25.97 25.31
C7 SPN PB . 31.93 27.07 26.09
C8 SPN PB . 31.61 26.95 27.38
C9 SPN PB . 31.10 28.01 28.25
CM4 SPN PB . 30.94 29.38 27.67
C10 SPN PB . 30.84 27.72 29.56
C11 SPN PB . 30.38 28.62 30.57
C12 SPN PB . 30.09 28.21 31.81
C13 SPN PB . 29.62 29.02 32.92
CM5 SPN PB . 29.62 30.52 32.74
C14 SPN PB . 29.23 28.41 34.06
C15 SPN PB . 28.76 29.01 35.27
C16 SPN PB . 28.31 28.28 36.31
C17 SPN PB . 27.83 28.85 37.54
C18 SPN PB . 27.30 28.19 38.59
CM6 SPN PB . 27.10 26.71 38.62
C19 SPN PB . 26.91 28.95 39.77
C20 SPN PB . 26.39 28.45 40.90
C21 SPN PB . 26.03 29.26 42.03
C22 SPN PB . 25.49 28.84 43.18
CM7 SPN PB . 25.17 27.40 43.44
C23 SPN PB . 25.15 29.79 44.31
C24 SPN PB . 25.60 29.28 45.68
C25 SPN PB . 26.86 29.95 46.14
C26 SPN PB . 27.16 30.39 47.36
CM8 SPN PB . 26.22 30.30 48.53
C27 SPN PB . 28.49 31.04 47.65
C28 SPN PB . 29.61 30.01 47.90
C29 SPN PB . 30.52 29.89 46.71
C30 SPN PB . 31.84 29.79 46.71
CM9 SPN PB . 32.65 29.66 45.44
CMB SPN PB . 32.66 29.79 47.97
MG BCL QB . 30.29 8.17 38.05
CHA BCL QB . 33.01 6.55 37.11
CHB BCL QB . 31.00 10.60 35.92
CHC BCL QB . 27.92 10.03 39.54
CHD BCL QB . 30.39 6.21 41.04
NA BCL QB . 31.73 8.47 36.70
C1A BCL QB . 32.70 7.65 36.36
C2A BCL QB . 33.37 8.08 35.07
C3A BCL QB . 33.11 9.59 35.09
C4A BCL QB . 31.88 9.56 35.95
CMA BCL QB . 34.15 10.37 35.87
CAA BCL QB . 32.70 7.40 33.87
CBA BCL QB . 32.96 8.11 32.55
CGA BCL QB . 33.93 7.36 31.69
O1A BCL QB . 35.03 7.01 32.02
O2A BCL QB . 33.40 7.11 30.49
NB BCL QB . 29.45 10.00 37.68
C1B BCL QB . 29.82 10.84 36.66
C2B BCL QB . 28.86 11.84 36.53
C3B BCL QB . 27.92 11.67 37.58
C4B BCL QB . 28.37 10.58 38.34
CMB BCL QB . 28.83 12.90 35.45
CAB BCL QB . 26.68 12.44 37.81
OBB BCL QB . 26.47 12.96 38.90
CBB BCL QB . 25.66 12.61 36.73
NC BCL QB . 29.33 8.05 39.88
C1C BCL QB . 28.37 8.95 40.23
C2C BCL QB . 27.78 8.67 41.58
C3C BCL QB . 28.50 7.42 42.07
C4C BCL QB . 29.48 7.23 40.92
CMC BCL QB . 27.94 9.89 42.47
CAC BCL QB . 27.39 6.36 42.03
CBC BCL QB . 27.43 5.39 43.17
ND BCL QB . 31.41 6.68 38.91
C1D BCL QB . 31.25 5.90 40.03
C2D BCL QB . 32.07 4.77 39.95
C3D BCL QB . 32.83 5.02 38.83
C4D BCL QB . 32.51 6.31 38.34
CMD BCL QB . 32.12 3.58 40.86
CAD BCL QB . 33.82 4.44 37.97
OBD BCL QB . 34.47 3.42 38.10
CBD BCL QB . 33.95 5.38 36.74
CGD BCL QB . 35.40 5.84 36.68
O1D BCL QB . 36.05 6.22 37.62
O2D BCL QB . 35.89 5.74 35.45
CED BCL QB . 37.30 5.44 35.35
C1 BCL QB . 34.29 6.44 29.56
C2 BCL QB . 34.44 7.21 28.30
C3 BCL QB . 35.51 7.14 27.52
C4 BCL QB . 36.79 6.48 27.95
C5 BCL QB . 35.51 7.72 26.13
C6 BCL QB . 36.02 9.15 26.08
C7 BCL QB . 35.70 9.86 24.77
C8 BCL QB . 34.48 10.79 24.81
C9 BCL QB . 33.29 10.20 24.06
C10 BCL QB . 34.85 12.17 24.26
C11 BCL QB . 34.63 12.37 22.77
C12 BCL QB . 34.87 13.79 22.31
C13 BCL QB . 36.02 14.01 21.32
C14 BCL QB . 35.70 13.46 19.94
C15 BCL QB . 37.35 13.45 21.85
C16 BCL QB . 38.59 14.03 21.21
C17 BCL QB . 39.84 13.91 22.09
C18 BCL QB . 41.18 14.06 21.37
C19 BCL QB . 41.32 13.11 20.18
C20 BCL QB . 42.35 13.90 22.33
MG BCL RB . 31.86 -1.37 38.60
CHA BCL RB . 32.69 0.66 36.12
CHB BCL RB . 33.15 -3.88 36.83
CHC BCL RB . 30.10 -3.62 40.47
CHD BCL RB . 29.30 0.96 39.47
NA BCL RB . 32.98 -1.52 36.88
C1A BCL RB . 33.32 -0.55 36.06
C2A BCL RB . 34.47 -0.95 35.13
C3A BCL RB . 34.43 -2.50 35.22
C4A BCL RB . 33.47 -2.64 36.38
CMA BCL RB . 33.73 -3.17 34.04
CAA BCL RB . 35.80 -0.36 35.60
CBA BCL RB . 37.04 -1.08 35.06
CGA BCL RB . 37.32 -0.77 33.62
O1A BCL RB . 36.56 -0.22 32.87
O2A BCL RB . 38.54 -1.18 33.26
NB BCL RB . 31.90 -3.41 38.85
C1B BCL RB . 32.64 -4.27 38.09
C2B BCL RB . 32.73 -5.50 38.77
C3B BCL RB . 31.80 -5.44 39.85
C4B BCL RB . 31.21 -4.17 39.79
CMB BCL RB . 33.63 -6.64 38.41
CAB BCL RB . 31.50 -6.50 40.83
OBB BCL RB . 31.26 -6.20 41.99
CBB BCL RB . 31.50 -7.94 40.42
NC BCL RB . 30.19 -1.24 39.86
C1C BCL RB . 29.78 -2.30 40.61
C2C BCL RB . 28.84 -1.88 41.71
C3C BCL RB . 28.30 -0.54 41.22
C4C BCL RB . 29.33 -0.25 40.12
CMC BCL RB . 27.77 -2.95 41.91
CAC BCL RB . 28.50 0.38 42.43
CBC BCL RB . 27.34 0.35 43.41
ND BCL RB . 31.08 0.40 37.93
C1D BCL RB . 30.13 1.25 38.42
C2D BCL RB . 30.13 2.46 37.69
C3D BCL RB . 31.08 2.23 36.71
C4D BCL RB . 31.51 0.88 36.80
CMD BCL RB . 29.31 3.70 37.91
CAD BCL RB . 31.81 2.85 35.62
OBD BCL RB . 31.51 3.80 34.94
CBD BCL RB . 33.12 2.01 35.51
CGD BCL RB . 33.59 1.88 34.06
O1D BCL RB . 34.58 2.40 33.62
O2D BCL RB . 32.74 1.16 33.35
CED BCL RB . 32.52 1.60 31.99
C1 BCL RB . 38.98 -2.44 33.86
C2 BCL RB . 40.02 -3.13 33.05
C3 BCL RB . 41.03 -3.80 33.56
C4 BCL RB . 41.98 -4.63 32.75
C5 BCL RB . 41.30 -3.78 35.05
C6 BCL RB . 41.32 -5.17 35.67
C7 BCL RB . 40.54 -5.25 36.98
C8 BCL RB . 41.15 -4.48 38.15
C9 BCL RB . 41.80 -5.42 39.15
C10 BCL RB . 40.10 -3.59 38.82
C11 BCL RB . 38.74 -3.50 38.14
C12 BCL RB . 37.67 -2.85 39.01
C13 BCL RB . 36.32 -3.56 39.04
C14 BCL RB . 35.18 -2.58 39.24
C15 BCL RB . 36.30 -4.67 40.09
C16 BCL RB . 35.47 -4.38 41.33
C17 BCL RB . 34.62 -5.57 41.78
C18 BCL RB . 34.22 -5.56 43.25
C19 BCL RB . 34.95 -4.49 44.03
C20 BCL RB . 34.43 -6.93 43.89
CMA SPN SB . 39.01 5.48 26.55
O1 SPN SB . 39.83 6.41 27.25
CM1 SPN SB . 41.40 6.09 25.54
CM2 SPN SB . 39.98 8.14 25.54
C1 SPN SB . 40.74 7.14 26.41
C2 SPN SB . 41.82 7.90 27.18
O2 SPN SB . 42.78 8.39 26.61
C3 SPN SB . 41.66 8.00 28.62
C4 SPN SB . 42.63 7.60 29.44
C5 SPN SB . 42.63 7.64 30.89
CM3 SPN SB . 43.79 7.02 31.60
C6 SPN SB . 41.57 8.16 31.54
C7 SPN SB . 41.32 8.19 32.96
C8 SPN SB . 40.35 8.83 33.68
C9 SPN SB . 39.27 9.73 33.27
CM4 SPN SB . 38.79 9.71 31.85
C10 SPN SB . 38.77 10.61 34.18
C11 SPN SB . 37.82 11.67 33.94
C12 SPN SB . 37.25 12.47 34.84
C13 SPN SB . 37.21 12.39 36.30
CM5 SPN SB . 37.30 13.69 37.05
C14 SPN SB . 36.91 11.22 36.91
C15 SPN SB . 36.64 11.02 38.30
C16 SPN SB . 35.83 10.06 38.78
C17 SPN SB . 35.57 9.87 40.18
C18 SPN SB . 34.48 9.31 40.73
CM6 SPN SB . 33.33 8.83 39.90
C19 SPN SB . 34.34 9.22 42.17
C20 SPN SB . 33.28 8.76 42.86
C21 SPN SB . 33.23 8.74 44.28
C22 SPN SB . 32.29 8.37 45.15
CM7 SPN SB . 30.93 7.80 44.87
C23 SPN SB . 32.63 8.52 46.61
C24 SPN SB . 31.46 8.63 47.58
C25 SPN SB . 31.52 9.90 48.36
C26 SPN SB . 31.73 10.07 49.66
CM8 SPN SB . 31.95 11.41 50.29
C27 SPN SB . 31.77 8.90 50.61
C28 SPN SB . 31.64 9.35 52.07
C29 SPN SB . 30.26 9.12 52.61
C30 SPN SB . 29.58 9.86 53.48
CM9 SPN SB . 28.19 9.51 53.92
CMB SPN SB . 30.14 11.10 54.09
CMA SPN TB . 25.27 -6.17 35.32
O1 SPN TB . 25.11 -6.65 33.99
CM1 SPN TB . 24.69 -4.53 33.07
CM2 SPN TB . 25.40 -6.42 31.59
C1 SPN TB . 25.56 -5.77 32.94
C2 SPN TB . 27.03 -5.34 33.10
O2 SPN TB . 27.33 -4.35 33.75
C3 SPN TB . 28.05 -6.16 32.44
C4 SPN TB . 29.22 -5.60 32.14
C5 SPN TB . 30.37 -6.23 31.51
CM3 SPN TB . 30.27 -7.67 31.13
C6 SPN TB . 31.49 -5.49 31.31
C7 SPN TB . 32.74 -5.89 30.75
C8 SPN TB . 33.74 -5.02 30.59
C9 SPN TB . 35.07 -5.26 30.06
CM4 SPN TB . 35.43 -6.66 29.68
C10 SPN TB . 35.92 -4.22 29.96
C11 SPN TB . 37.28 -4.22 29.54
C12 SPN TB . 37.98 -3.08 29.44
C13 SPN TB . 39.37 -2.90 29.05
CM5 SPN TB . 40.21 -4.13 28.90
C14 SPN TB . 39.86 -1.65 28.91
C15 SPN TB . 41.21 -1.25 28.66
C16 SPN TB . 41.56 0.04 28.42
C17 SPN TB . 42.90 0.45 28.19
C18 SPN TB . 43.34 1.69 27.84
CM6 SPN TB . 42.40 2.83 27.54
C19 SPN TB . 44.78 1.95 27.85
C20 SPN TB . 45.52 2.76 27.08
C21 SPN TB . 45.11 3.48 25.91
C22 SPN TB . 45.90 4.40 25.31
CM7 SPN TB . 47.20 4.78 25.96
C23 SPN TB . 45.56 5.15 24.05
C24 SPN TB . 46.78 5.46 23.16
C25 SPN TB . 47.50 4.23 22.70
C26 SPN TB . 48.59 4.15 21.94
CM8 SPN TB . 49.38 2.89 21.76
C27 SPN TB . 49.11 5.37 21.21
C28 SPN TB . 48.41 5.63 19.88
C29 SPN TB . 48.91 4.72 18.79
C30 SPN TB . 48.37 4.50 17.61
CM9 SPN TB . 47.10 5.16 17.15
CMB SPN TB . 48.98 3.56 16.61
MG BCL UB . 29.97 -9.88 36.48
CHA BCL UB . 32.37 -11.88 35.25
CHB BCL UB . 31.75 -7.32 35.29
CHC BCL UB . 28.60 -7.76 38.76
CHD BCL UB . 29.17 -12.48 38.77
NA BCL UB . 31.61 -9.67 35.22
C1A BCL UB . 32.41 -10.61 34.76
C2A BCL UB . 33.34 -10.11 33.64
C3A BCL UB . 33.02 -8.60 33.58
C4A BCL UB . 32.07 -8.52 34.75
CMA BCL UB . 34.18 -7.69 33.97
CAA BCL UB . 33.08 -10.82 32.31
CBA BCL UB . 33.32 -9.96 31.07
CGA BCL UB . 34.37 -10.52 30.16
O1A BCL UB . 35.40 -11.01 30.52
O2A BCL UB . 34.01 -10.41 28.88
NB BCL UB . 29.88 -7.84 36.72
C1B BCL UB . 30.58 -6.93 35.99
C2B BCL UB . 29.97 -5.68 36.10
C3B BCL UB . 28.98 -5.80 37.14
C4B BCL UB . 29.11 -7.12 37.61
CMB BCL UB . 30.29 -4.46 35.29
CAB BCL UB . 28.05 -4.78 37.64
OBB BCL UB . 27.21 -5.09 38.48
CBB BCL UB . 28.08 -3.37 37.14
NC BCL UB . 28.94 -10.13 38.29
C1C BCL UB . 28.39 -9.09 38.94
C2C BCL UB . 27.42 -9.53 40.02
C3C BCL UB . 27.83 -10.98 40.28
C4C BCL UB . 28.70 -11.21 39.03
CMC BCL UB . 27.56 -8.60 41.23
CAC BCL UB . 26.49 -11.72 40.20
CBC BCL UB . 26.17 -12.51 41.44
ND BCL UB . 30.60 -11.76 36.95
C1D BCL UB . 30.14 -12.71 37.83
C2D BCL UB . 30.80 -13.94 37.62
C3D BCL UB . 31.67 -13.66 36.60
C4D BCL UB . 31.67 -12.24 36.38
CMD BCL UB . 30.61 -15.25 38.33
CAD BCL UB . 32.60 -14.27 35.66
OBD BCL UB . 32.98 -15.42 35.58
CBD BCL UB . 33.07 -13.12 34.69
CGD BCL UB . 34.59 -12.96 34.74
O1D BCL UB . 35.21 -12.65 35.72
O2D BCL UB . 35.13 -13.20 33.56
CED BCL UB . 36.55 -13.52 33.56
C1 BCL UB . 35.08 -10.58 27.91
C2 BCL UB . 34.75 -9.99 26.59
C3 BCL UB . 35.59 -9.27 25.86
C4 BCL UB . 36.78 -9.86 25.13
C5 BCL UB . 35.43 -7.78 25.71
C6 BCL UB . 36.49 -7.13 24.85
C7 BCL UB . 36.77 -5.68 25.22
C8 BCL UB . 38.24 -5.26 25.22
C9 BCL UB . 38.41 -3.83 25.73
C10 BCL UB . 38.86 -5.44 23.84
C11 BCL UB . 40.23 -6.12 23.81
C12 BCL UB . 41.39 -5.15 24.06
C13 BCL UB . 42.42 -5.08 22.93
C14 BCL UB . 41.97 -5.86 21.71
C15 BCL UB . 43.79 -5.53 23.42
C16 BCL UB . 43.83 -6.20 24.78
C17 BCL UB . 45.10 -5.90 25.56
C18 BCL UB . 46.20 -6.94 25.47
C19 BCL UB . 45.81 -8.10 24.58
C20 BCL UB . 46.61 -7.45 26.85
CMA SPN VB . 39.40 -10.08 21.43
O1 SPN VB . 40.52 -10.96 21.40
CM1 SPN VB . 42.57 -11.79 22.21
CM2 SPN VB . 41.92 -9.41 22.64
C1 SPN VB . 41.42 -10.85 22.51
C2 SPN VB . 40.78 -11.26 23.84
O2 SPN VB . 40.10 -12.27 23.92
C3 SPN VB . 41.04 -10.40 24.99
C4 SPN VB . 40.27 -10.41 26.08
C5 SPN VB . 40.46 -9.60 27.27
CM3 SPN VB . 41.57 -8.59 27.27
C6 SPN VB . 39.65 -9.79 28.34
C7 SPN VB . 39.71 -9.14 29.61
C8 SPN VB . 38.91 -9.44 30.64
C9 SPN VB . 38.92 -8.83 31.96
CM4 SPN VB . 39.83 -7.66 32.19
C10 SPN VB . 38.15 -9.37 32.94
C11 SPN VB . 38.09 -8.98 34.31
C12 SPN VB . 37.28 -9.56 35.20
C13 SPN VB . 37.16 -9.26 36.62
CM5 SPN VB . 38.11 -8.26 37.21
C14 SPN VB . 36.21 -9.89 37.35
C15 SPN VB . 35.94 -9.75 38.74
C16 SPN VB . 34.91 -10.38 39.35
C17 SPN VB . 34.62 -10.28 40.76
C18 SPN VB . 33.58 -10.83 41.42
CM6 SPN VB . 32.52 -11.65 40.74
C19 SPN VB . 33.48 -10.65 42.85
C20 SPN VB . 32.52 -11.13 43.65
C21 SPN VB . 32.47 -10.92 45.07
C22 SPN VB . 31.52 -11.37 45.90
CM7 SPN VB . 30.36 -12.18 45.42
C23 SPN VB . 31.55 -11.10 47.39
C24 SPN VB . 31.49 -12.39 48.23
C25 SPN VB . 32.86 -12.86 48.61
C26 SPN VB . 33.22 -13.55 49.69
CM8 SPN VB . 32.25 -13.98 50.76
C27 SPN VB . 34.66 -13.93 49.92
C28 SPN VB . 34.92 -15.43 49.65
C29 SPN VB . 35.57 -15.65 48.32
C30 SPN VB . 36.76 -16.18 48.08
CM9 SPN VB . 37.30 -16.34 46.68
CMB SPN VB . 37.68 -16.65 49.16
MG BCL WB . 29.05 -19.17 34.95
CHA BCL WB . 30.46 -16.85 33.04
CHB BCL WB . 29.96 -21.44 32.70
CHC BCL WB . 26.71 -21.30 36.20
CHD BCL WB . 27.08 -16.57 36.39
NA BCL WB . 30.22 -19.15 33.25
C1A BCL WB . 30.83 -18.13 32.70
C2A BCL WB . 31.92 -18.57 31.71
C3A BCL WB . 31.42 -19.98 31.34
C4A BCL WB . 30.49 -20.20 32.50
CMA BCL WB . 30.56 -20.02 30.09
CAA BCL WB . 33.29 -18.60 32.40
CBA BCL WB . 34.45 -18.11 31.54
CGA BCL WB . 34.67 -18.96 30.31
O1A BCL WB . 34.55 -18.57 29.18
O2A BCL WB . 35.02 -20.20 30.63
NB BCL WB . 28.62 -21.17 34.70
C1B BCL WB . 29.22 -21.98 33.78
C2B BCL WB . 28.94 -23.31 34.10
C3B BCL WB . 27.93 -23.29 35.11
C4B BCL WB . 27.69 -21.93 35.39
CMB BCL WB . 29.59 -24.52 33.50
CAB BCL WB . 27.25 -24.43 35.73
OBB BCL WB . 26.80 -24.33 36.86
CBB BCL WB . 27.10 -25.72 35.00
NC BCL WB . 27.39 -18.95 36.21
C1C BCL WB . 26.69 -20.02 36.66
C2C BCL WB . 25.80 -19.67 37.82
C3C BCL WB . 25.65 -18.15 37.71
C4C BCL WB . 26.78 -17.87 36.70
CMC BCL WB . 24.49 -20.44 37.71
CAC BCL WB . 26.02 -17.68 39.13
CBC BCL WB . 24.82 -17.24 39.94
ND BCL WB . 28.74 -17.16 34.73
C1D BCL WB . 27.97 -16.25 35.41
C2D BCL WB . 28.25 -14.93 34.94
C3D BCL WB . 29.20 -15.14 33.97
C4D BCL WB . 29.32 -16.54 33.75
CMD BCL WB . 27.65 -13.64 35.40
CAD BCL WB . 30.12 -14.46 33.08
OBD BCL WB . 30.10 -13.32 32.66
CBD BCL WB . 31.21 -15.53 32.74
CGD BCL WB . 31.70 -15.43 31.30
O1D BCL WB . 32.85 -15.42 30.97
O2D BCL WB . 30.69 -15.31 30.45
CED BCL WB . 31.05 -15.10 29.07
C1 BCL WB . 34.95 -21.17 29.55
C2 BCL WB . 35.58 -22.47 29.91
C3 BCL WB . 36.80 -22.83 29.56
C4 BCL WB . 37.65 -22.06 28.58
C5 BCL WB . 37.45 -24.07 30.12
C6 BCL WB . 37.08 -24.33 31.57
C7 BCL WB . 38.20 -24.01 32.54
C8 BCL WB . 37.85 -24.11 34.03
C9 BCL WB . 38.73 -25.13 34.74
C10 BCL WB . 36.37 -24.41 34.22
C11 BCL WB . 35.57 -23.37 35.00
C12 BCL WB . 34.45 -22.74 34.17
C13 BCL WB . 33.10 -22.59 34.89
C14 BCL WB . 32.65 -21.14 34.90
C15 BCL WB . 33.14 -23.20 36.28
C16 BCL WB . 31.78 -23.37 36.95
C17 BCL WB . 31.31 -24.82 37.00
C18 BCL WB . 30.78 -25.30 38.35
C19 BCL WB . 31.15 -26.74 38.62
C20 BCL WB . 29.28 -25.10 38.45
CMA SPN XB . 21.73 -21.22 30.88
O1 SPN XB . 21.39 -21.38 29.51
CM1 SPN XB . 21.38 -19.08 29.07
CM2 SPN XB . 21.57 -20.69 27.18
C1 SPN XB . 21.95 -20.40 28.62
C2 SPN XB . 23.48 -20.32 28.71
O2 SPN XB . 24.02 -19.52 29.45
C3 SPN XB . 24.27 -21.22 27.87
C4 SPN XB . 25.55 -20.95 27.71
C5 SPN XB . 26.55 -21.70 26.93
CM3 SPN XB . 26.10 -22.93 26.20
C6 SPN XB . 27.82 -21.24 26.91
C7 SPN XB . 28.95 -21.78 26.25
C8 SPN XB . 30.15 -21.21 26.38
C9 SPN XB . 31.43 -21.61 25.78
CM4 SPN XB . 31.45 -22.80 24.89
C10 SPN XB . 32.52 -20.86 26.06
C11 SPN XB . 33.85 -21.03 25.57
C12 SPN XB . 34.82 -20.18 25.92
C13 SPN XB . 36.22 -20.19 25.51
CM5 SPN XB . 36.69 -21.34 24.67
C14 SPN XB . 37.01 -19.15 25.88
C15 SPN XB . 38.37 -18.92 25.53
C16 SPN XB . 39.03 -17.80 25.91
C17 SPN XB . 40.39 -17.51 25.58
C18 SPN XB . 41.07 -16.38 25.86
CM6 SPN XB . 40.47 -15.23 26.63
C19 SPN XB . 42.43 -16.23 25.36
C20 SPN XB . 43.16 -15.11 25.36
C21 SPN XB . 44.50 -15.03 24.84
C22 SPN XB . 45.26 -13.94 24.78
CM7 SPN XB . 44.81 -12.60 25.28
C23 SPN XB . 46.66 -13.97 24.20
C24 SPN XB . 46.71 -13.38 22.78
C25 SPN XB . 47.67 -14.14 21.91
C26 SPN XB . 48.62 -13.65 21.11
CM8 SPN XB . 48.90 -12.19 20.96
C27 SPN XB . 49.49 -14.56 20.29
C28 SPN XB . 50.87 -13.96 19.97
C29 SPN XB . 51.05 -13.73 18.50
C30 SPN XB . 52.02 -14.18 17.71
CM9 SPN XB . 53.14 -15.04 18.23
CMB SPN XB . 52.09 -13.87 16.25
MG BCL YB . 25.38 -26.24 30.88
CHA BCL YB . 27.32 -28.38 29.17
CHB BCL YB . 27.72 -23.94 30.35
CHC BCL YB . 24.15 -24.38 33.46
CHD BCL YB . 24.05 -29.08 32.59
NA BCL YB . 27.08 -26.11 29.71
C1A BCL YB . 27.67 -27.07 29.01
C2A BCL YB . 28.76 -26.53 28.06
C3A BCL YB . 28.80 -25.03 28.40
C4A BCL YB . 27.82 -25.02 29.54
CMA BCL YB . 30.12 -24.56 29.00
CAA BCL YB . 28.39 -26.80 26.60
CBA BCL YB . 28.77 -25.68 25.63
CGA BCL YB . 29.67 -26.14 24.51
O1A BCL YB . 30.68 -26.77 24.67
O2A BCL YB . 29.19 -25.77 23.32
NB BCL YB . 25.67 -24.33 31.56
C1B BCL YB . 26.60 -23.47 31.08
C2B BCL YB . 26.25 -22.16 31.45
C3B BCL YB . 25.25 -22.29 32.48
C4B BCL YB . 24.96 -23.66 32.57
CMB BCL YB . 26.82 -20.90 30.88
CAB BCL YB . 24.65 -21.22 33.30
OBB BCL YB . 23.85 -21.50 34.17
CBB BCL YB . 25.00 -19.78 33.08
NC BCL YB . 24.26 -26.68 32.60
C1C BCL YB . 23.83 -25.70 33.44
C2C BCL YB . 22.86 -26.23 34.47
C3C BCL YB . 23.15 -27.72 34.50
C4C BCL YB . 23.86 -27.84 33.14
CMC BCL YB . 23.10 -25.52 35.81
CAC BCL YB . 21.75 -28.34 34.45
CBC BCL YB . 21.19 -28.66 35.81
ND BCL YB . 25.57 -28.28 30.89
C1D BCL YB . 24.89 -29.29 31.54
C2D BCL YB . 25.20 -30.54 30.95
C3D BCL YB . 26.15 -30.22 30.01
C4D BCL YB . 26.52 -28.85 30.18
CMD BCL YB . 24.61 -31.88 31.27
CAD BCL YB . 26.90 -30.75 28.90
OBD BCL YB . 26.95 -31.89 28.47
CBD BCL YB . 27.72 -29.56 28.28
CGD BCL YB . 29.22 -29.84 28.35
O1D BCL YB . 29.88 -29.81 29.35
O2D BCL YB . 29.70 -30.11 27.14
CED BCL YB . 31.10 -30.46 27.09
C1 BCL YB . 30.15 -25.79 22.23
C2 BCL YB . 30.27 -24.47 21.56
C3 BCL YB . 31.14 -24.19 20.60
C4 BCL YB . 31.83 -25.23 19.78
C5 BCL YB . 31.50 -22.76 20.27
C6 BCL YB . 33.01 -22.52 20.21
C7 BCL YB . 33.42 -21.16 20.81
C8 BCL YB . 34.91 -20.87 20.79
C9 BCL YB . 35.25 -19.65 21.64
C10 BCL YB . 35.43 -20.73 19.36
C11 BCL YB . 36.55 -21.67 18.96
C12 BCL YB . 37.92 -21.24 19.45
C13 BCL YB . 38.99 -21.11 18.37
C14 BCL YB . 38.38 -21.15 16.97
C15 BCL YB . 40.07 -22.18 18.54
C16 BCL YB . 40.19 -22.78 19.94
C17 BCL YB . 41.63 -22.97 20.38
C18 BCL YB . 41.98 -24.36 20.89
C19 BCL YB . 41.55 -25.45 19.92
C20 BCL YB . 41.42 -24.61 22.27
CMA SPN ZB . 35.08 -24.62 16.02
O1 SPN ZB . 35.73 -25.79 15.52
CM1 SPN ZB . 36.59 -27.94 15.83
CM2 SPN ZB . 37.66 -25.99 16.98
C1 SPN ZB . 36.35 -26.61 16.52
C2 SPN ZB . 35.47 -26.86 17.74
O2 SPN ZB . 34.43 -27.50 17.65
C3 SPN ZB . 35.91 -26.29 19.02
C4 SPN ZB . 35.22 -26.48 20.14
C5 SPN ZB . 35.56 -25.97 21.46
CM3 SPN ZB . 36.77 -25.09 21.59
C6 SPN ZB . 34.80 -26.34 22.52
C7 SPN ZB . 34.99 -25.98 23.89
C8 SPN ZB . 34.21 -26.44 24.89
C9 SPN ZB . 34.34 -26.14 26.31
CM4 SPN ZB . 35.39 -25.18 26.74
C10 SPN ZB . 33.51 -26.78 27.18
C11 SPN ZB . 33.51 -26.69 28.61
C12 SPN ZB . 32.63 -27.33 29.37
C13 SPN ZB . 32.53 -27.32 30.82
CM5 SPN ZB . 33.62 -26.63 31.59
C14 SPN ZB . 31.47 -27.93 31.42
C15 SPN ZB . 31.21 -28.05 32.82
C16 SPN ZB . 30.06 -28.59 33.30
C17 SPN ZB . 29.77 -28.72 34.69
C18 SPN ZB . 28.61 -29.18 35.25
CM6 SPN ZB . 27.43 -29.60 34.43
C19 SPN ZB . 28.51 -29.28 36.69
C20 SPN ZB . 27.45 -29.70 37.39
C21 SPN ZB . 27.41 -29.77 38.82
C22 SPN ZB . 26.36 -30.18 39.57
CM7 SPN ZB . 25.06 -30.62 38.96
C23 SPN ZB . 26.42 -30.22 41.08
C24 SPN ZB . 26.13 -31.61 41.64
C25 SPN ZB . 27.39 -32.34 42.00
C26 SPN ZB . 27.51 -33.52 42.60
CM8 SPN ZB . 26.35 -34.35 43.04
C27 SPN ZB . 28.87 -34.10 42.90
C28 SPN ZB . 29.03 -35.55 42.39
C29 SPN ZB . 29.61 -35.59 41.00
C30 SPN ZB . 30.47 -36.48 40.51
CM9 SPN ZB . 30.97 -36.41 39.10
CMB SPN ZB . 31.02 -37.61 41.31
MG BCL AC . 22.30 -34.35 27.30
CHA BCL AC . 24.20 -31.96 25.99
CHB BCL AC . 22.64 -36.03 24.46
CHC BCL AC . 19.71 -36.34 28.23
CHD BCL AC . 20.86 -31.85 29.40
NA BCL AC . 23.45 -34.14 25.62
C1A BCL AC . 24.26 -33.14 25.30
C2A BCL AC . 25.21 -33.49 24.17
C3A BCL AC . 24.64 -34.82 23.63
C4A BCL AC . 23.52 -35.01 24.62
CMA BCL AC . 23.96 -34.70 22.27
CAA BCL AC . 26.65 -33.63 24.70
CBA BCL AC . 27.45 -34.76 24.07
CGA BCL AC . 28.02 -34.41 22.73
O1A BCL AC . 27.70 -33.45 22.08
O2A BCL AC . 28.91 -35.31 22.34
NB BCL AC . 21.48 -36.10 26.58
C1B BCL AC . 21.87 -36.71 25.42
C2B BCL AC . 21.35 -38.02 25.41
C3B BCL AC . 20.41 -38.10 26.49
C4B BCL AC . 20.47 -36.86 27.15
CMB BCL AC . 21.73 -39.11 24.45
CAB BCL AC . 19.55 -39.24 26.84
OBB BCL AC . 19.23 -39.43 27.99
CBB BCL AC . 19.05 -40.17 25.77
NC BCL AC . 20.70 -34.13 28.64
C1C BCL AC . 19.83 -35.16 28.88
C2C BCL AC . 18.90 -34.87 30.02
C3C BCL AC . 19.14 -33.40 30.35
C4C BCL AC . 20.31 -33.10 29.40
CMC BCL AC . 17.47 -35.19 29.62
CAC BCL AC . 19.59 -33.43 31.81
CBC BCL AC . 18.47 -33.15 32.80
ND BCL AC . 22.42 -32.33 27.61
C1D BCL AC . 21.86 -31.49 28.55
C2D BCL AC . 22.50 -30.23 28.51
C3D BCL AC . 23.38 -30.36 27.45
C4D BCL AC . 23.15 -31.62 26.81
CMD BCL AC . 22.28 -29.04 29.39
CAD BCL AC . 24.46 -29.69 26.76
OBD BCL AC . 24.75 -28.50 26.71
CBD BCL AC . 25.23 -30.84 26.03
CGD BCL AC . 25.72 -30.42 24.65
O1D BCL AC . 26.87 -30.30 24.33
O2D BCL AC . 24.71 -30.20 23.82
CED BCL AC . 25.05 -29.79 22.48
C1 BCL AC . 28.40 -36.38 21.48
C2 BCL AC . 29.34 -36.70 20.38
C3 BCL AC . 29.82 -37.92 20.16
C4 BCL AC . 31.05 -38.20 19.34
C5 BCL AC . 29.14 -39.14 20.73
C6 BCL AC . 30.10 -40.10 21.42
C7 BCL AC . 29.44 -40.94 22.50
C8 BCL AC . 29.57 -40.42 23.93
C9 BCL AC . 30.45 -41.33 24.78
C10 BCL AC . 28.20 -40.21 24.57
C11 BCL AC . 28.03 -38.93 25.37
C12 BCL AC . 27.22 -39.12 26.66
C13 BCL AC . 25.72 -38.88 26.54
C14 BCL AC . 25.41 -37.46 26.09
C15 BCL AC . 25.02 -39.21 27.86
C16 BCL AC . 23.51 -39.45 27.76
C17 BCL AC . 23.13 -40.92 27.74
C18 BCL AC . 22.59 -41.48 29.04
C19 BCL AC . 21.89 -42.81 28.84
C20 BCL AC . 21.65 -40.49 29.72
CMA SPN BC . 14.98 -33.84 23.17
O1 SPN BC . 14.59 -33.61 21.82
CM1 SPN BC . 14.89 -31.29 21.98
CM2 SPN BC . 14.79 -32.38 19.73
C1 SPN BC . 15.26 -32.52 21.16
C2 SPN BC . 16.78 -32.66 21.18
O2 SPN BC . 17.45 -32.12 22.04
C3 SPN BC . 17.40 -33.45 20.12
C4 SPN BC . 18.73 -33.46 20.03
C5 SPN BC . 19.56 -34.15 19.07
CM3 SPN BC . 18.88 -35.01 18.03
C6 SPN BC . 20.90 -33.99 19.13
C7 SPN BC . 21.91 -34.57 18.29
C8 SPN BC . 23.21 -34.29 18.50
C9 SPN BC . 24.35 -34.77 17.75
CM4 SPN BC . 24.11 -35.72 16.61
C10 SPN BC . 25.58 -34.33 18.10
C11 SPN BC . 26.84 -34.64 17.50
C12 SPN BC . 27.99 -34.10 17.92
C13 SPN BC . 29.32 -34.34 17.39
CM5 SPN BC . 29.48 -35.36 16.31
C14 SPN BC . 30.36 -33.61 17.88
C15 SPN BC . 31.73 -33.68 17.47
C16 SPN BC . 32.72 -32.92 17.99
C17 SPN BC . 34.08 -33.03 17.53
C18 SPN BC . 35.15 -32.32 17.94
CM6 SPN BC . 35.08 -31.26 19.00
C19 SPN BC . 36.44 -32.62 17.32
C20 SPN BC . 37.63 -31.96 17.36
C21 SPN BC . 37.99 -30.75 18.03
C22 SPN BC . 39.20 -30.20 18.00
CM7 SPN BC . 39.57 -28.94 18.74
C23 SPN BC . 40.31 -30.82 17.19
C24 SPN BC . 41.16 -29.79 16.43
C25 SPN BC . 41.71 -30.34 15.14
C26 SPN BC . 42.85 -30.04 14.55
CM8 SPN BC . 43.85 -29.06 15.11
C27 SPN BC . 43.26 -30.70 13.25
C28 SPN BC . 44.43 -29.98 12.55
C29 SPN BC . 45.48 -30.95 12.08
C30 SPN BC . 46.34 -30.78 11.09
CM9 SPN BC . 46.42 -29.54 10.26
CMB SPN BC . 47.34 -31.85 10.71
MG BCL CC . 6.42 -47.71 10.36
CHA BCL CC . 7.34 -49.16 7.49
CHB BCL CC . 9.49 -46.41 10.55
CHC BCL CC . 6.12 -47.34 13.74
CHD BCL CC . 3.99 -50.30 10.71
NA BCL CC . 8.06 -47.61 9.10
C1A BCL CC . 8.22 -48.20 7.93
C2A BCL CC . 9.43 -47.70 7.16
C3A BCL CC . 10.17 -46.85 8.21
C4A BCL CC . 9.18 -46.96 9.34
CMA BCL CC . 11.46 -47.47 8.73
CAA BCL CC . 9.01 -46.88 5.93
CBA BCL CC . 10.11 -46.00 5.34
CGA BCL CC . 10.24 -46.15 3.86
O1A BCL CC . 10.26 -47.20 3.28
O2A BCL CC . 10.36 -44.96 3.26
NB BCL CC . 7.45 -46.70 11.82
C1B BCL CC . 8.66 -46.09 11.64
C2B BCL CC . 8.86 -45.18 12.70
C3B BCL CC . 7.81 -45.42 13.65
C4B BCL CC . 7.08 -46.50 13.14
CMB BCL CC . 9.96 -44.17 12.79
CAB BCL CC . 7.54 -44.70 14.91
OBB BCL CC . 6.49 -44.89 15.51
CBB BCL CC . 8.53 -43.72 15.47
NC BCL CC . 5.15 -48.52 11.82
C1C BCL CC . 5.16 -48.08 13.11
C2C BCL CC . 3.95 -48.52 13.87
C3C BCL CC . 3.45 -49.73 13.08
C4C BCL CC . 4.24 -49.51 11.78
CMC BCL CC . 4.31 -48.82 15.32
CAC BCL CC . 1.96 -49.42 12.87
CBC BCL CC . 1.04 -50.20 13.78
ND BCL CC . 5.75 -49.35 9.34
C1D BCL CC . 4.69 -50.21 9.53
C2D BCL CC . 4.45 -50.94 8.36
C3D BCL CC . 5.48 -50.56 7.53
C4D BCL CC . 6.39 -49.76 8.29
CMD BCL CC . 3.32 -51.89 8.07
CAD BCL CC . 5.99 -50.67 6.17
OBD BCL CC . 5.57 -51.34 5.25
CBD BCL CC . 7.24 -49.74 6.08
CGD BCL CC . 8.48 -50.54 5.72
O1D BCL CC . 9.39 -50.77 6.47
O2D BCL CC . 8.44 -50.95 4.45
CED BCL CC . 9.67 -50.82 3.70
C1 BCL CC . 11.06 -44.97 1.99
C2 BCL CC . 11.71 -43.66 1.69
C3 BCL CC . 12.92 -43.51 1.18
C4 BCL CC . 13.35 -44.07 -0.15
C5 BCL CC . 13.98 -42.73 1.93
C6 BCL CC . 15.34 -42.74 1.26
C7 BCL CC . 16.33 -41.78 1.89
C8 BCL CC . 17.79 -42.21 1.90
C9 BCL CC . 18.50 -41.72 3.16
C10 BCL CC . 18.52 -41.74 0.63
C11 BCL CC . 19.33 -42.79 -0.10
C12 BCL CC . 20.79 -42.85 0.35
C13 BCL CC . 21.81 -43.08 -0.76
C14 BCL CC . 21.18 -43.04 -2.15
C15 BCL CC . 22.59 -44.38 -0.54
C16 BCL CC . 22.00 -45.62 -1.21
C17 BCL CC . 22.30 -46.90 -0.46
C18 BCL CC . 22.50 -48.14 -1.32
C19 BCL CC . 22.31 -47.86 -2.79
C20 BCL CC . 21.61 -49.28 -0.88
C MW9 DC . 0.95 -36.46 0.45
O MW9 DC . 8.30 -40.65 -14.59
C1 MW9 DC . 0.61 -37.26 -0.80
C10 MW9 DC . 3.38 -37.23 -7.77
C11 MW9 DC . 3.27 -38.43 -8.71
C12 MW9 DC . 4.58 -39.18 -8.84
C13 MW9 DC . 4.71 -40.05 -10.08
C14 MW9 DC . 5.36 -39.38 -11.28
C15 MW9 DC . 5.78 -40.37 -12.35
C16 MW9 DC . 6.31 -39.75 -13.61
C17 MW9 DC . 7.79 -39.91 -13.80
C18 MW9 DC . 9.91 -39.07 -13.01
C19 MW9 DC . 10.21 -37.86 -13.87
C2 MW9 DC . 1.61 -38.35 -1.12
C20 MW9 DC . 11.62 -37.79 -14.34
C21 MW9 DC . 11.48 -35.77 -19.04
C22 MW9 DC . 10.30 -35.01 -19.55
C23 MW9 DC . 10.46 -34.60 -21.00
C24 MW9 DC . 8.88 -36.02 -13.04
C25 MW9 DC . 8.91 -34.85 -12.10
C26 MW9 DC . 7.63 -34.72 -11.31
C27 MW9 DC . 6.57 -33.87 -12.00
C28 MW9 DC . 5.14 -34.25 -11.69
C29 MW9 DC . 4.75 -34.26 -10.23
C3 MW9 DC . 3.00 -37.82 -1.49
C30 MW9 DC . 4.71 -32.89 -9.57
C31 MW9 DC . 3.35 -32.49 -9.04
C32 MW9 DC . 2.39 -32.09 -10.11
C33 MW9 DC . 1.18 -31.57 -9.93
C34 MW9 DC . 0.52 -31.28 -8.63
C35 MW9 DC . 0.09 -32.54 -7.88
C36 MW9 DC . 0.75 -32.75 -6.52
C37 MW9 DC . 0.32 -31.78 -5.42
C38 MW9 DC . -0.62 -32.35 -4.37
C39 MW9 DC . -2.03 -32.71 -4.85
C4 MW9 DC . 3.47 -38.18 -2.88
C40 MW9 DC . -2.82 -31.53 -5.41
C41 MW9 DC . -4.30 -31.79 -5.41
C5 MW9 DC . 2.79 -37.39 -3.99
C6 MW9 DC . 3.55 -36.16 -4.44
C7 MW9 DC . 2.83 -35.23 -5.42
C8 MW9 DC . 1.82 -35.87 -6.34
C9 MW9 DC . 2.05 -36.69 -7.34
O1 MW9 DC . 8.46 -39.14 -12.94
O2 MW9 DC . 11.55 -37.58 -15.77
O3 MW9 DC . 11.09 -35.12 -15.76
O4 MW9 DC . 13.31 -36.03 -16.62
O5 MW9 DC . 11.11 -36.45 -17.82
O6 MW9 DC . 9.62 -33.51 -21.28
O7 MW9 DC . 10.13 -33.83 -18.76
O8 MW9 DC . 10.05 -36.67 -13.03
O9 MW9 DC . 7.94 -36.32 -13.71
P MW9 DC . 11.85 -36.18 -16.45
O MW9 EC . 21.60 -34.35 -5.55
C10 MW9 EC . 15.94 -38.51 -1.45
C11 MW9 EC . 16.51 -38.92 -2.81
C12 MW9 EC . 17.66 -38.07 -3.34
C13 MW9 EC . 19.07 -38.61 -3.11
C14 MW9 EC . 20.05 -38.38 -4.25
C15 MW9 EC . 20.51 -36.94 -4.39
C16 MW9 EC . 21.50 -36.74 -5.51
C17 MW9 EC . 21.38 -35.38 -6.12
C18 MW9 EC . 20.78 -34.23 -8.13
C19 MW9 EC . 20.23 -34.56 -9.48
C20 MW9 EC . 21.25 -34.33 -10.56
C21 MW9 EC . 21.58 -34.98 -15.57
C22 MW9 EC . 20.54 -34.89 -16.67
C23 MW9 EC . 20.19 -33.46 -17.01
C24 MW9 EC . 18.10 -33.89 -10.39
C25 MW9 EC . 17.02 -32.86 -10.27
C26 MW9 EC . 15.73 -33.44 -9.73
C27 MW9 EC . 14.80 -33.92 -10.83
C28 MW9 EC . 13.61 -34.74 -10.37
C29 MW9 EC . 12.63 -33.99 -9.50
C3 MW9 EC . 12.08 -34.83 1.37
C30 MW9 EC . 11.24 -34.61 -9.50
C31 MW9 EC . 10.41 -34.40 -8.24
C32 MW9 EC . 9.78 -33.05 -8.15
C33 MW9 EC . 8.78 -32.69 -7.36
C34 MW9 EC . 8.05 -33.56 -6.39
C35 MW9 EC . 7.27 -32.78 -5.33
C36 MW9 EC . 8.15 -32.22 -4.22
C37 MW9 EC . 7.39 -31.39 -3.20
C38 MW9 EC . 7.90 -31.55 -1.78
C39 MW9 EC . 7.28 -30.64 -0.74
C4 MW9 EC . 12.69 -35.69 0.27
C40 MW9 EC . 6.21 -31.27 0.14
C41 MW9 EC . 4.96 -31.66 -0.61
C5 MW9 EC . 13.35 -36.95 0.77
C6 MW9 EC . 14.78 -36.77 1.27
C7 MW9 EC . 15.45 -38.09 1.63
C8 MW9 EC . 16.75 -38.32 0.93
C9 MW9 EC . 16.94 -38.60 -0.35
O1 MW9 EC . 20.98 -35.46 -7.40
O2 MW9 EC . 20.78 -34.74 -11.86
O3 MW9 EC . 20.97 -32.72 -13.28
O4 MW9 EC . 22.95 -34.31 -12.99
O5 MW9 EC . 20.92 -35.00 -14.30
O6 MW9 EC . 18.94 -33.40 -17.67
O7 MW9 EC . 19.38 -35.59 -16.23
O8 MW9 EC . 19.13 -33.60 -9.60
O9 MW9 EC . 18.05 -34.84 -11.13
P MW9 EC . 21.50 -34.10 -13.13
MG BCL FC . 0.25 -50.90 3.67
CHA BCL FC . 3.07 -49.17 3.38
CHB BCL FC . 0.12 -51.15 0.36
CHC BCL FC . -2.98 -51.87 4.01
CHD BCL FC . -0.05 -49.55 6.97
NA BCL FC . 1.48 -50.35 2.12
C1A BCL FC . 2.64 -49.71 2.19
C2A BCL FC . 3.40 -49.69 0.86
C3A BCL FC . 2.31 -50.14 -0.13
C4A BCL FC . 1.25 -50.58 0.84
CMA BCL FC . 1.70 -49.01 -0.94
CAA BCL FC . 4.61 -50.64 0.90
CBA BCL FC . 4.95 -51.26 -0.45
CGA BCL FC . 5.54 -50.27 -1.41
O1A BCL FC . 6.49 -49.59 -1.20
O2A BCL FC . 4.84 -50.23 -2.55
NB BCL FC . -1.21 -51.54 2.37
C1B BCL FC . -1.04 -51.63 1.00
C2B BCL FC . -2.18 -52.25 0.45
C3B BCL FC . -3.08 -52.52 1.53
C4B BCL FC . -2.49 -51.98 2.69
CMB BCL FC . -2.40 -52.56 -1.00
CAB BCL FC . -4.36 -53.23 1.47
OBB BCL FC . -4.76 -53.85 2.45
CBB BCL FC . -5.20 -53.22 0.23
NC BCL FC . -1.16 -50.80 5.24
C1C BCL FC . -2.39 -51.34 5.11
C2C BCL FC . -3.18 -51.32 6.39
C3C BCL FC . -2.36 -50.42 7.32
C4C BCL FC . -1.11 -50.24 6.45
CMC BCL FC . -4.59 -50.82 6.13
CAC BCL FC . -2.09 -51.32 8.52
CBC BCL FC . -3.10 -51.16 9.65
ND BCL FC . 1.22 -49.59 4.91
C1D BCL FC . 1.04 -49.22 6.22
C2D BCL FC . 2.15 -48.46 6.67
C3D BCL FC . 2.94 -48.37 5.55
C4D BCL FC . 2.24 -48.92 4.44
CMD BCL FC . 2.41 -47.89 8.03
CAD BCL FC . 4.22 -47.92 5.07
OBD BCL FC . 4.97 -47.06 5.51
CBD BCL FC . 4.49 -48.75 3.78
CGD BCL FC . 5.24 -47.94 2.73
O1D BCL FC . 6.39 -48.11 2.44
O2D BCL FC . 4.46 -47.01 2.21
CED BCL FC . 5.13 -46.08 1.32
C1 BCL FC . 4.37 -51.52 -3.05
C2 BCL FC . 4.63 -51.68 -4.51
C3 BCL FC . 5.10 -52.79 -5.06
C4 BCL FC . 5.77 -52.84 -6.39
C5 BCL FC . 4.99 -54.11 -4.34
C6 BCL FC . 4.28 -55.19 -5.14
C7 BCL FC . 3.34 -56.05 -4.30
C8 BCL FC . 3.83 -56.36 -2.88
C9 BCL FC . 4.35 -57.78 -2.78
C10 BCL FC . 2.73 -56.08 -1.86
C11 BCL FC . 2.85 -54.76 -1.11
C12 BCL FC . 2.11 -54.75 0.23
C13 BCL FC . 0.80 -55.54 0.26
C14 BCL FC . -0.20 -55.02 -0.75
C15 BCL FC . 0.22 -55.59 1.67
C16 BCL FC . -1.30 -55.53 1.74
C17 BCL FC . -1.94 -56.83 2.19
C18 BCL FC . -3.32 -57.11 1.63
C19 BCL FC . -4.02 -58.23 2.39
C20 BCL FC . -3.28 -57.43 0.15
CMA SPN GC . 17.05 -42.63 -3.55
O1 SPN GC . 16.69 -43.58 -4.55
CM1 SPN GC . 16.82 -45.66 -5.59
CM2 SPN GC . 18.43 -45.09 -3.76
C1 SPN GC . 17.00 -44.94 -4.26
C2 SPN GC . 16.05 -45.59 -3.25
O2 SPN GC . 14.92 -45.88 -3.57
C3 SPN GC . 16.57 -45.81 -1.89
C4 SPN GC . 15.82 -46.37 -0.94
C5 SPN GC . 16.22 -46.66 0.43
CM3 SPN GC . 17.61 -46.30 0.84
C6 SPN GC . 15.34 -47.28 1.26
C7 SPN GC . 15.56 -47.69 2.61
C8 SPN GC . 14.63 -48.30 3.35
C9 SPN GC . 14.76 -48.76 4.73
CM4 SPN GC . 16.08 -48.51 5.43
C10 SPN GC . 13.74 -49.41 5.32
C11 SPN GC . 13.69 -49.98 6.63
C12 SPN GC . 12.60 -50.58 7.13
C13 SPN GC . 12.44 -51.20 8.43
CM5 SPN GC . 13.68 -51.35 9.29
C14 SPN GC . 11.22 -51.60 8.83
C15 SPN GC . 10.85 -52.23 10.07
C16 SPN GC . 9.57 -52.50 10.40
C17 SPN GC . 9.16 -53.13 11.61
C18 SPN GC . 7.89 -53.35 12.03
CM6 SPN GC . 6.68 -52.92 11.24
C19 SPN GC . 7.66 -54.05 13.28
C20 SPN GC . 6.47 -54.35 13.82
C21 SPN GC . 6.29 -55.04 15.06
C22 SPN GC . 5.13 -55.35 15.64
CM7 SPN GC . 3.82 -54.98 15.02
C23 SPN GC . 5.03 -56.08 16.96
C24 SPN GC . 4.19 -57.36 16.87
C25 SPN GC . 5.02 -58.54 16.46
C26 SPN GC . 4.60 -59.76 16.16
CM8 SPN GC . 3.15 -60.17 16.16
C27 SPN GC . 5.57 -60.84 15.77
C28 SPN GC . 5.17 -61.61 14.50
C29 SPN GC . 6.15 -61.40 13.39
C30 SPN GC . 6.15 -61.92 12.17
CM9 SPN GC . 7.19 -61.63 11.15
CMB SPN GC . 5.08 -62.87 11.71
CMA SPN HC . -5.90 -45.43 1.81
O1 SPN HC . -6.05 -44.36 0.88
CM1 SPN HC . -4.75 -42.89 2.17
CM2 SPN HC . -5.18 -42.37 -0.24
C1 SPN HC . -4.93 -43.47 0.78
C2 SPN HC . -3.62 -44.19 0.40
O2 SPN HC . -2.82 -44.53 1.26
C3 SPN HC . -3.36 -44.45 -1.02
C4 SPN HC . -2.17 -44.91 -1.37
C5 SPN HC . -1.67 -45.25 -2.69
CM3 SPN HC . -2.60 -45.06 -3.86
C6 SPN HC . -0.40 -45.69 -2.80
C7 SPN HC . 0.32 -46.07 -3.98
C8 SPN HC . 1.59 -46.47 -3.90
C9 SPN HC . 2.48 -46.89 -4.97
CM4 SPN HC . 1.93 -46.96 -6.37
C10 SPN HC . 3.76 -47.21 -4.66
C11 SPN HC . 4.80 -47.65 -5.53
C12 SPN HC . 6.04 -47.87 -5.09
C13 SPN HC . 7.18 -48.34 -5.86
CM5 SPN HC . 6.94 -48.73 -7.29
C14 SPN HC . 8.40 -48.44 -5.27
C15 SPN HC . 9.61 -48.93 -5.85
C16 SPN HC . 10.83 -48.92 -5.25
C17 SPN HC . 11.97 -49.44 -5.92
C18 SPN HC . 13.26 -49.47 -5.49
CM6 SPN HC . 13.72 -48.88 -4.19
C19 SPN HC . 14.21 -50.22 -6.31
C20 SPN HC . 15.55 -50.15 -6.41
C21 SPN HC . 16.48 -49.23 -5.83
C22 SPN HC . 17.79 -49.45 -6.05
CM7 SPN HC . 18.10 -50.73 -6.78
C23 SPN HC . 19.00 -48.64 -5.64
C24 SPN HC . 20.34 -49.12 -6.22
C25 SPN HC . 20.52 -48.79 -7.67
C26 SPN HC . 21.57 -49.05 -8.45
CM8 SPN HC . 22.86 -49.62 -7.94
C27 SPN HC . 21.53 -48.77 -9.94
C28 SPN HC . 22.93 -48.58 -10.55
C29 SPN HC . 23.18 -49.53 -11.68
C30 SPN HC . 24.08 -49.44 -12.65
CM9 SPN HC . 24.22 -50.47 -13.73
CMB SPN HC . 25.03 -48.29 -12.75
MG BCL IC . -6.03 -49.74 -2.34
CHA BCL IC . -5.46 -50.52 -5.55
CHB BCL IC . -2.75 -49.30 -1.96
CHC BCL IC . -6.31 -50.21 1.03
CHD BCL IC . -9.03 -51.68 -2.58
NA BCL IC . -4.40 -49.71 -3.61
C1A BCL IC . -4.37 -49.99 -4.91
C2A BCL IC . -3.03 -49.63 -5.56
C3A BCL IC . -2.15 -49.25 -4.36
C4A BCL IC . -3.16 -49.43 -3.25
CMA BCL IC . -1.02 -50.22 -4.06
CAA BCL IC . -3.19 -48.49 -6.57
CBA BCL IC . -1.90 -47.72 -6.87
CGA BCL IC . -1.85 -47.19 -8.27
O1A BCL IC . -2.51 -47.61 -9.19
O2A BCL IC . -0.99 -46.18 -8.38
NB BCL IC . -4.81 -49.44 -0.71
C1B BCL IC . -3.49 -49.11 -0.78
C2B BCL IC . -3.09 -48.60 0.47
C3B BCL IC . -4.18 -48.84 1.37
C4B BCL IC . -5.15 -49.52 0.62
CMB BCL IC . -1.77 -47.95 0.77
CAB BCL IC . -4.29 -48.44 2.79
OBB BCL IC . -5.34 -48.62 3.39
CBB BCL IC . -3.13 -47.85 3.52
NC BCL IC . -7.50 -50.59 -1.08
C1C BCL IC . -7.39 -50.55 0.27
C2C BCL IC . -8.68 -50.92 0.97
C3C BCL IC . -9.49 -51.61 -0.12
C4C BCL IC . -8.62 -51.27 -1.34
CMC BCL IC . -8.38 -51.79 2.19
CAC BCL IC . -10.80 -50.80 -0.14
CBC BCL IC . -11.99 -51.57 0.39
ND BCL IC . -7.08 -50.82 -3.74
C1D BCL IC . -8.32 -51.41 -3.72
C2D BCL IC . -8.74 -51.66 -5.05
C3D BCL IC . -7.62 -51.35 -5.78
C4D BCL IC . -6.54 -51.07 -4.89
CMD BCL IC . -10.08 -52.13 -5.52
CAD BCL IC . -7.14 -51.24 -7.14
OBD BCL IC . -7.68 -51.56 -8.19
CBD BCL IC . -5.71 -50.59 -7.06
CGD BCL IC . -4.67 -51.46 -7.75
O1D BCL IC . -4.28 -52.51 -7.35
O2D BCL IC . -4.26 -50.89 -8.88
CED BCL IC . -3.81 -51.79 -9.91
C1 BCL IC . -0.34 -46.05 -9.68
C2 BCL IC . 0.29 -44.71 -9.86
C3 BCL IC . 1.44 -44.50 -10.46
C4 BCL IC . 1.71 -44.79 -11.91
C5 BCL IC . 2.62 -43.91 -9.70
C6 BCL IC . 3.93 -44.65 -9.95
C7 BCL IC . 5.06 -44.16 -9.04
C8 BCL IC . 6.43 -44.78 -9.32
C9 BCL IC . 7.31 -44.75 -8.07
C10 BCL IC . 7.12 -44.10 -10.50
C11 BCL IC . 7.70 -45.04 -11.55
C12 BCL IC . 9.15 -45.40 -11.30
C13 BCL IC . 9.97 -45.77 -12.53
C14 BCL IC . 9.34 -45.25 -13.81
C15 BCL IC . 10.23 -47.29 -12.59
C16 BCL IC . 9.70 -47.99 -13.83
C17 BCL IC . 8.95 -49.27 -13.52
C18 BCL IC . 9.43 -50.51 -14.25
C19 BCL IC . 9.61 -50.26 -15.72
C20 BCL IC . 8.50 -51.69 -14.01
CMA SPN JC . 5.76 -43.47 -15.16
O1 SPN JC . 5.02 -43.80 -16.34
CM1 SPN JC . 4.29 -45.28 -18.00
CM2 SPN JC . 6.07 -46.00 -16.40
C1 SPN JC . 4.79 -45.20 -16.57
C2 SPN JC . 3.72 -45.79 -15.65
O2 SPN JC . 2.53 -45.65 -15.90
C3 SPN JC . 4.18 -46.53 -14.47
C4 SPN JC . 3.33 -47.19 -13.68
C5 SPN JC . 3.67 -47.95 -12.48
CM3 SPN JC . 5.12 -48.01 -12.09
C6 SPN JC . 2.69 -48.56 -11.79
C7 SPN JC . 2.82 -49.36 -10.61
C8 SPN JC . 1.78 -49.95 -10.00
C9 SPN JC . 1.82 -50.78 -8.81
CM4 SPN JC . 3.15 -50.98 -8.14
C10 SPN JC . 0.67 -51.35 -8.36
C11 SPN JC . 0.50 -52.23 -7.24
C12 SPN JC . -0.69 -52.70 -6.86
C13 SPN JC . -0.97 -53.59 -5.75
CM5 SPN JC . 0.19 -54.22 -5.02
C14 SPN JC . -2.26 -53.81 -5.40
C15 SPN JC . -2.76 -54.65 -4.35
C16 SPN JC . -4.08 -54.71 -4.05
C17 SPN JC . -4.64 -55.53 -3.03
C18 SPN JC . -5.93 -55.56 -2.62
CM6 SPN JC . -6.99 -54.69 -3.22
C19 SPN JC . -6.33 -56.50 -1.59
C20 SPN JC . -7.56 -56.66 -1.10
C21 SPN JC . -7.92 -57.60 -0.08
C22 SPN JC . -9.15 -57.78 0.42
CM7 SPN JC . -10.32 -56.98 -0.09
C23 SPN JC . -9.46 -58.78 1.50
C24 SPN JC . -10.73 -59.59 1.19
C25 SPN JC . -10.40 -60.88 0.47
C26 SPN JC . -11.20 -61.92 0.25
CM8 SPN JC . -12.63 -61.97 0.70
C27 SPN JC . -10.70 -63.13 -0.49
C28 SPN JC . -11.51 -63.45 -1.75
C29 SPN JC . -10.75 -63.09 -3.00
C30 SPN JC . -10.39 -63.90 -3.99
CM9 SPN JC . -9.62 -63.42 -5.18
CMB SPN JC . -10.71 -65.36 -4.00
MG BCL KC . -12.76 -49.39 -9.34
CHA BCL KC . -9.61 -48.34 -9.32
CHB BCL KC . -12.96 -48.40 -12.50
CHC BCL KC . -16.13 -49.67 -9.12
CHD BCL KC . -12.78 -48.97 -5.80
NA BCL KC . -11.41 -48.71 -10.76
C1A BCL KC . -10.13 -48.45 -10.59
C2A BCL KC . -9.38 -48.30 -11.91
C3A BCL KC . -10.54 -48.17 -12.93
C4A BCL KC . -11.69 -48.45 -12.01
CMA BCL KC . -10.75 -46.76 -13.46
CAA BCL KC . -8.47 -49.51 -12.18
CBA BCL KC . -8.31 -49.86 -13.66
CGA BCL KC . -7.38 -48.95 -14.38
O1A BCL KC . -6.59 -48.22 -13.86
O2A BCL KC . -7.52 -49.05 -15.70
NB BCL KC . -14.31 -49.28 -10.69
C1B BCL KC . -14.17 -48.95 -12.02
C2B BCL KC . -15.37 -49.23 -12.69
C3B BCL KC . -16.34 -49.55 -11.68
C4B BCL KC . -15.66 -49.51 -10.44
CMB BCL KC . -15.58 -49.19 -14.16
CAB BCL KC . -17.77 -49.86 -11.87
OBB BCL KC . -18.37 -50.52 -11.03
CBB BCL KC . -18.50 -49.38 -13.08
NC BCL KC . -14.13 -49.41 -7.74
C1C BCL KC . -15.46 -49.61 -7.95
C2C BCL KC . -16.23 -49.76 -6.67
C3C BCL KC . -15.23 -49.39 -5.58
C4C BCL KC . -13.96 -49.25 -6.43
CMC BCL KC . -17.46 -48.86 -6.71
CAC BCL KC . -15.19 -50.66 -4.71
CBC BCL KC . -16.10 -50.58 -3.49
ND BCL KC . -11.52 -48.72 -7.86
C1D BCL KC . -11.64 -48.66 -6.49
C2D BCL KC . -10.41 -48.25 -5.92
C3D BCL KC . -9.59 -48.08 -7.02
C4D BCL KC . -10.38 -48.20 -8.20
CMD BCL KC . -10.08 -48.04 -4.47
CAD BCL KC . -8.22 -47.85 -7.42
OBD BCL KC . -7.31 -47.35 -6.80
CBD BCL KC . -8.14 -48.38 -8.88
CGD BCL KC . -7.20 -47.54 -9.74
O1D BCL KC . -6.08 -47.86 -10.06
O2D BCL KC . -7.77 -46.40 -10.10
CED BCL KC . -6.96 -45.53 -10.92
C1 BCL KC . -8.86 -48.80 -16.21
C2 BCL KC . -8.92 -48.79 -17.71
C3 BCL KC . -8.51 -49.81 -18.46
C4 BCL KC . -7.76 -49.64 -19.75
C5 BCL KC . -8.78 -51.24 -18.05
C6 BCL KC . -9.55 -52.03 -19.09
C7 BCL KC . -10.79 -52.71 -18.52
C8 BCL KC . -10.55 -53.73 -17.41
C9 BCL KC . -10.71 -55.15 -17.93
C10 BCL KC . -11.46 -53.47 -16.21
C11 BCL KC . -10.76 -53.32 -14.86
C12 BCL KC . -11.70 -53.47 -13.67
C13 BCL KC . -13.08 -52.84 -13.84
C14 BCL KC . -12.98 -51.35 -14.13
C15 BCL KC . -13.97 -53.12 -12.64
C16 BCL KC . -15.46 -52.85 -12.85
C17 BCL KC . -16.35 -54.01 -12.41
C18 BCL KC . -17.84 -53.82 -12.64
C19 BCL KC . -18.66 -54.78 -11.80
C20 BCL KC . -18.19 -53.96 -14.11
CMA SPN LC . -17.40 -42.37 -9.28
O1 SPN LC . -17.32 -41.02 -9.72
CM1 SPN LC . -15.67 -40.35 -8.19
CM2 SPN LC . -15.97 -39.07 -10.32
C1 SPN LC . -16.00 -40.44 -9.67
C2 SPN LC . -14.95 -41.32 -10.35
O2 SPN LC . -14.21 -42.03 -9.68
C3 SPN LC . -14.84 -41.26 -11.80
C4 SPN LC . -13.73 -41.73 -12.36
C5 SPN LC . -13.39 -41.80 -13.77
CM3 SPN LC . -14.35 -41.21 -14.77
C6 SPN LC . -12.23 -42.40 -14.13
C7 SPN LC . -11.69 -42.62 -15.43
C8 SPN LC . -10.51 -43.23 -15.57
C9 SPN LC . -9.79 -43.56 -16.79
CM4 SPN LC . -10.43 -43.18 -18.10
C10 SPN LC . -8.60 -44.19 -16.69
C11 SPN LC . -7.75 -44.64 -17.73
C12 SPN LC . -6.57 -45.22 -17.47
C13 SPN LC . -5.60 -45.73 -18.42
CM5 SPN LC . -5.97 -45.73 -19.88
C14 SPN LC . -4.43 -46.22 -17.97
C15 SPN LC . -3.38 -46.82 -18.72
C16 SPN LC . -2.19 -47.23 -18.22
C17 SPN LC . -1.20 -47.84 -19.05
C18 SPN LC . 0.03 -48.29 -18.71
CM6 SPN LC . 0.60 -48.15 -17.33
C19 SPN LC . 0.78 -49.03 -19.71
C20 SPN LC . 2.11 -49.27 -19.83
C21 SPN LC . 3.21 -48.78 -19.08
C22 SPN LC . 4.44 -49.26 -19.33
CM7 SPN LC . 4.49 -50.40 -20.31
C23 SPN LC . 5.77 -48.86 -18.73
C24 SPN LC . 6.98 -49.42 -19.49
C25 SPN LC . 7.24 -48.70 -20.78
C26 SPN LC . 8.26 -48.88 -21.63
CM8 SPN LC . 9.41 -49.80 -21.36
C27 SPN LC . 8.32 -48.14 -22.94
C28 SPN LC . 8.98 -48.95 -24.07
C29 SPN LC . 10.08 -48.18 -24.73
C30 SPN LC . 10.70 -48.45 -25.88
CM9 SPN LC . 10.35 -49.64 -26.72
CMB SPN LC . 11.81 -47.60 -26.43
MG BCL MC . -18.66 -45.05 -14.43
CHA BCL MC . -18.37 -44.95 -17.76
CHB BCL MC . -15.37 -45.51 -14.27
CHC BCL MC . -18.95 -46.47 -11.35
CHD BCL MC . -22.05 -46.06 -14.92
NA BCL MC . -17.10 -45.00 -15.79
C1A BCL MC . -17.16 -44.89 -17.11
C2A BCL MC . -15.78 -44.72 -17.76
C3A BCL MC . -14.83 -44.76 -16.56
C4A BCL MC . -15.81 -45.10 -15.48
CMA BCL MC . -13.84 -45.92 -16.58
CAA BCL MC . -15.68 -43.41 -18.55
CBA BCL MC . -14.33 -42.70 -18.43
CGA BCL MC . -13.78 -42.25 -19.75
O1A BCL MC . -13.93 -42.83 -20.79
O2A BCL MC . -13.09 -41.12 -19.63
NB BCL MC . -17.36 -45.55 -12.91
C1B BCL MC . -16.00 -45.51 -13.01
C2B BCL MC . -15.47 -45.48 -11.72
C3B BCL MC . -16.55 -45.75 -10.82
C4B BCL MC . -17.68 -45.96 -11.63
CMB BCL MC . -14.04 -45.19 -11.36
CAB BCL MC . -16.52 -45.80 -9.35
OBB BCL MC . -17.56 -45.73 -8.71
CBB BCL MC . -15.23 -45.96 -8.60
NC BCL MC . -20.25 -45.88 -13.33
C1C BCL MC . -20.10 -46.27 -12.04
C2C BCL MC . -21.43 -46.50 -11.37
C3C BCL MC . -22.39 -46.69 -12.52
C4C BCL MC . -21.50 -46.18 -13.67
CMC BCL MC . -21.33 -47.68 -10.42
CAC BCL MC . -23.51 -45.69 -12.19
CBC BCL MC . -24.87 -46.34 -12.04
ND BCL MC . -19.97 -45.39 -15.96
C1D BCL MC . -21.32 -45.66 -16.00
C2D BCL MC . -21.81 -45.44 -17.31
C3D BCL MC . -20.67 -45.18 -18.04
C4D BCL MC . -19.53 -45.38 -17.19
CMD BCL MC . -23.23 -45.47 -17.79
CAD BCL MC . -20.20 -44.78 -19.35
OBD BCL MC . -20.82 -44.64 -20.39
CBD BCL MC . -18.65 -44.56 -19.21
CGD BCL MC . -17.88 -45.46 -20.19
O1D BCL MC . -17.78 -46.64 -20.08
O2D BCL MC . -17.35 -44.74 -21.17
CED BCL MC . -16.55 -45.49 -22.12
C1 BCL MC . -12.19 -40.81 -20.73
C2 BCL MC . -11.09 -39.88 -20.32
C3 BCL MC . -9.91 -39.80 -20.91
C4 BCL MC . -9.71 -39.61 -22.38
C5 BCL MC . -8.64 -39.88 -20.09
C6 BCL MC . -7.49 -40.58 -20.82
C7 BCL MC . -6.20 -40.61 -20.01
C8 BCL MC . -5.06 -41.45 -20.58
C9 BCL MC . -4.21 -42.06 -19.47
C10 BCL MC . -4.22 -40.66 -21.57
C11 BCL MC . -3.91 -41.36 -22.89
C12 BCL MC . -2.48 -41.88 -22.97
C13 BCL MC . -1.97 -42.21 -24.37
C14 BCL MC . -2.61 -41.31 -25.42
C15 BCL MC . -2.16 -43.69 -24.70
C16 BCL MC . -2.48 -44.02 -26.15
C17 BCL MC . -3.79 -44.78 -26.32
C18 BCL MC . -3.80 -45.89 -27.36
C19 BCL MC . -4.35 -45.40 -28.68
C20 BCL MC . -4.55 -47.11 -26.89
CMA SPN NC . -5.44 -38.48 -25.55
O1 SPN NC . -6.18 -38.32 -26.76
CM1 SPN NC . -7.09 -39.15 -28.75
CM2 SPN NC . -5.60 -40.62 -27.38
C1 SPN NC . -6.68 -39.54 -27.34
C2 SPN NC . -7.91 -40.10 -26.63
O2 SPN NC . -9.02 -39.63 -26.82
C3 SPN NC . -7.69 -41.21 -25.69
C4 SPN NC . -8.68 -41.79 -25.03
C5 SPN NC . -8.57 -42.90 -24.09
CM3 SPN NC . -7.19 -43.41 -23.79
C6 SPN NC . -9.69 -43.42 -23.55
C7 SPN NC . -9.79 -44.52 -22.64
C8 SPN NC . -10.95 -44.99 -22.19
C9 SPN NC . -11.15 -46.11 -21.28
CM4 SPN NC . -9.93 -46.81 -20.75
C10 SPN NC . -12.41 -46.49 -20.97
C11 SPN NC . -12.83 -47.58 -20.14
C12 SPN NC . -14.12 -47.84 -19.86
C13 SPN NC . -14.65 -48.91 -19.03
CM5 SPN NC . -13.71 -49.97 -18.57
C14 SPN NC . -15.97 -48.89 -18.72
C15 SPN NC . -16.68 -49.84 -17.93
C16 SPN NC . -17.98 -49.67 -17.58
C17 SPN NC . -18.74 -50.60 -16.79
C18 SPN NC . -19.99 -50.44 -16.30
CM6 SPN NC . -20.79 -49.19 -16.53
C19 SPN NC . -20.60 -51.52 -15.56
C20 SPN NC . -21.85 -51.53 -15.06
C21 SPN NC . -22.40 -52.62 -14.32
C22 SPN NC . -23.64 -52.68 -13.80
CM7 SPN NC . -24.62 -51.55 -13.94
C23 SPN NC . -24.14 -53.88 -13.03
C24 SPN NC . -25.63 -54.18 -13.29
C25 SPN NC . -25.79 -55.14 -14.43
C26 SPN NC . -26.82 -55.95 -14.68
CM8 SPN NC . -28.05 -56.02 -13.82
C27 SPN NC . -26.83 -56.85 -15.88
C28 SPN NC . -27.60 -56.25 -17.08
C29 SPN NC . -26.68 -55.97 -18.24
C30 SPN NC . -26.56 -56.67 -19.36
CM9 SPN NC . -25.61 -56.28 -20.45
CMB SPN NC . -27.35 -57.92 -19.64
CMA SPN OC . -27.34 -33.52 -17.59
O1 SPN OC . -26.93 -32.24 -18.08
CM1 SPN OC . -25.10 -32.61 -16.72
CM2 SPN OC . -25.18 -30.54 -18.12
C1 SPN OC . -25.52 -32.02 -18.05
C2 SPN OC . -24.77 -32.77 -19.15
O2 SPN OC . -24.16 -33.78 -18.89
C3 SPN OC . -24.74 -32.26 -20.51
C4 SPN OC . -23.85 -32.85 -21.30
C5 SPN OC . -23.53 -32.57 -22.68
CM3 SPN OC . -24.19 -31.40 -23.35
C6 SPN OC . -22.63 -33.37 -23.30
C7 SPN OC . -22.09 -33.28 -24.63
C8 SPN OC . -21.20 -34.17 -25.04
C9 SPN OC . -20.53 -34.26 -26.33
CM4 SPN OC . -20.86 -33.23 -27.37
C10 SPN OC . -19.64 -35.26 -26.53
C11 SPN OC . -18.85 -35.52 -27.69
C12 SPN OC . -17.98 -36.55 -27.73
C13 SPN OC . -17.11 -36.95 -28.83
CM5 SPN OC . -17.24 -36.21 -30.13
C14 SPN OC . -16.18 -37.91 -28.60
C15 SPN OC . -15.16 -38.37 -29.49
C16 SPN OC . -14.27 -39.33 -29.15
C17 SPN OC . -13.23 -39.79 -30.01
C18 SPN OC . -12.26 -40.69 -29.72
CM6 SPN OC . -12.17 -41.39 -28.40
C19 SPN OC . -11.23 -40.96 -30.70
C20 SPN OC . -10.10 -41.64 -30.50
C21 SPN OC . -9.12 -41.86 -31.52
C22 SPN OC . -8.01 -42.61 -31.45
CM7 SPN OC . -7.58 -43.35 -30.22
C23 SPN OC . -7.10 -42.75 -32.63
C24 SPN OC . -5.91 -41.79 -32.57
C25 SPN OC . -5.52 -41.28 -33.92
C26 SPN OC . -4.43 -41.59 -34.62
CM8 SPN OC . -3.41 -42.60 -34.16
C27 SPN OC . -4.14 -40.94 -35.94
C28 SPN OC . -3.24 -41.75 -36.88
C29 SPN OC . -1.94 -41.04 -37.17
C30 SPN OC . -1.29 -40.95 -38.32
CM9 SPN OC . -1.82 -41.55 -39.59
CMB SPN OC . 0.05 -40.29 -38.43
MG BCL PC . -24.96 -41.08 -20.43
CHA BCL PC . -21.63 -40.92 -20.41
CHB BCL PC . -24.93 -39.38 -23.28
CHC BCL PC . -28.25 -40.47 -19.94
CHD BCL PC . -24.78 -41.73 -16.91
NA BCL PC . -23.50 -40.40 -21.71
C1A BCL PC . -22.19 -40.53 -21.60
C2A BCL PC . -21.47 -40.23 -22.91
C3A BCL PC . -22.49 -39.37 -23.65
C4A BCL PC . -23.71 -39.73 -22.83
CMA BCL PC . -22.32 -37.87 -23.46
CAA BCL PC . -21.15 -41.54 -23.66
CBA BCL PC . -20.78 -41.35 -25.13
CGA BCL PC . -19.46 -40.68 -25.31
O1A BCL PC . -18.57 -40.68 -24.51
O2A BCL PC . -19.39 -40.06 -26.50
NB BCL PC . -26.43 -40.18 -21.53
C1B BCL PC . -26.23 -39.57 -22.75
C2B BCL PC . -27.49 -39.22 -23.30
C3B BCL PC . -28.48 -39.56 -22.32
C4B BCL PC . -27.79 -40.08 -21.22
CMB BCL PC . -27.72 -38.62 -24.65
CAB BCL PC . -29.94 -39.42 -22.44
OBB BCL PC . -30.68 -40.10 -21.75
CBB BCL PC . -30.55 -38.43 -23.38
NC BCL PC . -26.24 -41.21 -18.76
C1C BCL PC . -27.56 -40.98 -18.87
C2C BCL PC . -28.32 -41.34 -17.63
C3C BCL PC . -27.25 -41.56 -16.58
C4C BCL PC . -26.00 -41.50 -17.48
CMC BCL PC . -29.31 -40.24 -17.29
CAC BCL PC . -27.53 -43.00 -16.10
CBC BCL PC . -28.47 -43.06 -14.91
ND BCL PC . -23.55 -41.21 -18.94
C1D BCL PC . -23.62 -41.55 -17.60
C2D BCL PC . -22.30 -41.68 -17.07
C3D BCL PC . -21.50 -41.39 -18.14
C4D BCL PC . -22.31 -40.93 -19.23
CMD BCL PC . -21.91 -42.04 -15.68
CAD BCL PC . -20.12 -41.38 -18.60
OBD BCL PC . -19.08 -41.34 -17.95
CBD BCL PC . -20.21 -41.45 -20.15
CGD BCL PC . -19.12 -40.65 -20.86
O1D BCL PC . -18.37 -41.09 -21.67
O2D BCL PC . -19.13 -39.38 -20.47
CED BCL PC . -18.05 -38.57 -20.98
C1 BCL PC . -20.68 -39.70 -27.09
C2 BCL PC . -20.52 -38.99 -28.39
C3 BCL PC . -20.79 -39.54 -29.56
C4 BCL PC . -19.85 -39.52 -30.73
C5 BCL PC . -22.10 -40.25 -29.80
C6 BCL PC . -22.03 -41.30 -30.90
C7 BCL PC . -23.33 -42.05 -31.08
C8 BCL PC . -23.56 -43.23 -30.13
C9 BCL PC . -23.89 -44.51 -30.90
C10 BCL PC . -24.64 -42.91 -29.10
C11 BCL PC . -24.19 -42.85 -27.65
C12 BCL PC . -25.16 -42.10 -26.74
C13 BCL PC . -25.33 -42.67 -25.34
C14 BCL PC . -24.17 -43.59 -24.97
C15 BCL PC . -26.68 -43.38 -25.20
C16 BCL PC . -27.84 -42.49 -24.75
C17 BCL PC . -29.08 -43.30 -24.36
C18 BCL PC . -30.40 -42.82 -24.94
C19 BCL PC . -31.30 -42.22 -23.88
C20 BCL PC . -31.13 -43.93 -25.68
MG BCL QC . -29.45 -34.05 -23.51
CHA BCL QC . -29.14 -33.11 -26.72
CHB BCL QC . -26.41 -35.38 -23.74
CHC BCL QC . -30.14 -36.17 -20.93
CHD BCL QC . -32.99 -34.00 -24.05
NA BCL QC . -27.93 -34.04 -24.94
C1A BCL QC . -27.96 -33.57 -26.17
C2A BCL QC . -26.60 -33.60 -26.87
C3A BCL QC . -25.69 -34.19 -25.80
C4A BCL QC . -26.73 -34.55 -24.76
CMA BCL QC . -25.03 -35.52 -26.17
CAA BCL QC . -26.14 -32.21 -27.33
CBA BCL QC . -24.65 -31.94 -27.15
CGA BCL QC . -24.01 -31.29 -28.35
O1A BCL QC . -24.15 -31.65 -29.48
O2A BCL QC . -23.27 -30.24 -27.98
NB BCL QC . -28.34 -35.30 -22.31
C1B BCL QC . -27.03 -35.60 -22.49
C2B BCL QC . -26.51 -36.11 -21.30
C3B BCL QC . -27.63 -36.37 -20.44
C4B BCL QC . -28.77 -35.98 -21.17
CMB BCL QC . -25.06 -36.34 -20.99
CAB BCL QC . -27.62 -36.94 -19.08
OBB BCL QC . -28.67 -37.11 -18.49
CBB BCL QC . -26.34 -37.33 -18.40
NC BCL QC . -31.22 -34.72 -22.58
C1C BCL QC . -31.19 -35.49 -21.46
C2C BCL QC . -32.53 -35.55 -20.78
C3C BCL QC . -33.50 -35.10 -21.86
C4C BCL QC . -32.51 -34.57 -22.89
CMC BCL QC . -32.79 -36.96 -20.27
CAC BCL QC . -34.26 -33.94 -21.16
CBC BCL QC . -35.74 -34.21 -21.01
ND BCL QC . -30.79 -33.60 -24.99
C1D BCL QC . -32.17 -33.50 -25.02
C2D BCL QC . -32.57 -32.77 -26.15
C3D BCL QC . -31.40 -32.62 -26.85
C4D BCL QC . -30.37 -33.36 -26.20
CMD BCL QC . -33.95 -32.28 -26.51
CAD BCL QC . -30.83 -31.97 -28.02
OBD BCL QC . -31.38 -31.32 -28.90
CBD BCL QC . -29.30 -32.26 -27.99
CGD BCL QC . -28.87 -33.03 -29.24
O1D BCL QC . -29.11 -34.18 -29.44
O2D BCL QC . -28.20 -32.24 -30.08
CED BCL QC . -27.75 -32.86 -31.30
C1 BCL QC . -22.32 -29.77 -28.99
C2 BCL QC . -20.97 -29.53 -28.41
C3 BCL QC . -19.83 -29.48 -29.09
C4 BCL QC . -19.75 -29.00 -30.51
C5 BCL QC . -18.53 -29.91 -28.48
C6 BCL QC . -17.79 -30.97 -29.29
C7 BCL QC . -16.36 -31.19 -28.80
C8 BCL QC . -15.53 -32.18 -29.62
C9 BCL QC . -15.04 -33.35 -28.77
C10 BCL QC . -14.37 -31.47 -30.33
C11 BCL QC . -14.26 -31.67 -31.83
C12 BCL QC . -13.39 -32.86 -32.23
C13 BCL QC . -12.78 -32.79 -33.63
C14 BCL QC . -13.18 -31.51 -34.35
C15 BCL QC . -13.15 -34.02 -34.44
C16 BCL QC . -14.19 -33.82 -35.54
C17 BCL QC . -15.04 -35.05 -35.81
C18 BCL QC . -15.44 -35.28 -37.25
C19 BCL QC . -15.74 -33.98 -37.98
C20 BCL QC . -16.60 -36.24 -37.37
CMA SPN RC . -15.13 -27.76 -33.75
O1 SPN RC . -16.21 -27.18 -34.49
CM1 SPN RC . -17.14 -27.14 -36.61
CM2 SPN RC . -15.93 -29.19 -35.84
C1 SPN RC . -16.85 -28.05 -35.43
C2 SPN RC . -18.17 -28.64 -34.91
O2 SPN RC . -19.21 -28.02 -34.98
C3 SPN RC . -18.17 -29.97 -34.29
C4 SPN RC . -19.28 -30.45 -33.72
C5 SPN RC . -19.44 -31.74 -33.07
CM3 SPN RC . -18.23 -32.62 -32.95
C6 SPN RC . -20.66 -32.10 -32.62
C7 SPN RC . -21.04 -33.34 -31.99
C8 SPN RC . -22.29 -33.65 -31.65
C9 SPN RC . -22.76 -34.89 -31.04
CM4 SPN RC . -21.75 -35.96 -30.77
C10 SPN RC . -24.08 -35.04 -30.76
C11 SPN RC . -24.74 -36.19 -30.22
C12 SPN RC . -26.05 -36.22 -29.90
C13 SPN RC . -26.81 -37.33 -29.36
CM5 SPN RC . -26.16 -38.69 -29.34
C14 SPN RC . -28.08 -37.11 -28.94
C15 SPN RC . -29.03 -38.06 -28.44
C16 SPN RC . -30.23 -37.67 -27.93
C17 SPN RC . -31.24 -38.57 -27.43
C18 SPN RC . -32.36 -38.23 -26.75
CM6 SPN RC . -32.69 -36.82 -26.38
C19 SPN RC . -33.31 -39.26 -26.37
C20 SPN RC . -34.47 -39.07 -25.73
C21 SPN RC . -35.37 -40.12 -25.37
C22 SPN RC . -36.55 -40.02 -24.74
CM7 SPN RC . -37.16 -38.72 -24.29
C23 SPN RC . -37.36 -41.26 -24.42
C24 SPN RC . -38.85 -41.09 -24.72
C25 SPN RC . -39.24 -41.77 -26.00
C26 SPN RC . -40.45 -41.85 -26.55
CM8 SPN RC . -41.68 -41.25 -25.94
C27 SPN RC . -40.67 -42.58 -27.85
C28 SPN RC . -41.11 -41.69 -29.03
C29 SPN RC . -39.95 -41.25 -29.87
C30 SPN RC . -39.88 -41.12 -31.19
CM9 SPN RC . -38.64 -40.66 -31.89
CMB SPN RC . -41.03 -41.45 -32.10
CMA SPN SC . -34.80 -19.99 -22.96
O1 SPN SC . -34.00 -18.83 -22.83
CM1 SPN SC . -32.42 -20.08 -21.71
CM2 SPN SC . -31.78 -17.83 -22.58
C1 SPN SC . -32.59 -19.08 -22.84
C2 SPN SC . -32.12 -19.73 -24.15
O2 SPN SC . -31.83 -20.92 -24.16
C3 SPN SC . -31.98 -18.94 -25.35
C4 SPN SC . -31.26 -19.46 -26.32
C5 SPN SC . -30.95 -18.91 -27.63
CM3 SPN SC . -31.38 -17.51 -27.93
C6 SPN SC . -30.27 -19.70 -28.51
C7 SPN SC . -29.84 -19.41 -29.83
C8 SPN SC . -29.17 -20.34 -30.53
C9 SPN SC . -28.64 -20.27 -31.88
CM4 SPN SC . -28.88 -19.02 -32.68
C10 SPN SC . -27.94 -21.33 -32.36
C11 SPN SC . -27.32 -21.50 -33.64
C12 SPN SC . -26.71 -22.65 -33.99
C13 SPN SC . -26.03 -22.97 -35.23
CM5 SPN SC . -26.05 -21.94 -36.34
C14 SPN SC . -25.36 -24.14 -35.34
C15 SPN SC . -24.55 -24.60 -36.42
C16 SPN SC . -23.88 -25.78 -36.44
C17 SPN SC . -23.07 -26.17 -37.55
C18 SPN SC . -22.32 -27.29 -37.70
CM6 SPN SC . -22.24 -28.38 -36.66
C19 SPN SC . -21.57 -27.43 -38.95
C20 SPN SC . -20.56 -28.25 -39.35
C21 SPN SC . -19.84 -29.27 -38.67
C22 SPN SC . -18.87 -30.02 -39.23
CM7 SPN SC . -18.24 -31.14 -38.44
C23 SPN SC . -18.34 -29.86 -40.64
C24 SPN SC . -17.15 -28.89 -40.71
C25 SPN SC . -16.02 -29.39 -41.56
C26 SPN SC . -15.45 -28.76 -42.58
CM8 SPN SC . -15.94 -27.45 -43.14
C27 SPN SC . -14.22 -29.33 -43.27
C28 SPN SC . -13.42 -28.29 -44.07
C29 SPN SC . -13.59 -28.45 -45.55
C30 SPN SC . -12.72 -28.16 -46.52
CM9 SPN SC . -13.03 -28.37 -47.96
CMB SPN SC . -11.34 -27.64 -46.24
MG BCL TC . -34.48 -26.72 -27.41
CHA BCL TC . -31.20 -27.60 -27.80
CHB BCL TC . -34.23 -24.58 -29.96
CHC BCL TC . -37.68 -25.81 -26.84
CHD BCL TC . -34.59 -28.54 -24.42
NA BCL TC . -33.05 -26.25 -28.73
C1A BCL TC . -31.85 -26.74 -28.81
C2A BCL TC . -31.10 -26.25 -30.01
C3A BCL TC . -31.95 -25.12 -30.48
C4A BCL TC . -33.18 -25.32 -29.68
CMA BCL TC . -31.30 -23.79 -30.14
CAA BCL TC . -30.91 -27.35 -31.05
CBA BCL TC . -30.86 -26.81 -32.46
CGA BCL TC . -29.44 -26.50 -32.89
O1A BCL TC . -28.50 -26.70 -32.15
O2A BCL TC . -29.22 -25.93 -34.19
NB BCL TC . -35.78 -25.36 -28.24
C1B BCL TC . -35.54 -24.58 -29.30
C2B BCL TC . -36.63 -23.71 -29.76
C3B BCL TC . -37.70 -24.07 -28.80
C4B BCL TC . -37.06 -25.11 -27.96
CMB BCL TC . -36.55 -22.75 -30.93
CAB BCL TC . -39.13 -23.57 -28.70
OBB BCL TC . -39.96 -24.23 -28.13
CBB BCL TC . -39.55 -22.27 -29.32
NC BCL TC . -35.85 -27.06 -25.97
C1C BCL TC . -37.10 -26.58 -25.95
C2C BCL TC . -37.89 -27.01 -24.76
C3C BCL TC . -36.89 -27.79 -23.98
C4C BCL TC . -35.72 -27.76 -24.89
CMC BCL TC . -38.44 -25.84 -23.97
CAC BCL TC . -37.30 -29.25 -23.76
CBC BCL TC . -38.19 -29.46 -22.56
ND BCL TC . -33.24 -27.83 -26.23
C1D BCL TC . -33.34 -28.56 -25.12
C2D BCL TC . -32.08 -29.25 -24.75
C3D BCL TC . -31.23 -28.86 -25.87
C4D BCL TC . -31.97 -28.08 -26.68
CMD BCL TC . -31.62 -30.12 -23.62
CAD BCL TC . -29.85 -28.96 -26.40
OBD BCL TC . -28.90 -29.66 -25.92
CBD BCL TC . -29.84 -28.26 -27.72
CGD BCL TC . -28.55 -27.66 -28.20
O1D BCL TC . -27.91 -28.27 -29.02
O2D BCL TC . -27.93 -26.42 -27.84
CED BCL TC . -26.71 -26.31 -28.56
C1 BCL TC . -29.63 -24.59 -34.47
C2 BCL TC . -30.51 -24.55 -35.70
C3 BCL TC . -29.99 -24.50 -36.93
C4 BCL TC . -28.50 -24.44 -37.13
C5 BCL TC . -30.88 -24.48 -38.14
C6 BCL TC . -32.28 -24.91 -37.72
C7 BCL TC . -32.74 -26.15 -38.48
C8 BCL TC . -33.70 -27.03 -37.68
C9 BCL TC . -35.13 -26.71 -38.08
C10 BCL TC . -33.45 -26.93 -36.18
C11 BCL TC . -34.67 -26.47 -35.37
C12 BCL TC . -35.29 -27.60 -34.56
C13 BCL TC . -35.42 -27.28 -33.09
C14 BCL TC . -34.32 -28.01 -32.37
C15 BCL TC . -36.76 -27.79 -32.61
C16 BCL TC . -37.43 -26.81 -31.66
C17 BCL TC . -38.58 -26.10 -32.37
C18 BCL TC . -39.79 -26.01 -31.45
C19 BCL TC . -40.15 -27.37 -30.90
C20 BCL TC . -40.97 -25.35 -32.14
MG BCL UC . 17.42 -39.30 21.97
CHA BCL UC . 18.70 -41.26 19.59
CHB BCL UC . 20.00 -37.31 21.70
CHC BCL UC . 16.56 -37.89 24.94
CHD BCL UC . 15.42 -42.08 22.96
NA BCL UC . 19.02 -39.22 20.71
C1A BCL UC . 19.37 -40.05 19.76
C2A BCL UC . 20.56 -39.53 18.92
C3A BCL UC . 20.98 -38.27 19.67
C4A BCL UC . 19.93 -38.27 20.75
CMA BCL UC . 22.33 -38.36 20.37
CAA BCL UC . 20.21 -39.24 17.46
CBA BCL UC . 21.44 -38.99 16.58
CGA BCL UC . 21.08 -38.51 15.21
O1A BCL UC . 20.00 -38.61 14.72
O2A BCL UC . 22.11 -37.95 14.60
NB BCL UC . 18.05 -37.67 23.05
C1B BCL UC . 19.08 -36.88 22.68
C2B BCL UC . 19.03 -35.69 23.40
C3B BCL UC . 18.04 -35.86 24.42
C4B BCL UC . 17.50 -37.14 24.22
CMB BCL UC . 19.86 -34.47 23.13
CAB BCL UC . 17.63 -34.87 25.48
OBB BCL UC . 16.54 -34.97 26.02
CBB BCL UC . 18.51 -33.75 25.92
NC BCL UC . 16.20 -39.87 23.55
C1C BCL UC . 15.97 -39.06 24.60
C2C BCL UC . 14.88 -39.60 25.50
C3C BCL UC . 14.85 -41.06 25.13
C4C BCL UC . 15.54 -41.01 23.78
CMC BCL UC . 15.22 -39.34 26.96
CAC BCL UC . 13.34 -41.31 24.93
CBC BCL UC . 12.77 -42.25 25.95
ND BCL UC . 17.08 -41.24 21.41
C1D BCL UC . 16.18 -42.20 21.83
C2D BCL UC . 16.16 -43.27 20.90
C3D BCL UC . 17.16 -42.95 20.03
C4D BCL UC . 17.82 -41.78 20.49
CMD BCL UC . 15.24 -44.46 20.88
CAD BCL UC . 17.79 -43.37 18.79
OBD BCL UC . 17.63 -44.39 18.15
CBD BCL UC . 18.78 -42.24 18.40
CGD BCL UC . 20.16 -42.85 18.14
O1D BCL UC . 20.94 -43.17 18.99
O2D BCL UC . 20.36 -43.01 16.84
CED BCL UC . 21.65 -43.58 16.48
C1 BCL UC . 21.91 -37.61 13.19
C2 BCL UC . 22.50 -36.29 12.87
C3 BCL UC . 23.27 -36.02 11.82
C4 BCL UC . 23.35 -36.88 10.59
C5 BCL UC . 24.13 -34.78 11.79
C6 BCL UC . 25.48 -34.96 12.47
C7 BCL UC . 26.16 -33.65 12.85
C8 BCL UC . 27.68 -33.66 12.85
C9 BCL UC . 28.26 -32.54 13.71
C10 BCL UC . 28.26 -33.64 11.43
C11 BCL UC . 29.50 -34.49 11.17
C12 BCL UC . 30.71 -33.66 10.78
C13 BCL UC . 31.96 -34.40 10.28
C14 BCL UC . 32.03 -34.44 8.76
C15 BCL UC . 32.09 -35.80 10.89
C16 BCL UC . 33.45 -36.47 10.75
C17 BCL UC . 33.62 -37.68 11.65
C18 BCL UC . 33.82 -39.04 10.97
C19 BCL UC . 33.07 -39.17 9.65
C20 BCL UC . 33.49 -40.19 11.88
CMA SPN VC . 26.89 -35.94 7.22
O1 SPN VC . 26.96 -37.08 6.37
CM1 SPN VC . 27.67 -39.23 5.78
CM2 SPN VC . 29.03 -37.88 7.39
C1 SPN VC . 27.62 -38.22 6.93
C2 SPN VC . 26.85 -38.86 8.09
O2 SPN VC . 25.83 -39.49 7.90
C3 SPN VC . 27.40 -38.67 9.44
C4 SPN VC . 26.69 -38.98 10.53
C5 SPN VC . 27.12 -38.83 11.91
CM3 SPN VC . 28.46 -38.20 12.18
C6 SPN VC . 26.33 -39.31 12.90
C7 SPN VC . 26.58 -39.32 14.31
C8 SPN VC . 25.74 -39.85 15.21
C9 SPN VC . 25.92 -39.90 16.66
CM4 SPN VC . 27.13 -39.23 17.24
C10 SPN VC . 25.02 -40.59 17.40
C11 SPN VC . 25.05 -40.81 18.81
C12 SPN VC . 24.06 -41.45 19.46
C13 SPN VC . 23.98 -41.75 20.88
CM5 SPN VC . 25.19 -41.51 21.73
C14 SPN VC . 22.82 -42.25 21.39
C15 SPN VC . 22.53 -42.63 22.73
C16 SPN VC . 21.31 -43.03 23.14
C17 SPN VC . 20.99 -43.43 24.47
C18 SPN VC . 19.77 -43.76 24.97
CM6 SPN VC . 18.52 -43.70 24.14
C19 SPN VC . 19.67 -44.20 26.34
C20 SPN VC . 18.55 -44.61 26.96
C21 SPN VC . 18.52 -45.04 28.33
C22 SPN VC . 17.44 -45.47 29.01
CM7 SPN VC . 16.07 -45.53 28.41
C23 SPN VC . 17.54 -45.89 30.46
C24 SPN VC . 16.61 -47.07 30.79
C25 SPN VC . 17.35 -48.38 30.77
C26 SPN VC . 17.00 -49.52 31.35
CM8 SPN VC . 15.75 -49.69 32.16
C27 SPN VC . 17.86 -50.75 31.22
C28 SPN VC . 17.64 -51.52 29.91
C29 SPN VC . 18.85 -51.47 29.03
C30 SPN VC . 19.60 -52.48 28.61
CM9 SPN VC . 20.80 -52.30 27.72
CMB SPN VC . 19.33 -53.91 29.01
MG BCL WC . 12.52 -45.48 16.52
CHA BCL WC . 14.86 -43.26 15.71
CHB BCL WC . 12.62 -46.62 13.39
CHC BCL WC . 9.48 -46.91 17.01
CHD BCL WC . 11.75 -43.41 19.32
NA BCL WC . 13.68 -45.10 14.86
C1A BCL WC . 14.67 -44.21 14.74
C2A BCL WC . 15.50 -44.44 13.48
C3A BCL WC . 14.56 -45.29 12.61
C4A BCL WC . 13.57 -45.69 13.67
CMA BCL WC . 13.78 -44.52 11.57
CAA BCL WC . 16.83 -45.14 13.80
CBA BCL WC . 17.32 -46.09 12.71
CGA BCL WC . 17.73 -45.38 11.45
O1A BCL WC . 18.52 -44.48 11.41
O2A BCL WC . 17.11 -45.89 10.38
NB BCL WC . 11.35 -46.78 15.45
C1B BCL WC . 11.60 -47.22 14.17
C2B BCL WC . 10.72 -48.27 13.86
C3B BCL WC . 9.84 -48.42 14.97
C4B BCL WC . 10.15 -47.38 15.87
CMB BCL WC . 10.74 -49.08 12.60
CAB BCL WC . 8.79 -49.44 15.17
OBB BCL WC . 8.43 -49.74 16.29
CBB BCL WC . 8.16 -50.13 14.00
NC BCL WC . 11.03 -45.29 17.98
C1C BCL WC . 9.93 -46.08 17.99
C2C BCL WC . 9.15 -45.96 19.27
C3C BCL WC . 9.69 -44.69 19.91
C4C BCL WC . 10.90 -44.45 19.02
CMC BCL WC . 7.66 -45.89 18.94
CAC BCL WC . 10.09 -45.15 21.32
CBC BCL WC . 9.06 -44.83 22.38
ND BCL WC . 13.08 -43.68 17.30
C1D BCL WC . 12.74 -43.02 18.47
C2D BCL WC . 13.58 -41.88 18.65
C3D BCL WC . 14.40 -41.94 17.55
C4D BCL WC . 13.92 -42.92 16.64
CMD BCL WC . 13.57 -40.88 19.76
CAD BCL WC . 15.60 -41.36 16.99
OBD BCL WC . 16.14 -40.29 17.22
CBD BCL WC . 16.12 -42.43 15.98
CGD BCL WC . 16.74 -41.77 14.74
O1D BCL WC . 17.91 -41.62 14.56
O2D BCL WC . 15.79 -41.39 13.90
CED BCL WC . 16.23 -41.16 12.54
C1 BCL WC . 17.28 -47.32 10.16
C2 BCL WC . 18.29 -47.58 9.09
C3 BCL WC . 18.44 -48.76 8.49
C4 BCL WC . 19.58 -49.08 7.57
C5 BCL WC . 17.44 -49.87 8.69
C6 BCL WC . 18.06 -51.15 9.24
C7 BCL WC . 17.54 -51.51 10.63
C8 BCL WC . 18.52 -51.27 11.78
C9 BCL WC . 19.12 -52.58 12.28
C10 BCL WC . 17.85 -50.49 12.91
C11 BCL WC . 16.33 -50.38 12.85
C12 BCL WC . 15.64 -51.04 14.04
C13 BCL WC . 14.41 -50.32 14.58
C14 BCL WC . 14.63 -49.86 16.02
C15 BCL WC . 13.17 -51.18 14.44
C16 BCL WC . 12.20 -51.15 15.62
C17 BCL WC . 11.18 -52.28 15.60
C18 BCL WC . 10.32 -52.41 16.84
C19 BCL WC . 11.06 -51.95 18.07
C20 BCL WC . 9.79 -53.81 17.03
CMA SPN XC . 5.23 -42.09 13.51
O1 SPN XC . 5.26 -41.94 12.09
CM1 SPN XC . 6.07 -39.91 12.84
CM2 SPN XC . 5.42 -40.14 10.43
C1 SPN XC . 6.04 -40.83 11.64
C2 SPN XC . 7.48 -41.24 11.31
O2 SPN XC . 8.37 -41.02 12.11
C3 SPN XC . 7.80 -41.89 10.04
C4 SPN XC . 9.09 -42.05 9.77
C5 SPN XC . 9.69 -42.65 8.58
CM3 SPN XC . 8.79 -43.02 7.44
C6 SPN XC . 11.03 -42.83 8.57
C7 SPN XC . 11.85 -43.34 7.52
C8 SPN XC . 13.17 -43.48 7.71
C9 SPN XC . 14.19 -43.97 6.79
CM4 SPN XC . 13.76 -44.39 5.41
C10 SPN XC . 15.47 -43.98 7.20
C11 SPN XC . 16.65 -44.33 6.46
C12 SPN XC . 17.86 -44.24 7.02
C13 SPN XC . 19.15 -44.54 6.41
CM5 SPN XC . 19.15 -45.12 5.02
C14 SPN XC . 20.29 -44.23 7.08
C15 SPN XC . 21.62 -44.34 6.63
C16 SPN XC . 22.73 -43.98 7.31
C17 SPN XC . 24.03 -44.15 6.73
C18 SPN XC . 25.23 -43.80 7.23
CM6 SPN XC . 25.40 -43.13 8.58
C19 SPN XC . 26.42 -44.08 6.41
C20 SPN XC . 27.72 -43.69 6.48
C21 SPN XC . 28.41 -42.86 7.40
C22 SPN XC . 29.73 -42.65 7.30
CM7 SPN XC . 30.56 -41.82 8.24
C23 SPN XC . 30.50 -43.32 6.18
C24 SPN XC . 31.83 -42.61 5.90
C25 SPN XC . 32.22 -42.67 4.46
C26 SPN XC . 33.40 -42.37 3.93
CM8 SPN XC . 34.57 -41.88 4.73
C27 SPN XC . 33.65 -42.51 2.45
C28 SPN XC . 35.11 -42.23 2.07
C29 SPN XC . 35.60 -43.15 0.98
C30 SPN XC . 36.38 -42.86 -0.04
CM9 SPN XC . 36.78 -43.88 -1.07
CMB SPN XC . 36.95 -41.49 -0.27
MG BCL YC . -40.77 -1.09 -28.64
CHA BCL YC . -40.12 1.11 -31.10
CHB BCL YC . -38.61 -3.17 -29.99
CHC BCL YC . -42.17 -3.58 -26.81
CHD BCL YC . -43.79 0.72 -28.10
NA BCL YC . -39.46 -0.98 -30.22
C1A BCL YC . -39.27 0.02 -31.07
C2A BCL YC . -38.04 -0.17 -31.94
C3A BCL YC . -37.66 -1.63 -31.68
C4A BCL YC . -38.64 -1.94 -30.57
CMA BCL YC . -38.05 -2.58 -32.81
CAA BCL YC . -36.96 0.85 -31.54
CBA BCL YC . -35.52 0.33 -31.52
CGA BCL YC . -34.71 0.84 -32.66
O1A BCL YC . -35.12 0.97 -33.78
O2A BCL YC . -33.46 1.13 -32.28
NB BCL YC . -40.33 -3.07 -28.30
C1B BCL YC . -39.29 -3.73 -28.89
C2B BCL YC . -39.08 -4.94 -28.21
C3B BCL YC . -40.16 -5.11 -27.30
C4B BCL YC . -40.96 -3.95 -27.42
CMB BCL YC . -37.90 -5.84 -28.42
CAB BCL YC . -40.43 -6.27 -26.38
OBB BCL YC . -41.32 -6.20 -25.54
CBB BCL YC . -39.64 -7.54 -26.44
NC BCL YC . -42.57 -1.29 -27.59
C1C BCL YC . -42.84 -2.40 -26.86
C2C BCL YC . -44.08 -2.24 -26.03
C3C BCL YC . -44.69 -0.96 -26.51
C4C BCL YC . -43.60 -0.48 -27.46
CMC BCL YC . -44.98 -3.46 -26.13
CAC BCL YC . -44.68 -0.10 -25.24
CBC BCL YC . -46.05 0.26 -24.74
ND BCL YC . -41.73 0.57 -29.35
C1D BCL YC . -42.85 1.25 -28.93
C2D BCL YC . -42.85 2.55 -29.48
C3D BCL YC . -41.83 2.51 -30.40
C4D BCL YC . -41.28 1.19 -30.41
CMD BCL YC . -43.77 3.70 -29.15
CAD BCL YC . -41.09 3.31 -31.35
OBD BCL YC . -41.29 4.45 -31.73
CBD BCL YC . -39.92 2.44 -31.86
CGD BCL YC . -39.93 2.34 -33.39
O1D BCL YC . -40.74 1.74 -34.03
O2D BCL YC . -38.92 3.03 -33.91
CED BCL YC . -38.86 3.04 -35.35
C1 BCL YC . -32.53 1.50 -33.35
C2 BCL YC . -31.13 1.15 -33.01
C3 BCL YC . -30.14 0.83 -33.84
C4 BCL YC . -29.61 1.76 -34.90
C5 BCL YC . -29.44 -0.50 -33.76
C6 BCL YC . -29.30 -1.23 -35.09
C7 BCL YC . -28.37 -2.45 -35.02
C8 BCL YC . -28.04 -3.18 -36.31
C9 BCL YC . -28.16 -4.69 -36.14
C10 BCL YC . -26.66 -2.80 -36.86
C11 BCL YC . -26.60 -1.96 -38.13
C12 BCL YC . -26.71 -2.76 -39.42
C13 BCL YC . -25.67 -2.48 -40.51
C14 BCL YC . -24.91 -1.18 -40.24
C15 BCL YC . -26.28 -2.49 -41.90
C16 BCL YC . -27.64 -1.84 -42.03
C17 BCL YC . -28.49 -2.45 -43.13
C18 BCL YC . -28.70 -1.57 -44.35
C19 BCL YC . -28.26 -0.15 -44.11
C20 BCL YC . -30.13 -1.62 -44.83
CMA SPN ZC . -25.72 2.22 -38.04
O1 SPN ZC . -25.89 3.47 -38.71
CM1 SPN ZC . -26.90 4.90 -40.27
CM2 SPN ZC . -26.98 2.42 -40.62
C1 SPN ZC . -27.02 3.54 -39.60
C2 SPN ZC . -28.36 3.49 -38.86
O2 SPN ZC . -28.74 4.42 -38.16
C3 SPN ZC . -29.17 2.28 -39.02
C4 SPN ZC . -30.34 2.11 -38.42
C5 SPN ZC . -31.22 0.95 -38.53
CM3 SPN ZC . -30.74 -0.19 -39.38
C6 SPN ZC . -32.41 0.96 -37.89
C7 SPN ZC . -33.41 -0.07 -37.91
C8 SPN ZC . -34.59 0.03 -37.28
C9 SPN ZC . -35.66 -0.95 -37.26
CM4 SPN ZC . -35.42 -2.24 -38.00
C10 SPN ZC . -36.81 -0.66 -36.63
C11 SPN ZC . -38.00 -1.46 -36.54
C12 SPN ZC . -39.08 -1.09 -35.86
C13 SPN ZC . -40.33 -1.81 -35.70
CM5 SPN ZC . -40.52 -3.07 -36.52
C14 SPN ZC . -41.27 -1.35 -34.85
C15 SPN ZC . -42.56 -1.88 -34.58
C16 SPN ZC . -43.38 -1.38 -33.63
C17 SPN ZC . -44.68 -1.88 -33.33
C18 SPN ZC . -45.51 -1.49 -32.32
CM6 SPN ZC . -45.11 -0.44 -31.31
C19 SPN ZC . -46.83 -2.08 -32.21
C20 SPN ZC . -47.77 -1.78 -31.30
C21 SPN ZC . -49.05 -2.40 -31.26
C22 SPN ZC . -50.03 -2.15 -30.38
CM7 SPN ZC . -49.89 -1.15 -29.28
C23 SPN ZC . -51.36 -2.87 -30.43
C24 SPN ZC . -52.55 -1.96 -30.07
C25 SPN ZC . -53.30 -1.54 -31.31
C26 SPN ZC . -54.58 -1.17 -31.39
CM8 SPN ZC . -55.51 -1.11 -30.21
C27 SPN ZC . -55.19 -0.77 -32.72
C28 SPN ZC . -54.92 0.70 -33.09
C29 SPN ZC . -53.77 0.82 -34.05
C30 SPN ZC . -53.70 1.58 -35.13
CM9 SPN ZC . -52.48 1.62 -36.01
CMB SPN ZC . -54.82 2.46 -35.60
CMA SPN AD . -38.73 11.32 -20.56
O1 SPN AD . -37.58 12.14 -20.75
CM1 SPN AD . -36.62 10.05 -20.46
CM2 SPN AD . -35.14 12.06 -20.38
C1 SPN AD . -36.37 11.44 -21.02
C2 SPN AD . -36.16 11.33 -22.54
O2 SPN AD . -36.42 10.28 -23.10
C3 SPN AD . -35.66 12.48 -23.26
C4 SPN AD . -35.36 12.26 -24.53
C5 SPN AD . -34.84 13.19 -25.52
CM3 SPN AD . -34.51 14.58 -25.08
C6 SPN AD . -34.69 12.74 -26.79
C7 SPN AD . -34.21 13.44 -27.93
C8 SPN AD . -34.15 12.80 -29.12
C9 SPN AD . -33.70 13.28 -30.41
CM4 SPN AD . -33.21 14.70 -30.51
C10 SPN AD . -33.71 12.42 -31.46
C11 SPN AD . -33.27 12.64 -32.79
C12 SPN AD . -33.35 11.67 -33.71
C13 SPN AD . -32.93 11.72 -35.10
CM5 SPN AD . -32.48 13.04 -35.66
C14 SPN AD . -32.89 10.56 -35.82
C15 SPN AD . -32.41 10.38 -37.14
C16 SPN AD . -32.42 9.19 -37.79
C17 SPN AD . -31.91 9.02 -39.12
C18 SPN AD . -31.81 7.88 -39.84
CM6 SPN AD . -32.31 6.55 -39.34
C19 SPN AD . -31.14 7.91 -41.12
C20 SPN AD . -30.80 6.86 -41.88
C21 SPN AD . -30.12 6.97 -43.12
C22 SPN AD . -29.81 5.98 -43.98
CM7 SPN AD . -30.16 4.55 -43.73
C23 SPN AD . -29.09 6.25 -45.27
C24 SPN AD . -27.56 6.07 -45.16
C25 SPN AD . -26.82 6.85 -46.20
C26 SPN AD . -26.01 6.40 -47.14
CM8 SPN AD . -25.72 4.94 -47.36
C27 SPN AD . -25.32 7.34 -48.10
C28 SPN AD . -24.42 6.64 -49.13
C29 SPN AD . -23.86 7.59 -50.14
C30 SPN AD . -22.67 7.60 -50.70
CM9 SPN AD . -21.62 6.57 -50.41
CMB SPN AD . -22.24 8.66 -51.66
MG BCL BD . -41.75 8.63 -27.53
CHA BCL BD . -39.30 6.75 -29.08
CHB BCL BD . -40.43 11.42 -28.83
CHC BCL BD . -44.11 10.38 -25.89
CHD BCL BD . -42.60 5.84 -25.60
NA BCL BD . -40.28 9.02 -28.84
C1A BCL BD . -39.51 8.18 -29.47
C2A BCL BD . -38.71 8.80 -30.56
C3A BCL BD . -38.82 10.26 -30.21
C4A BCL BD . -39.92 10.25 -29.22
CMA BCL BD . -37.54 10.79 -29.59
CAA BCL BD . -39.32 8.51 -31.93
CBA BCL BD . -38.27 8.09 -32.95
CGA BCL BD . -37.39 9.23 -33.39
O1A BCL BD . -36.22 9.28 -33.07
O2A BCL BD . -37.93 10.31 -34.20
NB BCL BD . -42.20 10.63 -27.35
C1B BCL BD . -41.60 11.65 -27.97
C2B BCL BD . -42.13 13.01 -27.70
C3B BCL BD . -43.26 12.70 -26.79
C4B BCL BD . -43.20 11.22 -26.68
CMB BCL BD . -41.59 14.29 -28.29
CAB BCL BD . -44.28 13.62 -26.15
OBB BCL BD . -45.32 13.17 -25.71
CBB BCL BD . -44.07 15.10 -26.03
NC BCL BD . -43.09 8.23 -26.10
C1C BCL BD . -43.97 9.11 -25.58
C2C BCL BD . -44.87 8.54 -24.56
C3C BCL BD . -44.39 7.12 -24.47
C4C BCL BD . -43.29 7.12 -25.48
CMC BCL BD . -44.74 9.26 -23.23
CAC BCL BD . -45.43 6.09 -24.87
CBC BCL BD . -46.18 5.55 -23.67
ND BCL BD . -41.15 6.69 -27.27
C1D BCL BD . -41.54 5.64 -26.56
C2D BCL BD . -40.78 4.39 -26.83
C3D BCL BD . -39.87 4.89 -27.87
C4D BCL BD . -40.18 6.18 -28.09
CMD BCL BD . -40.75 2.98 -26.31
CAD BCL BD . -38.75 4.47 -28.74
OBD BCL BD . -38.23 3.32 -28.85
CBD BCL BD . -38.44 5.64 -29.63
CGD BCL BD . -37.02 5.72 -30.10
O1D BCL BD . -36.78 5.36 -31.23
O2D BCL BD . -35.84 6.15 -29.43
CED BCL BD . -34.76 6.03 -30.36
C1 BCL BD . -37.55 11.67 -33.94
C2 BCL BD . -37.40 12.40 -35.26
C3 BCL BD . -38.35 13.20 -35.75
C4 BCL BD . -38.13 13.88 -37.07
C5 BCL BD . -39.63 13.46 -34.99
C6 BCL BD . -40.83 12.86 -35.73
C7 BCL BD . -41.86 12.37 -34.73
C8 BCL BD . -41.46 10.99 -34.21
C9 BCL BD . -41.34 10.04 -35.37
C10 BCL BD . -42.45 10.47 -33.18
C11 BCL BD . -42.50 11.46 -32.04
C12 BCL BD . -43.58 11.07 -31.06
C13 BCL BD . -44.69 12.10 -31.05
C14 BCL BD . -44.12 13.50 -31.19
C15 BCL BD . -45.46 11.98 -29.75
C16 BCL BD . -46.17 13.29 -29.46
C17 BCL BD . -47.39 13.02 -28.60
C18 BCL BD . -48.41 14.14 -28.72
C19 BCL BD . -47.85 15.42 -28.11
C20 BCL BD . -49.73 13.75 -28.07
CHA HEM CD . -34.97 14.25 37.58
CHB HEM CD . -34.67 13.31 42.30
CHC HEM CD . -33.49 8.79 41.26
CHD HEM CD . -33.55 9.81 36.56
C1A HEM CD . -35.01 14.40 38.96
C2A HEM CD . -35.41 15.61 39.66
C3A HEM CD . -35.41 15.30 41.01
C4A HEM CD . -34.92 13.98 41.13
CMA HEM CD . -35.84 16.19 42.13
CAA HEM CD . -35.73 16.93 39.02
CBA HEM CD . -34.50 17.81 38.96
CGA HEM CD . -34.76 19.20 38.44
O1A HEM CD . -35.03 19.35 37.24
O2A HEM CD . -34.67 20.13 39.26
C1B HEM CD . -34.56 11.95 42.36
C2B HEM CD . -34.92 11.15 43.49
C3B HEM CD . -34.81 9.84 43.07
C4B HEM CD . -34.10 9.86 41.85
CMB HEM CD . -35.31 11.69 44.83
CAB HEM CD . -35.21 8.50 43.53
CBB HEM CD . -35.46 7.99 44.72
C1C HEM CD . -33.42 8.65 39.92
C2C HEM CD . -33.20 7.40 39.22
C3C HEM CD . -33.32 7.68 37.86
C4C HEM CD . -33.54 9.11 37.75
CMC HEM CD . -32.85 6.11 39.91
CAC HEM CD . -33.16 6.83 36.68
CBC HEM CD . -32.22 5.99 36.33
C1D HEM CD . -33.73 11.18 36.42
C2D HEM CD . -33.74 11.90 35.19
C3D HEM CD . -34.30 13.11 35.44
C4D HEM CD . -34.44 13.20 36.88
CMD HEM CD . -33.23 11.40 33.86
CAD HEM CD . -34.73 14.17 34.46
CBD HEM CD . -33.65 15.18 34.13
CGD HEM CD . -34.01 16.62 34.47
O1D HEM CD . -33.77 17.51 33.63
O2D HEM CD . -34.55 16.83 35.57
NA HEM CD . -34.66 13.43 39.89
NB HEM CD . -34.15 11.13 41.31
NC HEM CD . -33.57 9.69 39.02
ND HEM CD . -33.98 12.02 37.46
FE HEM CD . -33.84 11.68 39.37
CHA HEM DD . -27.29 -6.61 17.92
CHB HEM DD . -23.19 -5.30 15.73
CHC HEM DD . -21.34 -4.18 20.06
CHD HEM DD . -25.11 -6.31 22.20
C1A HEM DD . -26.33 -6.37 16.93
C2A HEM DD . -26.54 -6.52 15.52
C3A HEM DD . -25.39 -6.07 14.89
C4A HEM DD . -24.47 -5.74 15.91
CMA HEM DD . -25.15 -5.96 13.42
CAA HEM DD . -27.76 -7.10 14.86
CBA HEM DD . -27.56 -8.55 14.45
CGA HEM DD . -28.78 -9.27 13.94
O1A HEM DD . -29.05 -9.20 12.74
O2A HEM DD . -29.45 -9.92 14.78
C1B HEM DD . -22.37 -4.82 16.72
C2B HEM DD . -21.17 -4.07 16.49
C3B HEM DD . -20.80 -3.56 17.70
C4B HEM DD . -21.56 -4.25 18.69
CMB HEM DD . -20.53 -3.87 15.15
CAB HEM DD . -19.82 -2.48 17.57
CBB HEM DD . -19.34 -1.56 18.31
C1C HEM DD . -22.20 -4.62 21.02
C2C HEM DD . -22.03 -4.47 22.43
C3C HEM DD . -23.12 -5.03 23.04
C4C HEM DD . -23.93 -5.60 22.00
CMC HEM DD . -20.86 -3.81 23.09
CAC HEM DD . -23.04 -4.81 24.50
CBC HEM DD . -23.73 -5.06 25.52
C1D HEM DD . -26.07 -6.54 21.23
C2D HEM DD . -27.44 -6.94 21.47
C3D HEM DD . -28.03 -7.09 20.26
C4D HEM DD . -27.06 -6.70 19.27
CMD HEM DD . -28.06 -7.18 22.82
CAD HEM DD . -29.42 -7.59 19.96
CBD HEM DD . -30.46 -6.51 19.79
CGD HEM DD . -31.76 -7.03 19.19
O1D HEM DD . -31.69 -7.86 18.29
O2D HEM DD . -32.83 -6.57 19.66
NA HEM DD . -25.02 -5.97 17.16
NB HEM DD . -22.60 -4.93 18.09
NC HEM DD . -23.37 -5.32 20.75
ND HEM DD . -25.85 -6.39 19.89
FE HEM DD . -24.21 -5.86 19.00
CHA HEM ED . -25.00 -4.57 34.38
CHB HEM ED . -25.19 -3.29 29.76
CHC HEM ED . -28.58 -0.05 30.89
CHD HEM ED . -27.66 -0.77 35.56
C1A HEM ED . -24.85 -4.58 33.00
C2A HEM ED . -24.14 -5.59 32.26
C3A HEM ED . -24.27 -5.26 30.93
C4A HEM ED . -24.94 -4.03 30.88
CMA HEM ED . -23.76 -6.06 29.76
CAA HEM ED . -23.41 -6.77 32.84
CBA HEM ED . -21.95 -6.48 33.11
CGA HEM ED . -21.18 -7.72 33.46
O1A HEM ED . -20.00 -7.61 33.79
O2A HEM ED . -21.78 -8.81 33.39
C1B HEM ED . -26.20 -2.37 29.68
C2B HEM ED . -26.82 -1.96 28.48
C3B HEM ED . -28.00 -1.41 28.87
C4B HEM ED . -27.84 -1.03 30.23
CMB HEM ED . -26.22 -2.11 27.12
CAB HEM ED . -29.27 -1.31 28.13
CBB HEM ED . -29.55 -1.44 26.84
C1C HEM ED . -28.48 0.19 32.24
C2C HEM ED . -29.16 1.22 32.97
C3C HEM ED . -28.98 0.94 34.31
C4C HEM ED . -28.08 -0.17 34.38
CMC HEM ED . -29.92 2.36 32.35
CAC HEM ED . -29.47 1.48 35.59
CBC HEM ED . -30.53 2.14 35.93
C1D HEM ED . -26.82 -1.87 35.66
C2D HEM ED . -26.39 -2.47 36.91
C3D HEM ED . -25.55 -3.49 36.57
C4D HEM ED . -25.57 -3.58 35.13
CMD HEM ED . -26.76 -2.01 38.29
CAD HEM ED . -24.69 -4.33 37.48
CBD HEM ED . -25.27 -5.69 37.75
CGD HEM ED . -24.28 -6.82 37.95
O1D HEM ED . -23.49 -7.07 37.02
O2D HEM ED . -24.32 -7.44 39.02
NA HEM ED . -25.34 -3.63 32.13
NB HEM ED . -26.82 -1.77 30.77
NC HEM ED . -27.71 -0.58 33.10
ND HEM ED . -26.26 -2.50 34.60
FE HEM ED . -26.38 -2.01 32.73
C MW9 FD . -8.47 -22.78 -5.78
O MW9 FD . -13.66 -23.25 -0.66
C1 MW9 FD . -7.54 -23.43 -4.79
C10 MW9 FD . -7.32 -19.75 -3.04
C11 MW9 FD . -8.82 -19.82 -2.75
C12 MW9 FD . -9.71 -19.60 -3.96
C13 MW9 FD . -11.12 -19.12 -3.64
C14 MW9 FD . -11.70 -19.70 -2.37
C15 MW9 FD . -12.59 -20.93 -2.56
C16 MW9 FD . -13.68 -21.01 -1.50
C17 MW9 FD . -14.20 -22.41 -1.31
C18 MW9 FD . -15.96 -23.90 -1.81
C19 MW9 FD . -16.43 -24.33 -3.17
C2 MW9 FD . -6.15 -23.61 -5.34
C20 MW9 FD . -17.89 -24.65 -3.16
C21 MW9 FD . -21.37 -27.16 -5.11
C22 MW9 FD . -21.57 -28.60 -4.69
C23 MW9 FD . -22.58 -29.33 -5.53
C24 MW9 FD . -14.69 -25.37 -4.45
C25 MW9 FD . -13.89 -26.63 -4.61
C26 MW9 FD . -12.46 -26.45 -4.11
C27 MW9 FD . -11.44 -27.13 -4.99
C28 MW9 FD . -11.31 -26.55 -6.38
C29 MW9 FD . -9.88 -26.35 -6.86
C3 MW9 FD . -5.16 -24.19 -4.33
C30 MW9 FD . -9.72 -26.37 -8.37
C31 MW9 FD . -8.73 -25.32 -8.90
C32 MW9 FD . -8.13 -25.71 -10.22
C33 MW9 FD . -7.46 -24.93 -11.03
C34 MW9 FD . -7.16 -23.48 -10.82
C35 MW9 FD . -5.71 -23.12 -11.12
C36 MW9 FD . -5.02 -24.07 -12.08
C37 MW9 FD . -3.79 -23.48 -12.75
C38 MW9 FD . -2.73 -24.51 -13.13
C39 MW9 FD . -2.79 -24.98 -14.57
C4 MW9 FD . -4.33 -23.13 -3.60
C40 MW9 FD . -1.47 -25.43 -15.15
C41 MW9 FD . -1.47 -25.46 -16.66
C5 MW9 FD . -4.40 -23.21 -2.09
C6 MW9 FD . -4.02 -21.90 -1.41
C7 MW9 FD . -4.43 -20.69 -2.23
C8 MW9 FD . -5.33 -19.79 -1.48
C9 MW9 FD . -6.54 -19.40 -1.82
O1 MW9 FD . -15.36 -22.59 -1.93
O2 MW9 FD . -18.08 -26.00 -3.62
O3 MW9 FD . -18.89 -24.94 -5.66
O4 MW9 FD . -18.29 -27.41 -5.67
O5 MW9 FD . -20.29 -26.57 -4.35
O6 MW9 FD . -23.35 -30.24 -4.77
O7 MW9 FD . -21.94 -28.65 -3.32
O8 MW9 FD . -15.64 -25.51 -3.53
O9 MW9 FD . -14.48 -24.35 -5.05
P MW9 FD . -18.86 -26.24 -4.98
C MW9 GD . -8.24 -20.20 -8.92
O MW9 GD . 6.64 -23.09 -15.10
C1 MW9 GD . -6.85 -19.63 -8.86
C10 MW9 GD . 0.95 -18.75 -9.21
C11 MW9 GD . 1.65 -19.44 -10.37
C12 MW9 GD . 2.78 -20.35 -9.94
C13 MW9 GD . 3.84 -20.60 -11.00
C14 MW9 GD . 3.32 -21.31 -12.24
C15 MW9 GD . 4.17 -22.48 -12.68
C16 MW9 GD . 5.49 -22.04 -13.29
C17 MW9 GD . 6.21 -23.15 -13.99
C18 MW9 GD . 7.05 -25.39 -13.64
C19 MW9 GD . 8.37 -25.30 -12.95
C2 MW9 GD . -6.14 -19.99 -7.57
C20 MW9 GD . 9.35 -26.35 -13.43
C21 MW9 GD . 8.30 -25.30 -17.17
C22 MW9 GD . 8.74 -25.19 -18.61
C23 MW9 GD . 8.85 -26.52 -19.31
C24 MW9 GD . 8.62 -24.84 -10.59
C25 MW9 GD . 7.85 -24.87 -9.31
C26 MW9 GD . 6.62 -23.97 -9.36
C27 MW9 GD . 5.96 -23.81 -8.02
C28 MW9 GD . 4.66 -23.01 -8.05
C29 MW9 GD . 3.69 -23.38 -6.93
C3 MW9 GD . -4.95 -19.10 -7.27
C30 MW9 GD . 2.76 -22.26 -6.51
C31 MW9 GD . 1.54 -22.75 -5.73
C32 MW9 GD . 1.10 -21.76 -4.70
C33 MW9 GD . 0.48 -22.01 -3.56
C34 MW9 GD . 0.00 -23.32 -3.05
C35 MW9 GD . 1.09 -24.14 -2.38
C36 MW9 GD . 0.62 -25.40 -1.67
C37 MW9 GD . -0.01 -26.47 -2.55
C38 MW9 GD . 0.92 -27.10 -3.59
C39 MW9 GD . 0.75 -26.63 -5.02
C4 MW9 GD . -4.07 -19.64 -6.15
C40 MW9 GD . -0.11 -27.54 -5.90
C41 MW9 GD . -1.57 -27.57 -5.51
C5 MW9 GD . -2.87 -18.78 -5.80
C6 MW9 GD . -1.72 -18.86 -6.80
C7 MW9 GD . -1.26 -17.53 -7.39
C8 MW9 GD . -1.24 -17.58 -8.87
C9 MW9 GD . -0.30 -18.07 -9.64
O1 MW9 GD . 6.32 -24.22 -13.19
O2 MW9 GD . 10.47 -25.76 -14.13
O3 MW9 GD . 9.86 -23.63 -15.34
O4 MW9 GD . 11.72 -25.08 -16.22
O5 MW9 GD . 9.37 -25.86 -16.37
O6 MW9 GD . 10.10 -26.63 -19.95
O7 MW9 GD . 10.00 -24.53 -18.68
O8 MW9 GD . 7.96 -25.46 -11.57
O9 MW9 GD . 9.72 -24.37 -10.71
P MW9 GD . 10.41 -24.98 -15.55
C MW9 HD . -2.07 -26.82 -9.34
O MW9 HD . 9.22 -31.33 -11.14
C1 MW9 HD . -3.39 -26.12 -9.13
C10 MW9 HD . 1.75 -25.97 -12.11
C11 MW9 HD . 2.89 -26.77 -12.74
C12 MW9 HD . 3.40 -27.92 -11.89
C13 MW9 HD . 4.91 -27.95 -11.68
C14 MW9 HD . 5.61 -29.18 -12.26
C15 MW9 HD . 6.97 -29.46 -11.65
C16 MW9 HD . 7.97 -29.97 -12.67
C17 MW9 HD . 9.21 -30.56 -12.05
C18 MW9 HD . 11.56 -30.61 -12.17
C19 MW9 HD . 12.42 -29.44 -11.79
C2 MW9 HD . -3.48 -25.31 -7.84
C20 MW9 HD . 13.84 -29.62 -12.26
C21 MW9 HD . 13.12 -29.56 -15.86
C22 MW9 HD . 12.06 -28.52 -15.97
C23 MW9 HD . 10.70 -29.11 -15.71
C24 MW9 HD . 11.41 -28.63 -9.79
C25 MW9 HD . 11.26 -28.89 -8.32
C26 MW9 HD . 9.81 -29.09 -7.93
C27 MW9 HD . 9.30 -28.00 -7.02
C28 MW9 HD . 7.91 -28.27 -6.46
C29 MW9 HD . 7.79 -28.01 -4.97
C3 MW9 HD . -2.35 -24.31 -7.63
C30 MW9 HD . 7.06 -26.74 -4.59
C31 MW9 HD . 6.53 -26.73 -3.16
C32 MW9 HD . 7.38 -25.90 -2.25
C33 MW9 HD . 7.19 -25.73 -0.95
C34 MW9 HD . 6.12 -26.36 -0.13
C35 MW9 HD . 6.68 -27.28 0.96
C36 MW9 HD . 7.75 -26.63 1.81
C37 MW9 HD . 9.03 -27.44 1.88
C38 MW9 HD . 10.22 -26.68 1.33
C39 MW9 HD . 11.13 -27.51 0.43
C4 MW9 HD . -2.60 -22.93 -8.24
C40 MW9 HD . 12.44 -27.87 1.07
C41 MW9 HD . 13.61 -27.79 0.11
C5 MW9 HD . -1.73 -22.65 -9.47
C6 MW9 HD . -0.26 -22.98 -9.27
C7 MW9 HD . 0.37 -23.75 -10.43
C8 MW9 HD . 1.44 -24.68 -9.96
C9 MW9 HD . 2.03 -25.62 -10.68
O1 MW9 HD . 10.30 -30.11 -12.65
O2 MW9 HD . 14.04 -28.76 -13.40
O3 MW9 HD . 15.98 -27.59 -14.54
O4 MW9 HD . 16.03 -30.11 -14.31
O5 MW9 HD . 14.41 -28.92 -15.81
O6 MW9 HD . 10.75 -30.54 -15.74
O7 MW9 HD . 12.11 -27.90 -17.26
O8 MW9 HD . 12.34 -29.44 -10.33
O9 MW9 HD . 10.81 -27.79 -10.39
P MW9 HD . 15.24 -28.86 -14.46
C MW9 ID . 13.07 -7.55 10.97
O MW9 ID . 25.49 -8.72 3.16
C1 MW9 ID . 13.58 -7.67 9.55
C10 MW9 ID . 19.40 -7.27 2.99
C11 MW9 ID . 20.14 -6.28 2.11
C12 MW9 ID . 21.60 -6.63 1.82
C13 MW9 ID . 22.57 -5.53 2.21
C14 MW9 ID . 23.94 -5.64 1.55
C15 MW9 ID . 24.41 -7.05 1.25
C16 MW9 ID . 25.92 -7.21 1.37
C17 MW9 ID . 26.27 -8.28 2.35
C18 MW9 ID . 28.39 -8.04 1.27
C19 MW9 ID . 29.79 -8.07 1.85
C2 MW9 ID . 14.51 -8.84 9.37
C20 MW9 ID . 29.80 -7.64 3.29
C21 MW9 ID . 28.58 -10.73 5.48
C22 MW9 ID . 29.13 -12.01 6.05
C23 MW9 ID . 28.17 -12.67 7.03
C24 MW9 ID . 31.90 -7.30 1.00
C25 MW9 ID . 32.54 -6.26 0.12
C26 MW9 ID . 31.73 -4.98 0.01
C27 MW9 ID . 30.87 -4.91 -1.24
C28 MW9 ID . 29.44 -4.51 -0.97
C29 MW9 ID . 29.03 -3.19 -1.60
C3 MW9 ID . 15.32 -8.82 8.07
C30 MW9 ID . 27.58 -3.16 -2.03
C31 MW9 ID . 26.83 -1.94 -1.54
C32 MW9 ID . 25.51 -2.27 -0.93
C33 MW9 ID . 25.01 -1.71 0.14
C34 MW9 ID . 23.66 -1.99 0.73
C35 MW9 ID . 22.64 -2.37 -0.32
C36 MW9 ID . 21.30 -1.68 -0.16
C37 MW9 ID . 20.22 -2.29 -1.03
C38 MW9 ID . 19.60 -1.34 -2.03
C39 MW9 ID . 18.75 -0.26 -1.38
C4 MW9 ID . 16.49 -9.77 8.06
C40 MW9 ID . 17.39 -0.12 -2.02
C41 MW9 ID . 16.53 0.93 -1.37
C5 MW9 ID . 16.92 -10.21 6.67
C6 MW9 ID . 18.37 -9.91 6.32
C7 MW9 ID . 18.60 -9.61 4.84
C8 MW9 ID . 19.97 -9.15 4.55
C9 MW9 ID . 20.32 -8.15 3.77
O1 MW9 ID . 27.53 -8.69 2.23
O2 MW9 ID . 29.92 -8.81 4.12
O3 MW9 ID . 29.73 -7.23 6.03
O4 MW9 ID . 31.50 -9.07 6.06
O5 MW9 ID . 29.05 -9.61 6.25
O6 MW9 ID . 26.94 -11.97 7.09
O7 MW9 ID . 30.37 -11.75 6.70
O8 MW9 ID . 30.59 -7.10 1.11
O9 MW9 ID . 32.49 -8.22 1.52
P MW9 ID . 30.15 -8.61 5.68
MG BCL JD . -7.42 -3.67 6.62
CHA BCL JD . -4.47 -5.00 7.56
CHB BCL JD . -6.25 -3.37 3.58
CHC BCL JD . -10.61 -3.60 5.57
CHD BCL JD . -8.73 -4.89 9.71
NA BCL JD . -5.58 -3.97 5.75
C1A BCL JD . -4.47 -4.48 6.28
C2A BCL JD . -3.30 -4.38 5.29
C3A BCL JD . -3.85 -3.54 4.15
C4A BCL JD . -5.31 -3.62 4.51
CMA BCL JD . -3.44 -2.07 4.25
CAA BCL JD . -2.69 -5.69 4.79
CBA BCL JD . -1.22 -5.81 5.17
CGA BCL JD . -0.38 -6.48 4.15
O1A BCL JD . -0.77 -6.84 3.08
O2A BCL JD . 0.87 -6.65 4.57
NB BCL JD . -8.33 -3.35 4.81
C1B BCL JD . -7.65 -3.18 3.65
C2B BCL JD . -8.55 -2.81 2.65
C3B BCL JD . -9.87 -2.84 3.21
C4B BCL JD . -9.69 -3.26 4.56
CMB BCL JD . -8.19 -2.46 1.23
CAB BCL JD . -11.15 -2.55 2.52
OBB BCL JD . -11.21 -2.48 1.30
CBB BCL JD . -12.42 -2.34 3.28
NC BCL JD . -9.27 -4.01 7.56
C1C BCL JD . -10.43 -3.81 6.90
C2C BCL JD . -11.62 -3.88 7.82
C3C BCL JD . -11.04 -4.31 9.16
C4C BCL JD . -9.59 -4.42 8.78
CMC BCL JD . -12.32 -2.52 7.88
CAC BCL JD . -11.63 -5.69 9.47
CBC BCL JD . -12.95 -5.64 10.20
ND BCL JD . -6.76 -4.59 8.33
C1D BCL JD . -7.39 -5.00 9.48
C2D BCL JD . -6.47 -5.54 10.39
C3D BCL JD . -5.32 -5.59 9.65
C4D BCL JD . -5.50 -4.87 8.44
CMD BCL JD . -6.69 -5.96 11.81
CAD BCL JD . -3.98 -6.13 9.65
OBD BCL JD . -3.38 -6.72 10.53
CBD BCL JD . -3.36 -5.80 8.26
CGD BCL JD . -2.01 -5.14 8.47
O1D BCL JD . -1.84 -3.95 8.52
O2D BCL JD . -1.04 -6.03 8.57
CED BCL JD . 0.24 -5.54 9.03
C1 BCL JD . 1.66 -7.57 3.76
C2 BCL JD . 2.76 -8.26 4.50
C3 BCL JD . 2.72 -9.50 4.95
C4 BCL JD . 2.28 -9.89 6.32
C5 BCL JD . 3.17 -10.65 4.08
C6 BCL JD . 4.16 -11.60 4.76
C7 BCL JD . 5.08 -12.34 3.81
C8 BCL JD . 5.99 -13.40 4.42
C9 BCL JD . 7.27 -12.79 4.99
C10 BCL JD . 6.32 -14.50 3.41
C11 BCL JD . 5.39 -15.69 3.43
C12 BCL JD . 6.02 -16.93 2.81
C13 BCL JD . 5.15 -18.18 2.67
C14 BCL JD . 4.95 -18.87 4.01
C15 BCL JD . 5.77 -19.11 1.65
C16 BCL JD . 4.81 -20.06 0.96
C17 BCL JD . 5.23 -20.40 -0.45
C18 BCL JD . 5.37 -21.86 -0.73
C19 BCL JD . 5.55 -22.15 -2.21
C20 BCL JD . 4.18 -22.61 -0.19
C1 U10 KD . 4.72 4.51 -17.39
C2 U10 KD . 5.82 3.65 -17.88
C3 U10 KD . 6.99 4.28 -18.54
C4 U10 KD . 7.04 5.61 -18.68
C5 U10 KD . 5.95 6.47 -18.19
C6 U10 KD . 4.80 5.86 -17.54
C1M U10 KD . 3.56 3.82 -16.75
C3M U10 KD . 7.78 2.80 -20.24
C4M U10 KD . 7.98 6.43 -20.73
C7 U10 KD . 3.73 6.82 -17.10
C8 U10 KD . 3.67 7.07 -15.62
C9 U10 KD . 3.55 8.25 -15.02
C10 U10 KD . 3.55 9.56 -15.77
C11 U10 KD . 3.39 8.36 -13.53
C12 U10 KD . 2.45 7.28 -12.96
C13 U10 KD . 2.50 7.24 -11.46
C14 U10 KD . 1.51 7.01 -10.61
C15 U10 KD . 0.10 6.70 -11.05
C16 U10 KD . 1.73 7.06 -9.12
C17 U10 KD . 2.60 8.25 -8.68
C18 U10 KD . 2.39 8.57 -7.24
C19 U10 KD . 1.55 9.45 -6.70
C20 U10 KD . 0.66 10.35 -7.52
C21 U10 KD . 1.40 9.59 -5.21
C22 U10 KD . 0.06 9.05 -4.71
C23 U10 KD . -0.02 9.04 -3.21
C24 U10 KD . -0.95 9.60 -2.44
C25 U10 KD . -2.11 10.38 -2.98
C26 U10 KD . -0.90 9.47 -0.94
C27 U10 KD . 0.00 10.53 -0.28
C28 U10 KD . 1.39 10.03 -0.07
C29 U10 KD . 2.48 10.32 -0.77
C30 U10 KD . 2.49 11.24 -1.96
C31 U10 KD . 3.82 9.71 -0.43
O2 U10 KD . 5.76 2.44 -17.75
O3 U10 KD . 7.97 3.44 -18.96
O4 U10 KD . 8.07 6.26 -19.30
O5 U10 KD . 6.02 7.69 -18.33
O1D BPH LD . -6.06 8.22 -16.97
CGD BPH LD . -5.87 7.19 -16.39
O2D BPH LD . -4.75 6.91 -15.73
CED BPH LD . -3.71 7.91 -15.75
CBD BPH LD . -6.86 6.04 -16.30
CHA BPH LD . -7.21 5.63 -14.87
C4D BPH LD . -6.88 4.32 -14.65
C3D BPH LD . -6.33 3.73 -15.83
CAD BPH LD . -6.30 4.75 -16.87
OBD BPH LD . -5.92 4.64 -18.01
C2D BPH LD . -6.03 2.41 -15.51
CMD BPH LD . -5.41 1.36 -16.38
C1D BPH LD . -6.41 2.20 -14.12
ND BPH LD . -6.91 3.38 -13.67
CHD BPH LD . -6.28 1.06 -13.36
C4C BPH LD . -6.81 0.84 -12.09
C3C BPH LD . -6.61 -0.41 -11.28
CAC BPH LD . -7.39 -1.63 -11.80
CBC BPH LD . -6.80 -2.27 -13.06
C2C BPH LD . -7.16 0.02 -9.87
CMC BPH LD . -6.11 0.00 -8.76
C1C BPH LD . -7.73 1.41 -10.12
NC BPH LD . -7.53 1.75 -11.45
CHC BPH LD . -8.37 2.11 -9.13
C4B BPH LD . -8.58 3.50 -9.02
C3B BPH LD . -8.98 4.17 -7.89
CAB BPH LD . -9.26 3.59 -6.55
CBB BPH LD . -10.48 3.96 -5.79
OBB BPH LD . -8.46 2.82 -6.05
C2B BPH LD . -9.10 5.56 -8.24
CMB BPH LD . -9.46 6.69 -7.32
C1B BPH LD . -8.77 5.66 -9.61
NB BPH LD . -8.46 4.40 -10.05
CHB BPH LD . -8.80 6.83 -10.41
C4A BPH LD . -8.40 6.92 -11.72
C3A BPH LD . -8.20 8.28 -12.39
CMA BPH LD . -6.93 9.00 -11.94
C2A BPH LD . -8.17 7.90 -13.90
C1A BPH LD . -7.82 6.44 -13.84
NA BPH LD . -8.13 5.93 -12.64
CAA BPH LD . -9.49 8.14 -14.61
CBA BPH LD . -9.64 9.57 -15.13
CGA BPH LD . -11.05 9.97 -15.41
O1A BPH LD . -11.90 9.27 -15.89
O2A BPH LD . -11.24 11.24 -15.08
C1 BPH LD . -12.55 11.85 -15.28
C2 BPH LD . -12.26 13.26 -14.89
C3 BPH LD . -12.93 14.13 -14.16
C4 BPH LD . -13.60 13.83 -12.86
C5 BPH LD . -13.03 15.58 -14.61
C6 BPH LD . -12.05 16.49 -13.89
C7 BPH LD . -12.62 17.16 -12.63
C8 BPH LD . -11.75 17.13 -11.37
C9 BPH LD . -12.60 16.88 -10.14
C10 BPH LD . -10.90 18.41 -11.21
C11 BPH LD . -9.99 18.87 -12.35
C12 BPH LD . -8.88 17.91 -12.76
C13 BPH LD . -7.52 18.10 -12.07
C14 BPH LD . -6.37 17.62 -12.94
C15 BPH LD . -7.49 17.44 -10.68
C16 BPH LD . -7.31 18.40 -9.50
C17 BPH LD . -5.87 18.84 -9.27
C18 BPH LD . -5.62 20.36 -9.17
C19 BPH LD . -4.25 20.63 -8.59
C20 BPH LD . -5.77 21.06 -10.51
MG BCL MD . -3.32 -14.27 4.51
CHA BCL MD . -5.52 -14.57 2.01
CHB BCL MD . -1.46 -16.56 3.07
CHC BCL MD . -0.89 -13.40 6.68
CHD BCL MD . -5.00 -11.29 5.45
NA BCL MD . -3.54 -15.48 2.88
C1A BCL MD . -4.49 -15.49 1.95
C2A BCL MD . -4.28 -16.67 0.95
C3A BCL MD . -3.23 -17.51 1.64
C4A BCL MD . -2.72 -16.45 2.58
CMA BCL MD . -3.79 -18.66 2.48
CAA BCL MD . -3.87 -16.37 -0.49
CBA BCL MD . -3.54 -14.92 -0.86
CGA BCL MD . -2.07 -14.65 -0.91
O1A BCL MD . -1.35 -14.65 0.03
O2A BCL MD . -1.66 -14.38 -2.15
NB BCL MD . -1.39 -14.90 4.83
C1B BCL MD . -0.80 -15.91 4.13
C2B BCL MD . 0.48 -16.12 4.65
C3B BCL MD . 0.72 -15.14 5.66
C4B BCL MD . -0.50 -14.43 5.79
CMB BCL MD . 1.43 -17.20 4.20
CAB BCL MD . 1.99 -14.91 6.41
OBB BCL MD . 2.76 -15.83 6.62
CBB BCL MD . 2.35 -13.55 6.92
NC BCL MD . -3.03 -12.62 5.79
C1C BCL MD . -1.96 -12.57 6.61
C2C BCL MD . -2.04 -11.40 7.55
C3C BCL MD . -3.17 -10.53 6.99
C4C BCL MD . -3.77 -11.53 6.01
CMC BCL MD . -2.27 -11.88 8.99
CAC BCL MD . -2.48 -9.30 6.35
CBC BCL MD . -1.68 -9.63 5.10
ND BCL MD . -4.90 -13.12 3.89
C1D BCL MD . -5.52 -12.02 4.43
C2D BCL MD . -6.75 -11.81 3.79
C3D BCL MD . -6.79 -12.80 2.85
C4D BCL MD . -5.53 -13.45 2.82
CMD BCL MD . -7.79 -10.77 4.11
CAD BCL MD . -7.65 -13.42 1.86
OBD BCL MD . -8.81 -13.18 1.56
CBD BCL MD . -6.82 -14.54 1.20
CGD BCL MD . -7.64 -15.82 1.05
O1D BCL MD . -8.03 -16.51 1.95
O2D BCL MD . -7.88 -16.07 -0.22
CED BCL MD . -8.25 -17.43 -0.54
C1 BCL MD . -0.62 -13.37 -2.25
C2 BCL MD . 0.68 -13.74 -2.88
C3 BCL MD . 0.85 -14.56 -3.91
C4 BCL MD . 0.02 -14.52 -5.17
C5 BCL MD . 1.95 -15.60 -3.90
C6 BCL MD . 1.43 -17.03 -3.83
C7 BCL MD . 1.39 -17.58 -2.41
C8 BCL MD . 0.38 -18.71 -2.16
C9 BCL MD . -0.92 -18.46 -2.92
C10 BCL MD . 0.12 -18.89 -0.68
C11 BCL MD . 0.42 -20.27 -0.11
C12 BCL MD . 0.21 -20.35 1.40
C13 BCL MD . 0.19 -21.75 2.00
C14 BCL MD . -1.11 -22.48 1.68
C15 BCL MD . 0.45 -21.71 3.51
C16 BCL MD . 1.82 -22.17 3.98
C17 BCL MD . 2.31 -23.42 3.28
C18 BCL MD . 3.22 -24.32 4.09
C19 BCL MD . 4.24 -25.04 3.23
C20 BCL MD . 2.44 -25.30 4.93
C1 U10 ND . -6.41 11.20 -1.53
C2 U10 ND . -6.90 12.31 -2.36
C3 U10 ND . -7.87 13.28 -1.78
C4 U10 ND . -8.33 13.08 -0.37
C5 U10 ND . -7.82 11.97 0.47
C6 U10 ND . -6.83 11.01 -0.14
C1M U10 ND . -5.43 10.21 -2.08
C3M U10 ND . -7.54 15.46 -2.79
C4M U10 ND . -8.76 15.13 0.86
C7 U10 ND . -6.17 9.80 0.48
C8 U10 ND . -6.02 9.81 1.97
C9 U10 ND . -4.89 9.60 2.63
C10 U10 ND . -3.59 9.36 1.93
C11 U10 ND . -4.98 9.63 4.12
C12 U10 ND . -5.51 10.97 4.65
C13 U10 ND . -5.50 10.88 6.16
C14 U10 ND . -4.54 11.46 6.88
C15 U10 ND . -3.44 12.23 6.20
C16 U10 ND . -4.55 11.35 8.38
C17 U10 ND . -3.22 11.85 8.94
C18 U10 ND . -3.49 12.92 9.98
C19 U10 ND . -2.78 14.06 9.99
C20 U10 ND . -1.70 14.28 8.97
C21 U10 ND . -3.06 15.12 11.02
C22 U10 ND . -1.79 15.87 11.40
C23 U10 ND . -1.23 15.28 12.67
C24 U10 ND . 0.08 15.03 12.76
C25 U10 ND . 1.01 15.34 11.63
C26 U10 ND . 0.65 14.45 14.02
C27 U10 ND . 1.44 13.19 13.69
C28 U10 ND . 1.25 12.19 14.80
C29 U10 ND . 2.23 11.93 15.68
C30 U10 ND . 3.56 12.62 15.58
C31 U10 ND . 2.00 10.92 16.77
O2 U10 ND . -6.49 12.42 -3.54
O3 U10 ND . -8.34 14.31 -2.54
O4 U10 ND . -9.22 13.96 0.19
O5 U10 ND . -8.25 11.87 1.63
FE FE OD . 9.51 -3.02 -16.78
MG BCL PD . -12.46 4.63 -2.09
CHA BCL PD . -9.99 5.48 0.10
CHB BCL PD . -11.92 7.44 -3.80
CHC BCL PD . -14.55 3.46 -4.46
CHD BCL PD . -12.89 1.57 -0.39
NA BCL PD . -11.27 6.22 -1.86
C1A BCL PD . -10.33 6.42 -1.00
C2A BCL PD . -9.66 7.75 -1.17
C3A BCL PD . -10.67 8.48 -1.99
C4A BCL PD . -11.36 7.32 -2.61
CMA BCL PD . -11.58 9.32 -1.10
CAA BCL PD . -8.39 7.85 -1.99
CBA BCL PD . -7.40 6.72 -1.88
CGA BCL PD . -7.29 6.13 -3.25
O1A BCL PD . -8.26 5.94 -3.93
O2A BCL PD . -6.00 5.77 -3.77
NB BCL PD . -13.14 5.32 -3.90
C1B BCL PD . -12.84 6.51 -4.44
C2B BCL PD . -13.45 6.82 -5.74
C3B BCL PD . -14.27 5.62 -5.99
C4B BCL PD . -14.01 4.78 -4.77
CMB BCL PD . -13.23 8.09 -6.53
CAB BCL PD . -15.14 5.39 -7.20
OBB BCL PD . -15.48 6.31 -7.93
CBB BCL PD . -15.62 4.03 -7.57
NC BCL PD . -13.60 2.98 -2.33
C1C BCL PD . -14.43 2.76 -3.35
C2C BCL PD . -15.30 1.56 -3.20
C3C BCL PD . -14.79 0.98 -1.91
C4C BCL PD . -13.69 1.95 -1.56
CMC BCL PD . -16.77 1.90 -3.13
CAC BCL PD . -14.30 -0.46 -2.01
CBC BCL PD . -13.37 -0.74 -3.16
ND BCL PD . -11.66 3.60 -0.51
C1D BCL PD . -11.87 2.46 0.14
C2D BCL PD . -10.97 2.27 1.33
C3D BCL PD . -10.24 3.54 1.26
C4D BCL PD . -10.69 4.22 0.22
CMD BCL PD . -10.73 1.23 2.39
CAD BCL PD . -9.17 4.33 1.94
OBD BCL PD . -8.52 3.98 2.98
CBD BCL PD . -9.00 5.61 1.21
CGD BCL PD . -9.34 6.77 2.10
O1D BCL PD . -10.48 7.05 2.40
O2D BCL PD . -8.37 7.65 2.65
CED BCL PD . -8.95 8.73 3.36
C1 BCL PD . -5.97 5.21 -5.05
C2 BCL PD . -5.74 6.30 -6.03
C3 BCL PD . -5.39 5.92 -7.25
C4 BCL PD . -5.28 4.46 -7.48
C5 BCL PD . -5.13 6.96 -8.30
C6 BCL PD . -4.80 8.26 -7.59
C7 BCL PD . -5.52 9.41 -8.29
C8 BCL PD . -6.25 10.31 -7.31
C9 BCL PD . -5.96 9.97 -5.85
C10 BCL PD . -7.74 10.24 -7.55
C11 BCL PD . -8.46 10.63 -6.25
C12 BCL PD . -9.59 11.62 -6.51
C13 BCL PD . -10.22 11.90 -5.18
C14 BCL PD . -9.55 10.92 -4.25
C15 BCL PD . -11.73 11.67 -5.22
C16 BCL PD . -12.53 12.91 -4.84
C17 BCL PD . -12.13 13.46 -3.47
C18 BCL PD . -12.29 14.98 -3.44
C19 BCL PD . -11.42 15.64 -4.51
C20 BCL PD . -11.98 15.56 -2.07
C1 U10 QD . 10.89 -10.68 -12.50
C2 U10 QD . 11.66 -9.71 -13.31
C3 U10 QD . 12.53 -10.14 -14.44
C4 U10 QD . 12.63 -11.60 -14.75
C5 U10 QD . 11.86 -12.55 -13.93
C6 U10 QD . 10.97 -12.14 -12.82
C1M U10 QD . 10.05 -10.12 -11.39
C3M U10 QD . 12.67 -8.39 -16.18
C4M U10 QD . 13.56 -11.73 -17.08
C7 U10 QD . 10.24 -13.24 -12.06
C8 U10 QD . 8.74 -13.23 -12.15
C9 U10 QD . 8.00 -14.20 -12.72
C10 U10 QD . 8.64 -15.40 -13.35
C11 U10 QD . 6.50 -14.04 -12.71
C12 U10 QD . 5.77 -15.11 -11.92
C13 U10 QD . 6.23 -15.12 -10.47
C14 U10 QD . 5.35 -15.02 -9.46
C15 U10 QD . 3.89 -14.88 -9.73
C16 U10 QD . 5.86 -15.04 -8.05
C17 U10 QD . 5.18 -16.15 -7.26
C18 U10 QD . 6.07 -17.38 -7.19
C19 U10 QD . 5.56 -18.55 -6.82
C20 U10 QD . 4.10 -18.63 -6.47
C21 U10 QD . 6.43 -19.78 -6.75
C22 U10 QD . 7.66 -19.53 -5.90
C23 U10 QD . 8.20 -20.85 -5.40
C24 U10 QD . 8.83 -20.89 -4.22
C25 U10 QD . 8.97 -19.62 -3.43
C26 U10 QD . 9.36 -22.18 -3.65
C27 U10 QD . 10.37 -22.88 -4.54
C28 U10 QD . 11.46 -23.51 -3.69
C29 U10 QD . 11.67 -24.83 -3.64
C30 U10 QD . 10.80 -25.75 -4.44
C31 U10 QD . 12.76 -25.44 -2.79
C32 U10 QD . 14.03 -24.60 -2.76
C33 U10 QD . 15.27 -25.43 -3.02
C34 U10 QD . 16.41 -25.23 -2.32
C35 U10 QD . 16.47 -24.19 -1.25
C36 U10 QD . 17.64 -26.06 -2.60
C37 U10 QD . 17.53 -27.50 -2.14
C38 U10 QD . 18.18 -27.70 -0.78
C39 U10 QD . 19.11 -28.65 -0.54
C40 U10 QD . 19.70 -28.78 0.82
C41 U10 QD . 19.58 -29.58 -1.64
C42 U10 QD . 19.83 -30.98 -1.08
C43 U10 QD . 19.03 -31.96 -1.91
C44 U10 QD . 17.91 -32.52 -1.44
C45 U10 QD . 17.42 -32.23 -0.05
C46 U10 QD . 17.11 -33.50 -2.29
C47 U10 QD . 16.49 -32.93 -3.57
C48 U10 QD . 16.00 -31.50 -3.48
C49 U10 QD . 15.18 -31.01 -4.43
C50 U10 QD . 14.75 -31.88 -5.57
C51 U10 QD . 14.69 -29.58 -4.37
C52 U10 QD . 13.18 -29.55 -4.29
C53 U10 QD . 12.76 -29.75 -2.86
C54 U10 QD . 11.84 -30.66 -2.52
C55 U10 QD . 11.47 -30.82 -1.08
C56 U10 QD . 11.17 -31.53 -3.55
O2 U10 QD . 11.58 -8.52 -13.04
O3 U10 QD . 13.23 -9.17 -15.12
O4 U10 QD . 13.41 -12.15 -15.73
O5 U10 QD . 11.95 -13.75 -14.18
MG BCL RD . -12.53 -5.87 0.77
CHA BCL RD . -13.58 -4.76 -2.19
CHB BCL RD . -9.46 -5.66 -0.31
CHC BCL RD . -11.58 -6.48 3.92
CHD BCL RD . -15.65 -4.83 2.11
NA BCL RD . -11.68 -5.45 -1.05
C1A BCL RD . -12.25 -5.08 -2.18
C2A BCL RD . -11.28 -5.12 -3.38
C3A BCL RD . -9.94 -5.35 -2.71
C4A BCL RD . -10.40 -5.50 -1.27
CMA BCL RD . -9.21 -6.62 -3.10
CAA BCL RD . -11.28 -3.87 -4.27
CBA BCL RD . -10.84 -4.19 -5.71
CGA BCL RD . -10.24 -3.06 -6.50
O1A BCL RD . -9.94 -3.12 -7.65
O2A BCL RD . -10.07 -1.96 -5.75
NB BCL RD . -10.71 -6.12 1.70
C1B BCL RD . -9.53 -6.05 1.04
C2B BCL RD . -8.50 -6.41 1.92
C3B BCL RD . -9.08 -6.59 3.21
C4B BCL RD . -10.47 -6.40 3.03
CMB BCL RD . -7.07 -6.56 1.52
CAB BCL RD . -8.32 -6.89 4.48
OBB BCL RD . -7.11 -6.93 4.48
CBB BCL RD . -9.03 -7.11 5.78
NC BCL RD . -13.49 -5.74 2.60
C1C BCL RD . -12.89 -6.18 3.72
C2C BCL RD . -13.90 -6.38 4.82
C3C BCL RD . -15.04 -5.50 4.41
C4C BCL RD . -14.70 -5.33 2.95
CMC BCL RD . -14.34 -7.85 4.88
CAC BCL RD . -14.93 -4.23 5.29
CBC BCL RD . -15.74 -4.31 6.55
ND BCL RD . -14.25 -4.95 0.15
C1D BCL RD . -15.43 -4.65 0.77
C2D BCL RD . -16.37 -4.17 -0.19
C3D BCL RD . -15.67 -4.18 -1.35
C4D BCL RD . -14.32 -4.54 -1.07
CMD BCL RD . -17.80 -3.75 0.03
CAD BCL RD . -15.78 -3.98 -2.78
OBD BCL RD . -16.68 -3.45 -3.42
CBD BCL RD . -14.50 -4.54 -3.40
CGD BCL RD . -14.75 -5.77 -4.26
O1D BCL RD . -14.43 -5.87 -5.40
O2D BCL RD . -15.39 -6.72 -3.57
CED BCL RD . -15.28 -8.07 -4.09
C1 BCL RD . -9.78 -0.74 -6.47
C2 BCL RD . -10.97 0.11 -6.73
C3 BCL RD . -11.53 0.37 -7.90
C4 BCL RD . -11.10 -0.25 -9.20
C5 BCL RD . -12.70 1.31 -8.01
C6 BCL RD . -12.88 1.90 -9.41
C7 BCL RD . -12.36 3.31 -9.54
C8 BCL RD . -12.88 4.09 -10.75
C9 BCL RD . -12.47 3.43 -12.06
C10 BCL RD . -12.45 5.55 -10.70
C11 BCL RD . -12.93 6.40 -11.86
C12 BCL RD . -12.27 7.77 -11.92
C13 BCL RD . -12.75 8.77 -10.87
C14 BCL RD . -14.27 8.82 -10.79
C15 BCL RD . -12.15 10.15 -11.09
C16 BCL RD . -11.55 10.79 -9.84
C17 BCL RD . -11.02 12.21 -10.09
C18 BCL RD . -9.73 12.29 -10.87
C19 BCL RD . -8.63 12.93 -10.08
C20 BCL RD . -9.91 13.01 -12.19
O1D BPH SD . 11.28 -15.18 -3.79
CGD BPH SD . 10.48 -14.31 -3.61
O2D BPH SD . 9.39 -14.13 -4.34
CED BPH SD . 9.20 -15.06 -5.42
CBD BPH SD . 10.58 -13.29 -2.47
CHA BPH SD . 9.27 -13.03 -1.70
C4D BPH SD . 9.10 -11.68 -1.58
C3D BPH SD . 10.07 -10.97 -2.32
CAD BPH SD . 11.01 -11.92 -2.86
OBD BPH SD . 12.04 -11.69 -3.47
C2D BPH SD . 9.78 -9.61 -2.18
CMD BPH SD . 10.47 -8.43 -2.80
C1D BPH SD . 8.61 -9.52 -1.32
ND BPH SD . 8.25 -10.80 -0.99
CHD BPH SD . 7.86 -8.40 -1.01
C4C BPH SD . 6.51 -8.36 -0.55
C3C BPH SD . 5.67 -7.11 -0.50
CAC BPH SD . 6.27 -6.07 0.47
CBC BPH SD . 6.42 -4.72 -0.15
C2C BPH SD . 4.30 -7.65 0.05
CMC BPH SD . 3.05 -7.22 -0.72
C1C BPH SD . 4.50 -9.16 0.09
NC BPH SD . 5.83 -9.42 -0.12
CHC BPH SD . 3.42 -9.99 0.33
C4B BPH SD . 3.38 -11.40 0.34
C3B BPH SD . 2.33 -12.22 0.78
CAB BPH SD . 0.99 -11.74 1.31
CBB BPH SD . 0.25 -12.45 2.40
OBB BPH SD . 0.48 -10.74 0.85
C2B BPH SD . 2.77 -13.59 0.54
CMB BPH SD . 2.01 -14.86 0.82
C1B BPH SD . 4.05 -13.52 -0.01
NB BPH SD . 4.39 -12.19 -0.13
CHB BPH SD . 4.83 -14.61 -0.44
C4A BPH SD . 6.19 -14.64 -0.64
C3A BPH SD . 6.84 -15.92 -1.09
CMA BPH SD . 6.15 -16.53 -2.31
C2A BPH SD . 8.28 -15.50 -1.41
C1A BPH SD . 8.28 -13.99 -1.19
NA BPH SD . 7.16 -13.67 -0.50
CAA BPH SD . 9.40 -16.26 -0.68
CBA BPH SD . 9.15 -16.77 0.73
CGA BPH SD . 9.75 -18.13 0.89
O1A BPH SD . 9.78 -18.96 0.02
O2A BPH SD . 10.24 -18.32 2.10
C1 BPH SD . 10.86 -19.63 2.34
C2 BPH SD . 9.89 -20.51 3.03
C3 BPH SD . 9.26 -21.59 2.58
C4 BPH SD . 9.48 -22.16 1.20
C5 BPH SD . 8.26 -22.33 3.43
C6 BPH SD . 8.30 -21.94 4.90
C7 BPH SD . 7.48 -22.91 5.75
C8 BPH SD . 7.29 -22.54 7.21
C9 BPH SD . 8.44 -23.04 8.07
C10 BPH SD . 5.96 -23.08 7.71
C11 BPH SD . 4.72 -22.28 7.32
C12 BPH SD . 4.20 -21.42 8.45
C13 BPH SD . 3.31 -20.24 8.03
C14 BPH SD . 3.52 -19.03 8.92
C15 BPH SD . 1.84 -20.66 7.96
C16 BPH SD . 0.90 -19.57 7.47
C17 BPH SD . -0.51 -20.07 7.19
C18 BPH SD . -1.41 -19.07 6.51
C19 BPH SD . -1.74 -17.93 7.42
C20 BPH SD . -2.65 -19.71 5.97
CMA SPN TD . -18.28 24.59 -3.10
O1 SPN TD . -16.85 24.55 -3.21
CM1 SPN TD . -14.86 24.44 -4.43
CM2 SPN TD . -17.00 25.00 -5.60
C1 SPN TD . -16.35 24.18 -4.49
C2 SPN TD . -16.55 22.70 -4.83
O2 SPN TD . -16.97 22.34 -5.92
C3 SPN TD . -16.22 21.73 -3.78
C4 SPN TD . -16.37 20.43 -4.00
C5 SPN TD . -16.10 19.33 -3.07
CM3 SPN TD . -15.58 19.68 -1.70
C6 SPN TD . -16.32 18.06 -3.49
C7 SPN TD . -16.10 16.85 -2.76
C8 SPN TD . -16.34 15.67 -3.34
C9 SPN TD . -16.18 14.34 -2.78
CM4 SPN TD . -15.68 14.21 -1.36
C10 SPN TD . -16.48 13.28 -3.56
C11 SPN TD . -16.41 11.88 -3.25
C12 SPN TD . -16.81 11.03 -4.20
C13 SPN TD . -16.87 9.58 -4.18
CM5 SPN TD . -16.16 8.84 -3.08
C14 SPN TD . -17.56 8.98 -5.18
C15 SPN TD . -17.77 7.60 -5.44
C16 SPN TD . -18.55 7.29 -6.51
C17 SPN TD . -18.96 6.03 -7.08
C18 SPN TD . -18.74 4.77 -6.65
CM6 SPN TD . -18.02 4.44 -5.37
C19 SPN TD . -19.15 3.65 -7.50
C20 SPN TD . -19.88 3.68 -8.65
C21 SPN TD . -20.53 4.82 -9.26
C22 SPN TD . -21.09 4.98 -10.47
CM7 SPN TD . -21.07 3.95 -11.58
C23 SPN TD . -21.75 6.29 -10.81
C24 SPN TD . -22.39 6.26 -12.22
C25 SPN TD . -23.87 6.43 -12.16
C26 SPN TD . -24.77 6.05 -13.07
CM8 SPN TD . -24.42 5.34 -14.33
C27 SPN TD . -26.24 6.34 -12.88
C28 SPN TD . -26.73 7.50 -13.76
C29 SPN TD . -28.22 7.49 -13.94
C30 SPN TD . -28.90 7.38 -15.07
CM9 SPN TD . -30.39 7.38 -15.12
CMB SPN TD . -28.23 7.26 -16.41
C MW9 UD . -21.95 3.08 -20.28
O MW9 UD . -19.69 13.13 -30.40
C1 MW9 UD . -23.13 2.27 -19.80
C10 MW9 UD . -20.52 8.39 -22.88
C11 MW9 UD . -20.37 9.80 -23.38
C12 MW9 UD . -19.46 9.96 -24.58
C13 MW9 UD . -19.87 11.10 -25.50
C14 MW9 UD . -18.78 11.54 -26.46
C15 MW9 UD . -19.31 12.15 -27.74
C16 MW9 UD . -18.24 12.89 -28.52
C17 MW9 UD . -18.58 13.03 -29.97
C18 MW9 UD . -17.66 13.17 -32.16
C19 MW9 UD . -16.38 13.10 -32.95
C2 MW9 UD . -24.32 2.31 -20.73
C20 MW9 UD . -15.14 13.07 -32.10
C21 MW9 UD . -12.56 16.37 -33.39
C22 MW9 UD . -12.88 16.98 -34.74
C23 MW9 UD . -12.27 16.20 -35.88
C24 MW9 UD . -16.27 14.36 -35.12
C25 MW9 UD . -17.08 13.28 -35.80
C26 MW9 UD . -18.56 13.14 -35.47
C27 MW9 UD . -19.31 14.45 -35.20
C28 MW9 UD . -20.71 14.22 -34.64
C29 MW9 UD . -20.74 13.78 -33.18
C3 MW9 UD . -25.46 3.20 -20.29
C30 MW9 UD . -22.05 14.03 -32.47
C31 MW9 UD . -22.31 15.47 -32.05
C32 MW9 UD . -23.60 15.93 -32.62
C33 MW9 UD . -24.80 15.83 -32.09
C34 MW9 UD . -25.17 15.35 -30.72
C35 MW9 UD . -25.12 13.83 -30.55
C36 MW9 UD . -24.44 13.39 -29.26
C37 MW9 UD . -25.17 13.79 -28.00
C38 MW9 UD . -24.91 12.93 -26.79
C39 MW9 UD . -23.45 12.92 -26.32
C4 MW9 UD . -25.18 4.69 -20.18
C40 MW9 UD . -23.26 12.68 -24.84
C41 MW9 UD . -23.84 11.37 -24.36
C5 MW9 UD . -24.85 5.39 -21.49
C6 MW9 UD . -24.64 6.90 -21.36
C7 MW9 UD . -23.21 7.36 -21.60
C8 MW9 UD . -22.78 7.27 -23.04
C9 MW9 UD . -21.65 7.70 -23.57
O1 MW9 UD . -17.47 13.08 -30.73
O2 MW9 UD . -14.04 12.86 -33.02
O3 MW9 UD . -12.13 13.72 -31.62
O4 MW9 UD . -11.91 13.40 -34.16
O5 MW9 UD . -13.37 15.19 -33.24
O6 MW9 UD . -12.09 17.04 -37.02
O7 MW9 UD . -12.46 18.35 -34.79
O8 MW9 UD . -16.27 14.33 -33.76
O9 MW9 UD . -15.66 15.18 -35.76
P MW9 UD . -12.73 13.75 -32.98
C MW9 VD . -21.70 -3.47 -22.54
O MW9 VD . -34.25 -9.74 -14.36
C1 MW9 VD . -22.81 -4.24 -23.25
C10 MW9 VD . -27.96 -10.65 -19.58
C11 MW9 VD . -29.38 -10.21 -19.26
C12 MW9 VD . -29.51 -9.46 -17.95
C13 MW9 VD . -30.58 -10.03 -17.04
C14 MW9 VD . -31.92 -10.24 -17.72
C15 MW9 VD . -33.02 -10.60 -16.75
C16 MW9 VD . -32.49 -10.99 -15.39
C17 MW9 VD . -33.36 -10.54 -14.25
C18 MW9 VD . -33.80 -10.79 -11.94
C19 MW9 VD . -32.99 -11.10 -10.70
C2 MW9 VD . -22.83 -5.71 -22.91
C20 MW9 VD . -33.38 -10.18 -9.58
C21 MW9 VD . -33.93 -11.42 -5.12
C22 MW9 VD . -33.72 -12.89 -4.88
C23 MW9 VD . -32.38 -13.20 -4.24
C24 MW9 VD . -30.76 -11.93 -10.92
C25 MW9 VD . -29.36 -11.55 -11.31
C26 MW9 VD . -28.46 -12.75 -11.52
C27 MW9 VD . -27.05 -12.50 -11.03
C28 MW9 VD . -26.07 -12.16 -12.14
C29 MW9 VD . -24.64 -12.52 -11.80
C3 MW9 VD . -23.64 -6.05 -21.66
C30 MW9 VD . -24.05 -13.56 -12.73
C31 MW9 VD . -22.87 -13.05 -13.55
C32 MW9 VD . -21.56 -13.50 -13.01
C33 MW9 VD . -20.65 -14.22 -13.64
C34 MW9 VD . -20.73 -14.73 -15.04
C35 MW9 VD . -19.81 -15.92 -15.30
C36 MW9 VD . -18.37 -15.74 -14.81
C37 MW9 VD . -17.37 -16.64 -15.52
C38 MW9 VD . -15.93 -16.43 -15.12
C39 MW9 VD . -14.98 -16.29 -16.30
C4 MW9 VD . -24.46 -7.32 -21.78
C40 MW9 VD . -13.71 -15.51 -15.99
C41 MW9 VD . -13.52 -14.29 -16.87
C5 MW9 VD . -25.93 -7.08 -22.10
C6 MW9 VD . -26.70 -8.34 -22.46
C7 MW9 VD . -26.14 -9.60 -21.78
C8 MW9 VD . -27.04 -10.78 -21.90
C9 MW9 VD . -27.82 -11.23 -20.96
O1 MW9 VD . -33.03 -11.14 -13.12
O2 MW9 VD . -33.29 -10.80 -8.28
O3 MW9 VD . -34.31 -9.11 -6.69
O4 MW9 VD . -31.83 -9.05 -7.28
O5 MW9 VD . -32.80 -10.89 -5.86
O6 MW9 VD . -32.25 -12.57 -2.97
O7 MW9 VD . -33.84 -13.62 -6.11
O8 MW9 VD . -31.59 -10.89 -11.01
O9 MW9 VD . -31.09 -13.03 -10.55
P MW9 VD . -33.06 -9.84 -7.02
O1D BPH WD . 2.62 20.53 -14.57
CGD BPH WD . 1.86 19.67 -14.23
O2D BPH WD . 0.85 19.85 -13.38
CED BPH WD . 0.69 21.19 -12.88
CBD BPH WD . 1.92 18.22 -14.71
CHA BPH WD . 0.58 17.51 -14.94
C4D BPH WD . 0.54 16.33 -14.26
C3D BPH WD . 1.73 16.14 -13.50
CAD BPH WD . 2.60 17.27 -13.70
OBD BPH WD . 3.67 17.48 -13.17
C2D BPH WD . 1.60 14.92 -12.84
CMD BPH WD . 2.58 14.24 -11.93
C1D BPH WD . 0.31 14.37 -13.21
ND BPH WD . -0.29 15.26 -14.06
CHD BPH WD . -0.23 13.20 -12.80
C4C BPH WD . -1.52 12.73 -13.06
C3C BPH WD . -2.22 11.75 -12.18
CAC BPH WD . -1.78 10.30 -12.46
CBC BPH WD . -2.72 9.27 -11.88
C2C BPH WD . -3.70 11.98 -12.58
CMC BPH WD . -4.54 12.74 -11.55
C1C BPH WD . -3.56 12.76 -13.89
NC BPH WD . -2.25 13.13 -14.09
CHC BPH WD . -4.66 12.98 -14.64
C4B BPH WD . -4.90 14.15 -15.36
C3B BPH WD . -6.11 14.55 -15.86
CAB BPH WD . -7.41 13.80 -15.67
CBB BPH WD . -8.69 14.51 -15.37
OBB BPH WD . -7.44 12.58 -15.76
C2B BPH WD . -5.88 15.81 -16.55
CMB BPH WD . -6.84 16.62 -17.34
C1B BPH WD . -4.51 16.09 -16.42
NB BPH WD . -3.94 15.07 -15.70
CHB BPH WD . -3.87 17.23 -16.91
C4A BPH WD . -2.72 17.75 -16.39
C3A BPH WD . -2.45 19.22 -16.35
CMA BPH WD . -3.06 19.86 -15.10
C2A BPH WD . -0.91 19.22 -16.38
C1A BPH WD . -0.58 17.91 -15.70
NA BPH WD . -1.64 17.09 -15.84
CAA BPH WD . -0.38 19.34 -17.81
CBA BPH WD . 1.02 19.96 -17.87
CGA BPH WD . 1.06 21.28 -18.57
O1A BPH WD . 0.19 21.70 -19.28
O2A BPH WD . 2.20 21.91 -18.32
C1 BPH WD . 2.36 23.20 -18.96
C2 BPH WD . 3.63 23.75 -18.44
C3 BPH WD . 3.79 24.71 -17.54
C4 BPH WD . 4.56 25.98 -17.80
C5 BPH WD . 3.18 24.59 -16.17
C6 BPH WD . 4.18 24.19 -15.10
C7 BPH WD . 4.10 25.02 -13.83
C8 BPH WD . 5.30 25.90 -13.52
C9 BPH WD . 5.02 27.37 -13.81
C10 BPH WD . 6.57 25.43 -14.23
C11 BPH WD . 7.85 25.53 -13.42
C12 BPH WD . 8.05 24.32 -12.52
C13 BPH WD . 8.23 24.58 -11.02
C14 BPH WD . 9.70 24.67 -10.66
C15 BPH WD . 7.53 23.50 -10.20
C16 BPH WD . 6.01 23.40 -10.31
C17 BPH WD . 5.53 22.06 -10.87
C18 BPH WD . 4.80 21.16 -9.91
C19 BPH WD . 5.75 20.33 -9.06
C20 BPH WD . 3.83 20.24 -10.65
C MW9 XD . -27.66 -5.37 -16.31
O MW9 XD . -36.93 -15.91 -11.47
C1 MW9 XD . -26.91 -6.63 -16.68
C10 MW9 XD . -29.24 -13.77 -15.21
C11 MW9 XD . -30.08 -14.92 -14.68
C12 MW9 XD . -31.46 -14.49 -14.21
C13 MW9 XD . -32.51 -15.58 -14.28
C14 MW9 XD . -33.79 -15.19 -15.00
C15 MW9 XD . -35.01 -15.91 -14.46
C16 MW9 XD . -35.04 -15.91 -12.94
C17 MW9 XD . -36.32 -16.42 -12.35
C18 MW9 XD . -37.92 -18.14 -12.45
C19 MW9 XD . -37.76 -19.63 -12.46
C2 MW9 XD . -25.41 -6.46 -16.61
C20 MW9 XD . -37.36 -20.16 -11.11
C21 MW9 XD . -38.80 -20.47 -7.50
C22 MW9 XD . -40.22 -20.58 -7.99
C23 MW9 XD . -40.50 -21.89 -8.69
C24 MW9 XD . -36.84 -20.95 -14.24
C25 MW9 XD . -35.65 -21.14 -15.13
C26 MW9 XD . -34.75 -19.91 -15.15
C27 MW9 XD . -33.31 -20.22 -14.80
C28 MW9 XD . -32.32 -19.30 -15.47
C29 MW9 XD . -30.95 -19.29 -14.81
C3 MW9 XD . -24.65 -7.71 -16.20
C30 MW9 XD . -29.81 -19.49 -15.79
C31 MW9 XD . -28.77 -18.38 -15.75
C32 MW9 XD . -28.06 -18.20 -17.05
C33 MW9 XD . -26.83 -17.75 -17.21
C34 MW9 XD . -26.12 -17.56 -18.50
C35 MW9 XD . -26.58 -16.32 -19.26
C36 MW9 XD . -27.13 -16.60 -20.64
C37 MW9 XD . -26.35 -15.93 -21.76
C38 MW9 XD . -25.68 -14.63 -21.33
C39 MW9 XD . -24.52 -14.22 -22.20
C4 MW9 XD . -25.54 -8.92 -15.92
C40 MW9 XD . -23.20 -14.14 -21.46
C41 MW9 XD . -22.03 -14.57 -22.31
C5 MW9 XD . -25.22 -10.14 -16.77
C6 MW9 XD . -25.43 -11.47 -16.07
C7 MW9 XD . -26.87 -11.97 -16.03
C8 MW9 XD . -26.96 -13.46 -16.19
C9 MW9 XD . -27.97 -14.22 -15.84
O1 MW9 XD . -36.71 -17.55 -12.95
O2 MW9 XD . -36.75 -19.11 -10.33
O3 MW9 XD . -37.70 -17.82 -8.40
O4 MW9 XD . -35.69 -19.35 -8.09
O5 MW9 XD . -37.94 -20.31 -8.63
O6 MW9 XD . -41.09 -22.83 -7.80
O7 MW9 XD . -40.50 -19.49 -8.88
O8 MW9 XD . -36.68 -19.93 -13.39
O9 MW9 XD . -37.84 -21.62 -14.29
P MW9 XD . -36.97 -19.05 -8.76
MG BCL YD . -37.06 -18.53 -28.26
CHA BCL YD . -36.64 -16.90 -31.16
CHB BCL YD . -34.45 -20.43 -29.11
CHC BCL YD . -38.19 -21.04 -26.25
CHD BCL YD . -40.47 -17.46 -28.35
NA BCL YD . -35.64 -18.50 -29.77
C1A BCL YD . -35.59 -17.72 -30.84
C2A BCL YD . -34.30 -17.86 -31.64
C3A BCL YD . -33.55 -18.97 -30.89
C4A BCL YD . -34.60 -19.32 -29.86
CMA BCL YD . -33.35 -20.26 -31.69
CAA BCL YD . -33.50 -16.55 -31.70
CBA BCL YD . -31.99 -16.71 -31.57
CGA BCL YD . -31.21 -15.94 -32.59
O1A BCL YD . -31.51 -15.84 -33.76
O2A BCL YD . -30.13 -15.37 -32.06
NB BCL YD . -36.27 -20.27 -27.52
C1B BCL YD . -35.07 -20.82 -27.89
C2B BCL YD . -34.67 -21.73 -26.92
C3B BCL YD . -35.80 -21.94 -26.06
C4B BCL YD . -36.82 -21.12 -26.56
CMB BCL YD . -33.31 -22.36 -26.81
CAB BCL YD . -35.90 -22.83 -24.89
OBB BCL YD . -36.87 -22.78 -24.16
CBB BCL YD . -34.83 -23.84 -24.58
NC BCL YD . -38.90 -18.97 -27.34
C1C BCL YD . -39.03 -19.99 -26.45
C2C BCL YD . -40.29 -19.88 -25.64
C3C BCL YD . -41.18 -18.99 -26.50
C4C BCL YD . -40.12 -18.44 -27.46
CMC BCL YD . -40.86 -21.28 -25.39
CAC BCL YD . -41.67 -17.93 -25.50
CBC BCL YD . -43.18 -17.87 -25.36
ND BCL YD . -38.31 -17.41 -29.43
C1D BCL YD . -39.61 -16.97 -29.28
C2D BCL YD . -39.89 -15.94 -30.22
C3D BCL YD . -38.73 -15.88 -30.97
C4D BCL YD . -37.89 -16.97 -30.59
CMD BCL YD . -41.13 -15.13 -30.36
CAD BCL YD . -38.06 -15.12 -32.01
OBD BCL YD . -38.47 -14.17 -32.65
CBD BCL YD . -36.64 -15.76 -32.19
CGD BCL YD . -36.47 -16.29 -33.61
O1D BCL YD . -37.08 -17.19 -34.09
O2D BCL YD . -35.54 -15.59 -34.27
CED BCL YD . -35.61 -15.65 -35.70
C1 BCL YD . -29.10 -14.95 -33.01
C2 BCL YD . -27.77 -15.53 -32.70
C3 BCL YD . -26.67 -15.32 -33.41
C4 BCL YD . -26.57 -14.33 -34.53
C5 BCL YD . -25.40 -16.09 -33.13
C6 BCL YD . -25.11 -17.19 -34.13
C7 BCL YD . -23.70 -17.75 -34.03
C8 BCL YD . -23.36 -18.92 -34.95
C9 BCL YD . -23.41 -20.25 -34.20
C10 BCL YD . -22.02 -18.73 -35.65
C11 BCL YD . -22.07 -18.14 -37.05
C12 BCL YD . -22.10 -19.20 -38.15
C13 BCL YD . -21.10 -19.02 -39.29
C14 BCL YD . -20.77 -17.55 -39.53
C15 BCL YD . -21.61 -19.69 -40.58
C16 BCL YD . -22.64 -18.91 -41.37
C17 BCL YD . -23.82 -19.75 -41.82
C18 BCL YD . -24.20 -19.64 -43.29
C19 BCL YD . -23.96 -18.25 -43.83
C20 BCL YD . -25.64 -20.08 -43.54
CMA SPN ZD . -22.34 -13.94 -37.75
O1 SPN ZD . -22.70 -12.87 -38.63
CM1 SPN ZD . -23.92 -11.90 -40.37
CM2 SPN ZD . -23.48 -14.36 -40.40
C1 SPN ZD . -23.79 -13.16 -39.53
C2 SPN ZD . -25.12 -13.40 -38.81
O2 SPN ZD . -25.78 -12.48 -38.37
C3 SPN ZD . -25.57 -14.80 -38.69
C4 SPN ZD . -26.70 -15.14 -38.08
C5 SPN ZD . -27.20 -16.49 -37.92
CM3 SPN ZD . -26.34 -17.63 -38.38
C6 SPN ZD . -28.44 -16.68 -37.39
C7 SPN ZD . -29.15 -17.91 -37.21
C8 SPN ZD . -30.38 -17.98 -36.71
C9 SPN ZD . -31.17 -19.18 -36.50
CM4 SPN ZD . -30.57 -20.50 -36.89
C10 SPN ZD . -32.44 -19.07 -36.01
C11 SPN ZD . -33.40 -20.09 -35.83
C12 SPN ZD . -34.62 -19.86 -35.30
C13 SPN ZD . -35.68 -20.83 -35.07
CM5 SPN ZD . -35.48 -22.23 -35.57
C14 SPN ZD . -36.80 -20.42 -34.42
C15 SPN ZD . -37.96 -21.19 -34.12
C16 SPN ZD . -38.99 -20.70 -33.38
C17 SPN ZD . -40.18 -21.43 -33.07
C18 SPN ZD . -41.19 -21.06 -32.25
CM6 SPN ZD . -41.18 -19.75 -31.51
C19 SPN ZD . -42.34 -21.92 -32.09
C20 SPN ZD . -43.40 -21.70 -31.29
C21 SPN ZD . -44.50 -22.59 -31.17
C22 SPN ZD . -45.56 -22.46 -30.37
CM7 SPN ZD . -45.72 -21.27 -29.45
C23 SPN ZD . -46.69 -23.45 -30.31
C24 SPN ZD . -48.08 -22.81 -30.37
C25 SPN ZD . -48.68 -22.92 -31.75
C26 SPN ZD . -49.94 -22.71 -32.09
CM8 SPN ZD . -51.04 -22.32 -31.13
C27 SPN ZD . -50.39 -22.85 -33.53
C28 SPN ZD . -50.59 -21.50 -34.24
C29 SPN ZD . -49.40 -21.12 -35.08
C30 SPN ZD . -49.39 -20.69 -36.33
CM9 SPN ZD . -48.13 -20.35 -37.06
CMB SPN ZD . -50.65 -20.51 -37.13
MG BCL AE . -40.27 -9.55 -29.62
CHA BCL AE . -37.33 -11.04 -30.57
CHB BCL AE . -39.60 -6.92 -31.56
CHC BCL AE . -43.17 -8.14 -28.55
CHD BCL AE . -40.66 -11.99 -27.13
NA BCL AE . -38.85 -9.11 -30.94
C1A BCL AE . -37.83 -9.82 -31.29
C2A BCL AE . -37.12 -9.29 -32.49
C3A BCL AE . -37.70 -7.91 -32.62
C4A BCL AE . -38.80 -7.97 -31.64
CMA BCL AE . -36.71 -6.84 -32.21
CAA BCL AE . -37.35 -10.16 -33.70
CBA BCL AE . -37.15 -9.44 -35.02
CGA BCL AE . -35.70 -9.22 -35.35
O1A BCL AE . -34.83 -9.86 -34.80
O2A BCL AE . -35.33 -8.24 -36.34
NB BCL AE . -41.25 -7.77 -29.96
C1B BCL AE . -40.86 -6.82 -30.82
C2B BCL AE . -41.73 -5.63 -30.96
C3B BCL AE . -42.83 -5.98 -30.03
C4B BCL AE . -42.43 -7.32 -29.51
CMB BCL AE . -41.46 -4.45 -31.84
CAB BCL AE . -44.08 -5.21 -29.70
OBB BCL AE . -45.06 -5.79 -29.30
CBB BCL AE . -44.18 -3.73 -29.90
NC BCL AE . -41.63 -9.94 -28.17
C1C BCL AE . -42.73 -9.22 -27.92
C2C BCL AE . -43.55 -9.74 -26.77
C3C BCL AE . -42.74 -10.91 -26.33
C4C BCL AE . -41.62 -10.90 -27.31
CMC BCL AE . -43.71 -8.73 -25.64
CAC BCL AE . -43.48 -12.23 -26.43
CBC BCL AE . -44.25 -12.56 -25.17
ND BCL AE . -39.29 -11.18 -28.88
C1D BCL AE . -39.50 -12.12 -27.97
C2D BCL AE . -38.44 -13.16 -27.91
C3D BCL AE . -37.59 -12.71 -29.00
C4D BCL AE . -38.15 -11.60 -29.52
CMD BCL AE . -38.15 -14.37 -27.07
CAD BCL AE . -36.31 -12.99 -29.69
OBD BCL AE . -35.55 -14.00 -29.50
CBD BCL AE . -36.21 -12.01 -30.82
CGD BCL AE . -34.83 -11.65 -31.33
O1D BCL AE . -34.52 -12.11 -32.41
O2D BCL AE . -33.81 -10.85 -30.78
CED BCL AE . -32.69 -10.83 -31.67
C1 BCL AE . -35.80 -6.89 -36.30
C2 BCL AE . -36.59 -6.60 -37.55
C3 BCL AE . -36.03 -6.33 -38.75
C4 BCL AE . -34.54 -6.29 -38.92
C5 BCL AE . -36.90 -6.03 -39.94
C6 BCL AE . -38.35 -5.89 -39.49
C7 BCL AE . -39.27 -6.71 -40.40
C8 BCL AE . -40.35 -7.43 -39.59
C9 BCL AE . -41.72 -7.16 -40.18
C10 BCL AE . -40.31 -6.96 -38.14
C11 BCL AE . -40.39 -8.13 -37.17
C12 BCL AE . -40.70 -7.63 -35.77
C13 BCL AE . -40.98 -8.81 -34.88
C14 BCL AE . -41.35 -10.03 -35.71
C15 BCL AE . -42.06 -8.47 -33.86
C16 BCL AE . -43.06 -7.43 -34.32
C17 BCL AE . -44.45 -8.05 -34.41
C18 BCL AE . -45.44 -7.39 -33.45
C19 BCL AE . -45.30 -5.89 -33.41
C20 BCL AE . -45.29 -7.98 -32.06
CMA SPN BE . -38.67 -4.56 -23.44
O1 SPN BE . -37.75 -3.53 -23.79
CM1 SPN BE . -36.39 -5.23 -23.05
CM2 SPN BE . -35.39 -2.96 -23.39
C1 SPN BE . -36.41 -3.98 -23.90
C2 SPN BE . -36.06 -4.37 -25.34
O2 SPN BE . -35.99 -5.55 -25.63
C3 SPN BE . -35.81 -3.34 -26.34
C4 SPN BE . -35.24 -3.76 -27.47
C5 SPN BE . -34.87 -3.00 -28.65
CM3 SPN BE . -34.91 -1.50 -28.57
C6 SPN BE . -34.51 -3.68 -29.76
C7 SPN BE . -34.09 -3.19 -31.03
C8 SPN BE . -33.76 -4.04 -32.01
C9 SPN BE . -33.30 -3.77 -33.36
CM4 SPN BE . -33.16 -2.33 -33.78
C10 SPN BE . -32.97 -4.80 -34.17
C11 SPN BE . -32.42 -4.77 -35.48
C12 SPN BE . -32.15 -5.90 -36.16
C13 SPN BE . -31.56 -6.02 -37.49
CM5 SPN BE . -31.26 -4.76 -38.25
C14 SPN BE . -31.26 -7.26 -37.95
C15 SPN BE . -30.56 -7.60 -39.14
C16 SPN BE . -30.29 -8.88 -39.49
C17 SPN BE . -29.56 -9.26 -40.66
C18 SPN BE . -29.18 -10.51 -41.02
CM6 SPN BE . -29.56 -11.73 -40.23
C19 SPN BE . -28.27 -10.69 -42.13
C20 SPN BE . -27.68 -11.83 -42.48
C21 SPN BE . -26.76 -12.00 -43.55
C22 SPN BE . -26.19 -13.19 -43.81
CM7 SPN BE . -26.67 -14.34 -42.98
C23 SPN BE . -25.14 -13.54 -44.83
C24 SPN BE . -25.12 -12.62 -46.05
C25 SPN BE . -23.74 -12.15 -46.43
C26 SPN BE . -22.78 -12.81 -47.07
CM8 SPN BE . -22.79 -14.28 -47.33
C27 SPN BE . -21.56 -12.09 -47.57
C28 SPN BE . -21.46 -12.03 -49.10
C29 SPN BE . -20.07 -11.67 -49.53
C30 SPN BE . -19.67 -11.14 -50.68
CM9 SPN BE . -20.61 -10.81 -51.80
CMB SPN BE . -18.23 -10.85 -50.98
#